data_8XP1
#
_entry.id   8XP1
#
_cell.length_a   1.00
_cell.length_b   1.00
_cell.length_c   1.00
_cell.angle_alpha   90.00
_cell.angle_beta   90.00
_cell.angle_gamma   90.00
#
_symmetry.space_group_name_H-M   'P 1'
#
loop_
_entity.id
_entity.type
_entity.pdbx_description
1 polymer 'Flagellar motor switch protein FliN'
2 polymer 'Flagellar M-ring protein'
3 polymer 'Flagellar motor switch protein FliM'
4 polymer 'Flagellar motor switch protein FliG'
5 polymer 'Chemotaxis protein CheY'
#
loop_
_entity_poly.entity_id
_entity_poly.type
_entity_poly.pdbx_seq_one_letter_code
_entity_poly.pdbx_strand_id
1 'polypeptide(L)'
;MSDMNNPSDENTGALDDLWADALNEQKATTTKSAADAVFQQLGGGDVSGAMQDIDLIMDIPVKLTVELGRTRMTIKELLR
LTQGSVVALDGLAGEPLDILINGYLIAQGEVVVVADKYGVRITDIITPSERMRRLSR
;
0,o,u,AA,p,v,AB,q,w
2 'polypeptide(L)'
;MSATASTATQPKPLEWLNRLRANPRIPLIVAGSAAVAIVVAMVLWAKTPDYRTLFSNLSDQDGGAIVAQLTQMNIPYRFA
NGSGAIEVPADKVHELRLRLAQQGLPKGGAVGFELLDQEKFGISQFSEQVNYQRALEGELARTIETLGPVKSARVHLAMP
KPSLFVREQKSPSASVTVTLEPGRALDEGQISAVVHLVSSAVAGLPPGNVTLVDQSGHLLTQSNTSGRDLNDAQLKFAND
VESRIQRRIEAILSPIVGNGNVHAQVTAQLDFANKEQTEEHYSPNGDASKATLRSRQLNISEQVGAGYPGGVPGALSNQP
APPNEAPIATPPTNQQNAQNTPQTSTSTNSNSAGPRSTQRNETSNYEVDRTIRHTKMNVGDIERLSVAVVVNYKTLADGK
PLPLTADQMKQIEDLTREAMGFSDKRGDTLNVVNSPFSAVDNTGGELPFWQQQSFIDQLLAAGRWLLVLVVAWILWRKAV
RPQLTRRVEEAKAAQEQAQVRQETEEAVEVRLSKDEQLQQRRANQRLGAEVMSQRIREMSDNDPRVVALVIRQWMSNDHE
;
C,D,E
3 'polypeptide(L)'
;MGDSILSQAEIDALLNGDSDTKDEPTPGIASDSDIRPYDPNTQRRVVRERLQALEIINERFARQFRMGLFNLLRRSPDIT
VGAIRIQPYHEFARNLPVPTNLNLIHLKPLRGTGLVVFSPSLVFIAVDNLFGGDGRFPTKVEGREFTHTEQRVINRMLKL
ALEGYSDAWKAINPLEVEYVRSEMQVKFTNITTSPNDIVVNTPFHVEIGNLTGEFNICLPFSMIEPLRELLVNPPLENSR
HEDQNWRDNLVRQVQHSELELVANFADIPLRLSQILKLKPGDVLPIEKPDRIIAHVDGVPVLTSQYGTVNGQYALRVEHL
INPILNSLNEEQPK
;
S,T,U
4 'polypeptide(L)'
;MSNLSGTDKSVILLMTIGEDRAAEVFKHLSTREVQALSTAMANVRQISNKQLTDVLSEFEQEAEQFAALNINANEYLRSV
LVKALGEERASSLLEDILETRDTTSGIETLNFMEPQSAADLIRDEHPQIIATILVHLKRSQAADILALFDERLRHDVMLR
IATFGGVQPAALAELTEVLNGLLDGQNLKRSKMGGVRTAAEIINLMKTQQEEAVITAVREFDGELAQKIIDEMFLFENLV
DVDDRSIQRLLQEVDSESLLIALKGAEPPLREKFLRNMSQRAADILRDDLANRGPVRLSQVENEQKAILLIVRRLAETGE
MVIGSGEDTYV
;
Z,a,b
5 'polypeptide(L)'
;MADKELKFLVVDKFSTMRRIVRNLLKELGFNNVEEAEDGVDALNKLQAGGFGFIISDWNMPNMDGLELLKTIRADSAMSA
LPVLMVTAEAKKENIIAAAQAGASGWVVKPFTAATLEEKLNKIFEKLGM
;
h,i,j
#
# COMPACT_ATOMS: atom_id res chain seq x y z
N MET A 51 -25.89 21.94 -29.83
CA MET A 51 -24.60 21.68 -29.20
C MET A 51 -23.46 22.25 -30.04
N GLN A 52 -23.66 22.30 -31.37
CA GLN A 52 -22.66 22.87 -32.25
C GLN A 52 -22.45 24.35 -31.95
N ASP A 53 -23.54 25.12 -31.92
CA ASP A 53 -23.44 26.52 -31.53
C ASP A 53 -22.95 26.66 -30.10
N ILE A 54 -23.32 25.70 -29.24
CA ILE A 54 -22.86 25.72 -27.86
C ILE A 54 -21.34 25.64 -27.80
N ASP A 55 -20.75 24.74 -28.60
CA ASP A 55 -19.29 24.65 -28.65
C ASP A 55 -18.68 25.89 -29.28
N LEU A 56 -19.31 26.40 -30.34
CA LEU A 56 -18.78 27.57 -31.03
C LEU A 56 -18.68 28.76 -30.09
N ILE A 57 -19.69 28.97 -29.26
CA ILE A 57 -19.61 30.03 -28.25
C ILE A 57 -18.78 29.61 -27.04
N MET A 58 -18.62 28.30 -26.83
CA MET A 58 -17.75 27.82 -25.76
C MET A 58 -16.30 28.19 -26.01
N ASP A 59 -15.90 28.27 -27.28
CA ASP A 59 -14.54 28.67 -27.59
C ASP A 59 -14.40 30.18 -27.52
N ILE A 60 -14.81 30.77 -26.39
CA ILE A 60 -14.74 32.21 -26.17
C ILE A 60 -14.47 32.48 -24.69
N PRO A 61 -13.53 33.35 -24.35
CA PRO A 61 -13.35 33.73 -22.94
C PRO A 61 -14.26 34.88 -22.53
N VAL A 62 -14.77 34.78 -21.31
CA VAL A 62 -15.64 35.82 -20.75
C VAL A 62 -15.19 36.11 -19.32
N LYS A 63 -15.58 37.26 -18.81
CA LYS A 63 -15.21 37.71 -17.47
C LYS A 63 -16.41 37.60 -16.53
N LEU A 64 -16.17 37.08 -15.33
CA LEU A 64 -17.18 36.97 -14.29
C LEU A 64 -16.89 37.98 -13.19
N THR A 65 -17.94 38.63 -12.71
CA THR A 65 -17.82 39.68 -11.69
C THR A 65 -18.74 39.37 -10.52
N VAL A 66 -18.19 39.45 -9.30
CA VAL A 66 -18.94 39.27 -8.08
C VAL A 66 -18.98 40.59 -7.34
N GLU A 67 -20.17 41.06 -7.00
CA GLU A 67 -20.36 42.34 -6.33
C GLU A 67 -20.68 42.12 -4.86
N LEU A 68 -19.93 42.81 -3.99
CA LEU A 68 -20.18 42.70 -2.56
C LEU A 68 -21.55 43.26 -2.18
N GLY A 69 -21.92 44.40 -2.74
CA GLY A 69 -23.20 45.00 -2.43
C GLY A 69 -23.36 46.30 -3.18
N ARG A 70 -24.56 46.86 -3.08
CA ARG A 70 -24.91 48.11 -3.73
C ARG A 70 -25.47 49.09 -2.72
N THR A 71 -25.26 50.37 -2.99
CA THR A 71 -25.78 51.43 -2.13
C THR A 71 -25.87 52.71 -2.94
N ARG A 72 -26.66 53.65 -2.43
CA ARG A 72 -26.83 54.96 -3.06
C ARG A 72 -26.45 56.05 -2.07
N MET A 73 -25.69 57.03 -2.54
CA MET A 73 -25.27 58.15 -1.71
C MET A 73 -25.07 59.37 -2.58
N THR A 74 -25.09 60.54 -1.95
CA THR A 74 -24.86 61.77 -2.67
C THR A 74 -23.36 62.01 -2.86
N ILE A 75 -23.04 62.83 -3.85
CA ILE A 75 -21.64 63.17 -4.12
C ILE A 75 -21.04 63.94 -2.96
N LYS A 76 -21.83 64.78 -2.29
CA LYS A 76 -21.35 65.48 -1.11
C LYS A 76 -20.88 64.51 -0.04
N GLU A 77 -21.67 63.45 0.19
CA GLU A 77 -21.26 62.43 1.15
C GLU A 77 -20.00 61.72 0.69
N LEU A 78 -19.87 61.49 -0.62
CA LEU A 78 -18.65 60.89 -1.15
C LEU A 78 -17.44 61.77 -0.89
N LEU A 79 -17.58 63.08 -1.07
CA LEU A 79 -16.51 64.01 -0.76
C LEU A 79 -16.20 64.05 0.73
N ARG A 80 -17.20 63.82 1.58
CA ARG A 80 -16.96 63.76 3.01
C ARG A 80 -16.21 62.50 3.43
N LEU A 81 -16.05 61.54 2.53
CA LEU A 81 -15.33 60.31 2.83
C LEU A 81 -13.83 60.55 2.76
N THR A 82 -13.13 60.11 3.79
CA THR A 82 -11.67 60.18 3.87
C THR A 82 -11.12 58.80 4.20
N GLN A 83 -9.82 58.74 4.44
CA GLN A 83 -9.21 57.48 4.86
C GLN A 83 -9.78 57.04 6.20
N GLY A 84 -10.26 55.80 6.25
CA GLY A 84 -10.90 55.27 7.43
C GLY A 84 -12.39 55.49 7.51
N SER A 85 -12.98 56.20 6.55
CA SER A 85 -14.42 56.44 6.55
C SER A 85 -15.18 55.14 6.36
N VAL A 86 -16.43 55.11 6.83
CA VAL A 86 -17.27 53.92 6.83
C VAL A 86 -18.48 54.17 5.94
N VAL A 87 -18.73 53.24 5.03
CA VAL A 87 -19.89 53.28 4.14
C VAL A 87 -20.68 52.00 4.32
N ALA A 88 -21.98 52.13 4.58
CA ALA A 88 -22.85 50.98 4.75
C ALA A 88 -23.45 50.56 3.41
N LEU A 89 -23.70 49.26 3.28
CA LEU A 89 -24.30 48.69 2.08
C LEU A 89 -25.73 48.28 2.36
N ASP A 90 -26.56 48.32 1.31
CA ASP A 90 -27.97 47.99 1.44
C ASP A 90 -28.21 46.50 1.68
N GLY A 91 -27.24 45.64 1.38
CA GLY A 91 -27.40 44.21 1.58
C GLY A 91 -27.09 43.80 3.01
N LEU A 92 -27.93 42.92 3.55
CA LEU A 92 -27.72 42.40 4.89
C LEU A 92 -26.49 41.50 4.93
N ALA A 93 -25.83 41.49 6.09
CA ALA A 93 -24.65 40.65 6.26
C ALA A 93 -25.03 39.18 6.16
N GLY A 94 -24.30 38.44 5.33
CA GLY A 94 -24.53 37.03 5.12
C GLY A 94 -25.36 36.68 3.91
N GLU A 95 -26.05 37.66 3.31
CA GLU A 95 -26.84 37.38 2.13
C GLU A 95 -25.92 37.00 0.96
N PRO A 96 -26.38 36.12 0.08
CA PRO A 96 -25.56 35.75 -1.08
C PRO A 96 -25.27 36.97 -1.96
N LEU A 97 -24.05 37.01 -2.48
CA LEU A 97 -23.59 38.14 -3.28
C LEU A 97 -23.95 37.95 -4.74
N ASP A 98 -24.19 39.08 -5.42
CA ASP A 98 -24.57 39.04 -6.83
C ASP A 98 -23.41 38.59 -7.69
N ILE A 99 -23.70 37.71 -8.67
CA ILE A 99 -22.72 37.22 -9.61
C ILE A 99 -23.08 37.77 -10.98
N LEU A 100 -22.12 38.45 -11.62
CA LEU A 100 -22.36 39.13 -12.89
C LEU A 100 -21.39 38.64 -13.94
N ILE A 101 -21.91 38.48 -15.17
CA ILE A 101 -21.10 38.16 -16.34
C ILE A 101 -21.13 39.38 -17.25
N ASN A 102 -19.97 40.04 -17.40
CA ASN A 102 -19.84 41.24 -18.21
C ASN A 102 -20.86 42.31 -17.78
N GLY A 103 -21.08 42.39 -16.47
CA GLY A 103 -22.02 43.34 -15.91
C GLY A 103 -23.46 42.88 -15.87
N TYR A 104 -23.75 41.64 -16.27
CA TYR A 104 -25.11 41.12 -16.29
C TYR A 104 -25.28 40.12 -15.15
N LEU A 105 -26.26 40.38 -14.27
CA LEU A 105 -26.50 39.52 -13.13
C LEU A 105 -27.16 38.22 -13.58
N ILE A 106 -26.52 37.09 -13.29
CA ILE A 106 -27.06 35.78 -13.68
C ILE A 106 -27.21 34.82 -12.50
N ALA A 107 -26.57 35.06 -11.36
CA ALA A 107 -26.65 34.11 -10.25
C ALA A 107 -26.23 34.81 -8.97
N GLN A 108 -26.34 34.08 -7.86
CA GLN A 108 -25.96 34.56 -6.54
C GLN A 108 -25.08 33.51 -5.87
N GLY A 109 -24.15 33.98 -5.03
CA GLY A 109 -23.22 33.07 -4.39
C GLY A 109 -22.78 33.58 -3.03
N GLU A 110 -22.11 32.69 -2.30
CA GLU A 110 -21.64 32.95 -0.95
C GLU A 110 -20.13 32.91 -0.90
N VAL A 111 -19.55 33.74 -0.03
CA VAL A 111 -18.11 33.90 0.04
C VAL A 111 -17.51 32.74 0.83
N VAL A 112 -16.48 32.11 0.26
CA VAL A 112 -15.71 31.08 0.94
C VAL A 112 -14.23 31.34 0.71
N VAL A 113 -13.40 30.73 1.55
CA VAL A 113 -11.95 30.84 1.47
C VAL A 113 -11.40 29.49 1.04
N VAL A 114 -10.62 29.48 -0.04
CA VAL A 114 -10.12 28.25 -0.64
C VAL A 114 -8.60 28.25 -0.52
N ALA A 115 -8.09 27.64 0.55
CA ALA A 115 -6.69 27.27 0.72
C ALA A 115 -5.77 28.45 0.93
N ASP A 116 -6.31 29.68 0.77
CA ASP A 116 -5.65 30.98 0.89
C ASP A 116 -6.25 31.97 -0.10
N LYS A 117 -7.34 31.59 -0.76
CA LYS A 117 -7.96 32.41 -1.79
C LYS A 117 -9.46 32.51 -1.54
N TYR A 118 -10.01 33.67 -1.88
CA TYR A 118 -11.45 33.87 -1.79
C TYR A 118 -12.16 33.05 -2.85
N GLY A 119 -13.38 32.59 -2.52
CA GLY A 119 -14.18 31.82 -3.44
C GLY A 119 -15.65 32.14 -3.28
N VAL A 120 -16.40 31.88 -4.33
CA VAL A 120 -17.84 32.10 -4.35
C VAL A 120 -18.53 30.77 -4.56
N ARG A 121 -19.41 30.40 -3.63
CA ARG A 121 -20.16 29.16 -3.71
C ARG A 121 -21.48 29.40 -4.43
N ILE A 122 -21.65 28.77 -5.58
CA ILE A 122 -22.87 28.95 -6.37
C ILE A 122 -24.07 28.46 -5.56
N THR A 123 -25.09 29.29 -5.43
CA THR A 123 -26.27 28.96 -4.65
C THR A 123 -27.53 28.83 -5.49
N ASP A 124 -27.87 29.86 -6.27
CA ASP A 124 -29.10 29.82 -7.05
C ASP A 124 -28.97 30.77 -8.23
N ILE A 125 -29.68 30.42 -9.31
CA ILE A 125 -29.71 31.26 -10.51
C ILE A 125 -30.54 32.51 -10.24
N ILE A 126 -30.42 33.49 -11.14
CA ILE A 126 -31.07 34.79 -10.92
C ILE A 126 -32.58 34.63 -10.90
N THR A 127 -33.14 33.95 -11.93
CA THR A 127 -34.56 33.71 -12.15
C THR A 127 -35.24 35.01 -12.59
N PRO A 128 -36.41 35.00 -13.27
CA PRO A 128 -36.97 36.28 -13.72
C PRO A 128 -37.52 37.16 -12.60
N SER A 129 -38.27 36.58 -11.68
CA SER A 129 -38.94 37.40 -10.63
C SER A 129 -37.92 38.14 -9.76
N GLU A 130 -36.93 37.43 -9.24
CA GLU A 130 -35.91 38.07 -8.37
C GLU A 130 -35.24 39.17 -9.18
N ARG A 131 -35.02 38.90 -10.46
CA ARG A 131 -34.35 39.88 -11.34
C ARG A 131 -35.19 41.15 -11.40
N MET A 132 -36.47 41.00 -11.68
CA MET A 132 -37.35 42.19 -11.82
C MET A 132 -37.39 42.92 -10.48
N ARG A 133 -37.36 42.16 -9.39
CA ARG A 133 -37.39 42.76 -8.03
C ARG A 133 -36.16 43.64 -7.83
N ARG A 134 -34.98 43.10 -8.16
CA ARG A 134 -33.72 43.88 -8.01
C ARG A 134 -33.83 45.11 -8.89
N LEU A 135 -34.43 44.94 -10.07
CA LEU A 135 -34.55 46.08 -11.00
C LEU A 135 -35.37 47.19 -10.31
N SER A 136 -36.55 46.84 -9.82
CA SER A 136 -37.42 47.84 -9.16
C SER A 136 -36.65 48.48 -8.01
N ARG A 137 -35.86 47.67 -7.30
CA ARG A 137 -35.04 48.20 -6.18
C ARG A 137 -34.23 49.41 -6.68
N MET B 532 -11.69 -69.19 -4.19
CA MET B 532 -12.40 -67.94 -4.45
C MET B 532 -13.89 -68.17 -4.59
N SER B 533 -14.57 -68.28 -3.45
CA SER B 533 -16.01 -68.55 -3.42
C SER B 533 -16.78 -67.25 -3.65
N GLN B 534 -18.09 -67.30 -3.39
CA GLN B 534 -18.95 -66.14 -3.61
C GLN B 534 -18.66 -65.01 -2.64
N ARG B 535 -17.84 -65.26 -1.61
CA ARG B 535 -17.53 -64.21 -0.63
C ARG B 535 -16.89 -63.00 -1.28
N ILE B 536 -16.08 -63.20 -2.32
CA ILE B 536 -15.48 -62.07 -3.02
C ILE B 536 -16.56 -61.19 -3.65
N ARG B 537 -17.55 -61.80 -4.30
CA ARG B 537 -18.63 -61.05 -4.91
C ARG B 537 -19.49 -60.37 -3.86
N GLU B 538 -19.75 -61.06 -2.75
CA GLU B 538 -20.55 -60.47 -1.67
C GLU B 538 -19.84 -59.26 -1.07
N MET B 539 -18.52 -59.36 -0.87
CA MET B 539 -17.77 -58.22 -0.34
C MET B 539 -17.73 -57.07 -1.33
N SER B 540 -17.75 -57.36 -2.63
CA SER B 540 -17.73 -56.30 -3.63
C SER B 540 -19.01 -55.47 -3.62
N ASP B 541 -20.10 -56.01 -3.11
CA ASP B 541 -21.37 -55.32 -3.07
C ASP B 541 -21.59 -54.53 -1.79
N ASN B 542 -20.63 -54.54 -0.87
CA ASN B 542 -20.76 -53.79 0.37
C ASN B 542 -20.61 -52.29 0.11
N ASP B 543 -21.20 -51.50 1.01
CA ASP B 543 -21.14 -50.06 0.89
C ASP B 543 -19.69 -49.58 1.04
N PRO B 544 -19.24 -48.65 0.20
CA PRO B 544 -17.85 -48.15 0.36
C PRO B 544 -17.58 -47.52 1.71
N ARG B 545 -18.60 -46.93 2.35
CA ARG B 545 -18.41 -46.37 3.67
C ARG B 545 -18.07 -47.45 4.70
N VAL B 546 -18.70 -48.62 4.57
CA VAL B 546 -18.39 -49.74 5.46
C VAL B 546 -16.94 -50.17 5.29
N VAL B 547 -16.50 -50.28 4.03
CA VAL B 547 -15.11 -50.63 3.75
C VAL B 547 -14.17 -49.58 4.33
N ALA B 548 -14.52 -48.30 4.18
CA ALA B 548 -13.68 -47.23 4.72
C ALA B 548 -13.58 -47.31 6.24
N LEU B 549 -14.70 -47.60 6.91
CA LEU B 549 -14.67 -47.73 8.36
C LEU B 549 -13.85 -48.92 8.81
N VAL B 550 -13.96 -50.05 8.09
CA VAL B 550 -13.14 -51.21 8.41
C VAL B 550 -11.66 -50.88 8.25
N ILE B 551 -11.31 -50.18 7.17
CA ILE B 551 -9.93 -49.78 6.93
C ILE B 551 -9.45 -48.86 8.04
N ARG B 552 -10.29 -47.91 8.45
CA ARG B 552 -9.91 -46.99 9.52
C ARG B 552 -9.67 -47.72 10.83
N GLN B 553 -10.54 -48.67 11.17
CA GLN B 553 -10.35 -49.44 12.39
C GLN B 553 -9.08 -50.29 12.32
N TRP B 554 -8.82 -50.90 11.17
CA TRP B 554 -7.61 -51.70 11.00
C TRP B 554 -6.36 -50.86 11.16
N MET B 555 -6.36 -49.65 10.56
CA MET B 555 -5.21 -48.78 10.70
C MET B 555 -5.05 -48.26 12.12
N SER B 556 -6.16 -48.01 12.82
CA SER B 556 -6.08 -47.58 14.21
C SER B 556 -5.52 -48.66 15.10
N ASN B 557 -5.88 -49.93 14.84
CA ASN B 557 -5.38 -51.04 15.65
C ASN B 557 -3.88 -51.27 15.47
N ASP B 558 -3.27 -50.74 14.42
CA ASP B 558 -1.84 -50.94 14.20
C ASP B 558 -1.01 -50.27 15.28
N ILE C 5 11.27 3.34 29.20
CA ILE C 5 11.63 3.15 27.80
C ILE C 5 12.00 4.51 27.22
N LEU C 6 13.29 4.73 26.99
CA LEU C 6 13.80 6.04 26.58
C LEU C 6 13.65 6.22 25.08
N SER C 7 13.16 7.40 24.69
CA SER C 7 13.10 7.76 23.28
C SER C 7 14.50 8.10 22.77
N GLN C 8 14.60 8.27 21.45
CA GLN C 8 15.89 8.54 20.84
C GLN C 8 16.50 9.84 21.35
N ALA C 9 15.67 10.88 21.50
CA ALA C 9 16.16 12.14 22.04
C ALA C 9 16.65 11.99 23.47
N GLU C 10 15.92 11.23 24.30
CA GLU C 10 16.36 10.99 25.67
C GLU C 10 17.66 10.21 25.71
N ILE C 11 17.81 9.22 24.81
CA ILE C 11 19.05 8.46 24.72
C ILE C 11 20.21 9.38 24.35
N ASP C 12 20.00 10.26 23.38
CA ASP C 12 21.04 11.22 23.00
C ASP C 12 21.39 12.14 24.16
N ALA C 13 20.38 12.61 24.90
CA ALA C 13 20.64 13.49 26.03
C ALA C 13 21.44 12.78 27.11
N LEU C 14 21.12 11.51 27.39
CA LEU C 14 21.85 10.78 28.43
C LEU C 14 23.27 10.45 27.99
N LEU C 15 23.45 10.05 26.72
CA LEU C 15 24.78 9.72 26.24
C LEU C 15 25.69 10.93 26.22
N ASN C 16 25.16 12.09 25.81
CA ASN C 16 25.93 13.32 25.74
C ASN C 16 25.99 13.93 27.13
N ASP C 34 14.27 34.51 -2.66
CA ASP C 34 13.24 33.74 -3.36
C ASP C 34 13.76 33.19 -4.68
N ILE C 35 15.07 33.31 -4.89
CA ILE C 35 15.70 32.86 -6.12
C ILE C 35 16.45 31.57 -5.82
N ARG C 36 16.11 30.51 -6.55
CA ARG C 36 16.75 29.21 -6.37
C ARG C 36 17.21 28.67 -7.71
N PRO C 37 18.39 28.04 -7.74
CA PRO C 37 18.85 27.43 -9.00
C PRO C 37 17.94 26.27 -9.40
N TYR C 38 17.81 26.07 -10.71
CA TYR C 38 16.93 25.04 -11.25
C TYR C 38 17.72 23.75 -11.44
N ASP C 39 17.26 22.67 -10.79
CA ASP C 39 17.84 21.36 -11.00
C ASP C 39 16.90 20.54 -11.86
N PRO C 40 17.29 20.17 -13.08
CA PRO C 40 16.39 19.38 -13.95
C PRO C 40 16.10 17.98 -13.43
N ASN C 41 16.73 17.56 -12.34
CA ASN C 41 16.47 16.25 -11.75
C ASN C 41 15.43 16.30 -10.63
N THR C 42 14.51 17.25 -10.69
CA THR C 42 13.52 17.43 -9.64
C THR C 42 12.10 17.11 -10.07
N GLN C 43 11.84 16.94 -11.37
CA GLN C 43 10.50 16.71 -11.92
C GLN C 43 9.46 17.59 -11.23
N ARG C 44 9.58 18.89 -11.49
CA ARG C 44 8.80 19.94 -10.86
C ARG C 44 7.30 19.90 -11.18
N ARG C 45 6.76 18.86 -11.84
CA ARG C 45 5.33 18.77 -12.09
C ARG C 45 4.60 18.41 -10.81
N VAL C 46 4.60 19.32 -9.84
CA VAL C 46 3.98 19.09 -8.55
C VAL C 46 2.65 19.83 -8.50
N VAL C 47 1.72 19.28 -7.74
CA VAL C 47 0.39 19.86 -7.56
C VAL C 47 0.44 20.73 -6.32
N ARG C 48 0.54 22.05 -6.52
CA ARG C 48 0.45 22.99 -5.41
C ARG C 48 -0.98 23.22 -4.95
N GLU C 49 -1.96 22.70 -5.69
CA GLU C 49 -3.36 22.80 -5.32
C GLU C 49 -3.73 21.68 -4.36
N ARG C 50 -4.65 21.97 -3.44
CA ARG C 50 -5.05 20.99 -2.44
C ARG C 50 -5.92 19.91 -3.07
N LEU C 51 -5.61 18.65 -2.73
CA LEU C 51 -6.39 17.50 -3.20
C LEU C 51 -7.48 17.17 -2.19
N GLN C 52 -8.47 18.05 -2.13
CA GLN C 52 -9.58 17.83 -1.19
C GLN C 52 -10.21 16.46 -1.48
N ALA C 53 -10.57 16.21 -2.74
CA ALA C 53 -11.25 14.96 -3.05
C ALA C 53 -10.48 13.76 -2.50
N LEU C 54 -9.15 13.80 -2.58
CA LEU C 54 -8.35 12.74 -1.98
C LEU C 54 -8.53 12.70 -0.48
N GLU C 55 -8.66 13.87 0.16
CA GLU C 55 -8.91 13.91 1.60
C GLU C 55 -10.25 13.26 1.93
N ILE C 56 -11.28 13.53 1.15
CA ILE C 56 -12.59 12.93 1.40
C ILE C 56 -12.53 11.42 1.21
N ILE C 57 -11.85 10.97 0.16
CA ILE C 57 -11.69 9.54 -0.07
C ILE C 57 -10.96 8.88 1.08
N ASN C 58 -9.90 9.54 1.59
CA ASN C 58 -9.16 8.99 2.71
C ASN C 58 -10.01 8.94 3.97
N GLU C 59 -10.83 9.96 4.21
CA GLU C 59 -11.73 9.94 5.39
C GLU C 59 -12.71 8.78 5.24
N ARG C 60 -13.31 8.63 4.07
CA ARG C 60 -14.27 7.54 3.83
C ARG C 60 -13.54 6.20 4.01
N PHE C 61 -12.38 6.07 3.37
CA PHE C 61 -11.58 4.82 3.53
C PHE C 61 -11.34 4.60 5.01
N ALA C 62 -10.88 5.64 5.72
CA ALA C 62 -10.57 5.51 7.16
C ALA C 62 -11.77 4.91 7.89
N ARG C 63 -12.95 5.52 7.75
CA ARG C 63 -14.15 5.04 8.48
C ARG C 63 -14.44 3.59 8.09
N GLN C 64 -14.48 3.29 6.79
CA GLN C 64 -14.86 1.93 6.34
C GLN C 64 -13.90 0.91 6.96
N PHE C 65 -12.62 1.27 7.07
CA PHE C 65 -11.61 0.33 7.61
C PHE C 65 -11.79 0.21 9.13
N ARG C 66 -11.97 1.36 9.79
CA ARG C 66 -12.21 1.31 11.26
C ARG C 66 -13.26 0.25 11.53
N MET C 67 -14.37 0.33 10.82
CA MET C 67 -15.44 -0.70 10.95
C MET C 67 -14.82 -2.08 10.73
N GLY C 68 -14.15 -2.28 9.58
CA GLY C 68 -13.61 -3.59 9.30
C GLY C 68 -12.71 -4.11 10.41
N LEU C 69 -11.86 -3.25 10.96
CA LEU C 69 -11.00 -3.64 12.06
C LEU C 69 -11.80 -3.94 13.32
N PHE C 70 -12.87 -3.18 13.56
CA PHE C 70 -13.75 -3.48 14.68
C PHE C 70 -14.39 -4.85 14.52
N ASN C 71 -14.84 -5.18 13.31
CA ASN C 71 -15.40 -6.50 13.06
C ASN C 71 -14.36 -7.60 13.25
N LEU C 72 -13.13 -7.38 12.75
CA LEU C 72 -12.13 -8.43 12.75
C LEU C 72 -11.56 -8.67 14.15
N LEU C 73 -11.21 -7.60 14.86
CA LEU C 73 -10.46 -7.71 16.11
C LEU C 73 -11.35 -7.71 17.35
N ARG C 74 -12.66 -7.57 17.19
CA ARG C 74 -13.62 -7.48 18.29
C ARG C 74 -13.33 -6.31 19.23
N ARG C 75 -12.50 -5.36 18.80
CA ARG C 75 -12.16 -4.17 19.57
C ARG C 75 -12.45 -2.94 18.73
N SER C 76 -12.68 -1.81 19.41
CA SER C 76 -13.02 -0.57 18.73
C SER C 76 -11.73 0.18 18.40
N PRO C 77 -11.38 0.34 17.14
CA PRO C 77 -10.17 1.08 16.78
C PRO C 77 -10.45 2.55 16.49
N ASP C 78 -9.43 3.36 16.74
CA ASP C 78 -9.46 4.79 16.44
C ASP C 78 -8.44 5.07 15.35
N ILE C 79 -8.92 5.49 14.18
CA ILE C 79 -8.08 5.75 13.02
C ILE C 79 -8.09 7.25 12.74
N THR C 80 -6.92 7.86 12.71
CA THR C 80 -6.76 9.28 12.45
C THR C 80 -6.02 9.49 11.15
N VAL C 81 -6.58 10.31 10.26
CA VAL C 81 -5.96 10.57 8.96
C VAL C 81 -4.99 11.74 9.12
N GLY C 82 -3.73 11.51 8.76
CA GLY C 82 -2.74 12.56 8.81
C GLY C 82 -2.77 13.43 7.57
N ALA C 83 -1.91 14.46 7.58
CA ALA C 83 -1.82 15.36 6.43
C ALA C 83 -1.27 14.61 5.22
N ILE C 84 -1.79 14.96 4.04
CA ILE C 84 -1.39 14.33 2.79
C ILE C 84 -0.13 15.06 2.33
N ARG C 85 1.02 14.58 2.78
CA ARG C 85 2.29 15.18 2.40
C ARG C 85 2.71 14.67 1.02
N ILE C 86 3.19 15.59 0.19
CA ILE C 86 3.69 15.28 -1.15
C ILE C 86 5.19 15.53 -1.15
N GLN C 87 5.95 14.52 -1.53
CA GLN C 87 7.41 14.57 -1.44
C GLN C 87 7.99 13.59 -2.45
N PRO C 88 9.25 13.75 -2.83
CA PRO C 88 9.88 12.80 -3.76
C PRO C 88 9.94 11.40 -3.16
N TYR C 89 10.05 10.41 -4.05
CA TYR C 89 9.99 9.01 -3.62
C TYR C 89 11.15 8.66 -2.69
N HIS C 90 12.34 9.18 -2.96
CA HIS C 90 13.50 8.84 -2.14
C HIS C 90 13.31 9.35 -0.70
N GLU C 91 12.73 10.53 -0.54
CA GLU C 91 12.43 11.03 0.80
C GLU C 91 11.42 10.13 1.51
N PHE C 92 10.40 9.67 0.80
CA PHE C 92 9.43 8.75 1.38
C PHE C 92 10.09 7.44 1.79
N ALA C 93 10.98 6.91 0.93
CA ALA C 93 11.69 5.68 1.28
C ALA C 93 12.60 5.90 2.48
N ARG C 94 13.24 7.06 2.55
CA ARG C 94 14.18 7.36 3.64
C ARG C 94 13.50 7.45 4.99
N ASN C 95 12.19 7.74 5.02
CA ASN C 95 11.46 7.93 6.27
C ASN C 95 10.63 6.70 6.65
N LEU C 96 10.83 5.58 5.97
CA LEU C 96 10.11 4.35 6.30
C LEU C 96 10.91 3.54 7.29
N PRO C 97 10.38 3.25 8.48
CA PRO C 97 11.10 2.40 9.42
C PRO C 97 11.34 1.00 8.84
N VAL C 98 12.49 0.43 9.18
CA VAL C 98 12.84 -0.90 8.69
C VAL C 98 13.09 -1.83 9.87
N PRO C 99 12.70 -3.11 9.78
CA PRO C 99 11.97 -3.74 8.68
C PRO C 99 10.50 -3.35 8.69
N THR C 100 9.79 -3.50 7.57
CA THR C 100 8.38 -3.14 7.51
C THR C 100 7.69 -4.03 6.48
N ASN C 101 6.38 -4.14 6.61
CA ASN C 101 5.56 -4.90 5.69
C ASN C 101 5.12 -4.01 4.53
N LEU C 102 5.65 -4.27 3.35
CA LEU C 102 5.31 -3.51 2.15
C LEU C 102 4.47 -4.37 1.23
N ASN C 103 3.33 -3.83 0.79
CA ASN C 103 2.39 -4.55 -0.06
C ASN C 103 2.17 -3.75 -1.34
N LEU C 104 2.36 -4.40 -2.47
CA LEU C 104 2.18 -3.77 -3.77
C LEU C 104 0.76 -4.00 -4.27
N ILE C 105 0.07 -2.93 -4.64
CA ILE C 105 -1.30 -3.00 -5.11
C ILE C 105 -1.39 -2.29 -6.46
N HIS C 106 -2.43 -2.65 -7.22
CA HIS C 106 -2.72 -2.05 -8.51
C HIS C 106 -4.10 -1.39 -8.47
N LEU C 107 -4.18 -0.16 -8.97
CA LEU C 107 -5.43 0.59 -9.00
C LEU C 107 -5.91 0.64 -10.46
N LYS C 108 -6.64 -0.39 -10.86
CA LYS C 108 -7.17 -0.43 -12.21
C LYS C 108 -8.30 0.60 -12.36
N PRO C 109 -8.45 1.22 -13.53
CA PRO C 109 -7.64 1.04 -14.75
C PRO C 109 -6.42 1.95 -14.81
N LEU C 110 -6.11 2.67 -13.73
CA LEU C 110 -4.93 3.52 -13.72
C LEU C 110 -3.66 2.69 -13.81
N ARG C 111 -2.64 3.25 -14.46
CA ARG C 111 -1.39 2.55 -14.71
C ARG C 111 -0.39 2.87 -13.61
N GLY C 112 0.22 1.82 -13.05
CA GLY C 112 1.18 1.99 -11.97
C GLY C 112 0.97 0.98 -10.86
N THR C 113 1.83 1.02 -9.85
CA THR C 113 1.73 0.11 -8.71
C THR C 113 1.69 0.93 -7.43
N GLY C 114 0.65 0.70 -6.61
CA GLY C 114 0.50 1.38 -5.34
C GLY C 114 1.08 0.56 -4.20
N LEU C 115 1.37 1.25 -3.10
CA LEU C 115 1.97 0.64 -1.93
C LEU C 115 1.06 0.82 -0.72
N VAL C 116 0.83 -0.27 0.00
CA VAL C 116 0.16 -0.24 1.30
C VAL C 116 1.19 -0.68 2.34
N VAL C 117 1.60 0.25 3.19
CA VAL C 117 2.67 0.01 4.15
C VAL C 117 2.05 -0.27 5.51
N PHE C 118 2.33 -1.44 6.07
CA PHE C 118 1.88 -1.82 7.40
C PHE C 118 3.08 -1.83 8.33
N SER C 119 3.04 -0.98 9.36
CA SER C 119 4.12 -0.93 10.32
C SER C 119 4.12 -2.21 11.18
N PRO C 120 5.29 -2.66 11.63
CA PRO C 120 5.33 -3.87 12.47
C PRO C 120 4.54 -3.72 13.76
N SER C 121 4.45 -2.51 14.31
CA SER C 121 3.68 -2.31 15.53
C SER C 121 2.21 -2.63 15.31
N LEU C 122 1.65 -2.16 14.20
CA LEU C 122 0.24 -2.44 13.90
C LEU C 122 0.01 -3.93 13.69
N VAL C 123 0.95 -4.59 12.98
CA VAL C 123 0.82 -6.03 12.76
C VAL C 123 0.84 -6.78 14.08
N PHE C 124 1.77 -6.40 14.98
CA PHE C 124 1.85 -7.05 16.28
C PHE C 124 0.60 -6.81 17.11
N ILE C 125 0.06 -5.59 17.06
CA ILE C 125 -1.18 -5.30 17.79
C ILE C 125 -2.33 -6.16 17.26
N ALA C 126 -2.43 -6.27 15.93
CA ALA C 126 -3.49 -7.09 15.35
C ALA C 126 -3.33 -8.56 15.71
N VAL C 127 -2.09 -9.06 15.69
CA VAL C 127 -1.84 -10.45 16.08
C VAL C 127 -2.22 -10.66 17.54
N ASP C 128 -1.87 -9.71 18.40
CA ASP C 128 -2.22 -9.79 19.82
C ASP C 128 -3.73 -9.86 19.99
N ASN C 129 -4.46 -8.95 19.32
CA ASN C 129 -5.91 -8.90 19.48
C ASN C 129 -6.57 -10.17 18.93
N LEU C 130 -6.08 -10.67 17.79
CA LEU C 130 -6.69 -11.86 17.20
C LEU C 130 -6.49 -13.11 18.04
N PHE C 131 -5.34 -13.23 18.69
CA PHE C 131 -4.97 -14.43 19.43
C PHE C 131 -5.07 -14.24 20.94
N GLY C 132 -6.03 -13.42 21.38
CA GLY C 132 -6.33 -13.30 22.79
C GLY C 132 -5.34 -12.50 23.61
N GLY C 133 -4.45 -11.74 22.96
CA GLY C 133 -3.51 -10.91 23.70
C GLY C 133 -4.17 -9.86 24.56
N ASP C 134 -3.77 -9.80 25.83
CA ASP C 134 -4.33 -8.80 26.74
C ASP C 134 -3.92 -7.38 26.37
N GLY C 135 -2.83 -7.22 25.62
CA GLY C 135 -2.31 -5.90 25.30
C GLY C 135 -1.42 -5.30 26.36
N ARG C 136 -1.21 -5.99 27.48
CA ARG C 136 -0.35 -5.49 28.54
C ARG C 136 1.12 -5.74 28.30
N PHE C 137 1.46 -6.58 27.31
CA PHE C 137 2.85 -6.94 27.00
C PHE C 137 3.11 -6.66 25.53
N PRO C 138 3.49 -5.43 25.18
CA PRO C 138 3.81 -5.12 23.78
C PRO C 138 5.00 -5.94 23.30
N THR C 139 4.96 -6.31 22.02
CA THR C 139 6.03 -7.10 21.41
C THR C 139 7.00 -6.15 20.71
N LYS C 140 8.27 -6.22 21.09
CA LYS C 140 9.29 -5.37 20.52
C LYS C 140 9.80 -5.97 19.21
N VAL C 141 9.96 -5.14 18.19
CA VAL C 141 10.36 -5.60 16.87
C VAL C 141 11.83 -6.01 16.93
N GLU C 142 12.10 -7.28 16.60
CA GLU C 142 13.49 -7.78 16.69
C GLU C 142 14.16 -7.71 15.31
N GLY C 143 13.42 -7.31 14.28
CA GLY C 143 13.96 -7.30 12.95
C GLY C 143 13.82 -8.60 12.19
N ARG C 144 13.00 -9.52 12.70
CA ARG C 144 12.81 -10.82 12.06
C ARG C 144 11.73 -10.74 10.99
N GLU C 145 11.74 -11.72 10.10
CA GLU C 145 10.70 -11.83 9.09
C GLU C 145 9.39 -12.29 9.71
N PHE C 146 8.28 -11.83 9.12
CA PHE C 146 6.96 -12.22 9.60
C PHE C 146 6.72 -13.70 9.33
N THR C 147 6.11 -14.37 10.30
CA THR C 147 5.81 -15.80 10.16
C THR C 147 4.62 -16.00 9.23
N HIS C 148 4.37 -17.27 8.91
CA HIS C 148 3.27 -17.60 8.00
C HIS C 148 1.92 -17.22 8.59
N THR C 149 1.71 -17.46 9.89
CA THR C 149 0.48 -17.01 10.53
C THR C 149 0.38 -15.49 10.54
N GLU C 150 1.48 -14.81 10.85
CA GLU C 150 1.50 -13.36 10.77
C GLU C 150 1.26 -12.90 9.34
N GLN C 151 1.80 -13.62 8.37
CA GLN C 151 1.57 -13.29 6.96
C GLN C 151 0.09 -13.41 6.62
N ARG C 152 -0.59 -14.45 7.13
CA ARG C 152 -2.01 -14.61 6.87
C ARG C 152 -2.82 -13.50 7.53
N VAL C 153 -2.43 -13.10 8.74
CA VAL C 153 -3.10 -11.98 9.41
C VAL C 153 -2.94 -10.70 8.59
N ILE C 154 -1.71 -10.46 8.09
CA ILE C 154 -1.47 -9.30 7.26
C ILE C 154 -2.29 -9.37 5.98
N ASN C 155 -2.42 -10.61 5.53
CA ASN C 155 -3.22 -10.82 4.32
C ASN C 155 -4.64 -10.32 4.59
N ARG C 156 -5.27 -10.81 5.64
CA ARG C 156 -6.64 -10.46 5.98
C ARG C 156 -6.80 -8.96 6.17
N MET C 157 -5.85 -8.34 6.88
CA MET C 157 -5.91 -6.89 7.09
C MET C 157 -5.83 -6.16 5.75
N LEU C 158 -4.95 -6.60 4.87
CA LEU C 158 -4.79 -5.97 3.57
C LEU C 158 -6.03 -6.14 2.72
N LYS C 159 -6.67 -7.31 2.77
CA LYS C 159 -7.90 -7.52 2.03
C LYS C 159 -8.98 -6.55 2.52
N LEU C 160 -9.12 -6.41 3.84
CA LEU C 160 -10.09 -5.47 4.37
C LEU C 160 -9.77 -4.04 3.95
N ALA C 161 -8.49 -3.66 3.99
CA ALA C 161 -8.10 -2.31 3.62
C ALA C 161 -8.36 -2.04 2.15
N LEU C 162 -8.07 -3.01 1.27
CA LEU C 162 -8.31 -2.83 -0.15
C LEU C 162 -9.80 -2.74 -0.44
N GLU C 163 -10.61 -3.56 0.23
CA GLU C 163 -12.06 -3.45 0.05
C GLU C 163 -12.56 -2.07 0.47
N GLY C 164 -12.09 -1.58 1.61
CA GLY C 164 -12.49 -0.25 2.06
C GLY C 164 -12.04 0.84 1.10
N TYR C 165 -10.81 0.74 0.60
CA TYR C 165 -10.30 1.74 -0.34
C TYR C 165 -11.10 1.73 -1.64
N SER C 166 -11.40 0.55 -2.17
CA SER C 166 -12.18 0.45 -3.39
C SER C 166 -13.58 1.01 -3.19
N ASP C 167 -14.21 0.71 -2.05
CA ASP C 167 -15.54 1.27 -1.77
C ASP C 167 -15.48 2.79 -1.64
N ALA C 168 -14.43 3.30 -0.99
CA ALA C 168 -14.30 4.75 -0.84
C ALA C 168 -14.11 5.45 -2.17
N TRP C 169 -13.34 4.85 -3.08
CA TRP C 169 -13.09 5.49 -4.38
C TRP C 169 -14.30 5.45 -5.30
N LYS C 170 -15.35 4.69 -4.97
CA LYS C 170 -16.48 4.54 -5.87
C LYS C 170 -17.19 5.87 -6.14
N ALA C 171 -17.36 6.69 -5.09
CA ALA C 171 -18.14 7.92 -5.22
C ALA C 171 -17.54 8.91 -6.20
N ILE C 172 -16.22 8.89 -6.40
CA ILE C 172 -15.54 9.83 -7.26
C ILE C 172 -15.12 9.18 -8.59
N ASN C 173 -14.43 8.05 -8.51
CA ASN C 173 -14.05 7.32 -9.71
C ASN C 173 -13.94 5.83 -9.40
N PRO C 174 -14.82 5.00 -9.95
CA PRO C 174 -14.79 3.56 -9.64
C PRO C 174 -13.47 2.94 -10.06
N LEU C 175 -12.72 2.45 -9.08
CA LEU C 175 -11.43 1.82 -9.31
C LEU C 175 -11.41 0.45 -8.64
N GLU C 176 -10.73 -0.49 -9.29
CA GLU C 176 -10.55 -1.83 -8.76
C GLU C 176 -9.15 -1.97 -8.18
N VAL C 177 -9.08 -2.34 -6.91
CA VAL C 177 -7.81 -2.47 -6.21
C VAL C 177 -7.44 -3.93 -6.15
N GLU C 178 -6.26 -4.27 -6.66
CA GLU C 178 -5.79 -5.65 -6.71
C GLU C 178 -4.41 -5.75 -6.07
N TYR C 179 -4.25 -6.70 -5.16
CA TYR C 179 -2.97 -6.95 -4.51
C TYR C 179 -2.04 -7.73 -5.45
N VAL C 180 -0.76 -7.37 -5.42
CA VAL C 180 0.23 -7.96 -6.32
C VAL C 180 1.19 -8.89 -5.58
N ARG C 181 1.96 -8.35 -4.64
CA ARG C 181 2.94 -9.14 -3.90
C ARG C 181 3.36 -8.35 -2.68
N SER C 182 4.05 -9.04 -1.77
CA SER C 182 4.51 -8.45 -0.51
C SER C 182 6.03 -8.44 -0.46
N GLU C 183 6.58 -7.36 0.09
CA GLU C 183 8.01 -7.20 0.21
C GLU C 183 8.33 -6.61 1.59
N MET C 184 9.59 -6.79 2.01
CA MET C 184 10.03 -6.28 3.30
C MET C 184 11.02 -5.13 3.19
N GLN C 185 11.55 -4.85 2.00
CA GLN C 185 12.51 -3.78 1.81
C GLN C 185 12.03 -2.88 0.67
N VAL C 186 12.31 -1.58 0.81
CA VAL C 186 11.83 -0.60 -0.16
C VAL C 186 12.51 -0.78 -1.51
N LYS C 187 13.75 -1.25 -1.53
CA LYS C 187 14.49 -1.39 -2.78
C LYS C 187 13.80 -2.35 -3.74
N PHE C 188 13.05 -3.32 -3.22
CA PHE C 188 12.35 -4.29 -4.05
C PHE C 188 11.02 -3.79 -4.57
N THR C 189 10.52 -2.66 -4.08
CA THR C 189 9.22 -2.15 -4.52
C THR C 189 9.25 -1.76 -5.99
N ASN C 190 10.21 -0.94 -6.38
CA ASN C 190 10.38 -0.49 -7.77
C ASN C 190 9.07 0.08 -8.33
N ILE C 191 8.39 0.89 -7.52
CA ILE C 191 7.13 1.48 -7.95
C ILE C 191 7.34 2.76 -8.74
N THR C 192 8.54 3.34 -8.72
CA THR C 192 8.83 4.57 -9.43
C THR C 192 10.02 4.35 -10.36
N THR C 193 10.00 5.05 -11.49
CA THR C 193 11.09 4.93 -12.45
C THR C 193 12.39 5.52 -11.90
N SER C 194 12.30 6.64 -11.20
CA SER C 194 13.46 7.33 -10.67
C SER C 194 13.26 7.62 -9.18
N PRO C 195 14.36 7.65 -8.41
CA PRO C 195 14.23 7.99 -6.98
C PRO C 195 13.71 9.40 -6.73
N ASN C 196 13.83 10.30 -7.71
CA ASN C 196 13.38 11.67 -7.56
C ASN C 196 11.93 11.88 -7.99
N ASP C 197 11.23 10.80 -8.37
CA ASP C 197 9.85 10.91 -8.79
C ASP C 197 8.96 11.35 -7.63
N ILE C 198 7.90 12.08 -7.96
CA ILE C 198 6.99 12.63 -6.96
C ILE C 198 5.90 11.61 -6.68
N VAL C 199 5.67 11.34 -5.39
CA VAL C 199 4.66 10.40 -4.96
C VAL C 199 3.76 11.06 -3.93
N VAL C 200 2.56 10.51 -3.76
CA VAL C 200 1.57 11.01 -2.82
C VAL C 200 1.43 9.97 -1.72
N ASN C 201 1.74 10.36 -0.48
CA ASN C 201 1.68 9.48 0.67
C ASN C 201 0.68 10.02 1.67
N THR C 202 -0.18 9.13 2.17
CA THR C 202 -1.18 9.49 3.17
C THR C 202 -0.97 8.67 4.43
N PRO C 203 -0.34 9.21 5.47
CA PRO C 203 -0.15 8.45 6.70
C PRO C 203 -1.44 8.31 7.48
N PHE C 204 -1.56 7.18 8.18
CA PHE C 204 -2.70 6.90 9.04
C PHE C 204 -2.20 6.46 10.41
N HIS C 205 -2.88 6.91 11.46
CA HIS C 205 -2.59 6.50 12.83
C HIS C 205 -3.76 5.71 13.37
N VAL C 206 -3.48 4.53 13.90
CA VAL C 206 -4.49 3.63 14.43
C VAL C 206 -4.22 3.42 15.91
N GLU C 207 -5.24 3.67 16.75
CA GLU C 207 -5.14 3.49 18.19
C GLU C 207 -6.10 2.39 18.61
N ILE C 208 -5.57 1.37 19.28
CA ILE C 208 -6.36 0.26 19.79
C ILE C 208 -6.05 0.13 21.28
N GLY C 209 -7.01 0.52 22.12
CA GLY C 209 -6.75 0.51 23.56
C GLY C 209 -5.62 1.46 23.90
N ASN C 210 -4.64 0.96 24.64
CA ASN C 210 -3.45 1.72 24.96
C ASN C 210 -2.34 1.52 23.95
N LEU C 211 -2.59 0.74 22.89
CA LEU C 211 -1.60 0.46 21.87
C LEU C 211 -1.86 1.32 20.64
N THR C 212 -0.81 1.87 20.06
CA THR C 212 -0.90 2.76 18.91
C THR C 212 -0.18 2.13 17.72
N GLY C 213 -0.83 2.15 16.56
CA GLY C 213 -0.23 1.64 15.34
C GLY C 213 -0.43 2.62 14.21
N GLU C 214 0.33 2.42 13.14
CA GLU C 214 0.28 3.29 11.99
C GLU C 214 0.40 2.47 10.71
N PHE C 215 -0.21 2.99 9.64
CA PHE C 215 -0.03 2.42 8.31
C PHE C 215 -0.13 3.55 7.30
N ASN C 216 0.51 3.35 6.15
CA ASN C 216 0.63 4.39 5.14
C ASN C 216 0.15 3.88 3.79
N ILE C 217 -0.47 4.77 3.02
CA ILE C 217 -0.87 4.50 1.64
C ILE C 217 -0.12 5.49 0.75
N CYS C 218 0.75 4.96 -0.10
CA CYS C 218 1.58 5.78 -0.98
C CYS C 218 1.19 5.50 -2.43
N LEU C 219 0.91 6.56 -3.19
CA LEU C 219 0.54 6.45 -4.59
C LEU C 219 1.41 7.38 -5.41
N PRO C 220 2.06 6.87 -6.47
CA PRO C 220 2.81 7.75 -7.37
C PRO C 220 1.89 8.77 -8.02
N PHE C 221 2.41 9.99 -8.20
CA PHE C 221 1.61 11.06 -8.78
C PHE C 221 1.22 10.76 -10.22
N SER C 222 2.12 10.10 -10.96
CA SER C 222 1.81 9.77 -12.35
C SER C 222 0.61 8.86 -12.46
N MET C 223 0.37 8.01 -11.45
CA MET C 223 -0.81 7.16 -11.45
C MET C 223 -2.09 8.00 -11.38
N ILE C 224 -2.09 9.04 -10.55
CA ILE C 224 -3.27 9.89 -10.36
C ILE C 224 -3.20 11.16 -11.18
N GLU C 225 -2.14 11.35 -11.96
CA GLU C 225 -2.03 12.55 -12.79
C GLU C 225 -3.19 12.72 -13.78
N PRO C 226 -3.64 11.69 -14.50
CA PRO C 226 -4.82 11.88 -15.38
C PRO C 226 -6.06 12.36 -14.64
N LEU C 227 -6.22 11.98 -13.37
CA LEU C 227 -7.35 12.40 -12.57
C LEU C 227 -7.07 13.66 -11.75
N ARG C 228 -6.15 14.51 -12.22
CA ARG C 228 -5.76 15.68 -11.46
C ARG C 228 -6.94 16.62 -11.23
N GLU C 229 -7.65 16.96 -12.30
CA GLU C 229 -8.80 17.86 -12.17
C GLU C 229 -9.89 17.23 -11.31
N LEU C 230 -10.12 15.92 -11.46
CA LEU C 230 -11.12 15.25 -10.64
C LEU C 230 -10.75 15.28 -9.17
N LEU C 231 -9.44 15.17 -8.87
CA LEU C 231 -9.00 15.21 -7.48
C LEU C 231 -9.00 16.62 -6.91
N VAL C 232 -8.84 17.63 -7.76
CA VAL C 232 -8.66 19.03 -7.22
C VAL C 232 -9.82 19.49 -6.35
N ASN C 233 -10.92 19.93 -6.95
CA ASN C 233 -12.03 20.56 -6.17
C ASN C 233 -12.62 19.58 -5.15
N PRO C 234 -13.27 20.07 -4.07
CA PRO C 234 -13.95 19.18 -3.13
C PRO C 234 -15.38 18.95 -3.64
N PRO C 235 -15.67 17.83 -4.35
CA PRO C 235 -16.98 17.62 -4.95
C PRO C 235 -17.86 16.51 -4.38
N LEU C 236 -19.17 16.57 -4.63
CA LEU C 236 -20.11 15.51 -4.17
C LEU C 236 -21.56 15.99 -4.34
N GLU C 237 -22.53 15.15 -3.96
CA GLU C 237 -23.96 15.55 -3.97
C GLU C 237 -24.34 16.28 -5.26
N ASN C 238 -24.58 15.52 -6.34
CA ASN C 238 -25.00 16.15 -7.61
C ASN C 238 -26.39 15.62 -7.98
N SER C 239 -26.65 15.41 -9.27
CA SER C 239 -27.93 14.89 -9.73
C SER C 239 -27.85 14.67 -11.23
N ARG C 240 -28.96 14.21 -11.81
CA ARG C 240 -29.06 13.96 -13.23
C ARG C 240 -30.14 14.79 -13.92
N HIS C 241 -31.29 14.99 -13.26
CA HIS C 241 -32.35 15.84 -13.78
C HIS C 241 -32.36 17.22 -13.16
N GLU C 242 -32.14 17.32 -11.85
CA GLU C 242 -31.99 18.62 -11.21
C GLU C 242 -30.80 19.38 -11.79
N ASP C 243 -29.66 18.68 -11.92
CA ASP C 243 -28.50 19.29 -12.55
C ASP C 243 -28.76 19.60 -14.02
N GLN C 244 -29.55 18.77 -14.70
CA GLN C 244 -29.91 19.06 -16.09
C GLN C 244 -30.66 20.38 -16.19
N ASN C 245 -31.70 20.55 -15.36
CA ASN C 245 -32.46 21.80 -15.39
C ASN C 245 -31.60 22.99 -14.99
N TRP C 246 -30.73 22.80 -13.99
CA TRP C 246 -29.84 23.87 -13.55
C TRP C 246 -28.92 24.31 -14.69
N ARG C 247 -28.33 23.33 -15.39
CA ARG C 247 -27.46 23.65 -16.52
C ARG C 247 -28.23 24.33 -17.65
N ASP C 248 -29.44 23.86 -17.94
CA ASP C 248 -30.23 24.47 -19.01
C ASP C 248 -30.55 25.93 -18.68
N ASN C 249 -30.98 26.19 -17.45
CA ASN C 249 -31.30 27.56 -17.07
C ASN C 249 -30.06 28.44 -17.05
N LEU C 250 -28.92 27.89 -16.59
CA LEU C 250 -27.68 28.65 -16.61
C LEU C 250 -27.27 29.00 -18.03
N VAL C 251 -27.40 28.05 -18.96
CA VAL C 251 -27.11 28.33 -20.36
C VAL C 251 -28.02 29.42 -20.89
N ARG C 252 -29.31 29.35 -20.54
CA ARG C 252 -30.24 30.38 -20.97
C ARG C 252 -29.84 31.76 -20.44
N GLN C 253 -29.41 31.83 -19.18
CA GLN C 253 -29.06 33.12 -18.59
C GLN C 253 -27.81 33.71 -19.23
N VAL C 254 -26.80 32.88 -19.49
CA VAL C 254 -25.53 33.39 -20.04
C VAL C 254 -25.71 33.95 -21.44
N GLN C 255 -26.71 33.47 -22.19
CA GLN C 255 -26.91 33.93 -23.56
C GLN C 255 -27.23 35.42 -23.65
N HIS C 256 -27.65 36.04 -22.55
CA HIS C 256 -27.95 37.46 -22.53
C HIS C 256 -26.73 38.33 -22.28
N SER C 257 -25.57 37.73 -22.00
CA SER C 257 -24.37 38.50 -21.76
C SER C 257 -23.85 39.14 -23.03
N GLU C 258 -23.22 40.30 -22.89
CA GLU C 258 -22.71 41.07 -24.01
C GLU C 258 -21.23 40.79 -24.23
N LEU C 259 -20.83 40.84 -25.50
CA LEU C 259 -19.44 40.67 -25.89
C LEU C 259 -19.04 41.79 -26.84
N GLU C 260 -17.75 42.10 -26.86
CA GLU C 260 -17.19 43.12 -27.74
C GLU C 260 -16.64 42.44 -28.99
N LEU C 261 -17.33 42.61 -30.12
CA LEU C 261 -16.90 42.04 -31.38
C LEU C 261 -15.94 42.99 -32.08
N VAL C 262 -14.72 42.51 -32.34
CA VAL C 262 -13.67 43.31 -32.94
C VAL C 262 -13.28 42.67 -34.27
N ALA C 263 -13.30 43.46 -35.34
CA ALA C 263 -12.92 43.00 -36.67
C ALA C 263 -11.64 43.71 -37.07
N ASN C 264 -10.62 42.93 -37.43
CA ASN C 264 -9.33 43.47 -37.86
C ASN C 264 -9.33 43.59 -39.38
N PHE C 265 -9.00 44.78 -39.89
CA PHE C 265 -8.96 44.99 -41.32
C PHE C 265 -7.84 44.16 -41.97
N ALA C 266 -6.64 44.25 -41.42
CA ALA C 266 -5.50 43.46 -41.89
C ALA C 266 -4.35 43.66 -40.89
N ASP C 267 -3.23 42.99 -41.19
CA ASP C 267 -2.03 43.07 -40.36
C ASP C 267 -0.85 43.50 -41.23
N ILE C 268 -0.01 44.37 -40.69
CA ILE C 268 1.13 44.92 -41.40
C ILE C 268 2.39 44.56 -40.63
N PRO C 269 3.34 43.83 -41.23
CA PRO C 269 4.63 43.58 -40.56
C PRO C 269 5.57 44.76 -40.78
N LEU C 270 6.00 45.39 -39.68
CA LEU C 270 6.86 46.57 -39.75
C LEU C 270 7.89 46.50 -38.63
N ARG C 271 8.65 47.59 -38.48
CA ARG C 271 9.63 47.73 -37.42
C ARG C 271 9.34 48.99 -36.61
N LEU C 272 9.90 49.03 -35.40
CA LEU C 272 9.64 50.15 -34.50
C LEU C 272 10.21 51.46 -35.05
N SER C 273 11.30 51.39 -35.80
CA SER C 273 11.88 52.61 -36.38
C SER C 273 10.90 53.26 -37.36
N GLN C 274 10.24 52.44 -38.19
CA GLN C 274 9.25 52.98 -39.12
C GLN C 274 8.08 53.61 -38.39
N ILE C 275 7.75 53.10 -37.19
CA ILE C 275 6.68 53.69 -36.40
C ILE C 275 7.06 55.10 -35.96
N LEU C 276 8.32 55.29 -35.55
CA LEU C 276 8.78 56.61 -35.13
C LEU C 276 8.82 57.60 -36.28
N LYS C 277 8.87 57.12 -37.53
CA LYS C 277 8.89 57.99 -38.70
C LYS C 277 7.52 58.21 -39.29
N LEU C 278 6.46 57.67 -38.68
CA LEU C 278 5.12 57.89 -39.18
C LEU C 278 4.70 59.34 -38.97
N LYS C 279 4.17 59.96 -40.02
CA LYS C 279 3.75 61.34 -40.01
C LYS C 279 2.41 61.43 -40.71
N PRO C 280 1.64 62.50 -40.45
CA PRO C 280 0.37 62.67 -41.16
C PRO C 280 0.55 62.64 -42.67
N GLY C 281 -0.24 61.80 -43.33
CA GLY C 281 -0.18 61.63 -44.76
C GLY C 281 0.62 60.43 -45.23
N ASP C 282 1.36 59.78 -44.34
CA ASP C 282 2.15 58.61 -44.73
C ASP C 282 1.23 57.43 -45.05
N VAL C 283 1.50 56.77 -46.17
CA VAL C 283 0.68 55.65 -46.64
C VAL C 283 1.46 54.35 -46.43
N LEU C 284 0.82 53.39 -45.78
CA LEU C 284 1.42 52.09 -45.52
C LEU C 284 0.76 51.03 -46.39
N PRO C 285 1.51 50.36 -47.25
CA PRO C 285 0.92 49.33 -48.11
C PRO C 285 0.57 48.08 -47.33
N ILE C 286 -0.66 47.57 -47.54
CA ILE C 286 -1.15 46.37 -46.88
C ILE C 286 -1.75 45.46 -47.95
N GLU C 287 -1.73 44.16 -47.66
CA GLU C 287 -2.35 43.19 -48.56
C GLU C 287 -3.87 43.26 -48.42
N LYS C 288 -4.56 43.30 -49.55
CA LYS C 288 -6.02 43.38 -49.53
C LYS C 288 -6.60 42.05 -49.08
N PRO C 289 -7.36 42.00 -47.99
CA PRO C 289 -7.91 40.72 -47.52
C PRO C 289 -9.18 40.36 -48.30
N ASP C 290 -9.25 39.11 -48.75
CA ASP C 290 -10.46 38.62 -49.39
C ASP C 290 -11.60 38.50 -48.39
N ARG C 291 -11.28 38.18 -47.14
CA ARG C 291 -12.29 38.05 -46.09
C ARG C 291 -11.79 38.78 -44.84
N ILE C 292 -12.74 39.23 -44.02
CA ILE C 292 -12.46 39.91 -42.77
C ILE C 292 -12.77 38.96 -41.63
N ILE C 293 -11.81 38.78 -40.74
CA ILE C 293 -11.94 37.87 -39.60
C ILE C 293 -12.34 38.69 -38.38
N ALA C 294 -13.42 38.28 -37.72
CA ALA C 294 -13.91 38.96 -36.53
C ALA C 294 -13.41 38.23 -35.28
N HIS C 295 -12.81 38.97 -34.37
CA HIS C 295 -12.21 38.42 -33.16
C HIS C 295 -12.96 38.90 -31.92
N VAL C 296 -13.23 37.97 -31.00
CA VAL C 296 -13.83 38.29 -29.72
C VAL C 296 -12.76 38.12 -28.66
N ASP C 297 -12.32 39.23 -28.08
CA ASP C 297 -11.23 39.25 -27.10
C ASP C 297 -9.98 38.59 -27.67
N GLY C 298 -9.72 38.80 -28.96
CA GLY C 298 -8.59 38.22 -29.64
C GLY C 298 -8.83 36.82 -30.19
N VAL C 299 -9.99 36.24 -29.95
CA VAL C 299 -10.32 34.90 -30.43
C VAL C 299 -11.19 35.04 -31.68
N PRO C 300 -10.74 34.60 -32.84
CA PRO C 300 -11.58 34.68 -34.04
C PRO C 300 -12.82 33.81 -33.90
N VAL C 301 -13.94 34.31 -34.42
CA VAL C 301 -15.21 33.61 -34.30
C VAL C 301 -15.85 33.36 -35.67
N LEU C 302 -15.51 34.20 -36.64
CA LEU C 302 -16.16 34.11 -37.95
C LEU C 302 -15.35 34.88 -38.98
N THR C 303 -15.61 34.57 -40.24
CA THR C 303 -15.04 35.31 -41.38
C THR C 303 -16.18 35.94 -42.17
N SER C 304 -15.95 37.16 -42.65
CA SER C 304 -17.01 37.92 -43.29
C SER C 304 -16.43 38.93 -44.27
N GLN C 305 -17.29 39.46 -45.12
CA GLN C 305 -16.95 40.56 -46.00
C GLN C 305 -17.45 41.87 -45.40
N TYR C 306 -16.71 42.94 -45.66
CA TYR C 306 -17.03 44.25 -45.09
C TYR C 306 -17.85 45.07 -46.07
N GLY C 307 -18.70 45.92 -45.52
CA GLY C 307 -19.55 46.76 -46.34
C GLY C 307 -20.11 47.91 -45.55
N THR C 308 -20.99 48.67 -46.20
CA THR C 308 -21.62 49.83 -45.57
C THR C 308 -23.14 49.69 -45.66
N VAL C 309 -23.80 49.76 -44.50
CA VAL C 309 -25.26 49.69 -44.42
C VAL C 309 -25.73 50.80 -43.51
N ASN C 310 -26.68 51.61 -44.01
CA ASN C 310 -27.29 52.70 -43.24
C ASN C 310 -26.24 53.69 -42.73
N GLY C 311 -25.24 53.96 -43.56
CA GLY C 311 -24.21 54.92 -43.21
C GLY C 311 -23.18 54.43 -42.21
N GLN C 312 -23.16 53.13 -41.92
CA GLN C 312 -22.19 52.55 -41.00
C GLN C 312 -21.55 51.33 -41.63
N TYR C 313 -20.30 51.07 -41.24
CA TYR C 313 -19.60 49.89 -41.72
C TYR C 313 -20.31 48.63 -41.26
N ALA C 314 -20.50 47.70 -42.19
CA ALA C 314 -21.24 46.46 -41.92
C ALA C 314 -20.42 45.26 -42.39
N LEU C 315 -20.63 44.13 -41.71
CA LEU C 315 -19.96 42.88 -42.03
C LEU C 315 -21.00 41.87 -42.49
N ARG C 316 -20.76 41.27 -43.65
CA ARG C 316 -21.65 40.24 -44.19
C ARG C 316 -21.04 38.87 -43.87
N VAL C 317 -21.64 38.17 -42.90
CA VAL C 317 -21.06 36.92 -42.42
C VAL C 317 -21.06 35.88 -43.54
N GLU C 318 -19.93 35.20 -43.68
CA GLU C 318 -19.79 34.11 -44.64
C GLU C 318 -19.72 32.75 -43.98
N HIS C 319 -18.84 32.57 -43.00
CA HIS C 319 -18.68 31.29 -42.32
C HIS C 319 -18.47 31.52 -40.83
N LEU C 320 -18.90 30.54 -40.04
CA LEU C 320 -18.68 30.54 -38.60
C LEU C 320 -17.59 29.52 -38.26
N ILE C 321 -16.62 29.95 -37.46
CA ILE C 321 -15.44 29.13 -37.15
C ILE C 321 -15.89 28.00 -36.23
N ASN C 322 -15.84 26.77 -36.74
CA ASN C 322 -16.21 25.60 -35.96
C ASN C 322 -14.98 24.86 -35.47
N LEU D 4 0.21 -59.67 9.65
CA LEU D 4 -0.10 -58.56 8.77
C LEU D 4 -0.71 -57.41 9.57
N SER D 5 -0.21 -56.20 9.35
CA SER D 5 -0.79 -55.04 10.00
C SER D 5 -2.14 -54.70 9.38
N GLY D 6 -2.90 -53.86 10.07
CA GLY D 6 -4.18 -53.43 9.55
C GLY D 6 -4.04 -52.68 8.24
N THR D 7 -2.97 -51.93 8.07
CA THR D 7 -2.72 -51.26 6.79
C THR D 7 -2.54 -52.27 5.67
N ASP D 8 -1.79 -53.35 5.93
CA ASP D 8 -1.60 -54.38 4.91
C ASP D 8 -2.91 -55.06 4.55
N LYS D 9 -3.73 -55.38 5.55
CA LYS D 9 -5.03 -55.99 5.29
C LYS D 9 -5.92 -55.06 4.49
N SER D 10 -5.92 -53.77 4.84
CA SER D 10 -6.71 -52.80 4.08
C SER D 10 -6.22 -52.69 2.65
N VAL D 11 -4.90 -52.72 2.45
CA VAL D 11 -4.34 -52.64 1.11
C VAL D 11 -4.75 -53.86 0.28
N ILE D 12 -4.68 -55.05 0.87
CA ILE D 12 -5.10 -56.26 0.17
C ILE D 12 -6.58 -56.17 -0.18
N LEU D 13 -7.40 -55.70 0.77
CA LEU D 13 -8.83 -55.55 0.51
C LEU D 13 -9.08 -54.60 -0.65
N LEU D 14 -8.39 -53.47 -0.66
CA LEU D 14 -8.56 -52.50 -1.75
C LEU D 14 -8.11 -53.08 -3.09
N MET D 15 -7.00 -53.84 -3.09
CA MET D 15 -6.52 -54.45 -4.31
C MET D 15 -7.47 -55.53 -4.84
N THR D 16 -8.21 -56.20 -3.95
CA THR D 16 -9.05 -57.31 -4.35
C THR D 16 -10.51 -56.94 -4.60
N ILE D 17 -10.88 -55.66 -4.47
CA ILE D 17 -12.26 -55.25 -4.72
C ILE D 17 -12.44 -54.52 -6.05
N GLY D 18 -11.37 -54.25 -6.77
CA GLY D 18 -11.48 -53.55 -8.04
C GLY D 18 -11.11 -52.09 -7.91
N GLU D 19 -10.72 -51.49 -9.04
CA GLU D 19 -10.26 -50.11 -9.04
C GLU D 19 -11.39 -49.13 -8.73
N ASP D 20 -12.58 -49.36 -9.30
CA ASP D 20 -13.70 -48.46 -9.05
C ASP D 20 -14.12 -48.48 -7.59
N ARG D 21 -14.24 -49.68 -7.01
CA ARG D 21 -14.63 -49.79 -5.60
C ARG D 21 -13.58 -49.18 -4.69
N ALA D 22 -12.30 -49.41 -4.98
CA ALA D 22 -11.23 -48.83 -4.18
C ALA D 22 -11.25 -47.30 -4.26
N ALA D 23 -11.50 -46.76 -5.46
CA ALA D 23 -11.60 -45.32 -5.61
C ALA D 23 -12.78 -44.77 -4.84
N GLU D 24 -13.92 -45.48 -4.86
CA GLU D 24 -15.08 -45.04 -4.09
C GLU D 24 -14.78 -45.05 -2.59
N VAL D 25 -14.05 -46.06 -2.13
CA VAL D 25 -13.69 -46.12 -0.71
C VAL D 25 -12.77 -44.96 -0.33
N PHE D 26 -11.85 -44.60 -1.23
CA PHE D 26 -10.93 -43.50 -0.94
C PHE D 26 -11.66 -42.18 -0.74
N LYS D 27 -12.82 -42.01 -1.37
CA LYS D 27 -13.58 -40.78 -1.21
C LYS D 27 -14.12 -40.62 0.21
N HIS D 28 -14.21 -41.70 0.97
CA HIS D 28 -14.68 -41.65 2.36
C HIS D 28 -13.54 -41.72 3.37
N LEU D 29 -12.30 -41.57 2.93
CA LEU D 29 -11.14 -41.62 3.80
C LEU D 29 -10.43 -40.28 3.82
N SER D 30 -9.76 -40.01 4.94
CA SER D 30 -9.02 -38.76 5.08
C SER D 30 -7.77 -38.77 4.21
N THR D 31 -7.18 -37.58 4.05
CA THR D 31 -6.00 -37.45 3.20
C THR D 31 -4.83 -38.27 3.74
N ARG D 32 -4.63 -38.27 5.06
CA ARG D 32 -3.54 -39.04 5.65
C ARG D 32 -3.73 -40.53 5.40
N GLU D 33 -4.96 -41.03 5.59
CA GLU D 33 -5.22 -42.45 5.36
C GLU D 33 -5.02 -42.82 3.90
N VAL D 34 -5.50 -41.97 2.98
CA VAL D 34 -5.32 -42.24 1.55
C VAL D 34 -3.85 -42.26 1.18
N GLN D 35 -3.07 -41.30 1.69
CA GLN D 35 -1.64 -41.28 1.41
C GLN D 35 -0.94 -42.51 1.96
N ALA D 36 -1.28 -42.90 3.19
CA ALA D 36 -0.66 -44.08 3.78
C ALA D 36 -0.99 -45.34 3.00
N LEU D 37 -2.26 -45.50 2.60
CA LEU D 37 -2.64 -46.67 1.82
C LEU D 37 -1.96 -46.68 0.45
N SER D 38 -1.87 -45.52 -0.20
CA SER D 38 -1.20 -45.45 -1.49
C SER D 38 0.27 -45.80 -1.36
N THR D 39 0.93 -45.33 -0.31
CA THR D 39 2.32 -45.70 -0.07
C THR D 39 2.45 -47.19 0.17
N ALA D 40 1.54 -47.77 0.97
CA ALA D 40 1.60 -49.20 1.23
C ALA D 40 1.23 -50.01 -0.01
N MET D 41 0.26 -49.54 -0.80
CA MET D 41 -0.08 -50.22 -2.05
C MET D 41 1.08 -50.21 -3.02
N ALA D 42 1.98 -49.22 -2.90
CA ALA D 42 3.09 -49.11 -3.84
C ALA D 42 4.08 -50.26 -3.71
N ASN D 43 4.31 -50.74 -2.49
CA ASN D 43 5.34 -51.74 -2.22
C ASN D 43 4.81 -53.16 -2.25
N VAL D 44 3.57 -53.37 -2.67
CA VAL D 44 2.98 -54.71 -2.70
C VAL D 44 3.58 -55.48 -3.86
N ARG D 45 4.11 -56.68 -3.57
CA ARG D 45 4.69 -57.53 -4.59
C ARG D 45 3.94 -58.83 -4.81
N GLN D 46 3.31 -59.38 -3.78
CA GLN D 46 2.53 -60.60 -3.92
C GLN D 46 1.58 -60.74 -2.74
N ILE D 47 0.41 -61.33 -3.00
CA ILE D 47 -0.58 -61.61 -1.97
C ILE D 47 -0.93 -63.09 -2.06
N SER D 48 -0.59 -63.85 -1.03
CA SER D 48 -0.75 -65.30 -1.04
C SER D 48 -2.19 -65.69 -0.76
N ASN D 49 -2.44 -67.01 -0.79
CA ASN D 49 -3.80 -67.51 -0.57
C ASN D 49 -4.29 -67.20 0.85
N LYS D 50 -3.44 -67.42 1.85
CA LYS D 50 -3.81 -67.08 3.21
C LYS D 50 -3.99 -65.57 3.37
N GLN D 51 -3.08 -64.78 2.81
CA GLN D 51 -3.19 -63.33 2.90
C GLN D 51 -4.45 -62.79 2.23
N LEU D 52 -5.08 -63.58 1.37
CA LEU D 52 -6.37 -63.22 0.79
C LEU D 52 -7.53 -63.72 1.62
N THR D 53 -7.56 -65.02 1.92
CA THR D 53 -8.70 -65.62 2.60
C THR D 53 -8.86 -65.07 4.02
N ASP D 54 -7.77 -64.99 4.78
CA ASP D 54 -7.85 -64.47 6.14
C ASP D 54 -8.29 -63.01 6.13
N VAL D 55 -7.79 -62.23 5.18
CA VAL D 55 -8.18 -60.82 5.10
C VAL D 55 -9.67 -60.70 4.79
N LEU D 56 -10.16 -61.51 3.85
CA LEU D 56 -11.59 -61.45 3.52
C LEU D 56 -12.45 -61.85 4.71
N SER D 57 -12.07 -62.92 5.41
CA SER D 57 -12.84 -63.35 6.57
C SER D 57 -12.81 -62.30 7.67
N GLU D 58 -11.65 -61.69 7.91
CA GLU D 58 -11.56 -60.65 8.92
C GLU D 58 -12.37 -59.42 8.52
N PHE D 59 -12.41 -59.09 7.22
CA PHE D 59 -13.23 -57.98 6.78
C PHE D 59 -14.71 -58.27 7.01
N GLU D 60 -15.15 -59.50 6.74
CA GLU D 60 -16.54 -59.86 7.00
C GLU D 60 -16.85 -59.77 8.49
N GLN D 61 -15.96 -60.29 9.34
CA GLN D 61 -16.18 -60.25 10.77
C GLN D 61 -16.15 -58.82 11.31
N GLU D 62 -15.35 -57.94 10.69
CA GLU D 62 -15.31 -56.55 11.10
C GLU D 62 -16.56 -55.80 10.65
N ALA D 63 -17.03 -56.07 9.43
CA ALA D 63 -18.27 -55.46 8.96
C ALA D 63 -19.45 -55.88 9.83
N GLU D 64 -19.44 -57.13 10.32
CA GLU D 64 -20.44 -57.53 11.30
C GLU D 64 -20.16 -57.00 12.70
N GLN D 65 -18.91 -56.63 12.98
CA GLN D 65 -18.56 -56.13 14.31
C GLN D 65 -19.29 -54.83 14.62
N PHE D 66 -19.23 -53.87 13.70
CA PHE D 66 -19.99 -52.63 13.84
C PHE D 66 -21.24 -52.63 12.97
N ALA D 67 -21.59 -53.77 12.37
CA ALA D 67 -22.87 -53.97 11.70
C ALA D 67 -23.14 -52.92 10.62
N ALA D 68 -22.09 -52.58 9.88
CA ALA D 68 -22.15 -51.64 8.74
C ALA D 68 -22.85 -50.36 9.21
N LEU D 69 -23.89 -49.89 8.53
CA LEU D 69 -24.64 -48.69 8.90
C LEU D 69 -23.69 -47.48 8.84
N ASN D 70 -23.95 -46.47 9.67
CA ASN D 70 -23.15 -45.25 9.74
C ASN D 70 -23.12 -44.53 8.39
N ILE D 71 -24.30 -44.06 8.00
CA ILE D 71 -24.42 -43.20 6.83
C ILE D 71 -23.52 -41.99 7.02
N ASN D 72 -22.99 -41.47 5.91
CA ASN D 72 -22.06 -40.36 5.92
C ASN D 72 -22.56 -39.23 6.80
N ALA D 73 -21.82 -38.94 7.87
CA ALA D 73 -22.29 -38.00 8.88
C ALA D 73 -22.41 -36.59 8.35
N ASN D 74 -21.42 -36.14 7.58
CA ASN D 74 -21.42 -34.75 7.12
C ASN D 74 -22.59 -34.45 6.19
N GLU D 75 -22.76 -35.26 5.16
CA GLU D 75 -23.82 -35.02 4.19
C GLU D 75 -25.20 -35.16 4.84
N TYR D 76 -25.39 -36.20 5.66
CA TYR D 76 -26.67 -36.39 6.32
C TYR D 76 -26.98 -35.24 7.26
N LEU D 77 -26.01 -34.81 8.05
CA LEU D 77 -26.22 -33.69 8.97
C LEU D 77 -26.54 -32.41 8.21
N ARG D 78 -25.82 -32.15 7.11
CA ARG D 78 -26.09 -30.95 6.32
C ARG D 78 -27.50 -30.98 5.74
N SER D 79 -27.90 -32.13 5.20
CA SER D 79 -29.25 -32.25 4.64
C SER D 79 -30.32 -32.06 5.70
N VAL D 80 -30.12 -32.66 6.87
CA VAL D 80 -31.11 -32.52 7.95
C VAL D 80 -31.20 -31.08 8.41
N LEU D 81 -30.05 -30.41 8.57
CA LEU D 81 -30.07 -29.01 8.99
C LEU D 81 -30.73 -28.13 7.95
N VAL D 82 -30.45 -28.36 6.67
CA VAL D 82 -31.06 -27.55 5.62
C VAL D 82 -32.57 -27.75 5.58
N LYS D 83 -33.03 -29.01 5.66
CA LYS D 83 -34.46 -29.26 5.60
C LYS D 83 -35.18 -28.77 6.84
N ALA D 84 -34.55 -28.87 8.01
CA ALA D 84 -35.20 -28.45 9.25
C ALA D 84 -35.07 -26.94 9.46
N LEU D 85 -33.90 -26.38 9.19
CA LEU D 85 -33.66 -24.96 9.41
C LEU D 85 -33.56 -24.22 8.08
N ASP D 96 -17.79 -26.02 13.16
CA ASP D 96 -17.35 -27.19 13.92
C ASP D 96 -17.29 -28.43 13.02
N ILE D 97 -17.96 -29.50 13.47
CA ILE D 97 -18.04 -30.75 12.72
C ILE D 97 -16.63 -31.26 12.42
N LEU D 98 -16.38 -31.59 11.15
CA LEU D 98 -15.07 -32.11 10.77
C LEU D 98 -13.97 -31.08 10.98
N GLU D 99 -14.29 -29.79 10.88
CA GLU D 99 -13.29 -28.77 11.22
C GLU D 99 -12.90 -28.85 12.68
N THR D 100 -13.88 -29.03 13.57
CA THR D 100 -13.57 -29.20 14.99
C THR D 100 -12.75 -30.48 15.22
N ARG D 101 -13.11 -31.56 14.53
CA ARG D 101 -12.34 -32.79 14.68
C ARG D 101 -10.90 -32.61 14.20
N ASP D 102 -10.70 -31.88 13.10
CA ASP D 102 -9.35 -31.62 12.60
C ASP D 102 -8.57 -30.74 13.55
N THR D 103 -9.22 -29.74 14.16
CA THR D 103 -8.55 -28.93 15.16
C THR D 103 -8.14 -29.77 16.37
N THR D 104 -9.01 -30.68 16.80
CA THR D 104 -8.68 -31.57 17.91
C THR D 104 -7.50 -32.47 17.54
N SER D 105 -7.48 -32.99 16.31
CA SER D 105 -6.36 -33.81 15.87
C SER D 105 -5.07 -33.01 15.83
N GLY D 106 -5.13 -31.77 15.36
CA GLY D 106 -3.95 -30.92 15.39
C GLY D 106 -3.47 -30.64 16.80
N ILE D 107 -4.40 -30.49 17.74
CA ILE D 107 -4.04 -30.38 19.14
C ILE D 107 -3.31 -31.64 19.59
N GLU D 108 -3.82 -32.81 19.19
CA GLU D 108 -3.12 -34.05 19.49
C GLU D 108 -1.77 -34.11 18.79
N THR D 109 -1.71 -33.65 17.55
CA THR D 109 -0.44 -33.69 16.81
C THR D 109 0.62 -32.81 17.44
N LEU D 110 0.22 -31.71 18.08
CA LEU D 110 1.15 -30.81 18.76
C LEU D 110 1.50 -31.27 20.17
N ASN D 111 1.22 -32.54 20.49
CA ASN D 111 1.58 -33.10 21.78
C ASN D 111 2.40 -34.38 21.68
N PHE D 112 2.34 -35.09 20.56
CA PHE D 112 3.12 -36.31 20.35
C PHE D 112 4.52 -36.04 19.84
N MET D 113 4.82 -34.81 19.42
CA MET D 113 6.12 -34.46 18.91
C MET D 113 7.13 -34.29 20.04
N GLU D 114 8.40 -34.33 19.68
CA GLU D 114 9.45 -34.06 20.66
C GLU D 114 9.35 -32.60 21.10
N PRO D 115 9.58 -32.32 22.39
CA PRO D 115 9.53 -30.92 22.85
C PRO D 115 10.51 -30.01 22.12
N GLN D 116 11.69 -30.51 21.79
CA GLN D 116 12.67 -29.69 21.07
C GLN D 116 12.17 -29.34 19.68
N SER D 117 11.59 -30.30 18.96
CA SER D 117 11.11 -30.05 17.61
C SER D 117 10.00 -29.01 17.62
N ALA D 118 9.03 -29.16 18.51
CA ALA D 118 7.93 -28.19 18.59
C ALA D 118 8.44 -26.82 19.02
N ALA D 119 9.37 -26.78 19.98
CA ALA D 119 9.92 -25.50 20.43
C ALA D 119 10.63 -24.78 19.30
N ASP D 120 11.43 -25.51 18.53
CA ASP D 120 12.09 -24.91 17.37
C ASP D 120 11.08 -24.48 16.31
N LEU D 121 9.98 -25.24 16.17
CA LEU D 121 8.94 -24.89 15.21
C LEU D 121 8.27 -23.57 15.59
N ILE D 122 8.01 -23.36 16.87
CA ILE D 122 7.26 -22.20 17.34
C ILE D 122 8.15 -21.17 18.02
N ARG D 123 9.47 -21.32 17.92
CA ARG D 123 10.37 -20.36 18.57
C ARG D 123 10.24 -18.97 17.96
N ASP D 124 10.16 -18.90 16.64
CA ASP D 124 10.12 -17.62 15.92
C ASP D 124 8.72 -17.03 15.81
N GLU D 125 7.70 -17.72 16.32
CA GLU D 125 6.35 -17.19 16.26
C GLU D 125 6.18 -16.05 17.26
N HIS D 126 5.09 -15.31 17.08
CA HIS D 126 4.77 -14.21 17.98
C HIS D 126 4.51 -14.77 19.38
N PRO D 127 4.96 -14.08 20.44
CA PRO D 127 4.77 -14.62 21.80
C PRO D 127 3.31 -14.89 22.13
N GLN D 128 2.39 -14.05 21.66
CA GLN D 128 0.97 -14.33 21.86
C GLN D 128 0.54 -15.60 21.13
N ILE D 129 1.06 -15.82 19.93
CA ILE D 129 0.76 -17.04 19.20
C ILE D 129 1.29 -18.26 19.96
N ILE D 130 2.52 -18.15 20.49
CA ILE D 130 3.09 -19.25 21.25
C ILE D 130 2.24 -19.54 22.48
N ALA D 131 1.81 -18.49 23.18
CA ALA D 131 0.96 -18.68 24.36
C ALA D 131 -0.37 -19.33 23.98
N THR D 132 -0.97 -18.88 22.87
CA THR D 132 -2.24 -19.45 22.43
C THR D 132 -2.09 -20.92 22.09
N ILE D 133 -1.01 -21.29 21.41
CA ILE D 133 -0.80 -22.70 21.06
C ILE D 133 -0.65 -23.54 22.34
N LEU D 134 0.15 -23.06 23.29
CA LEU D 134 0.43 -23.85 24.48
C LEU D 134 -0.80 -24.00 25.38
N VAL D 135 -1.74 -23.07 25.32
CA VAL D 135 -2.95 -23.17 26.13
C VAL D 135 -3.75 -24.41 25.74
N HIS D 136 -3.84 -24.70 24.45
CA HIS D 136 -4.58 -25.84 23.95
C HIS D 136 -3.79 -27.15 24.05
N LEU D 137 -2.54 -27.10 24.47
CA LEU D 137 -1.71 -28.30 24.56
C LEU D 137 -1.81 -28.93 25.94
N LYS D 138 -1.26 -30.14 26.06
CA LYS D 138 -1.18 -30.80 27.35
C LYS D 138 -0.23 -30.03 28.27
N ARG D 139 -0.47 -30.16 29.57
CA ARG D 139 0.34 -29.43 30.54
C ARG D 139 1.80 -29.84 30.47
N SER D 140 2.06 -31.15 30.36
CA SER D 140 3.44 -31.63 30.33
C SER D 140 4.16 -31.20 29.06
N GLN D 141 3.50 -31.30 27.91
CA GLN D 141 4.14 -30.92 26.65
C GLN D 141 4.45 -29.44 26.62
N ALA D 142 3.50 -28.60 27.03
CA ALA D 142 3.74 -27.17 27.09
C ALA D 142 4.81 -26.81 28.11
N ALA D 143 4.86 -27.55 29.22
CA ALA D 143 5.91 -27.34 30.21
C ALA D 143 7.27 -27.64 29.63
N ASP D 144 7.38 -28.74 28.88
CA ASP D 144 8.66 -29.10 28.28
C ASP D 144 9.06 -28.10 27.20
N ILE D 145 8.11 -27.62 26.41
CA ILE D 145 8.41 -26.66 25.36
C ILE D 145 8.92 -25.35 25.96
N LEU D 146 8.24 -24.87 27.01
CA LEU D 146 8.66 -23.63 27.66
C LEU D 146 10.04 -23.75 28.28
N ALA D 147 10.41 -24.94 28.75
CA ALA D 147 11.72 -25.13 29.35
C ALA D 147 12.86 -24.91 28.37
N LEU D 148 12.59 -25.04 27.07
CA LEU D 148 13.62 -24.89 26.05
C LEU D 148 13.73 -23.49 25.50
N PHE D 149 12.81 -22.59 25.86
CA PHE D 149 12.90 -21.21 25.42
C PHE D 149 13.87 -20.43 26.28
N ASP D 150 14.33 -19.31 25.75
CA ASP D 150 15.17 -18.41 26.53
C ASP D 150 14.34 -17.76 27.63
N GLU D 151 15.03 -17.19 28.60
CA GLU D 151 14.38 -16.64 29.79
C GLU D 151 13.31 -15.62 29.42
N ARG D 152 13.69 -14.61 28.62
CA ARG D 152 12.78 -13.52 28.32
C ARG D 152 11.54 -14.01 27.56
N LEU D 153 11.75 -14.77 26.49
CA LEU D 153 10.62 -15.24 25.68
C LEU D 153 9.74 -16.20 26.47
N ARG D 154 10.36 -17.11 27.22
CA ARG D 154 9.58 -18.06 28.02
C ARG D 154 8.71 -17.34 29.05
N HIS D 155 9.28 -16.35 29.73
CA HIS D 155 8.50 -15.64 30.75
C HIS D 155 7.43 -14.77 30.11
N ASP D 156 7.71 -14.19 28.94
CA ASP D 156 6.66 -13.44 28.24
C ASP D 156 5.51 -14.36 27.85
N VAL D 157 5.82 -15.55 27.35
CA VAL D 157 4.77 -16.51 26.99
C VAL D 157 3.98 -16.92 28.23
N MET D 158 4.68 -17.14 29.35
CA MET D 158 3.99 -17.49 30.59
C MET D 158 3.04 -16.37 31.03
N LEU D 159 3.50 -15.12 30.96
CA LEU D 159 2.66 -14.00 31.35
C LEU D 159 1.45 -13.87 30.42
N ARG D 160 1.65 -14.07 29.12
CA ARG D 160 0.52 -14.02 28.19
C ARG D 160 -0.47 -15.15 28.44
N ILE D 161 0.04 -16.33 28.82
CA ILE D 161 -0.85 -17.43 29.19
C ILE D 161 -1.66 -17.06 30.42
N ALA D 162 -1.01 -16.44 31.42
CA ALA D 162 -1.70 -16.07 32.64
C ALA D 162 -2.83 -15.09 32.39
N THR D 163 -2.75 -14.31 31.32
CA THR D 163 -3.78 -13.35 30.95
C THR D 163 -4.44 -13.71 29.62
N PHE D 164 -4.55 -15.00 29.34
CA PHE D 164 -5.17 -15.46 28.10
C PHE D 164 -6.67 -15.20 28.13
N GLY D 165 -7.16 -14.42 27.16
CA GLY D 165 -8.54 -14.02 27.10
C GLY D 165 -9.41 -14.72 26.09
N GLY D 166 -8.92 -15.78 25.44
CA GLY D 166 -9.70 -16.49 24.47
C GLY D 166 -9.45 -16.01 23.05
N VAL D 167 -9.63 -16.91 22.10
CA VAL D 167 -9.36 -16.64 20.69
C VAL D 167 -10.62 -16.94 19.88
N GLN D 168 -10.89 -16.09 18.89
CA GLN D 168 -12.03 -16.34 18.02
C GLN D 168 -11.83 -17.62 17.23
N PRO D 169 -12.90 -18.35 16.92
CA PRO D 169 -12.74 -19.61 16.17
C PRO D 169 -12.06 -19.45 14.82
N ALA D 170 -12.27 -18.33 14.14
CA ALA D 170 -11.66 -18.14 12.83
C ALA D 170 -10.14 -18.04 12.93
N ALA D 171 -9.63 -17.26 13.89
CA ALA D 171 -8.19 -17.14 14.05
C ALA D 171 -7.57 -18.47 14.47
N LEU D 172 -8.22 -19.20 15.36
CA LEU D 172 -7.72 -20.51 15.77
C LEU D 172 -7.70 -21.47 14.59
N ALA D 173 -8.75 -21.43 13.75
CA ALA D 173 -8.78 -22.31 12.58
C ALA D 173 -7.66 -21.95 11.60
N GLU D 174 -7.42 -20.66 11.40
CA GLU D 174 -6.33 -20.26 10.50
C GLU D 174 -4.98 -20.69 11.05
N LEU D 175 -4.76 -20.53 12.36
CA LEU D 175 -3.52 -20.98 12.96
C LEU D 175 -3.36 -22.49 12.83
N THR D 176 -4.45 -23.24 13.04
CA THR D 176 -4.42 -24.68 12.89
C THR D 176 -4.08 -25.08 11.45
N GLU D 177 -4.65 -24.36 10.47
CA GLU D 177 -4.35 -24.67 9.08
C GLU D 177 -2.89 -24.39 8.74
N VAL D 178 -2.35 -23.28 9.25
CA VAL D 178 -0.94 -22.98 9.03
C VAL D 178 -0.05 -24.04 9.67
N LEU D 179 -0.37 -24.45 10.89
CA LEU D 179 0.40 -25.49 11.56
C LEU D 179 0.29 -26.81 10.81
N ASN D 180 -0.89 -27.13 10.27
CA ASN D 180 -1.05 -28.34 9.49
C ASN D 180 -0.22 -28.29 8.22
N GLY D 181 -0.16 -27.13 7.57
CA GLY D 181 0.71 -27.00 6.41
C GLY D 181 2.18 -27.19 6.75
N LEU D 182 2.61 -26.60 7.86
CA LEU D 182 3.99 -26.79 8.31
C LEU D 182 4.28 -28.25 8.62
N LEU D 183 3.33 -28.92 9.28
CA LEU D 183 3.50 -30.35 9.59
C LEU D 183 3.53 -31.19 8.32
N ASP D 184 2.72 -30.84 7.33
CA ASP D 184 2.75 -31.57 6.06
C ASP D 184 4.10 -31.39 5.37
N GLY D 185 4.63 -30.17 5.39
CA GLY D 185 5.96 -29.95 4.84
C GLY D 185 7.03 -30.75 5.56
N GLN D 186 6.96 -30.77 6.90
CA GLN D 186 7.94 -31.53 7.68
C GLN D 186 7.84 -33.02 7.39
N ASN D 187 6.60 -33.55 7.30
CA ASN D 187 6.42 -34.97 7.03
C ASN D 187 6.88 -35.33 5.61
N LEU D 188 6.64 -34.43 4.65
CA LEU D 188 7.20 -34.65 3.31
C LEU D 188 8.71 -34.68 3.36
N LYS D 189 9.33 -33.77 4.12
CA LYS D 189 10.76 -33.86 4.36
C LYS D 189 11.09 -35.10 5.17
N ARG D 190 10.40 -35.27 6.30
CA ARG D 190 10.68 -36.34 7.27
C ARG D 190 12.18 -36.47 7.49
N SER D 191 12.74 -35.38 8.03
CA SER D 191 14.19 -35.19 8.10
C SER D 191 14.90 -36.41 8.64
N LYS D 192 15.73 -37.02 7.81
CA LYS D 192 16.56 -38.13 8.25
C LYS D 192 17.51 -37.65 9.33
N MET D 193 17.76 -38.52 10.31
CA MET D 193 18.56 -38.13 11.48
C MET D 193 19.94 -37.64 11.07
N GLY D 194 20.17 -36.34 11.25
CA GLY D 194 21.44 -35.72 10.96
C GLY D 194 22.14 -35.12 12.16
N GLY D 195 21.64 -35.33 13.36
CA GLY D 195 22.24 -34.76 14.55
C GLY D 195 23.48 -35.51 14.97
N VAL D 196 23.96 -35.16 16.17
CA VAL D 196 25.16 -35.78 16.71
C VAL D 196 24.98 -37.28 16.93
N ARG D 197 23.74 -37.75 17.10
CA ARG D 197 23.50 -39.16 17.33
C ARG D 197 23.90 -39.99 16.12
N THR D 198 23.56 -39.54 14.91
CA THR D 198 23.91 -40.27 13.71
C THR D 198 25.43 -40.37 13.53
N ALA D 199 26.13 -39.25 13.75
CA ALA D 199 27.58 -39.28 13.67
C ALA D 199 28.18 -40.19 14.74
N ALA D 200 27.62 -40.16 15.95
CA ALA D 200 28.11 -41.02 17.02
C ALA D 200 27.93 -42.49 16.65
N GLU D 201 26.79 -42.84 16.05
CA GLU D 201 26.59 -44.20 15.57
C GLU D 201 27.61 -44.54 14.47
N ILE D 202 27.88 -43.60 13.57
CA ILE D 202 28.89 -43.81 12.56
C ILE D 202 30.27 -43.94 13.20
N ILE D 203 30.58 -43.05 14.15
CA ILE D 203 31.91 -43.03 14.75
C ILE D 203 32.15 -44.31 15.56
N ASN D 204 31.12 -44.82 16.24
CA ASN D 204 31.27 -46.02 17.05
C ASN D 204 31.66 -47.24 16.21
N LEU D 205 31.31 -47.26 14.93
CA LEU D 205 31.61 -48.39 14.07
C LEU D 205 32.92 -48.25 13.30
N MET D 206 33.66 -47.16 13.53
CA MET D 206 34.97 -46.99 12.93
C MET D 206 36.02 -47.75 13.73
N LYS D 207 37.20 -47.89 13.14
CA LYS D 207 38.35 -48.35 13.90
C LYS D 207 38.79 -47.27 14.87
N THR D 208 39.49 -47.69 15.93
CA THR D 208 39.86 -46.76 16.99
C THR D 208 40.69 -45.60 16.46
N GLN D 209 41.59 -45.87 15.51
CA GLN D 209 42.44 -44.82 14.94
C GLN D 209 41.60 -43.68 14.35
N GLN D 210 40.80 -44.00 13.34
CA GLN D 210 40.02 -42.96 12.66
C GLN D 210 38.96 -42.38 13.58
N GLU D 211 38.38 -43.20 14.46
CA GLU D 211 37.39 -42.69 15.41
C GLU D 211 38.00 -41.61 16.30
N GLU D 212 39.15 -41.90 16.91
CA GLU D 212 39.80 -40.92 17.77
C GLU D 212 40.26 -39.70 16.98
N ALA D 213 40.75 -39.91 15.76
CA ALA D 213 41.18 -38.79 14.93
C ALA D 213 40.01 -37.86 14.62
N VAL D 214 38.87 -38.43 14.24
CA VAL D 214 37.69 -37.62 13.94
C VAL D 214 37.21 -36.89 15.19
N ILE D 215 37.19 -37.58 16.33
CA ILE D 215 36.74 -36.93 17.56
C ILE D 215 37.66 -35.75 17.91
N THR D 216 38.97 -35.96 17.83
CA THR D 216 39.93 -34.90 18.14
C THR D 216 39.78 -33.73 17.17
N ALA D 217 39.59 -34.02 15.88
CA ALA D 217 39.45 -32.94 14.90
C ALA D 217 38.17 -32.15 15.12
N VAL D 218 37.07 -32.83 15.44
CA VAL D 218 35.82 -32.13 15.71
C VAL D 218 35.97 -31.26 16.96
N ARG D 219 36.66 -31.77 17.98
CA ARG D 219 36.93 -30.96 19.16
C ARG D 219 37.78 -29.74 18.80
N GLU D 220 38.74 -29.92 17.88
CA GLU D 220 39.53 -28.78 17.41
C GLU D 220 38.64 -27.75 16.74
N PHE D 221 37.70 -28.19 15.91
CA PHE D 221 36.75 -27.26 15.29
C PHE D 221 35.75 -26.74 16.32
N ASP D 222 35.17 -27.64 17.12
CA ASP D 222 34.16 -27.24 18.10
C ASP D 222 34.18 -28.28 19.22
N GLY D 223 34.68 -27.88 20.39
CA GLY D 223 34.69 -28.79 21.53
C GLY D 223 33.30 -29.19 21.96
N GLU D 224 32.35 -28.25 21.91
CA GLU D 224 30.97 -28.57 22.29
C GLU D 224 30.37 -29.61 21.35
N LEU D 225 30.61 -29.48 20.05
CA LEU D 225 30.08 -30.44 19.09
C LEU D 225 30.65 -31.83 19.34
N ALA D 226 31.96 -31.92 19.55
CA ALA D 226 32.59 -33.20 19.83
C ALA D 226 32.05 -33.81 21.12
N GLN D 227 31.88 -32.99 22.15
CA GLN D 227 31.33 -33.47 23.41
C GLN D 227 29.92 -34.00 23.23
N LYS D 228 29.10 -33.30 22.43
CA LYS D 228 27.76 -33.78 22.14
C LYS D 228 27.81 -35.12 21.40
N ILE D 229 28.72 -35.25 20.44
CA ILE D 229 28.87 -36.53 19.75
C ILE D 229 29.39 -37.59 20.70
N ILE D 230 30.33 -37.22 21.59
CA ILE D 230 30.85 -38.16 22.57
C ILE D 230 29.75 -38.61 23.52
N ASP D 231 28.93 -37.68 23.99
CA ASP D 231 27.84 -38.03 24.90
C ASP D 231 26.81 -38.94 24.24
N GLU D 232 26.69 -38.90 22.91
CA GLU D 232 25.73 -39.73 22.19
C GLU D 232 26.33 -41.03 21.67
N MET D 233 27.59 -41.31 21.96
CA MET D 233 28.26 -42.52 21.49
C MET D 233 28.60 -43.43 22.65
N PHE D 234 28.55 -44.74 22.39
CA PHE D 234 28.94 -45.75 23.37
C PHE D 234 30.19 -46.43 22.83
N LEU D 235 31.35 -45.86 23.17
CA LEU D 235 32.65 -46.35 22.70
C LEU D 235 33.31 -47.28 23.70
N PHE D 236 32.53 -48.06 24.44
CA PHE D 236 33.01 -48.93 25.51
C PHE D 236 33.65 -48.10 26.62
N GLU D 237 34.09 -48.76 27.69
CA GLU D 237 34.78 -48.12 28.82
C GLU D 237 33.85 -47.20 29.60
N ASN D 238 32.61 -47.07 29.15
CA ASN D 238 31.56 -46.37 29.88
C ASN D 238 30.62 -47.32 30.61
N LEU D 239 30.86 -48.63 30.54
CA LEU D 239 30.03 -49.58 31.26
C LEU D 239 30.25 -49.48 32.77
N VAL D 240 31.30 -48.79 33.21
CA VAL D 240 31.51 -48.55 34.62
C VAL D 240 30.41 -47.67 35.19
N ASP D 241 29.87 -46.76 34.38
CA ASP D 241 28.79 -45.87 34.79
C ASP D 241 27.42 -46.53 34.71
N VAL D 242 27.33 -47.74 34.17
CA VAL D 242 26.06 -48.45 34.08
C VAL D 242 25.80 -49.17 35.39
N ASP D 243 24.51 -49.30 35.74
CA ASP D 243 24.13 -49.89 37.01
C ASP D 243 24.56 -51.36 37.08
N ASP D 244 24.69 -51.85 38.31
CA ASP D 244 25.17 -53.21 38.53
C ASP D 244 24.22 -54.25 37.95
N ARG D 245 22.91 -54.01 38.06
CA ARG D 245 21.94 -54.98 37.56
C ARG D 245 22.07 -55.17 36.05
N SER D 246 22.25 -54.08 35.31
CA SER D 246 22.41 -54.19 33.86
C SER D 246 23.69 -54.94 33.50
N ILE D 247 24.78 -54.69 34.24
CA ILE D 247 26.02 -55.41 33.98
C ILE D 247 25.83 -56.90 34.25
N GLN D 248 25.15 -57.25 35.34
CA GLN D 248 24.87 -58.65 35.63
C GLN D 248 24.02 -59.29 34.52
N ARG D 249 23.04 -58.55 34.02
CA ARG D 249 22.25 -59.03 32.89
C ARG D 249 23.13 -59.19 31.65
N LEU D 250 24.06 -58.26 31.44
CA LEU D 250 24.94 -58.34 30.28
C LEU D 250 25.83 -59.58 30.34
N LEU D 251 26.34 -59.92 31.52
CA LEU D 251 27.24 -61.06 31.65
C LEU D 251 26.59 -62.38 31.28
N GLN D 252 25.25 -62.46 31.36
CA GLN D 252 24.56 -63.69 31.00
C GLN D 252 24.55 -63.92 29.50
N GLU D 253 24.78 -62.88 28.69
CA GLU D 253 24.78 -63.00 27.24
C GLU D 253 26.17 -62.92 26.62
N VAL D 254 27.21 -62.69 27.41
CA VAL D 254 28.57 -62.53 26.91
C VAL D 254 29.34 -63.82 27.15
N ASP D 255 29.98 -64.33 26.10
CA ASP D 255 30.80 -65.53 26.22
C ASP D 255 31.99 -65.27 27.13
N SER D 256 32.40 -66.29 27.88
CA SER D 256 33.51 -66.14 28.82
C SER D 256 34.80 -65.77 28.11
N GLU D 257 35.10 -66.43 26.99
CA GLU D 257 36.31 -66.11 26.25
C GLU D 257 36.24 -64.72 25.63
N SER D 258 35.07 -64.34 25.12
CA SER D 258 34.91 -63.01 24.56
C SER D 258 35.10 -61.93 25.63
N LEU D 259 34.53 -62.14 26.81
CA LEU D 259 34.73 -61.20 27.91
C LEU D 259 36.19 -61.15 28.33
N LEU D 260 36.85 -62.31 28.38
CA LEU D 260 38.25 -62.37 28.77
C LEU D 260 39.12 -61.58 27.79
N ILE D 261 38.89 -61.75 26.49
CA ILE D 261 39.67 -61.03 25.50
C ILE D 261 39.37 -59.53 25.55
N ALA D 262 38.08 -59.18 25.68
CA ALA D 262 37.71 -57.76 25.71
C ALA D 262 38.25 -57.05 26.94
N LEU D 263 38.20 -57.71 28.10
CA LEU D 263 38.68 -57.10 29.34
C LEU D 263 40.20 -57.02 29.40
N LYS D 264 40.91 -57.65 28.47
CA LYS D 264 42.37 -57.57 28.49
C LYS D 264 42.86 -56.15 28.29
N GLY D 265 42.23 -55.41 27.38
CA GLY D 265 42.55 -54.02 27.13
C GLY D 265 41.69 -53.02 27.89
N ALA D 266 40.90 -53.46 28.85
CA ALA D 266 40.03 -52.57 29.61
C ALA D 266 40.77 -52.00 30.81
N GLU D 267 40.34 -50.82 31.24
CA GLU D 267 40.95 -50.17 32.39
C GLU D 267 40.63 -50.92 33.68
N PRO D 268 41.49 -50.82 34.68
CA PRO D 268 41.25 -51.53 35.95
C PRO D 268 39.93 -51.17 36.59
N PRO D 269 39.47 -49.90 36.53
CA PRO D 269 38.11 -49.63 37.06
C PRO D 269 37.02 -50.43 36.37
N LEU D 270 37.02 -50.45 35.04
CA LEU D 270 36.03 -51.22 34.31
C LEU D 270 36.18 -52.72 34.57
N ARG D 271 37.42 -53.19 34.67
CA ARG D 271 37.67 -54.61 34.96
C ARG D 271 37.08 -55.00 36.31
N GLU D 272 37.30 -54.16 37.33
CA GLU D 272 36.70 -54.42 38.64
C GLU D 272 35.18 -54.30 38.60
N LYS D 273 34.65 -53.38 37.78
CA LYS D 273 33.21 -53.28 37.63
C LYS D 273 32.63 -54.57 37.08
N PHE D 274 33.28 -55.16 36.07
CA PHE D 274 32.83 -56.44 35.55
C PHE D 274 33.01 -57.56 36.57
N LEU D 275 34.15 -57.58 37.27
CA LEU D 275 34.42 -58.65 38.22
C LEU D 275 33.44 -58.61 39.39
N ARG D 276 33.10 -57.41 39.86
CA ARG D 276 32.18 -57.29 40.99
C ARG D 276 30.78 -57.81 40.67
N ASN D 277 30.40 -57.83 39.40
CA ASN D 277 29.08 -58.29 38.98
C ASN D 277 29.05 -59.77 38.64
N MET D 278 30.18 -60.46 38.74
CA MET D 278 30.25 -61.90 38.49
C MET D 278 30.30 -62.65 39.81
N SER D 279 30.02 -63.94 39.75
CA SER D 279 30.15 -64.79 40.93
C SER D 279 31.61 -64.90 41.32
N GLN D 280 31.85 -65.15 42.62
CA GLN D 280 33.21 -65.10 43.15
C GLN D 280 34.10 -66.15 42.49
N ARG D 281 33.57 -67.36 42.28
CA ARG D 281 34.34 -68.39 41.59
C ARG D 281 34.65 -67.97 40.15
N ALA D 282 33.64 -67.45 39.44
CA ALA D 282 33.86 -66.99 38.08
C ALA D 282 34.79 -65.78 38.05
N ALA D 283 34.68 -64.89 39.06
CA ALA D 283 35.59 -63.75 39.12
C ALA D 283 37.03 -64.21 39.31
N ASP D 284 37.25 -65.20 40.19
CA ASP D 284 38.61 -65.72 40.37
C ASP D 284 39.11 -66.39 39.10
N ILE D 285 38.25 -67.15 38.42
CA ILE D 285 38.65 -67.79 37.17
C ILE D 285 39.05 -66.75 36.13
N LEU D 286 38.25 -65.68 36.02
CA LEU D 286 38.55 -64.63 35.06
C LEU D 286 39.85 -63.91 35.41
N ARG D 287 40.08 -63.66 36.71
CA ARG D 287 41.34 -63.03 37.12
C ARG D 287 42.53 -63.91 36.77
N ASP D 288 42.42 -65.23 37.04
CA ASP D 288 43.52 -66.14 36.72
C ASP D 288 43.75 -66.19 35.21
N ASP D 289 42.69 -66.21 34.42
CA ASP D 289 42.84 -66.22 32.97
C ASP D 289 43.49 -64.93 32.47
N LEU D 290 43.10 -63.79 33.03
CA LEU D 290 43.72 -62.52 32.64
C LEU D 290 45.20 -62.51 33.01
N ALA D 291 45.55 -63.03 34.19
CA ALA D 291 46.94 -63.03 34.60
C ALA D 291 47.79 -64.02 33.80
N ASN D 292 47.18 -65.12 33.34
CA ASN D 292 47.94 -66.17 32.67
C ASN D 292 47.96 -66.03 31.15
N ARG D 293 46.90 -65.50 30.54
CA ARG D 293 46.85 -65.40 29.09
C ARG D 293 47.85 -64.37 28.59
N GLY D 294 48.50 -64.68 27.47
CA GLY D 294 49.51 -63.83 26.92
C GLY D 294 48.92 -62.60 26.26
N PRO D 295 49.79 -61.80 25.64
CA PRO D 295 49.33 -60.57 24.97
C PRO D 295 48.37 -60.89 23.84
N VAL D 296 47.37 -60.03 23.69
CA VAL D 296 46.34 -60.17 22.67
C VAL D 296 46.42 -58.97 21.73
N ARG D 297 46.33 -59.24 20.43
CA ARG D 297 46.37 -58.18 19.43
C ARG D 297 45.23 -57.20 19.67
N LEU D 298 45.53 -55.90 19.50
CA LEU D 298 44.53 -54.87 19.79
C LEU D 298 43.30 -54.99 18.90
N SER D 299 43.47 -55.47 17.67
CA SER D 299 42.31 -55.60 16.77
C SER D 299 41.30 -56.60 17.32
N GLN D 300 41.78 -57.74 17.85
CA GLN D 300 40.87 -58.74 18.40
C GLN D 300 40.14 -58.19 19.62
N VAL D 301 40.84 -57.46 20.48
CA VAL D 301 40.20 -56.86 21.65
C VAL D 301 39.15 -55.86 21.23
N GLU D 302 39.45 -55.04 20.21
CA GLU D 302 38.48 -54.08 19.71
C GLU D 302 37.27 -54.78 19.13
N ASN D 303 37.47 -55.88 18.40
CA ASN D 303 36.35 -56.62 17.86
C ASN D 303 35.47 -57.20 18.96
N GLU D 304 36.09 -57.75 20.01
CA GLU D 304 35.32 -58.29 21.12
C GLU D 304 34.54 -57.18 21.85
N GLN D 305 35.17 -56.02 22.03
CA GLN D 305 34.48 -54.89 22.64
C GLN D 305 33.32 -54.43 21.78
N LYS D 306 33.50 -54.44 20.45
CA LYS D 306 32.41 -54.10 19.54
C LYS D 306 31.26 -55.08 19.66
N ALA D 307 31.57 -56.38 19.77
CA ALA D 307 30.51 -57.37 19.95
C ALA D 307 29.78 -57.16 21.28
N ILE D 308 30.53 -56.85 22.34
CA ILE D 308 29.90 -56.58 23.63
C ILE D 308 29.01 -55.35 23.56
N LEU D 309 29.46 -54.31 22.85
CA LEU D 309 28.64 -53.11 22.66
C LEU D 309 27.39 -53.41 21.86
N LEU D 310 27.48 -54.29 20.85
CA LEU D 310 26.29 -54.69 20.11
C LEU D 310 25.31 -55.43 21.02
N ILE D 311 25.82 -56.30 21.89
CA ILE D 311 24.96 -56.98 22.84
C ILE D 311 24.30 -55.98 23.79
N VAL D 312 25.07 -54.99 24.24
CA VAL D 312 24.52 -53.94 25.11
C VAL D 312 23.41 -53.19 24.41
N ARG D 313 23.63 -52.83 23.14
CA ARG D 313 22.60 -52.12 22.38
C ARG D 313 21.35 -52.97 22.21
N ARG D 314 21.53 -54.27 21.92
CA ARG D 314 20.39 -55.16 21.78
C ARG D 314 19.60 -55.27 23.07
N LEU D 315 20.30 -55.37 24.21
CA LEU D 315 19.61 -55.43 25.49
C LEU D 315 18.89 -54.12 25.80
N ALA D 316 19.51 -52.99 25.47
CA ALA D 316 18.89 -51.69 25.72
C ALA D 316 17.64 -51.51 24.87
N GLU D 317 17.67 -51.95 23.62
CA GLU D 317 16.49 -51.84 22.76
C GLU D 317 15.32 -52.65 23.31
N THR D 318 15.59 -53.77 23.96
CA THR D 318 14.55 -54.60 24.55
C THR D 318 14.13 -54.13 25.93
N GLY D 319 14.80 -53.11 26.49
CA GLY D 319 14.46 -52.60 27.80
C GLY D 319 15.09 -53.34 28.96
N GLU D 320 15.88 -54.38 28.69
CA GLU D 320 16.51 -55.14 29.75
C GLU D 320 17.77 -54.47 30.30
N MET D 321 18.29 -53.46 29.63
CA MET D 321 19.49 -52.75 30.06
C MET D 321 19.27 -51.25 29.94
N VAL D 322 19.72 -50.51 30.94
CA VAL D 322 19.58 -49.06 30.98
C VAL D 322 20.96 -48.44 30.78
N ILE D 323 21.07 -47.57 29.79
CA ILE D 323 22.33 -46.89 29.48
C ILE D 323 22.30 -45.46 29.96
N MET E 1 34.61 14.23 5.28
CA MET E 1 33.79 13.06 4.98
C MET E 1 34.47 11.78 5.48
N ALA E 2 33.65 10.83 5.93
CA ALA E 2 34.17 9.55 6.37
C ALA E 2 34.71 8.76 5.18
N ASP E 3 35.73 7.94 5.44
CA ASP E 3 36.32 7.11 4.41
C ASP E 3 35.29 6.10 3.91
N LYS E 4 35.02 6.13 2.59
CA LYS E 4 34.04 5.23 2.01
C LYS E 4 34.51 3.78 1.94
N GLU E 5 35.81 3.53 2.13
CA GLU E 5 36.35 2.18 2.17
C GLU E 5 36.42 1.63 3.58
N LEU E 6 35.84 2.31 4.57
CA LEU E 6 35.83 1.82 5.93
C LEU E 6 35.10 0.49 6.02
N LYS E 7 35.67 -0.44 6.77
CA LYS E 7 35.14 -1.79 6.88
C LYS E 7 34.15 -1.85 8.04
N PHE E 8 32.94 -2.34 7.77
CA PHE E 8 31.88 -2.42 8.76
C PHE E 8 31.58 -3.88 9.08
N LEU E 9 31.41 -4.15 10.37
CA LEU E 9 31.04 -5.48 10.87
C LEU E 9 29.64 -5.40 11.45
N VAL E 10 28.69 -6.06 10.79
CA VAL E 10 27.29 -6.08 11.22
C VAL E 10 27.05 -7.38 11.95
N VAL E 11 26.64 -7.30 13.22
CA VAL E 11 26.43 -8.47 14.06
C VAL E 11 24.96 -8.48 14.48
N ASP E 12 24.26 -9.54 14.11
CA ASP E 12 22.87 -9.72 14.49
C ASP E 12 22.50 -11.18 14.33
N LYS E 13 21.56 -11.65 15.16
CA LYS E 13 21.14 -13.04 15.11
C LYS E 13 20.23 -13.33 13.93
N PHE E 14 19.65 -12.31 13.30
CA PHE E 14 18.78 -12.49 12.15
C PHE E 14 19.51 -12.10 10.88
N SER E 15 19.51 -13.02 9.90
CA SER E 15 20.17 -12.75 8.63
C SER E 15 19.47 -11.63 7.85
N THR E 16 18.15 -11.58 7.91
CA THR E 16 17.41 -10.54 7.18
C THR E 16 17.77 -9.16 7.71
N MET E 17 17.88 -9.01 9.03
CA MET E 17 18.27 -7.72 9.60
C MET E 17 19.69 -7.34 9.16
N ARG E 18 20.61 -8.31 9.13
CA ARG E 18 21.96 -8.03 8.66
C ARG E 18 21.96 -7.59 7.20
N ARG E 19 21.16 -8.24 6.37
CA ARG E 19 21.07 -7.83 4.97
C ARG E 19 20.50 -6.43 4.83
N ILE E 20 19.48 -6.11 5.65
CA ILE E 20 18.90 -4.77 5.61
C ILE E 20 19.94 -3.72 6.00
N VAL E 21 20.71 -4.01 7.06
CA VAL E 21 21.73 -3.07 7.51
C VAL E 21 22.81 -2.91 6.44
N ARG E 22 23.21 -4.01 5.80
CA ARG E 22 24.20 -3.93 4.74
C ARG E 22 23.70 -3.09 3.57
N ASN E 23 22.44 -3.28 3.18
CA ASN E 23 21.88 -2.48 2.10
C ASN E 23 21.80 -1.00 2.48
N LEU E 24 21.43 -0.70 3.72
CA LEU E 24 21.39 0.68 4.18
C LEU E 24 22.78 1.31 4.14
N LEU E 25 23.80 0.55 4.57
CA LEU E 25 25.17 1.06 4.50
C LEU E 25 25.62 1.28 3.07
N LYS E 26 25.23 0.38 2.16
CA LYS E 26 25.57 0.54 0.75
C LYS E 26 24.92 1.80 0.17
N GLU E 27 23.66 2.06 0.55
CA GLU E 27 23.00 3.28 0.11
C GLU E 27 23.69 4.52 0.65
N LEU E 28 24.39 4.40 1.78
CA LEU E 28 25.14 5.50 2.36
C LEU E 28 26.55 5.64 1.79
N GLY E 29 26.96 4.75 0.90
CA GLY E 29 28.27 4.82 0.28
C GLY E 29 29.31 3.88 0.85
N PHE E 30 28.95 3.03 1.80
CA PHE E 30 29.89 2.08 2.39
C PHE E 30 29.63 0.70 1.80
N ASN E 31 30.64 0.15 1.13
CA ASN E 31 30.50 -1.13 0.45
C ASN E 31 31.28 -2.26 1.10
N ASN E 32 32.20 -1.96 2.01
CA ASN E 32 33.00 -2.99 2.70
C ASN E 32 32.26 -3.35 3.99
N VAL E 33 31.36 -4.31 3.89
CA VAL E 33 30.52 -4.73 5.01
C VAL E 33 30.60 -6.24 5.16
N GLU E 34 30.87 -6.69 6.38
CA GLU E 34 30.85 -8.11 6.72
C GLU E 34 29.80 -8.36 7.79
N GLU E 35 29.30 -9.59 7.83
CA GLU E 35 28.21 -9.96 8.72
C GLU E 35 28.66 -11.03 9.69
N ALA E 36 28.13 -10.95 10.92
CA ALA E 36 28.39 -11.93 11.96
C ALA E 36 27.08 -12.35 12.60
N GLU E 37 26.95 -13.64 12.89
CA GLU E 37 25.71 -14.18 13.42
C GLU E 37 25.57 -14.04 14.93
N ASP E 38 26.68 -13.95 15.66
CA ASP E 38 26.64 -13.83 17.11
C ASP E 38 27.94 -13.18 17.59
N GLY E 39 28.05 -13.04 18.92
CA GLY E 39 29.22 -12.39 19.48
C GLY E 39 30.49 -13.18 19.27
N VAL E 40 30.41 -14.51 19.33
CA VAL E 40 31.61 -15.34 19.16
C VAL E 40 32.17 -15.18 17.75
N ASP E 41 31.32 -15.26 16.74
CA ASP E 41 31.78 -15.08 15.36
C ASP E 41 32.27 -13.66 15.14
N ALA E 42 31.62 -12.67 15.76
CA ALA E 42 32.06 -11.29 15.65
C ALA E 42 33.46 -11.11 16.22
N LEU E 43 33.72 -11.68 17.39
CA LEU E 43 35.05 -11.60 17.99
C LEU E 43 36.08 -12.34 17.14
N ASN E 44 35.71 -13.50 16.59
CA ASN E 44 36.63 -14.25 15.75
C ASN E 44 37.01 -13.45 14.51
N LYS E 45 36.04 -12.78 13.89
CA LYS E 45 36.34 -11.95 12.73
C LYS E 45 37.11 -10.70 13.12
N LEU E 46 36.88 -10.18 14.33
CA LEU E 46 37.64 -9.03 14.80
C LEU E 46 39.11 -9.40 15.02
N GLN E 47 39.37 -10.62 15.48
CA GLN E 47 40.76 -11.07 15.62
C GLN E 47 41.49 -11.09 14.28
N ALA E 48 40.76 -11.19 13.16
CA ALA E 48 41.40 -11.06 11.86
C ALA E 48 41.87 -9.64 11.61
N GLY E 49 41.14 -8.64 12.10
CA GLY E 49 41.52 -7.26 11.94
C GLY E 49 41.01 -6.66 10.64
N GLY E 50 41.26 -5.36 10.49
CA GLY E 50 40.86 -4.63 9.31
C GLY E 50 39.52 -3.92 9.40
N PHE E 51 38.79 -4.09 10.49
CA PHE E 51 37.49 -3.46 10.64
C PHE E 51 37.63 -2.07 11.27
N GLY E 52 36.76 -1.16 10.83
CA GLY E 52 36.79 0.20 11.32
C GLY E 52 35.52 0.64 12.03
N PHE E 53 34.47 -0.16 11.93
CA PHE E 53 33.20 0.18 12.57
C PHE E 53 32.41 -1.10 12.80
N ILE E 54 31.66 -1.12 13.89
CA ILE E 54 30.90 -2.29 14.31
C ILE E 54 29.45 -1.88 14.56
N ILE E 55 28.52 -2.63 13.98
CA ILE E 55 27.10 -2.50 14.29
C ILE E 55 26.63 -3.85 14.84
N SER E 56 26.25 -3.87 16.11
CA SER E 56 25.95 -5.12 16.80
C SER E 56 24.60 -5.03 17.49
N ASP E 57 23.88 -6.14 17.49
CA ASP E 57 22.61 -6.25 18.19
C ASP E 57 22.86 -6.52 19.68
N TRP E 58 21.87 -6.18 20.51
CA TRP E 58 22.01 -6.34 21.95
C TRP E 58 21.87 -7.79 22.38
N ASN E 59 20.73 -8.41 22.08
CA ASN E 59 20.46 -9.79 22.49
C ASN E 59 20.86 -10.73 21.35
N MET E 60 21.94 -11.48 21.55
CA MET E 60 22.43 -12.43 20.57
C MET E 60 22.79 -13.73 21.28
N PRO E 61 22.70 -14.86 20.60
CA PRO E 61 22.97 -16.15 21.25
C PRO E 61 24.46 -16.32 21.56
N ASN E 62 24.71 -16.91 22.74
CA ASN E 62 26.04 -17.30 23.21
C ASN E 62 26.91 -16.11 23.58
N MET E 63 26.46 -14.90 23.22
CA MET E 63 27.10 -13.66 23.63
C MET E 63 26.18 -12.49 23.31
N ASP E 64 25.86 -11.67 24.31
CA ASP E 64 25.04 -10.49 24.06
C ASP E 64 25.92 -9.32 23.64
N GLY E 65 25.28 -8.23 23.23
CA GLY E 65 26.02 -7.06 22.76
C GLY E 65 26.87 -6.43 23.83
N LEU E 66 26.39 -6.42 25.08
CA LEU E 66 27.15 -5.81 26.16
C LEU E 66 28.45 -6.56 26.42
N GLU E 67 28.40 -7.89 26.45
CA GLU E 67 29.61 -8.67 26.67
C GLU E 67 30.59 -8.51 25.52
N LEU E 68 30.08 -8.47 24.29
CA LEU E 68 30.95 -8.25 23.14
C LEU E 68 31.62 -6.89 23.20
N LEU E 69 30.87 -5.85 23.58
CA LEU E 69 31.45 -4.52 23.72
C LEU E 69 32.51 -4.49 24.82
N LYS E 70 32.24 -5.16 25.94
CA LYS E 70 33.23 -5.22 27.01
C LYS E 70 34.49 -5.93 26.57
N THR E 71 34.34 -7.03 25.83
CA THR E 71 35.52 -7.74 25.33
C THR E 71 36.30 -6.89 24.34
N ILE E 72 35.60 -6.15 23.47
CA ILE E 72 36.27 -5.28 22.51
C ILE E 72 37.04 -4.18 23.23
N ARG E 73 36.42 -3.56 24.24
CA ARG E 73 37.09 -2.50 24.99
C ARG E 73 38.26 -3.04 25.80
N ALA E 74 38.15 -4.28 26.30
CA ALA E 74 39.24 -4.87 27.07
C ALA E 74 40.47 -5.17 26.20
N ASP E 75 40.29 -5.28 24.89
CA ASP E 75 41.40 -5.51 23.98
C ASP E 75 42.05 -4.19 23.60
N SER E 76 43.36 -4.08 23.81
CA SER E 76 44.06 -2.84 23.53
C SER E 76 44.02 -2.50 22.05
N ALA E 77 44.18 -3.51 21.19
CA ALA E 77 44.19 -3.27 19.75
C ALA E 77 42.84 -2.81 19.22
N MET E 78 41.76 -3.06 19.96
CA MET E 78 40.42 -2.71 19.50
C MET E 78 39.66 -1.85 20.51
N SER E 79 40.35 -1.30 21.51
CA SER E 79 39.65 -0.50 22.52
C SER E 79 39.08 0.79 21.92
N ALA E 80 39.72 1.33 20.89
CA ALA E 80 39.27 2.55 20.25
C ALA E 80 38.33 2.30 19.09
N LEU E 81 37.98 1.06 18.82
CA LEU E 81 37.11 0.76 17.68
C LEU E 81 35.68 1.15 18.01
N PRO E 82 35.05 2.01 17.22
CA PRO E 82 33.67 2.41 17.51
C PRO E 82 32.70 1.26 17.33
N VAL E 83 31.71 1.19 18.22
CA VAL E 83 30.68 0.16 18.20
C VAL E 83 29.32 0.84 18.26
N LEU E 84 28.43 0.46 17.34
CA LEU E 84 27.07 0.97 17.31
C LEU E 84 26.14 -0.11 17.83
N MET E 85 25.31 0.23 18.81
CA MET E 85 24.41 -0.71 19.47
C MET E 85 22.99 -0.53 18.92
N VAL E 86 22.41 -1.63 18.45
CA VAL E 86 21.03 -1.64 17.96
C VAL E 86 20.24 -2.62 18.81
N THR E 87 19.10 -2.17 19.33
CA THR E 87 18.29 -2.97 20.24
C THR E 87 16.82 -2.88 19.86
N ALA E 88 16.03 -3.80 20.43
CA ALA E 88 14.58 -3.79 20.28
C ALA E 88 13.88 -3.09 21.43
N GLU E 89 14.47 -3.08 22.62
CA GLU E 89 13.90 -2.40 23.78
C GLU E 89 14.96 -1.48 24.37
N ALA E 90 14.60 -0.20 24.52
CA ALA E 90 15.54 0.81 25.01
C ALA E 90 15.33 1.02 26.51
N LYS E 91 15.66 -0.01 27.28
CA LYS E 91 15.64 0.11 28.73
C LYS E 91 16.75 1.04 29.21
N LYS E 92 16.42 1.88 30.19
CA LYS E 92 17.39 2.85 30.69
C LYS E 92 18.60 2.17 31.30
N GLU E 93 18.39 1.09 32.05
CA GLU E 93 19.49 0.39 32.69
C GLU E 93 20.46 -0.17 31.65
N ASN E 94 19.94 -0.78 30.59
CA ASN E 94 20.80 -1.33 29.55
C ASN E 94 21.59 -0.23 28.85
N ILE E 95 20.94 0.90 28.58
CA ILE E 95 21.62 2.02 27.92
C ILE E 95 22.73 2.57 28.81
N ILE E 96 22.46 2.71 30.11
CA ILE E 96 23.49 3.19 31.03
C ILE E 96 24.65 2.21 31.10
N ALA E 97 24.35 0.90 31.15
CA ALA E 97 25.41 -0.10 31.19
C ALA E 97 26.26 -0.05 29.92
N ALA E 98 25.62 0.10 28.76
CA ALA E 98 26.37 0.19 27.51
C ALA E 98 27.22 1.46 27.47
N ALA E 99 26.68 2.58 27.95
CA ALA E 99 27.45 3.81 27.99
C ALA E 99 28.67 3.68 28.89
N GLN E 100 28.49 3.03 30.04
CA GLN E 100 29.64 2.76 30.92
C GLN E 100 30.63 1.81 30.26
N ALA E 101 30.14 0.88 29.43
CA ALA E 101 31.03 -0.04 28.73
C ALA E 101 31.77 0.63 27.58
N GLY E 102 31.29 1.77 27.09
CA GLY E 102 31.99 2.48 26.04
C GLY E 102 31.30 2.41 24.69
N ALA E 103 29.96 2.43 24.69
CA ALA E 103 29.22 2.39 23.44
C ALA E 103 29.34 3.73 22.71
N SER E 104 29.56 3.65 21.39
CA SER E 104 29.68 4.86 20.59
C SER E 104 28.33 5.43 20.18
N GLY E 105 27.30 4.60 20.13
CA GLY E 105 25.99 5.06 19.73
C GLY E 105 24.92 4.05 20.11
N TRP E 106 23.67 4.43 19.89
CA TRP E 106 22.54 3.60 20.25
C TRP E 106 21.41 3.79 19.24
N VAL E 107 20.89 2.69 18.72
CA VAL E 107 19.77 2.71 17.78
C VAL E 107 18.70 1.76 18.30
N VAL E 108 17.43 2.17 18.14
CA VAL E 108 16.30 1.41 18.67
C VAL E 108 15.47 0.91 17.49
N LYS E 109 15.25 -0.40 17.43
CA LYS E 109 14.37 -0.96 16.41
C LYS E 109 12.92 -0.66 16.76
N PRO E 110 12.08 -0.32 15.76
CA PRO E 110 12.41 -0.08 14.36
C PRO E 110 13.00 1.31 14.14
N PHE E 111 13.77 1.51 13.09
CA PHE E 111 14.38 2.81 12.80
C PHE E 111 14.37 3.04 11.30
N THR E 112 14.58 4.30 10.92
CA THR E 112 14.65 4.69 9.52
C THR E 112 16.09 4.87 9.08
N ALA E 113 16.28 4.93 7.77
CA ALA E 113 17.62 5.16 7.23
C ALA E 113 18.16 6.52 7.64
N ALA E 114 17.27 7.52 7.79
CA ALA E 114 17.71 8.83 8.23
C ALA E 114 18.31 8.79 9.63
N THR E 115 17.68 8.04 10.54
CA THR E 115 18.21 7.92 11.89
C THR E 115 19.57 7.25 11.90
N LEU E 116 19.74 6.18 11.12
CA LEU E 116 21.03 5.50 11.05
C LEU E 116 22.10 6.42 10.47
N GLU E 117 21.76 7.17 9.42
CA GLU E 117 22.71 8.10 8.84
C GLU E 117 23.10 9.18 9.84
N GLU E 118 22.13 9.70 10.59
CA GLU E 118 22.42 10.71 11.61
C GLU E 118 23.34 10.16 12.69
N LYS E 119 23.07 8.93 13.15
CA LYS E 119 23.92 8.31 14.16
C LYS E 119 25.34 8.12 13.64
N LEU E 120 25.48 7.64 12.40
CA LEU E 120 26.81 7.44 11.83
C LEU E 120 27.55 8.78 11.70
N ASN E 121 26.84 9.82 11.25
CA ASN E 121 27.47 11.13 11.12
C ASN E 121 27.92 11.66 12.48
N LYS E 122 27.08 11.50 13.50
CA LYS E 122 27.46 11.97 14.84
C LYS E 122 28.67 11.21 15.36
N ILE E 123 28.70 9.89 15.16
CA ILE E 123 29.83 9.10 15.64
C ILE E 123 31.11 9.51 14.91
N PHE E 124 31.02 9.72 13.59
CA PHE E 124 32.19 10.14 12.82
C PHE E 124 32.68 11.51 13.26
N GLU E 125 31.74 12.44 13.53
CA GLU E 125 32.13 13.76 14.00
C GLU E 125 32.81 13.69 15.36
N LYS E 126 32.30 12.83 16.25
CA LYS E 126 32.93 12.68 17.56
C LYS E 126 34.35 12.11 17.44
N LEU E 127 34.57 11.18 16.52
CA LEU E 127 35.88 10.59 16.30
C LEU E 127 36.75 11.42 15.36
N GLY E 128 36.24 12.54 14.85
CA GLY E 128 37.01 13.37 13.94
C GLY E 128 37.15 12.82 12.54
N MET E 129 36.29 11.88 12.15
CA MET E 129 36.35 11.30 10.81
C MET E 129 35.44 12.08 9.86
N MET F 51 21.73 56.84 -29.14
CA MET F 51 20.60 56.16 -29.82
C MET F 51 21.02 54.71 -30.14
N GLN F 52 22.14 54.26 -29.58
CA GLN F 52 22.62 52.87 -29.85
C GLN F 52 21.59 51.87 -29.33
N ASP F 53 21.18 52.02 -28.06
CA ASP F 53 20.17 51.11 -27.48
C ASP F 53 18.87 51.24 -28.27
N ILE F 54 18.59 52.45 -28.77
CA ILE F 54 17.34 52.68 -29.53
C ILE F 54 17.37 51.81 -30.80
N ASP F 55 18.46 51.87 -31.55
CA ASP F 55 18.57 51.04 -32.78
C ASP F 55 18.51 49.57 -32.36
N LEU F 56 19.15 49.24 -31.24
CA LEU F 56 19.17 47.84 -30.77
C LEU F 56 17.73 47.36 -30.68
N ILE F 57 16.87 48.12 -29.99
CA ILE F 57 15.49 47.62 -29.80
C ILE F 57 14.73 47.69 -31.13
N MET F 58 14.97 48.72 -31.93
CA MET F 58 14.31 48.86 -33.25
C MET F 58 14.56 47.59 -34.08
N ASP F 59 15.72 46.95 -33.90
CA ASP F 59 16.04 45.77 -34.76
C ASP F 59 15.10 44.58 -34.52
N ILE F 60 13.94 44.78 -33.91
CA ILE F 60 12.96 43.67 -33.63
C ILE F 60 11.72 43.70 -34.53
N PRO F 61 11.39 42.66 -35.33
CA PRO F 61 10.14 42.77 -36.09
C PRO F 61 8.93 42.81 -35.17
N VAL F 62 7.96 43.64 -35.56
CA VAL F 62 6.70 43.78 -34.83
C VAL F 62 5.55 43.76 -35.82
N LYS F 63 4.35 43.46 -35.30
CA LYS F 63 3.15 43.37 -36.12
C LYS F 63 2.27 44.58 -35.90
N LEU F 64 1.74 45.13 -36.99
CA LEU F 64 0.82 46.26 -36.94
C LEU F 64 -0.58 45.79 -37.31
N THR F 65 -1.58 46.27 -36.57
CA THR F 65 -2.96 45.86 -36.75
C THR F 65 -3.85 47.08 -36.93
N VAL F 66 -4.69 47.05 -37.95
CA VAL F 66 -5.66 48.11 -38.24
C VAL F 66 -7.05 47.53 -38.03
N GLU F 67 -7.85 48.19 -37.19
CA GLU F 67 -9.19 47.73 -36.86
C GLU F 67 -10.22 48.58 -37.58
N LEU F 68 -11.15 47.91 -38.27
CA LEU F 68 -12.21 48.63 -38.98
C LEU F 68 -13.12 49.36 -38.00
N GLY F 69 -13.50 48.71 -36.91
CA GLY F 69 -14.38 49.34 -35.94
C GLY F 69 -14.66 48.39 -34.80
N ARG F 70 -15.34 48.92 -33.78
CA ARG F 70 -15.70 48.17 -32.60
C ARG F 70 -17.19 48.28 -32.35
N THR F 71 -17.75 47.24 -31.74
CA THR F 71 -19.17 47.22 -31.40
C THR F 71 -19.38 46.21 -30.28
N ARG F 72 -20.52 46.34 -29.60
CA ARG F 72 -20.89 45.44 -28.52
C ARG F 72 -22.25 44.81 -28.84
N MET F 73 -22.34 43.50 -28.64
CA MET F 73 -23.58 42.78 -28.88
C MET F 73 -23.64 41.58 -27.95
N THR F 74 -24.85 41.06 -27.76
CA THR F 74 -25.05 39.89 -26.94
C THR F 74 -24.73 38.63 -27.74
N ILE F 75 -24.44 37.55 -27.01
CA ILE F 75 -24.15 36.27 -27.65
C ILE F 75 -25.38 35.73 -28.36
N LYS F 76 -26.58 35.99 -27.82
CA LYS F 76 -27.80 35.59 -28.50
C LYS F 76 -27.90 36.22 -29.88
N GLU F 77 -27.59 37.52 -29.96
CA GLU F 77 -27.57 38.20 -31.27
C GLU F 77 -26.52 37.60 -32.18
N LEU F 78 -25.36 37.22 -31.62
CA LEU F 78 -24.33 36.57 -32.44
C LEU F 78 -24.82 35.24 -32.99
N LEU F 79 -25.55 34.46 -32.18
CA LEU F 79 -26.13 33.22 -32.67
C LEU F 79 -27.21 33.47 -33.70
N ARG F 80 -27.92 34.59 -33.62
CA ARG F 80 -28.91 34.94 -34.63
C ARG F 80 -28.28 35.34 -35.96
N LEU F 81 -26.97 35.52 -36.00
CA LEU F 81 -26.28 35.90 -37.23
C LEU F 81 -26.05 34.67 -38.10
N THR F 82 -26.41 34.78 -39.37
CA THR F 82 -26.21 33.74 -40.36
C THR F 82 -25.48 34.33 -41.56
N GLN F 83 -25.35 33.53 -42.62
CA GLN F 83 -24.75 34.03 -43.85
C GLN F 83 -25.60 35.16 -44.42
N GLY F 84 -24.96 36.29 -44.70
CA GLY F 84 -25.65 37.46 -45.18
C GLY F 84 -26.16 38.39 -44.11
N SER F 85 -26.00 38.05 -42.84
CA SER F 85 -26.46 38.92 -41.76
C SER F 85 -25.65 40.21 -41.73
N VAL F 86 -26.25 41.25 -41.16
CA VAL F 86 -25.69 42.60 -41.15
C VAL F 86 -25.42 43.00 -39.70
N VAL F 87 -24.21 43.46 -39.44
CA VAL F 87 -23.81 43.96 -38.12
C VAL F 87 -23.31 45.39 -38.29
N ALA F 88 -23.86 46.30 -37.50
CA ALA F 88 -23.45 47.70 -37.53
C ALA F 88 -22.30 47.94 -36.56
N LEU F 89 -21.44 48.89 -36.90
CA LEU F 89 -20.31 49.28 -36.08
C LEU F 89 -20.55 50.65 -35.45
N ASP F 90 -19.96 50.85 -34.26
CA ASP F 90 -20.15 52.10 -33.53
C ASP F 90 -19.45 53.28 -34.19
N GLY F 91 -18.49 53.04 -35.08
CA GLY F 91 -17.77 54.13 -35.74
C GLY F 91 -18.52 54.64 -36.95
N LEU F 92 -18.55 55.96 -37.11
CA LEU F 92 -19.19 56.57 -38.25
C LEU F 92 -18.40 56.28 -39.53
N ALA F 93 -19.12 56.20 -40.65
CA ALA F 93 -18.49 55.96 -41.93
C ALA F 93 -17.57 57.11 -42.29
N GLY F 94 -16.33 56.79 -42.65
CA GLY F 94 -15.35 57.78 -43.04
C GLY F 94 -14.39 58.18 -41.93
N GLU F 95 -14.69 57.86 -40.68
CA GLU F 95 -13.80 58.20 -39.58
C GLU F 95 -12.50 57.42 -39.72
N PRO F 96 -11.37 58.00 -39.31
CA PRO F 96 -10.10 57.27 -39.37
C PRO F 96 -10.13 56.02 -38.51
N LEU F 97 -9.51 54.95 -39.01
CA LEU F 97 -9.53 53.66 -38.35
C LEU F 97 -8.38 53.55 -37.35
N ASP F 98 -8.63 52.79 -36.29
CA ASP F 98 -7.63 52.62 -35.24
C ASP F 98 -6.45 51.80 -35.73
N ILE F 99 -5.24 52.24 -35.39
CA ILE F 99 -4.00 51.54 -35.74
C ILE F 99 -3.40 51.00 -34.46
N LEU F 100 -3.15 49.69 -34.43
CA LEU F 100 -2.68 49.01 -33.24
C LEU F 100 -1.36 48.29 -33.51
N ILE F 101 -0.46 48.36 -32.54
CA ILE F 101 0.79 47.59 -32.55
C ILE F 101 0.71 46.55 -31.45
N ASN F 102 0.66 45.28 -31.86
CA ASN F 102 0.53 44.16 -30.92
C ASN F 102 -0.66 44.34 -29.99
N GLY F 103 -1.75 44.90 -30.54
CA GLY F 103 -2.96 45.14 -29.78
C GLY F 103 -3.00 46.46 -29.05
N TYR F 104 -1.99 47.31 -29.19
CA TYR F 104 -1.93 48.59 -28.50
C TYR F 104 -2.20 49.71 -29.49
N LEU F 105 -3.22 50.51 -29.22
CA LEU F 105 -3.59 51.60 -30.11
C LEU F 105 -2.58 52.74 -30.00
N ILE F 106 -1.96 53.10 -31.12
CA ILE F 106 -0.96 54.17 -31.13
C ILE F 106 -1.26 55.26 -32.15
N ALA F 107 -2.14 55.04 -33.13
CA ALA F 107 -2.40 56.06 -34.14
C ALA F 107 -3.71 55.74 -34.85
N GLN F 108 -4.11 56.65 -35.73
CA GLN F 108 -5.32 56.52 -36.52
C GLN F 108 -5.00 56.78 -37.99
N GLY F 109 -5.73 56.11 -38.88
CA GLY F 109 -5.45 56.22 -40.30
C GLY F 109 -6.69 56.05 -41.14
N GLU F 110 -6.54 56.37 -42.43
CA GLU F 110 -7.62 56.31 -43.40
C GLU F 110 -7.32 55.29 -44.47
N VAL F 111 -8.37 54.65 -44.98
CA VAL F 111 -8.23 53.55 -45.93
C VAL F 111 -7.97 54.11 -47.32
N VAL F 112 -6.93 53.60 -47.98
CA VAL F 112 -6.64 53.93 -49.37
C VAL F 112 -6.32 52.64 -50.12
N VAL F 113 -6.40 52.72 -51.44
CA VAL F 113 -6.10 51.61 -52.33
C VAL F 113 -4.82 51.93 -53.08
N VAL F 114 -3.84 51.03 -52.99
CA VAL F 114 -2.52 51.25 -53.56
C VAL F 114 -2.29 50.23 -54.66
N ALA F 115 -2.61 50.60 -55.90
CA ALA F 115 -2.20 49.91 -57.12
C ALA F 115 -2.93 48.58 -57.32
N ASP F 116 -3.67 48.13 -56.29
CA ASP F 116 -4.44 46.89 -56.21
C ASP F 116 -4.44 46.37 -54.77
N LYS F 117 -3.93 47.16 -53.84
CA LYS F 117 -3.81 46.73 -52.45
C LYS F 117 -4.36 47.81 -51.52
N TYR F 118 -4.96 47.37 -50.42
CA TYR F 118 -5.44 48.28 -49.40
C TYR F 118 -4.28 48.95 -48.69
N GLY F 119 -4.50 50.20 -48.28
CA GLY F 119 -3.49 50.94 -47.56
C GLY F 119 -4.13 51.84 -46.51
N VAL F 120 -3.32 52.18 -45.51
CA VAL F 120 -3.75 53.06 -44.42
C VAL F 120 -2.89 54.31 -44.44
N ARG F 121 -3.55 55.47 -44.55
CA ARG F 121 -2.87 56.75 -44.58
C ARG F 121 -2.76 57.28 -43.15
N ILE F 122 -1.53 57.43 -42.67
CA ILE F 122 -1.31 57.92 -41.31
C ILE F 122 -1.85 59.33 -41.20
N THR F 123 -2.69 59.57 -40.18
CA THR F 123 -3.32 60.87 -39.98
C THR F 123 -2.85 61.56 -38.71
N ASP F 124 -2.98 60.90 -37.56
CA ASP F 124 -2.65 61.54 -36.30
C ASP F 124 -2.31 60.46 -35.26
N ILE F 125 -1.35 60.78 -34.38
CA ILE F 125 -0.82 59.77 -33.42
C ILE F 125 -1.65 59.71 -32.14
N ILE F 126 -1.07 60.10 -30.99
CA ILE F 126 -1.83 59.92 -29.71
C ILE F 126 -1.49 61.01 -28.69
N THR F 127 -0.45 60.83 -27.86
CA THR F 127 -0.08 61.77 -26.76
C THR F 127 -0.99 61.51 -25.56
N PRO F 128 -0.51 61.69 -24.31
CA PRO F 128 -1.31 61.36 -23.13
C PRO F 128 -2.69 62.01 -23.23
N SER F 129 -2.75 63.20 -23.85
CA SER F 129 -4.05 63.89 -24.02
C SER F 129 -5.02 62.98 -24.76
N GLU F 130 -4.66 62.52 -25.96
CA GLU F 130 -5.52 61.57 -26.71
C GLU F 130 -5.55 60.25 -25.95
N ARG F 131 -4.40 59.83 -25.44
CA ARG F 131 -4.38 58.59 -24.62
C ARG F 131 -5.52 58.69 -23.61
N MET F 132 -5.45 59.68 -22.73
CA MET F 132 -6.55 59.88 -21.76
C MET F 132 -7.85 60.10 -22.53
N ARG F 133 -7.81 60.88 -23.62
CA ARG F 133 -9.06 61.20 -24.34
C ARG F 133 -9.74 59.87 -24.73
N ARG F 134 -9.01 58.99 -25.42
CA ARG F 134 -9.59 57.70 -25.84
C ARG F 134 -9.88 56.87 -24.59
N LEU F 135 -9.03 56.98 -23.56
CA LEU F 135 -9.32 56.26 -22.29
C LEU F 135 -10.71 56.66 -21.85
N SER F 136 -10.96 57.97 -21.72
CA SER F 136 -12.32 58.45 -21.34
C SER F 136 -13.31 58.08 -22.45
N ARG F 137 -12.99 58.41 -23.69
CA ARG F 137 -13.87 58.05 -24.84
C ARG F 137 -14.32 56.60 -24.68
N MET G 51 -19.71 75.89 -6.16
CA MET G 51 -20.59 75.27 -5.17
C MET G 51 -22.02 75.20 -5.69
N GLN G 52 -22.40 76.16 -6.54
CA GLN G 52 -23.74 76.15 -7.12
C GLN G 52 -23.94 74.93 -8.00
N ASP G 53 -23.02 74.68 -8.93
CA ASP G 53 -23.08 73.47 -9.73
C ASP G 53 -22.93 72.23 -8.86
N ILE G 54 -22.15 72.34 -7.78
CA ILE G 54 -21.99 71.22 -6.85
C ILE G 54 -23.33 70.85 -6.24
N ASP G 55 -24.10 71.85 -5.81
CA ASP G 55 -25.43 71.56 -5.28
C ASP G 55 -26.37 71.04 -6.36
N LEU G 56 -26.30 71.63 -7.56
CA LEU G 56 -27.18 71.21 -8.65
C LEU G 56 -26.99 69.73 -8.97
N ILE G 57 -25.75 69.27 -9.02
CA ILE G 57 -25.50 67.85 -9.21
C ILE G 57 -25.70 67.05 -7.93
N MET G 58 -25.63 67.70 -6.76
CA MET G 58 -25.91 67.03 -5.50
C MET G 58 -27.36 66.59 -5.43
N ASP G 59 -28.27 67.34 -6.06
CA ASP G 59 -29.67 66.93 -6.09
C ASP G 59 -29.90 65.85 -7.14
N ILE G 60 -29.13 64.77 -7.08
CA ILE G 60 -29.23 63.67 -8.01
C ILE G 60 -28.89 62.37 -7.28
N PRO G 61 -29.66 61.31 -7.43
CA PRO G 61 -29.28 60.01 -6.86
C PRO G 61 -28.40 59.22 -7.81
N VAL G 62 -27.41 58.54 -7.22
CA VAL G 62 -26.49 57.69 -7.97
C VAL G 62 -26.32 56.37 -7.23
N LYS G 63 -25.87 55.35 -7.95
CA LYS G 63 -25.69 54.02 -7.41
C LYS G 63 -24.20 53.73 -7.19
N LEU G 64 -23.87 53.14 -6.05
CA LEU G 64 -22.51 52.75 -5.73
C LEU G 64 -22.41 51.23 -5.76
N THR G 65 -21.32 50.73 -6.34
CA THR G 65 -21.10 49.31 -6.52
C THR G 65 -19.75 48.91 -5.94
N VAL G 66 -19.75 47.84 -5.14
CA VAL G 66 -18.53 47.29 -4.55
C VAL G 66 -18.32 45.90 -5.15
N GLU G 67 -17.15 45.67 -5.72
CA GLU G 67 -16.82 44.41 -6.37
C GLU G 67 -15.89 43.59 -5.49
N LEU G 68 -16.26 42.33 -5.25
CA LEU G 68 -15.43 41.45 -4.45
C LEU G 68 -14.10 41.18 -5.12
N GLY G 69 -14.11 40.92 -6.42
CA GLY G 69 -12.88 40.64 -7.13
C GLY G 69 -13.17 40.38 -8.60
N ARG G 70 -12.09 40.24 -9.37
CA ARG G 70 -12.18 39.99 -10.79
C ARG G 70 -11.34 38.77 -11.15
N THR G 71 -11.76 38.07 -12.19
CA THR G 71 -11.03 36.91 -12.68
C THR G 71 -11.42 36.67 -14.13
N ARG G 72 -10.59 35.90 -14.82
CA ARG G 72 -10.82 35.54 -16.22
C ARG G 72 -10.84 34.03 -16.36
N MET G 73 -11.83 33.52 -17.09
CA MET G 73 -11.97 32.10 -17.32
C MET G 73 -12.63 31.87 -18.67
N THR G 74 -12.46 30.66 -19.20
CA THR G 74 -13.09 30.30 -20.46
C THR G 74 -14.54 29.90 -20.22
N ILE G 75 -15.33 29.97 -21.29
CA ILE G 75 -16.73 29.58 -21.21
C ILE G 75 -16.87 28.10 -20.94
N LYS G 76 -15.95 27.29 -21.47
CA LYS G 76 -15.96 25.85 -21.16
C LYS G 76 -15.84 25.62 -19.67
N GLU G 77 -14.93 26.34 -19.01
CA GLU G 77 -14.80 26.23 -17.56
C GLU G 77 -16.07 26.68 -16.86
N LEU G 78 -16.71 27.73 -17.38
CA LEU G 78 -17.97 28.19 -16.81
C LEU G 78 -19.04 27.11 -16.91
N LEU G 79 -19.11 26.42 -18.05
CA LEU G 79 -20.05 25.31 -18.21
C LEU G 79 -19.70 24.14 -17.29
N ARG G 80 -18.42 23.95 -16.99
CA ARG G 80 -18.03 22.91 -16.04
C ARG G 80 -18.41 23.22 -14.61
N LEU G 81 -18.85 24.45 -14.34
CA LEU G 81 -19.24 24.86 -12.99
C LEU G 81 -20.65 24.37 -12.69
N THR G 82 -20.81 23.73 -11.55
CA THR G 82 -22.11 23.25 -11.06
C THR G 82 -22.33 23.78 -9.64
N GLN G 83 -23.40 23.30 -9.02
CA GLN G 83 -23.65 23.66 -7.63
C GLN G 83 -22.53 23.15 -6.75
N GLY G 84 -21.95 24.04 -5.94
CA GLY G 84 -20.83 23.71 -5.09
C GLY G 84 -19.47 23.90 -5.73
N SER G 85 -19.41 24.29 -7.00
CA SER G 85 -18.14 24.50 -7.67
C SER G 85 -17.40 25.69 -7.06
N VAL G 86 -16.07 25.68 -7.21
CA VAL G 86 -15.21 26.68 -6.60
C VAL G 86 -14.51 27.47 -7.71
N VAL G 87 -14.58 28.79 -7.61
CA VAL G 87 -13.90 29.70 -8.53
C VAL G 87 -13.00 30.62 -7.73
N ALA G 88 -11.72 30.68 -8.12
CA ALA G 88 -10.75 31.54 -7.47
C ALA G 88 -10.73 32.92 -8.11
N LEU G 89 -10.43 33.92 -7.29
CA LEU G 89 -10.35 35.31 -7.75
C LEU G 89 -8.90 35.76 -7.77
N ASP G 90 -8.59 36.70 -8.67
CA ASP G 90 -7.23 37.19 -8.83
C ASP G 90 -6.77 38.05 -7.66
N GLY G 91 -7.69 38.56 -6.85
CA GLY G 91 -7.32 39.40 -5.72
C GLY G 91 -6.96 38.57 -4.50
N LEU G 92 -5.90 38.98 -3.82
CA LEU G 92 -5.48 38.31 -2.60
C LEU G 92 -6.48 38.55 -1.48
N ALA G 93 -6.60 37.55 -0.60
CA ALA G 93 -7.50 37.67 0.54
C ALA G 93 -7.06 38.80 1.45
N GLY G 94 -8.01 39.69 1.79
CA GLY G 94 -7.73 40.81 2.66
C GLY G 94 -7.46 42.12 1.95
N GLU G 95 -7.19 42.08 0.65
CA GLU G 95 -6.94 43.31 -0.08
C GLU G 95 -8.22 44.16 -0.14
N PRO G 96 -8.10 45.48 -0.14
CA PRO G 96 -9.28 46.33 -0.24
C PRO G 96 -10.04 46.08 -1.54
N LEU G 97 -11.36 46.11 -1.45
CA LEU G 97 -12.21 45.82 -2.59
C LEU G 97 -12.49 47.08 -3.40
N ASP G 98 -12.67 46.89 -4.71
CA ASP G 98 -12.90 48.02 -5.60
C ASP G 98 -14.27 48.63 -5.36
N ILE G 99 -14.33 49.96 -5.34
CA ILE G 99 -15.58 50.70 -5.16
C ILE G 99 -15.88 51.41 -6.48
N LEU G 100 -17.07 51.17 -7.02
CA LEU G 100 -17.46 51.69 -8.34
C LEU G 100 -18.72 52.52 -8.23
N ILE G 101 -18.76 53.62 -8.98
CA ILE G 101 -19.94 54.45 -9.12
C ILE G 101 -20.41 54.30 -10.56
N ASN G 102 -21.59 53.69 -10.74
CA ASN G 102 -22.16 53.45 -12.06
C ASN G 102 -21.17 52.71 -12.96
N GLY G 103 -20.41 51.79 -12.36
CA GLY G 103 -19.42 51.01 -13.08
C GLY G 103 -18.07 51.66 -13.21
N TYR G 104 -17.84 52.82 -12.61
CA TYR G 104 -16.58 53.54 -12.69
C TYR G 104 -15.85 53.42 -11.35
N LEU G 105 -14.64 52.88 -11.39
CA LEU G 105 -13.85 52.69 -10.17
C LEU G 105 -13.32 54.03 -9.67
N ILE G 106 -13.67 54.40 -8.44
CA ILE G 106 -13.22 55.66 -7.87
C ILE G 106 -12.51 55.50 -6.53
N ALA G 107 -12.62 54.36 -5.84
CA ALA G 107 -11.99 54.21 -4.54
C ALA G 107 -11.90 52.73 -4.20
N GLN G 108 -11.26 52.46 -3.07
CA GLN G 108 -11.10 51.10 -2.55
C GLN G 108 -11.51 51.08 -1.08
N GLY G 109 -12.04 49.94 -0.65
CA GLY G 109 -12.53 49.82 0.71
C GLY G 109 -12.40 48.42 1.26
N GLU G 110 -12.62 48.30 2.57
CA GLU G 110 -12.50 47.04 3.28
C GLU G 110 -13.85 46.64 3.87
N VAL G 111 -14.08 45.32 3.93
CA VAL G 111 -15.37 44.79 4.34
C VAL G 111 -15.47 44.83 5.87
N VAL G 112 -16.58 45.38 6.37
CA VAL G 112 -16.89 45.37 7.79
C VAL G 112 -18.34 44.97 7.97
N VAL G 113 -18.68 44.56 9.19
CA VAL G 113 -20.04 44.16 9.56
C VAL G 113 -20.58 45.21 10.52
N VAL G 114 -21.74 45.78 10.18
CA VAL G 114 -22.33 46.87 10.94
C VAL G 114 -23.64 46.39 11.52
N ALA G 115 -23.59 45.90 12.77
CA ALA G 115 -24.75 45.66 13.61
C ALA G 115 -25.61 44.49 13.15
N ASP G 116 -25.31 43.95 11.96
CA ASP G 116 -25.98 42.85 11.27
C ASP G 116 -25.94 43.06 9.76
N LYS G 117 -25.20 44.07 9.31
CA LYS G 117 -25.16 44.41 7.90
C LYS G 117 -23.71 44.57 7.44
N TYR G 118 -23.46 44.20 6.20
CA TYR G 118 -22.14 44.38 5.60
C TYR G 118 -21.86 45.86 5.38
N GLY G 119 -20.59 46.24 5.50
CA GLY G 119 -20.18 47.61 5.28
C GLY G 119 -18.81 47.66 4.64
N VAL G 120 -18.55 48.78 3.98
CA VAL G 120 -17.27 49.03 3.30
C VAL G 120 -16.61 50.22 3.96
N ARG G 121 -15.40 50.02 4.46
CA ARG G 121 -14.63 51.10 5.09
C ARG G 121 -13.76 51.78 4.05
N ILE G 122 -14.03 53.07 3.81
CA ILE G 122 -13.27 53.82 2.82
C ILE G 122 -11.82 53.88 3.25
N THR G 123 -10.92 53.51 2.34
CA THR G 123 -9.49 53.48 2.62
C THR G 123 -8.69 54.50 1.82
N ASP G 124 -8.81 54.48 0.49
CA ASP G 124 -8.02 55.36 -0.34
C ASP G 124 -8.72 55.57 -1.68
N ILE G 125 -8.51 56.73 -2.27
CA ILE G 125 -9.06 57.05 -3.58
C ILE G 125 -8.32 56.25 -4.65
N ILE G 126 -8.90 56.23 -5.86
CA ILE G 126 -8.34 55.40 -6.93
C ILE G 126 -6.95 55.89 -7.33
N THR G 127 -6.82 57.20 -7.58
CA THR G 127 -5.60 57.89 -8.01
C THR G 127 -5.29 57.53 -9.46
N PRO G 128 -4.88 58.50 -10.33
CA PRO G 128 -4.78 58.27 -11.81
C PRO G 128 -3.67 57.40 -12.40
N SER G 129 -2.51 57.34 -11.75
CA SER G 129 -1.46 56.41 -12.25
C SER G 129 -2.04 55.00 -12.10
N GLU G 130 -2.54 54.72 -10.91
CA GLU G 130 -3.19 53.40 -10.66
C GLU G 130 -4.38 53.29 -11.63
N ARG G 131 -5.04 54.41 -11.92
CA ARG G 131 -6.18 54.39 -12.86
C ARG G 131 -5.71 53.77 -14.19
N MET G 132 -4.72 54.37 -14.83
CA MET G 132 -4.26 53.84 -16.12
C MET G 132 -3.83 52.39 -15.90
N ARG G 133 -3.09 52.12 -14.83
CA ARG G 133 -2.55 50.74 -14.64
C ARG G 133 -3.68 49.72 -14.67
N ARG G 134 -4.76 49.98 -13.94
CA ARG G 134 -5.92 49.05 -13.86
C ARG G 134 -6.62 48.99 -15.22
N LEU G 135 -6.75 50.14 -15.88
CA LEU G 135 -7.34 50.13 -17.24
C LEU G 135 -6.53 49.16 -18.10
N SER G 136 -5.20 49.24 -18.03
CA SER G 136 -4.33 48.37 -18.86
C SER G 136 -4.52 46.91 -18.46
N ARG G 137 -4.55 46.64 -17.15
CA ARG G 137 -4.73 45.25 -16.65
C ARG G 137 -5.74 44.51 -17.54
N MET H 51 -54.79 32.40 -15.78
CA MET H 51 -53.58 32.29 -14.99
C MET H 51 -52.42 33.01 -15.67
N GLN H 52 -52.45 33.06 -17.00
CA GLN H 52 -51.41 33.77 -17.74
C GLN H 52 -51.43 35.26 -17.41
N ASP H 53 -52.61 35.88 -17.53
CA ASP H 53 -52.74 37.29 -17.12
C ASP H 53 -52.47 37.45 -15.63
N ILE H 54 -52.82 36.43 -14.83
CA ILE H 54 -52.55 36.48 -13.40
C ILE H 54 -51.06 36.59 -13.15
N ASP H 55 -50.25 35.78 -13.86
CA ASP H 55 -48.80 35.88 -13.72
C ASP H 55 -48.27 37.19 -14.26
N LEU H 56 -48.82 37.64 -15.39
CA LEU H 56 -48.36 38.90 -15.99
C LEU H 56 -48.53 40.07 -15.04
N ILE H 57 -49.67 40.14 -14.35
CA ILE H 57 -49.85 41.17 -13.33
C ILE H 57 -49.14 40.82 -12.04
N MET H 58 -48.85 39.55 -11.80
CA MET H 58 -48.08 39.15 -10.63
C MET H 58 -46.67 39.70 -10.68
N ASP H 59 -46.11 39.86 -11.88
CA ASP H 59 -44.79 40.44 -12.01
C ASP H 59 -44.85 41.96 -11.90
N ILE H 60 -45.47 42.47 -10.85
CA ILE H 60 -45.62 43.90 -10.61
C ILE H 60 -45.58 44.16 -9.11
N PRO H 61 -44.82 45.15 -8.64
CA PRO H 61 -44.87 45.51 -7.22
C PRO H 61 -45.96 46.53 -6.93
N VAL H 62 -46.63 46.34 -5.79
CA VAL H 62 -47.68 47.25 -5.34
C VAL H 62 -47.47 47.56 -3.87
N LYS H 63 -48.06 48.65 -3.41
CA LYS H 63 -47.93 49.11 -2.03
C LYS H 63 -49.21 48.83 -1.26
N LEU H 64 -49.07 48.32 -0.04
CA LEU H 64 -50.19 48.06 0.85
C LEU H 64 -50.18 49.08 1.99
N THR H 65 -51.36 49.58 2.33
CA THR H 65 -51.51 50.61 3.35
C THR H 65 -52.53 50.17 4.39
N VAL H 66 -52.16 50.29 5.67
CA VAL H 66 -53.05 49.99 6.78
C VAL H 66 -53.34 51.28 7.51
N GLU H 67 -54.62 51.59 7.69
CA GLU H 67 -55.05 52.83 8.33
C GLU H 67 -55.54 52.54 9.75
N LEU H 68 -55.01 53.29 10.71
CA LEU H 68 -55.43 53.12 12.10
C LEU H 68 -56.89 53.49 12.28
N GLY H 69 -57.33 54.60 11.69
CA GLY H 69 -58.70 55.03 11.84
C GLY H 69 -58.92 56.31 11.06
N ARG H 70 -60.19 56.71 11.01
CA ARG H 70 -60.61 57.92 10.32
C ARG H 70 -61.42 58.80 11.25
N THR H 71 -61.33 60.11 11.03
CA THR H 71 -62.09 61.07 11.80
C THR H 71 -62.23 62.36 11.00
N ARG H 72 -63.20 63.18 11.40
CA ARG H 72 -63.45 64.47 10.76
C ARG H 72 -63.35 65.57 11.80
N MET H 73 -62.65 66.65 11.44
CA MET H 73 -62.50 67.79 12.32
C MET H 73 -62.35 69.04 11.48
N THR H 74 -62.59 70.19 12.11
CA THR H 74 -62.42 71.47 11.45
C THR H 74 -60.95 71.89 11.45
N ILE H 75 -60.61 72.77 10.53
CA ILE H 75 -59.24 73.27 10.44
C ILE H 75 -58.90 74.10 11.68
N LYS H 76 -59.88 74.82 12.24
CA LYS H 76 -59.65 75.55 13.48
C LYS H 76 -59.21 74.61 14.59
N GLU H 77 -59.88 73.47 14.71
CA GLU H 77 -59.48 72.48 15.71
C GLU H 77 -58.09 71.94 15.42
N LEU H 78 -57.75 71.76 14.14
CA LEU H 78 -56.41 71.33 13.78
C LEU H 78 -55.36 72.34 14.20
N LEU H 79 -55.65 73.64 14.01
CA LEU H 79 -54.75 74.68 14.46
C LEU H 79 -54.65 74.73 15.98
N ARG H 80 -55.72 74.36 16.69
CA ARG H 80 -55.66 74.30 18.14
C ARG H 80 -54.83 73.14 18.65
N LEU H 81 -54.41 72.22 17.77
CA LEU H 81 -53.60 71.08 18.17
C LEU H 81 -52.14 71.50 18.29
N THR H 82 -51.53 71.15 19.42
CA THR H 82 -50.13 71.39 19.68
C THR H 82 -49.46 70.08 20.07
N GLN H 83 -48.20 70.18 20.49
CA GLN H 83 -47.49 69.00 20.99
C GLN H 83 -48.18 68.46 22.23
N GLY H 84 -48.50 67.17 22.21
CA GLY H 84 -49.22 66.54 23.30
C GLY H 84 -50.72 66.57 23.18
N SER H 85 -51.27 67.22 22.15
CA SER H 85 -52.71 67.28 21.96
C SER H 85 -53.27 65.89 21.66
N VAL H 86 -54.55 65.71 21.96
CA VAL H 86 -55.23 64.42 21.84
C VAL H 86 -56.33 64.54 20.80
N VAL H 87 -56.35 63.60 19.85
CA VAL H 87 -57.36 63.51 18.82
C VAL H 87 -58.00 62.14 18.89
N ALA H 88 -59.33 62.10 18.97
CA ALA H 88 -60.07 60.86 19.02
C ALA H 88 -60.42 60.39 17.61
N LEU H 89 -60.49 59.07 17.44
CA LEU H 89 -60.85 58.46 16.17
C LEU H 89 -62.24 57.86 16.24
N ASP H 90 -62.92 57.81 15.09
CA ASP H 90 -64.28 57.31 15.03
C ASP H 90 -64.37 55.80 15.23
N GLY H 91 -63.26 55.08 15.07
CA GLY H 91 -63.27 53.63 15.23
C GLY H 91 -63.11 53.23 16.69
N LEU H 92 -63.88 52.24 17.10
CA LEU H 92 -63.79 51.73 18.47
C LEU H 92 -62.47 50.99 18.66
N ALA H 93 -61.97 51.03 19.90
CA ALA H 93 -60.73 50.34 20.23
C ALA H 93 -60.91 48.84 20.07
N GLY H 94 -59.98 48.22 19.34
CA GLY H 94 -60.00 46.80 19.10
C GLY H 94 -60.62 46.37 17.79
N GLU H 95 -61.34 47.27 17.10
CA GLU H 95 -61.93 46.92 15.83
C GLU H 95 -60.82 46.69 14.79
N PRO H 96 -61.05 45.77 13.85
CA PRO H 96 -60.04 45.53 12.81
C PRO H 96 -59.78 46.78 11.98
N LEU H 97 -58.52 47.00 11.63
CA LEU H 97 -58.11 48.19 10.91
C LEU H 97 -58.24 47.99 9.41
N ASP H 98 -58.53 49.09 8.70
CA ASP H 98 -58.72 49.04 7.26
C ASP H 98 -57.40 48.75 6.56
N ILE H 99 -57.45 47.87 5.55
CA ILE H 99 -56.29 47.52 4.74
C ILE H 99 -56.53 48.05 3.34
N LEU H 100 -55.60 48.85 2.84
CA LEU H 100 -55.75 49.53 1.56
C LEU H 100 -54.59 49.18 0.63
N ILE H 101 -54.92 49.00 -0.65
CA ILE H 101 -53.93 48.81 -1.70
C ILE H 101 -53.99 50.03 -2.60
N ASN H 102 -52.92 50.82 -2.60
CA ASN H 102 -52.83 52.05 -3.37
C ASN H 102 -54.02 52.97 -3.08
N GLY H 103 -54.43 53.00 -1.81
CA GLY H 103 -55.55 53.80 -1.38
C GLY H 103 -56.92 53.17 -1.53
N TYR H 104 -56.99 51.92 -1.97
CA TYR H 104 -58.26 51.23 -2.18
C TYR H 104 -58.45 50.19 -1.08
N LEU H 105 -59.55 50.31 -0.33
CA LEU H 105 -59.83 49.40 0.77
C LEU H 105 -60.26 48.04 0.22
N ILE H 106 -59.52 46.99 0.58
CA ILE H 106 -59.84 45.64 0.13
C ILE H 106 -60.02 44.64 1.26
N ALA H 107 -59.57 44.93 2.48
CA ALA H 107 -59.67 43.96 3.57
C ALA H 107 -59.52 44.68 4.90
N GLN H 108 -59.69 43.91 5.97
CA GLN H 108 -59.55 44.41 7.34
C GLN H 108 -58.65 43.47 8.12
N GLY H 109 -57.90 44.02 9.07
CA GLY H 109 -56.95 43.23 9.83
C GLY H 109 -56.77 43.76 11.24
N GLU H 110 -56.09 42.95 12.05
CA GLU H 110 -55.85 43.23 13.46
C GLU H 110 -54.36 43.38 13.71
N VAL H 111 -54.02 44.26 14.64
CA VAL H 111 -52.62 44.60 14.92
C VAL H 111 -51.99 43.51 15.77
N VAL H 112 -50.82 43.02 15.34
CA VAL H 112 -50.03 42.08 16.12
C VAL H 112 -48.57 42.53 16.08
N VAL H 113 -47.80 42.01 17.03
CA VAL H 113 -46.37 42.30 17.14
C VAL H 113 -45.60 41.03 16.78
N VAL H 114 -44.69 41.15 15.82
CA VAL H 114 -43.96 40.00 15.29
C VAL H 114 -42.49 40.19 15.61
N ALA H 115 -42.05 39.63 16.74
CA ALA H 115 -40.65 39.42 17.09
C ALA H 115 -39.93 40.72 17.44
N ASP H 116 -40.59 41.87 17.21
CA ASP H 116 -40.12 43.23 17.41
C ASP H 116 -40.70 44.17 16.36
N LYS H 117 -41.64 43.66 15.55
CA LYS H 117 -42.21 44.43 14.46
C LYS H 117 -43.73 44.34 14.50
N TYR H 118 -44.38 45.43 14.10
CA TYR H 118 -45.83 45.43 13.99
C TYR H 118 -46.29 44.56 12.84
N GLY H 119 -47.46 43.94 13.01
CA GLY H 119 -48.04 43.10 11.98
C GLY H 119 -49.54 43.23 11.95
N VAL H 120 -50.11 42.89 10.80
CA VAL H 120 -51.55 42.94 10.59
C VAL H 120 -52.03 41.53 10.28
N ARG H 121 -52.98 41.05 11.09
CA ARG H 121 -53.54 39.72 10.90
C ARG H 121 -54.78 39.81 10.02
N ILE H 122 -54.71 39.18 8.84
CA ILE H 122 -55.84 39.23 7.91
C ILE H 122 -57.05 38.57 8.55
N THR H 123 -58.18 39.27 8.54
CA THR H 123 -59.40 38.78 9.15
C THR H 123 -60.50 38.51 8.14
N ASP H 124 -60.87 39.50 7.33
CA ASP H 124 -61.98 39.34 6.40
C ASP H 124 -61.82 40.31 5.24
N ILE H 125 -62.32 39.90 4.08
CA ILE H 125 -62.29 40.76 2.90
C ILE H 125 -63.30 41.89 3.06
N ILE H 126 -63.19 42.89 2.18
CA ILE H 126 -64.02 44.09 2.31
C ILE H 126 -65.50 43.74 2.12
N THR H 127 -65.81 43.03 1.03
CA THR H 127 -67.16 42.61 0.62
C THR H 127 -67.94 43.83 0.10
N PRO H 128 -68.98 43.69 -0.73
CA PRO H 128 -69.64 44.90 -1.25
C PRO H 128 -70.45 45.68 -0.21
N SER H 129 -71.23 45.00 0.61
CA SER H 129 -72.13 45.70 1.55
C SER H 129 -71.34 46.54 2.56
N GLU H 130 -70.34 45.95 3.21
CA GLU H 130 -69.53 46.69 4.20
C GLU H 130 -68.91 47.88 3.49
N ARG H 131 -68.48 47.67 2.26
CA ARG H 131 -67.83 48.75 1.48
C ARG H 131 -68.82 49.91 1.32
N MET H 132 -70.02 49.60 0.86
CA MET H 132 -71.02 50.67 0.61
C MET H 132 -71.32 51.36 1.93
N ARG H 133 -71.34 50.59 3.01
CA ARG H 133 -71.63 51.16 4.37
C ARG H 133 -70.55 52.17 4.72
N ARG H 134 -69.28 51.80 4.56
CA ARG H 134 -68.17 52.72 4.89
C ARG H 134 -68.31 53.95 4.00
N LEU H 135 -68.72 53.73 2.76
CA LEU H 135 -68.87 54.86 1.81
C LEU H 135 -69.89 55.84 2.39
N SER H 136 -71.08 55.34 2.72
CA SER H 136 -72.15 56.21 3.26
C SER H 136 -71.63 56.92 4.51
N ARG H 137 -70.84 56.20 5.32
CA ARG H 137 -70.24 56.80 6.53
C ARG H 137 -69.54 58.11 6.15
N MET I 532 -32.72 -56.78 11.14
CA MET I 532 -33.54 -55.62 10.80
C MET I 532 -34.97 -56.03 10.46
N SER I 533 -35.77 -56.25 11.50
CA SER I 533 -37.15 -56.70 11.34
C SER I 533 -38.04 -55.50 11.00
N GLN I 534 -39.36 -55.72 11.08
CA GLN I 534 -40.32 -54.67 10.76
C GLN I 534 -40.31 -53.53 11.77
N ARG I 535 -39.61 -53.69 12.89
CA ARG I 535 -39.57 -52.65 13.90
C ARG I 535 -39.01 -51.34 13.36
N ILE I 536 -38.05 -51.42 12.44
CA ILE I 536 -37.51 -50.20 11.83
C ILE I 536 -38.59 -49.46 11.07
N ARG I 537 -39.39 -50.18 10.28
CA ARG I 537 -40.47 -49.55 9.53
C ARG I 537 -41.55 -49.00 10.47
N GLU I 538 -41.87 -49.75 11.52
CA GLU I 538 -42.86 -49.28 12.48
C GLU I 538 -42.40 -48.01 13.18
N MET I 539 -41.12 -47.94 13.56
CA MET I 539 -40.60 -46.73 14.19
C MET I 539 -40.57 -45.56 13.22
N SER I 540 -40.38 -45.83 11.93
CA SER I 540 -40.36 -44.75 10.95
C SER I 540 -41.72 -44.09 10.78
N ASP I 541 -42.80 -44.77 11.15
CA ASP I 541 -44.15 -44.24 11.01
C ASP I 541 -44.63 -43.51 12.26
N ASN I 542 -43.79 -43.43 13.29
CA ASN I 542 -44.18 -42.72 14.51
C ASN I 542 -44.20 -41.22 14.28
N ASP I 543 -44.99 -40.53 15.10
CA ASP I 543 -45.10 -39.08 14.99
C ASP I 543 -43.76 -38.44 15.33
N PRO I 544 -43.32 -37.44 14.57
CA PRO I 544 -42.05 -36.78 14.91
C PRO I 544 -42.04 -36.14 16.29
N ARG I 545 -43.20 -35.70 16.79
CA ARG I 545 -43.26 -35.14 18.14
C ARG I 545 -42.93 -36.20 19.18
N VAL I 546 -43.38 -37.43 18.98
CA VAL I 546 -43.05 -38.52 19.89
C VAL I 546 -41.55 -38.77 19.91
N VAL I 547 -40.93 -38.79 18.73
CA VAL I 547 -39.48 -38.96 18.64
C VAL I 547 -38.76 -37.81 19.34
N ALA I 548 -39.25 -36.58 19.15
CA ALA I 548 -38.64 -35.43 19.80
C ALA I 548 -38.73 -35.53 21.32
N LEU I 549 -39.88 -35.97 21.83
CA LEU I 549 -40.04 -36.12 23.28
C LEU I 549 -39.14 -37.21 23.83
N VAL I 550 -38.99 -38.33 23.09
CA VAL I 550 -38.09 -39.39 23.51
C VAL I 550 -36.66 -38.87 23.55
N ILE I 551 -36.26 -38.12 22.53
CA ILE I 551 -34.92 -37.54 22.48
C ILE I 551 -34.71 -36.59 23.66
N ARG I 552 -35.71 -35.76 23.96
CA ARG I 552 -35.60 -34.82 25.06
C ARG I 552 -35.44 -35.54 26.39
N GLN I 553 -36.22 -36.60 26.61
CA GLN I 553 -36.10 -37.37 27.85
C GLN I 553 -34.73 -38.05 27.94
N TRP I 554 -34.26 -38.60 26.83
CA TRP I 554 -32.94 -39.24 26.82
C TRP I 554 -31.84 -38.25 27.15
N MET I 555 -31.91 -37.05 26.57
CA MET I 555 -30.91 -36.03 26.85
C MET I 555 -31.01 -35.53 28.29
N SER I 556 -32.22 -35.44 28.83
CA SER I 556 -32.39 -35.03 30.22
C SER I 556 -31.82 -36.06 31.18
N ASN I 557 -31.97 -37.35 30.86
CA ASN I 557 -31.44 -38.40 31.73
C ASN I 557 -29.92 -38.44 31.76
N ASP I 558 -29.25 -37.81 30.79
CA ASP I 558 -27.78 -37.83 30.77
C ASP I 558 -27.19 -37.09 31.96
N ILE J 5 -23.75 17.33 47.63
CA ILE J 5 -23.18 17.22 46.29
C ILE J 5 -22.92 18.63 45.77
N LEU J 6 -21.65 19.01 45.71
CA LEU J 6 -21.26 20.38 45.39
C LEU J 6 -21.23 20.58 43.88
N SER J 7 -21.81 21.69 43.43
CA SER J 7 -21.73 22.07 42.02
C SER J 7 -20.33 22.59 41.71
N GLN J 8 -20.07 22.80 40.41
CA GLN J 8 -18.75 23.24 39.98
C GLN J 8 -18.39 24.60 40.59
N ALA J 9 -19.36 25.52 40.63
CA ALA J 9 -19.11 26.83 41.23
C ALA J 9 -18.79 26.71 42.71
N GLU J 10 -19.52 25.84 43.42
CA GLU J 10 -19.25 25.63 44.84
C GLU J 10 -17.88 25.00 45.05
N ILE J 11 -17.49 24.07 44.18
CA ILE J 11 -16.15 23.48 44.26
C ILE J 11 -15.09 24.54 44.05
N ASP J 12 -15.28 25.41 43.06
CA ASP J 12 -14.32 26.49 42.83
C ASP J 12 -14.25 27.42 44.03
N ALA J 13 -15.39 27.75 44.63
CA ALA J 13 -15.40 28.63 45.79
C ALA J 13 -14.67 28.01 46.97
N LEU J 14 -14.86 26.70 47.20
CA LEU J 14 -14.19 26.04 48.31
C LEU J 14 -12.69 25.90 48.07
N LEU J 15 -12.30 25.55 46.84
CA LEU J 15 -10.89 25.40 46.53
C LEU J 15 -10.15 26.72 46.64
N ASN J 16 -10.76 27.81 46.17
CA ASN J 16 -10.14 29.13 46.22
C ASN J 16 -10.35 29.72 47.61
N ASP J 34 -20.52 49.29 16.59
CA ASP J 34 -21.34 48.42 15.76
C ASP J 34 -20.59 47.97 14.52
N ILE J 35 -19.28 48.25 14.48
CA ILE J 35 -18.43 47.91 13.35
C ILE J 35 -17.58 46.71 13.74
N ARG J 36 -17.68 45.64 12.97
CA ARG J 36 -16.92 44.43 13.23
C ARG J 36 -16.21 43.97 11.96
N PRO J 37 -14.97 43.50 12.08
CA PRO J 37 -14.28 42.97 10.89
C PRO J 37 -14.97 41.72 10.37
N TYR J 38 -14.89 41.53 9.06
CA TYR J 38 -15.55 40.41 8.40
C TYR J 38 -14.60 39.24 8.31
N ASP J 39 -14.99 38.10 8.88
CA ASP J 39 -14.23 36.87 8.76
C ASP J 39 -14.94 35.96 7.77
N PRO J 40 -14.35 35.66 6.61
CA PRO J 40 -15.03 34.80 5.63
C PRO J 40 -15.19 33.36 6.10
N ASN J 41 -14.67 32.99 7.26
CA ASN J 41 -14.83 31.65 7.81
C ASN J 41 -16.01 31.54 8.77
N THR J 42 -17.03 32.38 8.59
CA THR J 42 -18.17 32.41 9.50
C THR J 42 -19.47 31.93 8.88
N GLN J 43 -19.53 31.75 7.56
CA GLN J 43 -20.74 31.37 6.84
C GLN J 43 -21.96 32.10 7.39
N ARG J 44 -21.98 33.41 7.14
CA ARG J 44 -22.95 34.34 7.68
C ARG J 44 -24.39 34.12 7.14
N ARG J 45 -24.70 33.03 6.42
CA ARG J 45 -26.06 32.77 5.98
C ARG J 45 -26.91 32.29 7.15
N VAL J 46 -27.15 33.17 8.12
CA VAL J 46 -27.89 32.85 9.31
C VAL J 46 -29.30 33.40 9.18
N VAL J 47 -30.25 32.73 9.81
CA VAL J 47 -31.65 33.14 9.81
C VAL J 47 -31.88 33.98 11.05
N ARG J 48 -31.92 35.30 10.87
CA ARG J 48 -32.27 36.20 11.96
C ARG J 48 -33.77 36.25 12.22
N GLU J 49 -34.58 35.63 11.36
CA GLU J 49 -36.01 35.55 11.54
C GLU J 49 -36.36 34.36 12.44
N ARG J 50 -37.42 34.51 13.22
CA ARG J 50 -37.83 33.47 14.16
C ARG J 50 -38.45 32.31 13.42
N LEU J 51 -38.04 31.09 13.78
CA LEU J 51 -38.59 29.87 13.21
C LEU J 51 -39.76 29.38 14.06
N GLN J 52 -40.86 30.12 13.98
CA GLN J 52 -42.05 29.74 14.77
C GLN J 52 -42.45 28.32 14.40
N ALA J 53 -42.60 28.05 13.10
CA ALA J 53 -43.07 26.73 12.69
C ALA J 53 -42.25 25.62 13.34
N LEU J 54 -40.92 25.83 13.43
CA LEU J 54 -40.09 24.87 14.13
C LEU J 54 -40.46 24.77 15.60
N GLU J 55 -40.81 25.91 16.22
CA GLU J 55 -41.26 25.88 17.61
C GLU J 55 -42.53 25.06 17.76
N ILE J 56 -43.49 25.22 16.84
CA ILE J 56 -44.74 24.46 16.92
C ILE J 56 -44.45 22.97 16.73
N ILE J 57 -43.58 22.63 15.77
CA ILE J 57 -43.21 21.24 15.56
C ILE J 57 -42.57 20.65 16.81
N ASN J 58 -41.68 21.42 17.44
CA ASN J 58 -41.03 20.95 18.66
C ASN J 58 -42.03 20.76 19.79
N GLU J 59 -43.00 21.67 19.92
CA GLU J 59 -44.04 21.51 20.97
C GLU J 59 -44.83 20.24 20.69
N ARG J 60 -45.25 20.05 19.44
CA ARG J 60 -46.02 18.84 19.07
C ARG J 60 -45.16 17.61 19.35
N PHE J 61 -43.91 17.64 18.87
CA PHE J 61 -42.99 16.50 19.13
C PHE J 61 -42.92 16.28 20.63
N ALA J 62 -42.70 17.35 21.39
CA ALA J 62 -42.57 17.22 22.86
C ALA J 62 -43.78 16.47 23.42
N ARG J 63 -44.99 16.93 23.13
CA ARG J 63 -46.20 16.29 23.69
C ARG J 63 -46.26 14.81 23.26
N GLN J 64 -46.08 14.55 21.96
CA GLN J 64 -46.23 13.15 21.46
C GLN J 64 -45.23 12.25 22.20
N PHE J 65 -44.03 12.77 22.48
CA PHE J 65 -43.00 11.95 23.14
C PHE J 65 -43.36 11.77 24.62
N ARG J 66 -43.77 12.88 25.26
CA ARG J 66 -44.19 12.77 26.69
C ARG J 66 -45.13 11.58 26.80
N MET J 67 -46.14 11.53 25.94
CA MET J 67 -47.08 10.38 25.94
C MET J 67 -46.27 9.09 25.79
N GLY J 68 -45.43 9.00 24.74
CA GLY J 68 -44.69 7.77 24.53
C GLY J 68 -43.89 7.34 25.75
N LEU J 69 -43.24 8.30 26.41
CA LEU J 69 -42.48 8.00 27.63
C LEU J 69 -43.41 7.57 28.75
N PHE J 70 -44.59 8.18 28.85
CA PHE J 70 -45.55 7.75 29.85
C PHE J 70 -45.98 6.31 29.60
N ASN J 71 -46.22 5.96 28.34
CA ASN J 71 -46.58 4.58 28.01
C ASN J 71 -45.44 3.62 28.33
N LEU J 72 -44.21 4.00 28.00
CA LEU J 72 -43.08 3.08 28.14
C LEU J 72 -42.68 2.89 29.60
N LEU J 73 -42.56 3.97 30.35
CA LEU J 73 -41.98 3.94 31.69
C LEU J 73 -43.01 3.79 32.79
N ARG J 74 -44.30 3.78 32.47
CA ARG J 74 -45.40 3.72 33.43
C ARG J 74 -45.38 4.90 34.40
N ARG J 75 -44.64 5.96 34.09
CA ARG J 75 -44.56 7.15 34.90
C ARG J 75 -44.89 8.37 34.04
N SER J 76 -45.35 9.44 34.69
CA SER J 76 -45.74 10.65 33.98
C SER J 76 -44.53 11.55 33.83
N PRO J 77 -44.04 11.79 32.62
CA PRO J 77 -42.89 12.68 32.43
C PRO J 77 -43.31 14.10 32.12
N ASP J 78 -42.44 15.04 32.50
CA ASP J 78 -42.62 16.45 32.20
C ASP J 78 -41.51 16.88 31.26
N ILE J 79 -41.88 17.26 30.04
CA ILE J 79 -40.93 17.65 29.00
C ILE J 79 -41.10 19.14 28.73
N THR J 80 -40.02 19.89 28.86
CA THR J 80 -40.01 21.33 28.63
C THR J 80 -39.12 21.65 27.44
N VAL J 81 -39.66 22.42 26.50
CA VAL J 81 -38.91 22.78 25.29
C VAL J 81 -38.14 24.05 25.58
N GLY J 82 -36.81 23.99 25.40
CA GLY J 82 -35.98 25.16 25.58
C GLY J 82 -35.96 26.05 24.35
N ALA J 83 -35.25 27.17 24.47
CA ALA J 83 -35.11 28.10 23.36
C ALA J 83 -34.32 27.46 22.23
N ILE J 84 -34.72 27.76 20.99
CA ILE J 84 -34.07 27.21 19.80
C ILE J 84 -32.87 28.09 19.51
N ARG J 85 -31.74 27.76 20.12
CA ARG J 85 -30.51 28.52 19.91
C ARG J 85 -29.85 28.10 18.61
N ILE J 86 -29.39 29.09 17.85
CA ILE J 86 -28.68 28.87 16.59
C ILE J 86 -27.24 29.30 16.79
N GLN J 87 -26.31 28.40 16.51
CA GLN J 87 -24.89 28.63 16.79
C GLN J 87 -24.07 27.75 15.87
N PRO J 88 -22.80 28.08 15.67
CA PRO J 88 -21.94 27.23 14.82
C PRO J 88 -21.77 25.84 15.42
N TYR J 89 -21.44 24.88 14.54
CA TYR J 89 -21.36 23.48 14.95
C TYR J 89 -20.31 23.26 16.03
N HIS J 90 -19.17 23.94 15.92
CA HIS J 90 -18.10 23.73 16.90
C HIS J 90 -18.54 24.17 18.29
N GLU J 91 -19.29 25.27 18.38
CA GLU J 91 -19.82 25.70 19.67
C GLU J 91 -20.79 24.67 20.24
N PHE J 92 -21.64 24.09 19.39
CA PHE J 92 -22.55 23.06 19.84
C PHE J 92 -21.79 21.83 20.33
N ALA J 93 -20.74 21.43 19.59
CA ALA J 93 -19.93 20.30 20.03
C ALA J 93 -19.22 20.60 21.34
N ARG J 94 -18.74 21.84 21.51
CA ARG J 94 -18.00 22.21 22.70
C ARG J 94 -18.87 22.20 23.96
N ASN J 95 -20.19 22.33 23.81
CA ASN J 95 -21.10 22.39 24.95
C ASN J 95 -21.82 21.06 25.21
N LEU J 96 -21.38 19.98 24.56
CA LEU J 96 -21.98 18.68 24.78
C LEU J 96 -21.22 17.94 25.87
N PRO J 97 -21.87 17.56 26.97
CA PRO J 97 -21.17 16.79 28.00
C PRO J 97 -20.69 15.45 27.46
N VAL J 98 -19.53 15.02 27.94
CA VAL J 98 -18.95 13.76 27.50
C VAL J 98 -18.74 12.84 28.69
N PRO J 99 -18.96 11.52 28.55
CA PRO J 99 -19.45 10.82 27.35
C PRO J 99 -20.94 11.04 27.17
N THR J 100 -21.47 10.81 25.97
CA THR J 100 -22.89 11.00 25.72
C THR J 100 -23.32 10.06 24.60
N ASN J 101 -24.62 9.78 24.56
CA ASN J 101 -25.21 8.94 23.53
C ASN J 101 -25.59 9.80 22.33
N LEU J 102 -24.88 9.62 21.22
CA LEU J 102 -25.15 10.37 19.99
C LEU J 102 -25.75 9.43 18.96
N ASN J 103 -26.88 9.83 18.38
CA ASN J 103 -27.60 9.02 17.41
C ASN J 103 -27.74 9.81 16.12
N LEU J 104 -27.32 9.21 15.01
CA LEU J 104 -27.41 9.84 13.70
C LEU J 104 -28.72 9.44 13.02
N ILE J 105 -29.48 10.43 12.56
CA ILE J 105 -30.74 10.20 11.90
C ILE J 105 -30.75 10.92 10.56
N HIS J 106 -31.63 10.46 9.68
CA HIS J 106 -31.81 11.04 8.36
C HIS J 106 -33.25 11.52 8.22
N LEU J 107 -33.43 12.74 7.72
CA LEU J 107 -34.75 13.33 7.52
C LEU J 107 -35.02 13.35 6.01
N LYS J 108 -35.58 12.24 5.51
CA LYS J 108 -35.92 12.17 4.10
C LYS J 108 -37.13 13.06 3.81
N PRO J 109 -37.19 13.67 2.63
CA PRO J 109 -36.21 13.62 1.52
C PRO J 109 -35.12 14.68 1.64
N LEU J 110 -35.05 15.41 2.75
CA LEU J 110 -34.00 16.40 2.92
C LEU J 110 -32.64 15.73 2.99
N ARG J 111 -31.62 16.43 2.49
CA ARG J 111 -30.27 15.89 2.42
C ARG J 111 -29.47 16.32 3.63
N GLY J 112 -28.81 15.35 4.28
CA GLY J 112 -28.04 15.61 5.47
C GLY J 112 -28.26 14.55 6.53
N THR J 113 -27.56 14.68 7.66
CA THR J 113 -27.69 13.75 8.77
C THR J 113 -28.01 14.52 10.04
N GLY J 114 -29.10 14.15 10.70
CA GLY J 114 -29.50 14.77 11.94
C GLY J 114 -28.98 14.01 13.15
N LEU J 115 -28.93 14.70 14.28
CA LEU J 115 -28.42 14.14 15.52
C LEU J 115 -29.49 14.19 16.59
N VAL J 116 -29.68 13.07 17.28
CA VAL J 116 -30.51 12.98 18.47
C VAL J 116 -29.58 12.65 19.64
N VAL J 117 -29.42 13.60 20.54
CA VAL J 117 -28.46 13.48 21.63
C VAL J 117 -29.22 13.10 22.90
N PHE J 118 -28.86 11.96 23.48
CA PHE J 118 -29.43 11.51 24.74
C PHE J 118 -28.37 11.62 25.83
N SER J 119 -28.66 12.44 26.84
CA SER J 119 -27.73 12.60 27.94
C SER J 119 -27.68 11.32 28.78
N PRO J 120 -26.54 11.00 29.39
CA PRO J 120 -26.45 9.80 30.22
C PRO J 120 -27.42 9.81 31.38
N SER J 121 -27.74 10.99 31.93
CA SER J 121 -28.69 11.07 33.04
C SER J 121 -30.06 10.57 32.62
N LEU J 122 -30.52 11.00 31.45
CA LEU J 122 -31.83 10.54 30.96
C LEU J 122 -31.83 9.04 30.70
N VAL J 123 -30.75 8.51 30.14
CA VAL J 123 -30.66 7.08 29.89
C VAL J 123 -30.71 6.31 31.20
N PHE J 124 -29.97 6.79 32.22
CA PHE J 124 -29.98 6.12 33.51
C PHE J 124 -31.35 6.18 34.17
N ILE J 125 -32.04 7.32 34.05
CA ILE J 125 -33.38 7.44 34.61
C ILE J 125 -34.33 6.47 33.93
N ALA J 126 -34.24 6.36 32.59
CA ALA J 126 -35.10 5.44 31.87
C ALA J 126 -34.81 3.99 32.25
N VAL J 127 -33.53 3.64 32.39
CA VAL J 127 -33.16 2.29 32.81
C VAL J 127 -33.70 2.00 34.20
N ASP J 128 -33.58 2.98 35.11
CA ASP J 128 -34.11 2.81 36.46
C ASP J 128 -35.61 2.56 36.43
N ASN J 129 -36.35 3.39 35.68
CA ASN J 129 -37.80 3.24 35.64
C ASN J 129 -38.22 1.92 35.00
N LEU J 130 -37.52 1.50 33.93
CA LEU J 130 -37.90 0.27 33.25
C LEU J 130 -37.64 -0.96 34.11
N PHE J 131 -36.59 -0.96 34.91
CA PHE J 131 -36.17 -2.12 35.69
C PHE J 131 -36.49 -1.97 37.17
N GLY J 132 -37.60 -1.29 37.48
CA GLY J 132 -38.09 -1.24 38.84
C GLY J 132 -37.34 -0.34 39.79
N GLY J 133 -36.47 0.55 39.27
CA GLY J 133 -35.75 1.47 40.13
C GLY J 133 -36.64 2.41 40.89
N ASP J 134 -36.43 2.49 42.21
CA ASP J 134 -37.22 3.39 43.04
C ASP J 134 -36.95 4.86 42.74
N GLY J 135 -35.81 5.17 42.14
CA GLY J 135 -35.41 6.55 41.89
C GLY J 135 -34.76 7.24 43.08
N ARG J 136 -34.61 6.55 44.20
CA ARG J 136 -33.97 7.14 45.38
C ARG J 136 -32.45 7.07 45.32
N PHE J 137 -31.89 6.30 44.40
CA PHE J 137 -30.45 6.13 44.27
C PHE J 137 -30.03 6.47 42.85
N PRO J 138 -29.75 7.75 42.57
CA PRO J 138 -29.29 8.12 41.22
C PRO J 138 -27.95 7.46 40.90
N THR J 139 -27.78 7.13 39.63
CA THR J 139 -26.55 6.48 39.16
C THR J 139 -25.63 7.56 38.59
N LYS J 140 -24.42 7.64 39.15
CA LYS J 140 -23.45 8.62 38.72
C LYS J 140 -22.70 8.12 37.49
N VAL J 141 -22.51 8.99 36.51
CA VAL J 141 -21.88 8.60 35.25
C VAL J 141 -20.39 8.38 35.50
N GLU J 142 -19.92 7.17 35.22
CA GLU J 142 -18.49 6.84 35.49
C GLU J 142 -17.67 7.02 34.20
N GLY J 143 -18.32 7.35 33.09
CA GLY J 143 -17.61 7.46 31.84
C GLY J 143 -17.48 6.16 31.06
N ARG J 144 -18.23 5.13 31.45
CA ARG J 144 -18.17 3.84 30.79
C ARG J 144 -19.11 3.81 29.59
N GLU J 145 -18.85 2.85 28.70
CA GLU J 145 -19.72 2.63 27.56
C GLU J 145 -21.04 2.01 28.00
N PHE J 146 -22.11 2.34 27.27
CA PHE J 146 -23.42 1.77 27.56
C PHE J 146 -23.43 0.28 27.25
N THR J 147 -24.07 -0.49 28.13
CA THR J 147 -24.16 -1.93 27.95
C THR J 147 -25.19 -2.26 26.86
N HIS J 148 -25.24 -3.55 26.51
CA HIS J 148 -26.16 -3.99 25.45
C HIS J 148 -27.61 -3.79 25.86
N THR J 149 -27.96 -4.09 27.12
CA THR J 149 -29.31 -3.82 27.59
C THR J 149 -29.60 -2.32 27.59
N GLU J 150 -28.64 -1.51 28.05
CA GLU J 150 -28.80 -0.07 27.98
C GLU J 150 -28.90 0.39 26.53
N GLN J 151 -28.15 -0.24 25.64
CA GLN J 151 -28.24 0.09 24.22
C GLN J 151 -29.63 -0.20 23.67
N ARG J 152 -30.23 -1.33 24.09
CA ARG J 152 -31.57 -1.66 23.64
C ARG J 152 -32.59 -0.67 24.20
N VAL J 153 -32.43 -0.25 25.44
CA VAL J 153 -33.31 0.75 26.02
C VAL J 153 -33.20 2.06 25.23
N ILE J 154 -31.97 2.47 24.91
CA ILE J 154 -31.76 3.67 24.12
C ILE J 154 -32.40 3.52 22.74
N ASN J 155 -32.31 2.28 22.27
CA ASN J 155 -32.90 2.00 20.96
C ASN J 155 -34.39 2.32 21.04
N ARG J 156 -35.09 1.73 21.99
CA ARG J 156 -36.53 1.89 22.15
C ARG J 156 -36.90 3.37 22.32
N MET J 157 -36.15 4.07 23.16
CA MET J 157 -36.41 5.50 23.36
C MET J 157 -36.25 6.27 22.06
N LEU J 158 -35.20 5.96 21.29
CA LEU J 158 -34.95 6.64 20.03
C LEU J 158 -36.04 6.32 19.02
N LYS J 159 -36.53 5.09 18.98
CA LYS J 159 -37.62 4.75 18.09
C LYS J 159 -38.87 5.55 18.42
N LEU J 160 -39.20 5.65 19.72
CA LEU J 160 -40.34 6.45 20.12
C LEU J 160 -40.15 7.92 19.74
N ALA J 161 -38.94 8.46 19.97
CA ALA J 161 -38.67 9.85 19.66
C ALA J 161 -38.78 10.12 18.16
N LEU J 162 -38.25 9.21 17.33
CA LEU J 162 -38.32 9.38 15.89
C LEU J 162 -39.76 9.29 15.39
N GLU J 163 -40.54 8.36 15.95
CA GLU J 163 -41.96 8.31 15.58
C GLU J 163 -42.67 9.60 15.93
N GLY J 164 -42.43 10.12 17.14
CA GLY J 164 -43.05 11.38 17.52
C GLY J 164 -42.62 12.54 16.64
N TYR J 165 -41.34 12.60 16.30
CA TYR J 165 -40.83 13.67 15.45
C TYR J 165 -41.44 13.60 14.06
N SER J 166 -41.52 12.40 13.49
CA SER J 166 -42.12 12.23 12.17
C SER J 166 -43.59 12.61 12.18
N ASP J 167 -44.32 12.20 13.23
CA ASP J 167 -45.73 12.58 13.32
C ASP J 167 -45.88 14.10 13.47
N ALA J 168 -45.01 14.72 14.25
CA ALA J 168 -45.08 16.17 14.43
C ALA J 168 -44.81 16.92 13.13
N TRP J 169 -43.85 16.44 12.34
CA TRP J 169 -43.51 17.13 11.09
C TRP J 169 -44.58 16.97 10.01
N LYS J 170 -45.55 16.08 10.20
CA LYS J 170 -46.53 15.80 9.14
C LYS J 170 -47.35 17.04 8.80
N ALA J 171 -47.77 17.81 9.81
CA ALA J 171 -48.67 18.94 9.59
C ALA J 171 -48.08 20.01 8.70
N ILE J 172 -46.75 20.15 8.67
CA ILE J 172 -46.08 21.19 7.91
C ILE J 172 -45.41 20.63 6.66
N ASN J 173 -44.60 19.60 6.82
CA ASN J 173 -43.98 18.94 5.69
C ASN J 173 -43.72 17.48 6.00
N PRO J 174 -44.41 16.55 5.34
CA PRO J 174 -44.24 15.12 5.64
C PRO J 174 -42.80 14.68 5.39
N LEU J 175 -42.14 14.27 6.47
CA LEU J 175 -40.77 13.81 6.41
C LEU J 175 -40.66 12.44 7.06
N GLU J 176 -39.78 11.60 6.51
CA GLU J 176 -39.51 10.28 7.05
C GLU J 176 -38.20 10.31 7.81
N VAL J 177 -38.24 9.92 9.08
CA VAL J 177 -37.07 9.94 9.96
C VAL J 177 -36.53 8.52 10.05
N GLU J 178 -35.25 8.35 9.71
CA GLU J 178 -34.61 7.04 9.71
C GLU J 178 -33.33 7.11 10.53
N TYR J 179 -33.18 6.16 11.45
CA TYR J 179 -31.97 6.06 12.26
C TYR J 179 -30.84 5.42 11.46
N VAL J 180 -29.63 5.93 11.65
CA VAL J 180 -28.45 5.50 10.90
C VAL J 180 -27.50 4.67 11.76
N ARG J 181 -26.93 5.28 12.79
CA ARG J 181 -25.97 4.61 13.66
C ARG J 181 -25.81 5.42 14.93
N SER J 182 -25.17 4.81 15.92
CA SER J 182 -24.97 5.42 17.22
C SER J 182 -23.48 5.62 17.48
N GLU J 183 -23.15 6.75 18.10
CA GLU J 183 -21.76 7.08 18.42
C GLU J 183 -21.72 7.67 19.83
N MET J 184 -20.52 7.65 20.42
CA MET J 184 -20.31 8.18 21.76
C MET J 184 -19.47 9.44 21.79
N GLN J 185 -18.83 9.81 20.68
CA GLN J 185 -18.00 11.00 20.62
C GLN J 185 -18.42 11.86 19.44
N VAL J 186 -18.34 13.18 19.61
CA VAL J 186 -18.80 14.11 18.59
C VAL J 186 -17.94 14.04 17.33
N LYS J 187 -16.65 13.74 17.50
CA LYS J 187 -15.75 13.71 16.35
C LYS J 187 -16.18 12.70 15.30
N PHE J 188 -16.85 11.64 15.72
CA PHE J 188 -17.31 10.60 14.79
C PHE J 188 -18.61 10.94 14.10
N THR J 189 -19.31 11.99 14.53
CA THR J 189 -20.60 12.34 13.92
C THR J 189 -20.42 12.76 12.46
N ASN J 190 -19.53 13.71 12.21
CA ASN J 190 -19.24 14.20 10.86
C ASN J 190 -20.51 14.62 10.13
N ILE J 191 -21.40 15.31 10.84
CA ILE J 191 -22.65 15.76 10.25
C ILE J 191 -22.50 17.07 9.49
N THR J 192 -21.40 17.79 9.69
CA THR J 192 -21.17 19.06 9.02
C THR J 192 -19.85 19.02 8.27
N THR J 193 -19.81 19.73 7.14
CA THR J 193 -18.59 19.76 6.33
C THR J 193 -17.47 20.50 7.06
N SER J 194 -17.79 21.59 7.75
CA SER J 194 -16.81 22.41 8.44
C SER J 194 -17.23 22.64 9.88
N PRO J 195 -16.27 22.78 10.79
CA PRO J 195 -16.63 23.08 12.19
C PRO J 195 -17.35 24.40 12.37
N ASN J 196 -17.21 25.33 11.43
CA ASN J 196 -17.85 26.63 11.52
C ASN J 196 -19.25 26.66 10.90
N ASP J 197 -19.74 25.52 10.42
CA ASP J 197 -21.06 25.47 9.83
C ASP J 197 -22.14 25.77 10.85
N ILE J 198 -23.23 26.37 10.39
CA ILE J 198 -24.33 26.78 11.26
C ILE J 198 -25.31 25.63 11.39
N VAL J 199 -25.67 25.30 12.63
CA VAL J 199 -26.61 24.22 12.91
C VAL J 199 -27.71 24.75 13.82
N VAL J 200 -28.84 24.06 13.83
CA VAL J 200 -30.00 24.41 14.62
C VAL J 200 -30.16 23.33 15.69
N ASN J 201 -30.07 23.74 16.96
CA ASN J 201 -30.15 22.82 18.09
C ASN J 201 -31.36 23.21 18.95
N THR J 202 -32.15 22.21 19.33
CA THR J 202 -33.31 22.43 20.19
C THR J 202 -33.17 21.62 21.46
N PRO J 203 -32.75 22.21 22.58
CA PRO J 203 -32.63 21.45 23.82
C PRO J 203 -33.99 21.13 24.42
N PHE J 204 -34.06 19.98 25.09
CA PHE J 204 -35.26 19.54 25.79
C PHE J 204 -34.89 19.14 27.21
N HIS J 205 -35.75 19.48 28.16
CA HIS J 205 -35.60 19.09 29.55
C HIS J 205 -36.73 18.14 29.94
N VAL J 206 -36.36 16.99 30.48
CA VAL J 206 -37.33 15.96 30.88
C VAL J 206 -37.23 15.76 32.38
N GLU J 207 -38.37 15.86 33.08
CA GLU J 207 -38.44 15.66 34.51
C GLU J 207 -39.30 14.44 34.79
N ILE J 208 -38.74 13.49 35.54
CA ILE J 208 -39.44 12.27 35.92
C ILE J 208 -39.32 12.15 37.44
N GLY J 209 -40.43 12.39 38.14
CA GLY J 209 -40.37 12.40 39.60
C GLY J 209 -39.43 13.47 40.09
N ASN J 210 -38.49 13.08 40.96
CA ASN J 210 -37.45 13.97 41.44
C ASN J 210 -36.19 13.94 40.58
N LEU J 211 -36.20 13.15 39.50
CA LEU J 211 -35.06 13.02 38.62
C LEU J 211 -35.27 13.87 37.37
N THR J 212 -34.22 14.55 36.94
CA THR J 212 -34.27 15.45 35.80
C THR J 212 -33.33 14.95 34.71
N GLY J 213 -33.82 14.90 33.47
CA GLY J 213 -33.01 14.50 32.35
C GLY J 213 -33.17 15.47 31.20
N GLU J 214 -32.26 15.39 30.24
CA GLU J 214 -32.27 16.28 29.09
C GLU J 214 -31.87 15.51 27.84
N PHE J 215 -32.39 15.96 26.70
CA PHE J 215 -31.97 15.45 25.41
C PHE J 215 -32.07 16.58 24.39
N ASN J 216 -31.27 16.47 23.33
CA ASN J 216 -31.15 17.55 22.36
C ASN J 216 -31.38 17.01 20.95
N ILE J 217 -32.00 17.84 20.12
CA ILE J 217 -32.17 17.55 18.69
C ILE J 217 -31.45 18.64 17.91
N CYS J 218 -30.40 18.25 17.19
CA CYS J 218 -29.58 19.18 16.42
C CYS J 218 -29.73 18.89 14.94
N LEU J 219 -30.03 19.92 14.15
CA LEU J 219 -30.21 19.79 12.72
C LEU J 219 -29.36 20.83 12.02
N PRO J 220 -28.52 20.44 11.06
CA PRO J 220 -27.78 21.43 10.28
C PRO J 220 -28.72 22.33 9.51
N PHE J 221 -28.34 23.61 9.41
CA PHE J 221 -29.19 24.59 8.74
C PHE J 221 -29.33 24.28 7.24
N SER J 222 -28.27 23.74 6.63
CA SER J 222 -28.34 23.41 5.21
C SER J 222 -29.41 22.35 4.94
N MET J 223 -29.66 21.47 5.90
CA MET J 223 -30.72 20.47 5.74
C MET J 223 -32.08 21.14 5.64
N ILE J 224 -32.33 22.16 6.47
CA ILE J 224 -33.61 22.85 6.50
C ILE J 224 -33.60 24.14 5.70
N GLU J 225 -32.48 24.48 5.07
CA GLU J 225 -32.42 25.70 4.27
C GLU J 225 -33.45 25.75 3.14
N PRO J 226 -33.67 24.67 2.35
CA PRO J 226 -34.72 24.74 1.33
C PRO J 226 -36.10 25.05 1.90
N LEU J 227 -36.38 24.62 3.13
CA LEU J 227 -37.66 24.88 3.78
C LEU J 227 -37.65 26.14 4.62
N ARG J 228 -36.79 27.11 4.29
CA ARG J 228 -36.65 28.32 5.11
C ARG J 228 -37.96 29.09 5.18
N GLU J 229 -38.56 29.36 4.02
CA GLU J 229 -39.82 30.10 4.00
C GLU J 229 -40.93 29.33 4.70
N LEU J 230 -40.96 28.00 4.51
CA LEU J 230 -41.97 27.19 5.19
C LEU J 230 -41.81 27.24 6.70
N LEU J 231 -40.56 27.28 7.18
CA LEU J 231 -40.31 27.35 8.61
C LEU J 231 -40.57 28.74 9.18
N VAL J 232 -40.42 29.78 8.37
CA VAL J 232 -40.48 31.17 8.92
C VAL J 232 -41.80 31.47 9.63
N ASN J 233 -42.87 31.79 8.90
CA ASN J 233 -44.14 32.25 9.51
C ASN J 233 -44.73 31.19 10.45
N PRO J 234 -45.57 31.57 11.44
CA PRO J 234 -46.26 30.58 12.27
C PRO J 234 -47.56 30.18 11.56
N PRO J 235 -47.60 29.05 10.82
CA PRO J 235 -48.79 28.69 10.04
C PRO J 235 -49.59 27.47 10.49
N LEU J 236 -50.86 27.38 10.07
CA LEU J 236 -51.71 26.19 10.39
C LEU J 236 -53.17 26.49 10.04
N GLU J 237 -54.07 25.53 10.28
CA GLU J 237 -55.52 25.75 10.07
C GLU J 237 -55.81 26.45 8.74
N ASN J 238 -55.81 25.70 7.65
CA ASN J 238 -56.14 26.28 6.33
C ASN J 238 -57.40 25.60 5.77
N SER J 239 -57.44 25.38 4.46
CA SER J 239 -58.58 24.73 3.83
C SER J 239 -58.28 24.55 2.35
N ARG J 240 -59.23 23.96 1.64
CA ARG J 240 -59.11 23.73 0.20
C ARG J 240 -60.19 24.44 -0.61
N HIS J 241 -61.42 24.48 -0.11
CA HIS J 241 -62.51 25.20 -0.77
C HIS J 241 -62.77 26.56 -0.15
N GLU J 242 -62.73 26.66 1.18
CA GLU J 242 -62.85 27.95 1.83
C GLU J 242 -61.70 28.86 1.43
N ASP J 243 -60.47 28.31 1.44
CA ASP J 243 -59.32 29.08 0.98
C ASP J 243 -59.43 29.39 -0.51
N GLN J 244 -59.99 28.48 -1.30
CA GLN J 244 -60.20 28.75 -2.72
C GLN J 244 -61.10 29.96 -2.92
N ASN J 245 -62.25 29.99 -2.23
CA ASN J 245 -63.15 31.13 -2.35
C ASN J 245 -62.50 32.41 -1.83
N TRP J 246 -61.76 32.31 -0.73
CA TRP J 246 -61.08 33.47 -0.18
C TRP J 246 -60.09 34.05 -1.18
N ARG J 247 -59.28 33.17 -1.80
CA ARG J 247 -58.32 33.61 -2.80
C ARG J 247 -59.01 34.22 -4.02
N ASP J 248 -60.11 33.61 -4.47
CA ASP J 248 -60.82 34.14 -5.63
C ASP J 248 -61.36 35.53 -5.35
N ASN J 249 -61.98 35.72 -4.18
CA ASN J 249 -62.52 37.03 -3.84
C ASN J 249 -61.41 38.05 -3.65
N LEU J 250 -60.28 37.63 -3.05
CA LEU J 250 -59.15 38.55 -2.89
C LEU J 250 -58.60 38.98 -4.24
N VAL J 251 -58.50 38.04 -5.18
CA VAL J 251 -58.05 38.37 -6.54
C VAL J 251 -59.03 39.36 -7.18
N ARG J 252 -60.33 39.13 -7.00
CA ARG J 252 -61.32 40.04 -7.55
C ARG J 252 -61.16 41.45 -6.97
N GLN J 253 -60.92 41.54 -5.66
CA GLN J 253 -60.82 42.85 -5.02
C GLN J 253 -59.58 43.61 -5.49
N VAL J 254 -58.43 42.93 -5.61
CA VAL J 254 -57.19 43.59 -5.98
C VAL J 254 -57.26 44.15 -7.39
N GLN J 255 -58.07 43.56 -8.28
CA GLN J 255 -58.15 44.02 -9.65
C GLN J 255 -58.64 45.47 -9.78
N HIS J 256 -59.27 46.01 -8.74
CA HIS J 256 -59.76 47.38 -8.75
C HIS J 256 -58.69 48.40 -8.34
N SER J 257 -57.52 47.93 -7.91
CA SER J 257 -56.46 48.85 -7.50
C SER J 257 -55.87 49.57 -8.69
N GLU J 258 -55.41 50.80 -8.46
CA GLU J 258 -54.86 51.65 -9.50
C GLU J 258 -53.34 51.56 -9.52
N LEU J 259 -52.78 51.68 -10.73
CA LEU J 259 -51.34 51.70 -10.92
C LEU J 259 -50.97 52.88 -11.81
N GLU J 260 -49.73 53.35 -11.66
CA GLU J 260 -49.20 54.44 -12.46
C GLU J 260 -48.40 53.86 -13.62
N LEU J 261 -48.95 53.97 -14.82
CA LEU J 261 -48.29 53.49 -16.02
C LEU J 261 -47.38 54.56 -16.58
N VAL J 262 -46.09 54.25 -16.68
CA VAL J 262 -45.07 55.19 -17.13
C VAL J 262 -44.43 54.62 -18.39
N ALA J 263 -44.41 55.43 -19.46
CA ALA J 263 -43.80 55.05 -20.72
C ALA J 263 -42.57 55.92 -20.95
N ASN J 264 -41.43 55.28 -21.18
CA ASN J 264 -40.18 55.99 -21.42
C ASN J 264 -39.98 56.14 -22.92
N PHE J 265 -39.74 57.37 -23.38
CA PHE J 265 -39.53 57.61 -24.80
C PHE J 265 -38.26 56.95 -25.28
N ALA J 266 -37.15 57.17 -24.59
CA ALA J 266 -35.86 56.55 -24.89
C ALA J 266 -34.90 56.85 -23.76
N ASP J 267 -33.67 56.35 -23.90
CA ASP J 267 -32.62 56.55 -22.92
C ASP J 267 -31.39 57.14 -23.62
N ILE J 268 -30.75 58.10 -22.97
CA ILE J 268 -29.59 58.81 -23.52
C ILE J 268 -28.42 58.59 -22.59
N PRO J 269 -27.31 58.00 -23.05
CA PRO J 269 -26.11 57.90 -22.22
C PRO J 269 -25.29 59.19 -22.31
N LEU J 270 -25.10 59.84 -21.16
CA LEU J 270 -24.39 61.12 -21.10
C LEU J 270 -23.52 61.15 -19.86
N ARG J 271 -22.94 62.33 -19.60
CA ARG J 271 -22.13 62.57 -18.42
C ARG J 271 -22.68 63.76 -17.65
N LEU J 272 -22.30 63.85 -16.37
CA LEU J 272 -22.81 64.91 -15.52
C LEU J 272 -22.35 66.29 -15.97
N SER J 273 -21.16 66.38 -16.57
CA SER J 273 -20.68 67.66 -17.07
C SER J 273 -21.59 68.20 -18.17
N GLN J 274 -22.02 67.33 -19.08
CA GLN J 274 -22.94 67.76 -20.13
C GLN J 274 -24.27 68.22 -19.56
N ILE J 275 -24.69 67.65 -18.43
CA ILE J 275 -25.92 68.09 -17.77
C ILE J 275 -25.77 69.53 -17.29
N LEU J 276 -24.62 69.87 -16.71
CA LEU J 276 -24.38 71.22 -16.23
C LEU J 276 -24.33 72.23 -17.37
N LYS J 277 -24.05 71.79 -18.59
CA LYS J 277 -23.98 72.68 -19.74
C LYS J 277 -25.29 72.74 -20.52
N LEU J 278 -26.33 72.06 -20.05
CA LEU J 278 -27.62 72.12 -20.72
C LEU J 278 -28.24 73.50 -20.57
N LYS J 279 -28.70 74.07 -21.68
CA LYS J 279 -29.29 75.38 -21.72
C LYS J 279 -30.53 75.33 -22.60
N PRO J 280 -31.45 76.28 -22.44
CA PRO J 280 -32.63 76.31 -23.31
C PRO J 280 -32.24 76.33 -24.78
N GLY J 281 -32.83 75.41 -25.55
CA GLY J 281 -32.55 75.29 -26.95
C GLY J 281 -31.55 74.20 -27.32
N ASP J 282 -30.86 73.63 -26.34
CA ASP J 282 -29.89 72.58 -26.62
C ASP J 282 -30.61 71.31 -27.07
N VAL J 283 -30.11 70.70 -28.15
CA VAL J 283 -30.70 69.50 -28.73
C VAL J 283 -29.81 68.31 -28.42
N LEU J 284 -30.40 67.26 -27.87
CA LEU J 284 -29.67 66.04 -27.53
C LEU J 284 -30.07 64.92 -28.49
N PRO J 285 -29.13 64.37 -29.24
CA PRO J 285 -29.47 63.29 -30.18
C PRO J 285 -29.77 61.99 -29.46
N ILE J 286 -30.88 61.34 -29.83
CA ILE J 286 -31.30 60.07 -29.25
C ILE J 286 -31.63 59.12 -30.39
N GLU J 287 -31.49 57.83 -30.11
CA GLU J 287 -31.85 56.81 -31.08
C GLU J 287 -33.37 56.68 -31.15
N LYS J 288 -33.91 56.67 -32.36
CA LYS J 288 -35.35 56.56 -32.53
C LYS J 288 -35.82 55.15 -32.18
N PRO J 289 -36.70 54.99 -31.20
CA PRO J 289 -37.15 53.64 -30.82
C PRO J 289 -38.24 53.15 -31.76
N ASP J 290 -38.09 51.90 -32.22
CA ASP J 290 -39.15 51.29 -33.02
C ASP J 290 -40.38 50.99 -32.18
N ARG J 291 -40.20 50.70 -30.90
CA ARG J 291 -41.29 50.42 -29.99
C ARG J 291 -41.07 51.17 -28.70
N ILE J 292 -42.17 51.48 -28.01
CA ILE J 292 -42.14 52.17 -26.72
C ILE J 292 -42.49 51.17 -25.63
N ILE J 293 -41.63 51.08 -24.62
CA ILE J 293 -41.81 50.15 -23.52
C ILE J 293 -42.45 50.88 -22.36
N ALA J 294 -43.55 50.33 -21.85
CA ALA J 294 -44.28 50.91 -20.74
C ALA J 294 -43.86 50.22 -19.45
N HIS J 295 -43.49 51.02 -18.44
CA HIS J 295 -42.99 50.52 -17.17
C HIS J 295 -43.95 50.88 -16.05
N VAL J 296 -44.21 49.90 -15.17
CA VAL J 296 -45.02 50.12 -13.98
C VAL J 296 -44.08 50.06 -12.79
N ASP J 297 -43.87 51.21 -12.15
CA ASP J 297 -42.93 51.34 -11.03
C ASP J 297 -41.54 50.85 -11.43
N GLY J 298 -41.14 51.12 -12.68
CA GLY J 298 -39.87 50.69 -13.20
C GLY J 298 -39.85 49.30 -13.78
N VAL J 299 -40.96 48.56 -13.70
CA VAL J 299 -41.04 47.21 -14.23
C VAL J 299 -41.76 47.26 -15.58
N PRO J 300 -41.10 46.91 -16.68
CA PRO J 300 -41.78 46.90 -17.97
C PRO J 300 -42.91 45.89 -18.00
N VAL J 301 -44.01 46.25 -18.68
CA VAL J 301 -45.17 45.39 -18.73
C VAL J 301 -45.59 45.10 -20.17
N LEU J 302 -45.24 46.00 -21.08
CA LEU J 302 -45.68 45.85 -22.47
C LEU J 302 -44.85 46.74 -23.37
N THR J 303 -44.89 46.43 -24.66
CA THR J 303 -44.29 47.24 -25.72
C THR J 303 -45.37 47.75 -26.65
N SER J 304 -45.24 49.00 -27.09
CA SER J 304 -46.30 49.64 -27.86
C SER J 304 -45.73 50.73 -28.74
N GLN J 305 -46.53 51.17 -29.71
CA GLN J 305 -46.21 52.33 -30.52
C GLN J 305 -46.95 53.55 -29.99
N TYR J 306 -46.32 54.72 -30.13
CA TYR J 306 -46.87 55.95 -29.61
C TYR J 306 -47.65 56.69 -30.70
N GLY J 307 -48.68 57.41 -30.26
CA GLY J 307 -49.50 58.15 -31.19
C GLY J 307 -50.31 59.21 -30.47
N THR J 308 -51.19 59.87 -31.22
CA THR J 308 -52.03 60.93 -30.69
C THR J 308 -53.49 60.60 -30.98
N VAL J 309 -54.30 60.56 -29.93
CA VAL J 309 -55.74 60.31 -30.04
C VAL J 309 -56.48 61.33 -29.19
N ASN J 310 -57.44 62.03 -29.81
CA ASN J 310 -58.28 63.02 -29.13
C ASN J 310 -57.44 64.12 -28.47
N GLY J 311 -56.38 64.53 -29.17
CA GLY J 311 -55.54 65.60 -28.68
C GLY J 311 -54.60 65.22 -27.55
N GLN J 312 -54.44 63.93 -27.26
CA GLN J 312 -53.55 63.46 -26.22
C GLN J 312 -52.67 62.34 -26.77
N TYR J 313 -51.46 62.24 -26.21
CA TYR J 313 -50.57 61.15 -26.60
C TYR J 313 -51.16 59.80 -26.25
N ALA J 314 -51.12 58.87 -27.20
CA ALA J 314 -51.71 57.55 -27.04
C ALA J 314 -50.71 56.48 -27.39
N LEU J 315 -50.85 55.32 -26.75
CA LEU J 315 -50.00 54.17 -26.98
C LEU J 315 -50.83 53.04 -27.58
N ARG J 316 -50.36 52.50 -28.70
CA ARG J 316 -51.03 51.38 -29.36
C ARG J 316 -50.30 50.09 -28.97
N VAL J 317 -50.93 49.30 -28.10
CA VAL J 317 -50.28 48.12 -27.55
C VAL J 317 -49.99 47.12 -28.66
N GLU J 318 -48.77 46.58 -28.65
CA GLU J 318 -48.37 45.54 -29.59
C GLU J 318 -48.22 44.18 -28.93
N HIS J 319 -47.47 44.09 -27.84
CA HIS J 319 -47.23 42.83 -27.16
C HIS J 319 -47.25 43.05 -25.65
N LEU J 320 -47.65 42.02 -24.93
CA LEU J 320 -47.62 42.01 -23.47
C LEU J 320 -46.48 41.13 -22.99
N ILE J 321 -45.68 41.66 -22.06
CA ILE J 321 -44.46 40.99 -21.60
C ILE J 321 -44.89 39.79 -20.75
N ASN J 322 -44.61 38.59 -21.25
CA ASN J 322 -44.93 37.36 -20.54
C ASN J 322 -43.69 36.77 -19.90
N LEU K 4 -24.07 -46.14 26.50
CA LEU K 4 -24.40 -45.06 25.59
C LEU K 4 -25.24 -44.02 26.30
N SER K 5 -24.87 -42.75 26.17
CA SER K 5 -25.67 -41.68 26.73
C SER K 5 -26.97 -41.50 25.93
N GLY K 6 -27.91 -40.77 26.53
CA GLY K 6 -29.15 -40.49 25.84
C GLY K 6 -28.94 -39.71 24.55
N THR K 7 -27.95 -38.82 24.54
CA THR K 7 -27.62 -38.10 23.31
C THR K 7 -27.16 -39.05 22.22
N ASP K 8 -26.33 -40.05 22.57
CA ASP K 8 -25.88 -41.02 21.58
C ASP K 8 -27.03 -41.85 21.05
N LYS K 9 -27.94 -42.29 21.93
CA LYS K 9 -29.10 -43.05 21.49
C LYS K 9 -29.99 -42.23 20.58
N SER K 10 -30.21 -40.95 20.93
CA SER K 10 -31.00 -40.07 20.08
C SER K 10 -30.33 -39.87 18.73
N VAL K 11 -29.01 -39.73 18.71
CA VAL K 11 -28.29 -39.56 17.45
C VAL K 11 -28.44 -40.79 16.57
N ILE K 12 -28.29 -41.98 17.17
CA ILE K 12 -28.46 -43.22 16.41
C ILE K 12 -29.88 -43.31 15.86
N LEU K 13 -30.86 -42.97 16.69
CA LEU K 13 -32.26 -42.99 16.25
C LEU K 13 -32.48 -42.05 15.08
N LEU K 14 -31.93 -40.84 15.15
CA LEU K 14 -32.07 -39.88 14.05
C LEU K 14 -31.38 -40.37 12.79
N MET K 15 -30.20 -40.99 12.93
CA MET K 15 -29.49 -41.51 11.78
C MET K 15 -30.21 -42.68 11.13
N THR K 16 -30.97 -43.46 11.90
CA THR K 16 -31.61 -44.67 11.39
C THR K 16 -33.06 -44.46 10.96
N ILE K 17 -33.59 -43.24 11.03
CA ILE K 17 -34.97 -43.01 10.61
C ILE K 17 -35.07 -42.28 9.27
N GLY K 18 -33.95 -41.87 8.69
CA GLY K 18 -33.98 -41.15 7.43
C GLY K 18 -33.82 -39.66 7.61
N GLU K 19 -33.37 -39.00 6.54
CA GLU K 19 -33.09 -37.57 6.62
C GLU K 19 -34.36 -36.75 6.77
N ASP K 20 -35.42 -37.11 6.05
CA ASP K 20 -36.67 -36.36 6.15
C ASP K 20 -37.28 -36.46 7.54
N ARG K 21 -37.31 -37.68 8.09
CA ARG K 21 -37.87 -37.87 9.43
C ARG K 21 -37.05 -37.15 10.48
N ALA K 22 -35.71 -37.21 10.36
CA ALA K 22 -34.85 -36.52 11.31
C ALA K 22 -35.05 -35.01 11.22
N ALA K 23 -35.19 -34.47 10.01
CA ALA K 23 -35.46 -33.05 9.85
C ALA K 23 -36.80 -32.67 10.47
N GLU K 24 -37.82 -33.51 10.28
CA GLU K 24 -39.12 -33.24 10.89
C GLU K 24 -39.03 -33.25 12.41
N VAL K 25 -38.24 -34.16 12.97
CA VAL K 25 -38.06 -34.22 14.42
C VAL K 25 -37.36 -32.96 14.92
N PHE K 26 -36.37 -32.47 14.16
CA PHE K 26 -35.64 -31.27 14.58
C PHE K 26 -36.56 -30.05 14.69
N LYS K 27 -37.64 -30.01 13.90
CA LYS K 27 -38.57 -28.90 13.97
C LYS K 27 -39.31 -28.83 15.30
N HIS K 28 -39.36 -29.92 16.04
CA HIS K 28 -40.02 -29.97 17.35
C HIS K 28 -39.02 -29.92 18.50
N LEU K 29 -37.76 -29.59 18.24
CA LEU K 29 -36.73 -29.53 19.25
C LEU K 29 -36.19 -28.11 19.38
N SER K 30 -35.72 -27.78 20.58
CA SER K 30 -35.18 -26.45 20.83
C SER K 30 -33.83 -26.29 20.13
N THR K 31 -33.37 -25.04 20.05
CA THR K 31 -32.12 -24.73 19.37
C THR K 31 -30.94 -25.42 20.06
N ARG K 32 -30.93 -25.42 21.39
CA ARG K 32 -29.83 -26.06 22.12
C ARG K 32 -29.80 -27.56 21.84
N GLU K 33 -30.96 -28.21 21.87
CA GLU K 33 -31.01 -29.64 21.59
C GLU K 33 -30.57 -29.96 20.17
N VAL K 34 -31.02 -29.15 19.20
CA VAL K 34 -30.64 -29.37 17.81
C VAL K 34 -29.13 -29.20 17.64
N GLN K 35 -28.56 -28.16 18.25
CA GLN K 35 -27.12 -27.95 18.17
C GLN K 35 -26.34 -29.10 18.80
N ALA K 36 -26.79 -29.55 19.97
CA ALA K 36 -26.11 -30.66 20.64
C ALA K 36 -26.17 -31.94 19.81
N LEU K 37 -27.34 -32.24 19.24
CA LEU K 37 -27.48 -33.43 18.41
C LEU K 37 -26.62 -33.33 17.15
N SER K 38 -26.59 -32.16 16.52
CA SER K 38 -25.77 -31.97 15.33
C SER K 38 -24.29 -32.15 15.65
N THR K 39 -23.85 -31.61 16.79
CA THR K 39 -22.46 -31.81 17.21
C THR K 39 -22.18 -33.28 17.46
N ALA K 40 -23.10 -33.98 18.13
CA ALA K 40 -22.91 -35.40 18.39
C ALA K 40 -23.00 -36.23 17.11
N MET K 41 -23.91 -35.86 16.20
CA MET K 41 -23.99 -36.55 14.92
C MET K 41 -22.73 -36.38 14.10
N ALA K 42 -21.98 -35.29 14.34
CA ALA K 42 -20.78 -35.02 13.56
C ALA K 42 -19.68 -36.04 13.82
N ASN K 43 -19.55 -36.52 15.05
CA ASN K 43 -18.45 -37.39 15.46
C ASN K 43 -18.78 -38.86 15.36
N VAL K 44 -19.92 -39.21 14.78
CA VAL K 44 -20.32 -40.61 14.66
C VAL K 44 -19.49 -41.28 13.58
N ARG K 45 -18.86 -42.40 13.94
CA ARG K 45 -18.03 -43.16 13.00
C ARG K 45 -18.58 -44.54 12.68
N GLN K 46 -19.27 -45.18 13.62
CA GLN K 46 -19.87 -46.49 13.36
C GLN K 46 -20.94 -46.77 14.41
N ILE K 47 -21.98 -47.49 13.99
CA ILE K 47 -23.05 -47.93 14.87
C ILE K 47 -23.20 -49.43 14.73
N SER K 48 -22.91 -50.16 15.80
CA SER K 48 -22.87 -51.62 15.75
C SER K 48 -24.29 -52.20 15.83
N ASN K 49 -24.36 -53.53 15.77
CA ASN K 49 -25.66 -54.20 15.80
C ASN K 49 -26.36 -53.99 17.14
N LYS K 50 -25.63 -54.12 18.25
CA LYS K 50 -26.23 -53.86 19.55
C LYS K 50 -26.62 -52.39 19.69
N GLN K 51 -25.75 -51.47 19.26
CA GLN K 51 -26.04 -50.05 19.34
C GLN K 51 -27.27 -49.66 18.51
N LEU K 52 -27.67 -50.51 17.57
CA LEU K 52 -28.90 -50.29 16.82
C LEU K 52 -30.10 -50.95 17.49
N THR K 53 -30.00 -52.25 17.77
CA THR K 53 -31.14 -53.00 18.29
C THR K 53 -31.55 -52.51 19.68
N ASP K 54 -30.59 -52.31 20.58
CA ASP K 54 -30.92 -51.83 21.92
C ASP K 54 -31.54 -50.44 21.87
N VAL K 55 -31.01 -49.57 20.99
CA VAL K 55 -31.56 -48.24 20.86
C VAL K 55 -33.00 -48.29 20.35
N LEU K 56 -33.26 -49.14 19.35
CA LEU K 56 -34.62 -49.25 18.83
C LEU K 56 -35.58 -49.77 19.90
N SER K 57 -35.16 -50.81 20.64
CA SER K 57 -36.01 -51.35 21.68
C SER K 57 -36.28 -50.34 22.78
N GLU K 58 -35.24 -49.59 23.18
CA GLU K 58 -35.41 -48.56 24.20
C GLU K 58 -36.31 -47.44 23.69
N PHE K 59 -36.21 -47.09 22.41
CA PHE K 59 -37.12 -46.08 21.85
C PHE K 59 -38.56 -46.56 21.89
N GLU K 60 -38.80 -47.83 21.56
CA GLU K 60 -40.15 -48.36 21.63
C GLU K 60 -40.67 -48.34 23.06
N GLN K 61 -39.84 -48.77 24.01
CA GLN K 61 -40.26 -48.79 25.41
C GLN K 61 -40.48 -47.37 25.94
N GLU K 62 -39.71 -46.39 25.44
CA GLU K 62 -39.91 -45.01 25.87
C GLU K 62 -41.17 -44.41 25.26
N ALA K 63 -41.43 -44.71 23.98
CA ALA K 63 -42.68 -44.26 23.35
C ALA K 63 -43.89 -44.84 24.05
N GLU K 64 -43.79 -46.08 24.54
CA GLU K 64 -44.86 -46.63 25.37
C GLU K 64 -44.83 -46.10 26.79
N GLN K 65 -43.68 -45.58 27.24
CA GLN K 65 -43.57 -45.07 28.61
C GLN K 65 -44.51 -43.88 28.82
N PHE K 66 -44.44 -42.89 27.94
CA PHE K 66 -45.37 -41.77 27.97
C PHE K 66 -46.48 -41.90 26.95
N ALA K 67 -46.60 -43.06 26.29
CA ALA K 67 -47.75 -43.41 25.45
C ALA K 67 -47.99 -42.37 24.35
N ALA K 68 -46.91 -41.89 23.76
CA ALA K 68 -46.95 -40.95 22.63
C ALA K 68 -47.85 -39.77 23.01
N LEU K 69 -48.85 -39.42 22.19
CA LEU K 69 -49.78 -38.33 22.47
C LEU K 69 -49.00 -37.01 22.53
N ASN K 70 -49.48 -36.06 23.33
CA ASN K 70 -48.86 -34.74 23.51
C ASN K 70 -48.74 -34.01 22.17
N ILE K 71 -49.92 -33.68 21.63
CA ILE K 71 -49.99 -32.82 20.47
C ILE K 71 -49.27 -31.50 20.78
N ASN K 72 -48.68 -30.91 19.75
CA ASN K 72 -47.90 -29.68 19.89
C ASN K 72 -48.66 -28.64 20.71
N ALA K 73 -48.10 -28.29 21.86
CA ALA K 73 -48.82 -27.44 22.81
C ALA K 73 -49.05 -26.04 22.27
N ASN K 74 -48.03 -25.45 21.64
CA ASN K 74 -48.14 -24.06 21.20
C ASN K 74 -49.20 -23.89 20.12
N GLU K 75 -49.13 -24.70 19.06
CA GLU K 75 -50.09 -24.57 17.97
C GLU K 75 -51.51 -24.89 18.42
N TYR K 76 -51.66 -25.96 19.20
CA TYR K 76 -52.99 -26.34 19.69
C TYR K 76 -53.57 -25.25 20.58
N LEU K 77 -52.77 -24.71 21.50
CA LEU K 77 -53.24 -23.65 22.38
C LEU K 77 -53.62 -22.41 21.59
N ARG K 78 -52.79 -22.03 20.61
CA ARG K 78 -53.10 -20.86 19.79
C ARG K 78 -54.41 -21.06 19.02
N SER K 79 -54.59 -22.24 18.43
CA SER K 79 -55.82 -22.51 17.69
C SER K 79 -57.04 -22.47 18.60
N VAL K 80 -56.93 -23.07 19.79
CA VAL K 80 -58.05 -23.08 20.72
C VAL K 80 -58.39 -21.67 21.18
N LEU K 81 -57.37 -20.87 21.49
CA LEU K 81 -57.62 -19.49 21.91
C LEU K 81 -58.24 -18.67 20.80
N VAL K 82 -57.78 -18.84 19.56
CA VAL K 82 -58.33 -18.09 18.44
C VAL K 82 -59.79 -18.48 18.20
N LYS K 83 -60.08 -19.78 18.22
CA LYS K 83 -61.46 -20.22 17.95
C LYS K 83 -62.40 -19.84 19.09
N ALA K 84 -61.92 -19.89 20.34
CA ALA K 84 -62.76 -19.57 21.48
C ALA K 84 -62.86 -18.07 21.71
N LEU K 85 -61.74 -17.36 21.60
CA LEU K 85 -61.72 -15.93 21.85
C LEU K 85 -61.54 -15.15 20.56
N ASP K 96 -46.47 -15.07 27.71
CA ASP K 96 -46.00 -16.20 28.50
C ASP K 96 -45.67 -17.40 27.62
N ILE K 97 -46.24 -18.56 27.97
CA ILE K 97 -46.07 -19.80 27.21
C ILE K 97 -44.59 -20.12 27.11
N LEU K 98 -44.12 -20.38 25.87
CA LEU K 98 -42.71 -20.73 25.67
C LEU K 98 -41.79 -19.58 26.04
N GLU K 99 -42.25 -18.33 25.90
CA GLU K 99 -41.45 -17.21 26.36
C GLU K 99 -41.25 -17.26 27.88
N THR K 100 -42.31 -17.58 28.62
CA THR K 100 -42.17 -17.76 30.07
C THR K 100 -41.24 -18.92 30.40
N ARG K 101 -41.35 -20.02 29.66
CA ARG K 101 -40.46 -21.15 29.91
C ARG K 101 -39.01 -20.78 29.63
N ASP K 102 -38.76 -20.01 28.57
CA ASP K 102 -37.41 -19.58 28.26
C ASP K 102 -36.87 -18.62 29.31
N THR K 103 -37.72 -17.72 29.83
CA THR K 103 -37.28 -16.85 30.92
C THR K 103 -36.94 -17.66 32.17
N THR K 104 -37.75 -18.68 32.47
CA THR K 104 -37.44 -19.55 33.61
C THR K 104 -36.13 -20.28 33.40
N SER K 105 -35.88 -20.77 32.18
CA SER K 105 -34.62 -21.44 31.88
C SER K 105 -33.44 -20.49 32.03
N GLY K 106 -33.60 -19.25 31.56
CA GLY K 106 -32.54 -18.26 31.75
C GLY K 106 -32.30 -17.95 33.21
N ILE K 107 -33.37 -17.94 34.02
CA ILE K 107 -33.21 -17.82 35.46
C ILE K 107 -32.38 -18.98 36.00
N GLU K 108 -32.69 -20.20 35.52
CA GLU K 108 -31.89 -21.36 35.91
C GLU K 108 -30.46 -21.23 35.41
N THR K 109 -30.28 -20.73 34.18
CA THR K 109 -28.94 -20.61 33.61
C THR K 109 -28.09 -19.61 34.39
N LEU K 110 -28.70 -18.58 34.97
CA LEU K 110 -28.00 -17.59 35.78
C LEU K 110 -27.78 -18.03 37.21
N ASN K 111 -27.94 -19.32 37.50
CA ASN K 111 -27.69 -19.87 38.82
C ASN K 111 -26.71 -21.03 38.82
N PHE K 112 -26.53 -21.73 37.70
CA PHE K 112 -25.58 -22.83 37.60
C PHE K 112 -24.17 -22.37 37.28
N MET K 113 -23.98 -21.11 36.91
CA MET K 113 -22.66 -20.59 36.58
C MET K 113 -21.85 -20.32 37.84
N GLU K 114 -20.54 -20.19 37.65
CA GLU K 114 -19.68 -19.81 38.76
C GLU K 114 -20.01 -18.39 39.20
N PRO K 115 -20.01 -18.11 40.50
CA PRO K 115 -20.29 -16.73 40.96
C PRO K 115 -19.35 -15.70 40.36
N GLN K 116 -18.07 -16.05 40.19
CA GLN K 116 -17.12 -15.09 39.61
C GLN K 116 -17.47 -14.77 38.18
N SER K 117 -17.82 -15.79 37.38
CA SER K 117 -18.15 -15.57 35.98
C SER K 117 -19.38 -14.67 35.84
N ALA K 118 -20.43 -14.96 36.59
CA ALA K 118 -21.64 -14.14 36.54
C ALA K 118 -21.38 -12.73 37.03
N ALA K 119 -20.59 -12.59 38.11
CA ALA K 119 -20.27 -11.27 38.63
C ALA K 119 -19.51 -10.43 37.61
N ASP K 120 -18.52 -11.05 36.95
CA ASP K 120 -17.81 -10.34 35.89
C ASP K 120 -18.72 -10.02 34.71
N LEU K 121 -19.68 -10.90 34.43
CA LEU K 121 -20.61 -10.67 33.33
C LEU K 121 -21.50 -9.45 33.62
N ILE K 122 -21.94 -9.30 34.86
CA ILE K 122 -22.89 -8.26 35.22
C ILE K 122 -22.24 -7.13 36.03
N ARG K 123 -20.90 -7.11 36.11
CA ARG K 123 -20.24 -6.06 36.88
C ARG K 123 -20.45 -4.69 36.26
N ASP K 124 -20.37 -4.60 34.93
CA ASP K 124 -20.47 -3.32 34.23
C ASP K 124 -21.90 -2.91 33.93
N GLU K 125 -22.89 -3.74 34.29
CA GLU K 125 -24.27 -3.37 34.06
C GLU K 125 -24.72 -2.29 35.03
N HIS K 126 -25.86 -1.68 34.70
CA HIS K 126 -26.43 -0.66 35.56
C HIS K 126 -26.80 -1.27 36.92
N PRO K 127 -26.58 -0.56 38.02
CA PRO K 127 -26.89 -1.15 39.34
C PRO K 127 -28.33 -1.60 39.47
N GLN K 128 -29.28 -0.87 38.88
CA GLN K 128 -30.66 -1.33 38.91
C GLN K 128 -30.83 -2.62 38.11
N ILE K 129 -30.14 -2.75 36.98
CA ILE K 129 -30.18 -3.99 36.22
C ILE K 129 -29.61 -5.14 37.03
N ILE K 130 -28.49 -4.90 37.73
CA ILE K 130 -27.88 -5.93 38.56
C ILE K 130 -28.84 -6.35 39.65
N ALA K 131 -29.50 -5.38 40.30
CA ALA K 131 -30.46 -5.70 41.35
C ALA K 131 -31.64 -6.50 40.79
N THR K 132 -32.13 -6.11 39.61
CA THR K 132 -33.26 -6.82 39.01
C THR K 132 -32.88 -8.25 38.68
N ILE K 133 -31.68 -8.47 38.15
CA ILE K 133 -31.24 -9.83 37.83
C ILE K 133 -31.16 -10.67 39.11
N LEU K 134 -30.57 -10.12 40.17
CA LEU K 134 -30.35 -10.89 41.38
C LEU K 134 -31.65 -11.22 42.11
N VAL K 135 -32.69 -10.40 41.92
CA VAL K 135 -33.97 -10.68 42.56
C VAL K 135 -34.54 -12.00 42.07
N HIS K 136 -34.43 -12.27 40.77
CA HIS K 136 -34.95 -13.49 40.17
C HIS K 136 -34.03 -14.69 40.37
N LEU K 137 -32.84 -14.49 40.95
CA LEU K 137 -31.90 -15.58 41.15
C LEU K 137 -32.09 -16.24 42.50
N LYS K 138 -31.42 -17.37 42.69
CA LYS K 138 -31.43 -18.05 43.98
C LYS K 138 -30.72 -17.18 45.02
N ARG K 139 -31.11 -17.37 46.28
CA ARG K 139 -30.54 -16.57 47.35
C ARG K 139 -29.04 -16.79 47.47
N SER K 140 -28.59 -18.06 47.40
CA SER K 140 -27.18 -18.36 47.55
C SER K 140 -26.36 -17.82 46.39
N GLN K 141 -26.83 -17.98 45.15
CA GLN K 141 -26.09 -17.50 44.00
C GLN K 141 -25.97 -15.98 44.02
N ALA K 142 -27.07 -15.28 44.30
CA ALA K 142 -27.02 -13.83 44.40
C ALA K 142 -26.14 -13.36 45.55
N ALA K 143 -26.16 -14.11 46.66
CA ALA K 143 -25.28 -13.80 47.78
C ALA K 143 -23.82 -13.91 47.38
N ASP K 144 -23.48 -14.97 46.66
CA ASP K 144 -22.09 -15.16 46.22
C ASP K 144 -21.68 -14.09 45.22
N ILE K 145 -22.58 -13.72 44.30
CA ILE K 145 -22.26 -12.70 43.31
C ILE K 145 -22.00 -11.36 43.98
N LEU K 146 -22.87 -10.99 44.93
CA LEU K 146 -22.70 -9.72 45.63
C LEU K 146 -21.41 -9.67 46.43
N ALA K 147 -20.96 -10.82 46.95
CA ALA K 147 -19.74 -10.86 47.72
C ALA K 147 -18.51 -10.47 46.90
N LEU K 148 -18.58 -10.61 45.58
CA LEU K 148 -17.46 -10.32 44.70
C LEU K 148 -17.45 -8.89 44.18
N PHE K 149 -18.51 -8.13 44.41
CA PHE K 149 -18.55 -6.75 43.99
C PHE K 149 -17.80 -5.86 44.98
N ASP K 150 -17.41 -4.68 44.52
CA ASP K 150 -16.81 -3.70 45.41
C ASP K 150 -17.86 -3.18 46.39
N GLU K 151 -17.37 -2.55 47.46
CA GLU K 151 -18.25 -2.12 48.54
C GLU K 151 -19.38 -1.23 48.04
N ARG K 152 -19.02 -0.16 47.31
CA ARG K 152 -20.01 0.81 46.88
C ARG K 152 -21.07 0.19 45.97
N LEU K 153 -20.64 -0.52 44.93
CA LEU K 153 -21.57 -1.10 43.98
C LEU K 153 -22.42 -2.18 44.64
N ARG K 154 -21.81 -3.03 45.46
CA ARG K 154 -22.55 -4.08 46.14
C ARG K 154 -23.63 -3.50 47.04
N HIS K 155 -23.30 -2.46 47.80
CA HIS K 155 -24.28 -1.88 48.71
C HIS K 155 -25.35 -1.14 47.94
N ASP K 156 -25.00 -0.50 46.82
CA ASP K 156 -26.03 0.13 45.98
C ASP K 156 -27.00 -0.91 45.44
N VAL K 157 -26.48 -2.05 44.98
CA VAL K 157 -27.34 -3.12 44.49
C VAL K 157 -28.23 -3.66 45.61
N MET K 158 -27.67 -3.81 46.81
CA MET K 158 -28.47 -4.27 47.94
C MET K 158 -29.59 -3.29 48.25
N LEU K 159 -29.29 -1.99 48.25
CA LEU K 159 -30.32 -0.99 48.52
C LEU K 159 -31.40 -0.99 47.45
N ARG K 160 -31.00 -1.14 46.18
CA ARG K 160 -31.98 -1.21 45.10
C ARG K 160 -32.85 -2.46 45.22
N ILE K 161 -32.26 -3.58 45.66
CA ILE K 161 -33.05 -4.79 45.90
C ILE K 161 -34.05 -4.54 47.02
N ALA K 162 -33.61 -3.87 48.09
CA ALA K 162 -34.50 -3.61 49.22
C ALA K 162 -35.71 -2.78 48.82
N THR K 163 -35.58 -1.97 47.77
CA THR K 163 -36.67 -1.13 47.27
C THR K 163 -37.10 -1.55 45.86
N PHE K 164 -37.01 -2.84 45.56
CA PHE K 164 -37.38 -3.34 44.25
C PHE K 164 -38.90 -3.28 44.07
N GLY K 165 -39.35 -2.54 43.05
CA GLY K 165 -40.76 -2.32 42.81
C GLY K 165 -41.39 -3.11 41.68
N GLY K 166 -40.68 -4.07 41.11
CA GLY K 166 -41.23 -4.86 40.04
C GLY K 166 -40.86 -4.31 38.67
N VAL K 167 -40.79 -5.22 37.69
CA VAL K 167 -40.37 -4.89 36.33
C VAL K 167 -41.47 -5.32 35.37
N GLN K 168 -41.71 -4.50 34.35
CA GLN K 168 -42.68 -4.85 33.34
C GLN K 168 -42.23 -6.09 32.58
N PRO K 169 -43.15 -6.94 32.11
CA PRO K 169 -42.73 -8.16 31.39
C PRO K 169 -41.90 -7.88 30.15
N ALA K 170 -42.16 -6.78 29.45
CA ALA K 170 -41.40 -6.49 28.23
C ALA K 170 -39.93 -6.20 28.53
N ALA K 171 -39.66 -5.40 29.56
CA ALA K 171 -38.28 -5.09 29.92
C ALA K 171 -37.55 -6.34 30.41
N LEU K 172 -38.23 -7.17 31.20
CA LEU K 172 -37.63 -8.41 31.66
C LEU K 172 -37.33 -9.34 30.50
N ALA K 173 -38.24 -9.42 29.53
CA ALA K 173 -38.02 -10.26 28.36
C ALA K 173 -36.84 -9.75 27.53
N GLU K 174 -36.73 -8.44 27.37
CA GLU K 174 -35.59 -7.88 26.63
C GLU K 174 -34.27 -8.15 27.35
N LEU K 175 -34.26 -7.99 28.68
CA LEU K 175 -33.05 -8.30 29.45
C LEU K 175 -32.70 -9.77 29.33
N THR K 176 -33.70 -10.65 29.39
CA THR K 176 -33.46 -12.08 29.24
C THR K 176 -32.90 -12.40 27.86
N GLU K 177 -33.42 -11.74 26.81
CA GLU K 177 -32.90 -11.98 25.47
C GLU K 177 -31.45 -11.51 25.34
N VAL K 178 -31.13 -10.36 25.92
CA VAL K 178 -29.75 -9.87 25.89
C VAL K 178 -28.82 -10.83 26.63
N LEU K 179 -29.25 -11.30 27.80
CA LEU K 179 -28.46 -12.26 28.56
C LEU K 179 -28.29 -13.56 27.80
N ASN K 180 -29.35 -14.00 27.11
CA ASN K 180 -29.24 -15.22 26.31
C ASN K 180 -28.26 -15.04 25.15
N GLY K 181 -28.25 -13.87 24.52
CA GLY K 181 -27.27 -13.60 23.50
C GLY K 181 -25.85 -13.61 24.03
N LEU K 182 -25.64 -13.00 25.19
CA LEU K 182 -24.32 -13.02 25.82
C LEU K 182 -23.90 -14.45 26.16
N LEU K 183 -24.83 -15.25 26.68
CA LEU K 183 -24.52 -16.64 27.01
C LEU K 183 -24.22 -17.45 25.75
N ASP K 184 -24.93 -17.18 24.66
CA ASP K 184 -24.65 -17.87 23.41
C ASP K 184 -23.25 -17.52 22.90
N GLY K 185 -22.88 -16.23 23.00
CA GLY K 185 -21.53 -15.85 22.63
C GLY K 185 -20.48 -16.51 23.49
N GLN K 186 -20.72 -16.58 24.80
CA GLN K 186 -19.77 -17.22 25.71
C GLN K 186 -19.64 -18.71 25.39
N ASN K 187 -20.77 -19.38 25.15
CA ASN K 187 -20.74 -20.81 24.84
C ASN K 187 -20.05 -21.07 23.51
N LEU K 188 -20.27 -20.20 22.52
CA LEU K 188 -19.52 -20.31 21.26
C LEU K 188 -18.03 -20.16 21.51
N LYS K 189 -17.64 -19.19 22.36
CA LYS K 189 -16.25 -19.11 22.78
C LYS K 189 -15.87 -20.31 23.64
N ARG K 190 -16.69 -20.60 24.65
CA ARG K 190 -16.41 -21.65 25.64
C ARG K 190 -14.94 -21.59 26.07
N SER K 191 -14.60 -20.45 26.68
CA SER K 191 -13.21 -20.08 26.95
C SER K 191 -12.43 -21.22 27.57
N LYS K 192 -11.42 -21.71 26.85
CA LYS K 192 -10.53 -22.71 27.41
C LYS K 192 -9.79 -22.13 28.60
N MET K 193 -9.57 -22.99 29.60
CA MET K 193 -9.00 -22.53 30.87
C MET K 193 -7.65 -21.86 30.66
N GLY K 194 -7.61 -20.54 30.87
CA GLY K 194 -6.40 -19.76 30.75
C GLY K 194 -5.95 -19.10 32.04
N GLY K 195 -6.58 -19.39 33.17
CA GLY K 195 -6.21 -18.79 34.42
C GLY K 195 -4.95 -19.38 35.01
N VAL K 196 -4.67 -19.01 36.25
CA VAL K 196 -3.49 -19.48 36.95
C VAL K 196 -3.51 -21.00 37.14
N ARG K 197 -4.69 -21.61 37.14
CA ARG K 197 -4.78 -23.06 37.33
C ARG K 197 -4.12 -23.81 36.17
N THR K 198 -4.35 -23.36 34.94
CA THR K 198 -3.75 -24.03 33.79
C THR K 198 -2.24 -23.93 33.81
N ALA K 199 -1.71 -22.74 34.14
CA ALA K 199 -0.27 -22.59 34.26
C ALA K 199 0.30 -23.44 35.38
N ALA K 200 -0.42 -23.49 36.51
CA ALA K 200 0.02 -24.32 37.63
C ALA K 200 0.09 -25.79 37.24
N GLU K 201 -0.92 -26.26 36.49
CA GLU K 201 -0.87 -27.63 35.98
C GLU K 201 0.31 -27.81 35.03
N ILE K 202 0.57 -26.83 34.18
CA ILE K 202 1.74 -26.90 33.30
C ILE K 202 3.03 -26.87 34.12
N ILE K 203 3.09 -25.96 35.11
CA ILE K 203 4.31 -25.79 35.89
C ILE K 203 4.61 -27.04 36.72
N ASN K 204 3.56 -27.69 37.25
CA ASN K 204 3.77 -28.89 38.06
C ASN K 204 4.40 -30.02 37.29
N LEU K 205 4.24 -30.06 35.96
CA LEU K 205 4.79 -31.13 35.15
C LEU K 205 6.15 -30.81 34.57
N MET K 206 6.72 -29.65 34.89
CA MET K 206 8.07 -29.30 34.48
C MET K 206 9.09 -29.94 35.41
N LYS K 207 10.35 -29.92 34.98
CA LYS K 207 11.43 -30.25 35.88
C LYS K 207 11.60 -29.14 36.91
N THR K 208 12.20 -29.49 38.06
CA THR K 208 12.31 -28.54 39.16
C THR K 208 13.06 -27.28 38.75
N GLN K 209 14.09 -27.42 37.93
CA GLN K 209 14.87 -26.26 37.48
C GLN K 209 13.98 -25.22 36.79
N GLN K 210 13.36 -25.61 35.68
CA GLN K 210 12.55 -24.66 34.91
C GLN K 210 11.32 -24.24 35.67
N GLU K 211 10.73 -25.15 36.46
CA GLU K 211 9.58 -24.78 37.28
C GLU K 211 9.91 -23.65 38.24
N GLU K 212 11.00 -23.81 39.00
CA GLU K 212 11.40 -22.77 39.95
C GLU K 212 11.81 -21.50 39.23
N ALA K 213 12.48 -21.62 38.08
CA ALA K 213 12.87 -20.43 37.33
C ALA K 213 11.64 -19.65 36.87
N VAL K 214 10.64 -20.35 36.34
CA VAL K 214 9.42 -19.68 35.88
C VAL K 214 8.69 -19.05 37.06
N ILE K 215 8.60 -19.76 38.19
CA ILE K 215 7.93 -19.19 39.35
C ILE K 215 8.62 -17.92 39.82
N THR K 216 9.96 -17.97 39.91
CA THR K 216 10.72 -16.80 40.35
C THR K 216 10.55 -15.64 39.38
N ALA K 217 10.58 -15.92 38.08
CA ALA K 217 10.43 -14.84 37.10
C ALA K 217 9.05 -14.23 37.15
N VAL K 218 8.00 -15.04 37.30
CA VAL K 218 6.65 -14.50 37.41
C VAL K 218 6.53 -13.65 38.67
N ARG K 219 7.12 -14.10 39.78
CA ARG K 219 7.14 -13.28 40.98
C ARG K 219 7.88 -11.96 40.74
N GLU K 220 8.96 -12.00 39.96
CA GLU K 220 9.66 -10.76 39.60
C GLU K 220 8.74 -9.83 38.83
N PHE K 221 7.98 -10.37 37.87
CA PHE K 221 7.01 -9.55 37.14
C PHE K 221 5.82 -9.18 38.02
N ASP K 222 5.27 -10.16 38.74
CA ASP K 222 4.09 -9.93 39.57
C ASP K 222 4.09 -10.97 40.69
N GLY K 223 4.38 -10.53 41.91
CA GLY K 223 4.35 -11.46 43.03
C GLY K 223 2.98 -12.04 43.27
N GLU K 224 1.93 -11.23 43.11
CA GLU K 224 0.57 -11.72 43.29
C GLU K 224 0.24 -12.81 42.29
N LEU K 225 0.63 -12.62 41.03
CA LEU K 225 0.34 -13.62 40.00
C LEU K 225 1.05 -14.94 40.30
N ALA K 226 2.33 -14.86 40.70
CA ALA K 226 3.06 -16.07 41.04
C ALA K 226 2.45 -16.77 42.25
N GLN K 227 2.03 -15.98 43.26
CA GLN K 227 1.40 -16.57 44.43
C GLN K 227 0.10 -17.26 44.06
N LYS K 228 -0.68 -16.65 43.16
CA LYS K 228 -1.91 -17.30 42.68
C LYS K 228 -1.60 -18.59 41.96
N ILE K 229 -0.56 -18.60 41.12
CA ILE K 229 -0.15 -19.83 40.45
C ILE K 229 0.37 -20.84 41.47
N ILE K 230 1.12 -20.37 42.48
CA ILE K 230 1.63 -21.26 43.52
C ILE K 230 0.48 -21.86 44.31
N ASP K 231 -0.52 -21.04 44.66
CA ASP K 231 -1.66 -21.55 45.41
C ASP K 231 -2.47 -22.57 44.62
N GLU K 232 -2.41 -22.52 43.28
CA GLU K 232 -3.15 -23.45 42.44
C GLU K 232 -2.34 -24.65 42.01
N MET K 233 -1.09 -24.77 42.46
CA MET K 233 -0.23 -25.88 42.08
C MET K 233 0.07 -26.77 43.27
N PHE K 234 0.22 -28.07 43.00
CA PHE K 234 0.59 -29.05 44.01
C PHE K 234 1.99 -29.55 43.65
N LEU K 235 3.01 -28.84 44.14
CA LEU K 235 4.40 -29.15 43.85
C LEU K 235 5.06 -30.02 44.92
N PHE K 236 4.27 -30.91 45.55
CA PHE K 236 4.71 -31.72 46.67
C PHE K 236 5.09 -30.84 47.86
N GLU K 237 5.47 -31.47 48.97
CA GLU K 237 5.92 -30.78 50.19
C GLU K 237 4.79 -30.01 50.84
N ASN K 238 3.61 -30.02 50.22
CA ASN K 238 2.39 -29.47 50.81
C ASN K 238 1.48 -30.54 51.41
N LEU K 239 1.89 -31.81 51.37
CA LEU K 239 1.11 -32.87 51.97
C LEU K 239 1.11 -32.78 53.48
N VAL K 240 2.00 -31.97 54.07
CA VAL K 240 1.99 -31.73 55.51
C VAL K 240 0.71 -31.01 55.92
N ASP K 241 0.17 -30.16 55.05
CA ASP K 241 -1.05 -29.42 55.31
C ASP K 241 -2.31 -30.24 55.05
N VAL K 242 -2.16 -31.44 54.50
CA VAL K 242 -3.31 -32.30 54.23
C VAL K 242 -3.65 -33.07 55.49
N ASP K 243 -4.94 -33.37 55.66
CA ASP K 243 -5.42 -34.04 56.87
C ASP K 243 -4.81 -35.44 56.99
N ASP K 244 -4.79 -35.94 58.22
CA ASP K 244 -4.18 -37.23 58.50
C ASP K 244 -4.90 -38.37 57.79
N ARG K 245 -6.23 -38.30 57.73
CA ARG K 245 -7.00 -39.37 57.09
C ARG K 245 -6.65 -39.51 55.62
N SER K 246 -6.52 -38.39 54.91
CA SER K 246 -6.14 -38.45 53.50
C SER K 246 -4.75 -39.02 53.32
N ILE K 247 -3.81 -38.66 54.19
CA ILE K 247 -2.47 -39.21 54.10
C ILE K 247 -2.49 -40.72 54.33
N GLN K 248 -3.27 -41.17 55.32
CA GLN K 248 -3.40 -42.60 55.56
C GLN K 248 -4.00 -43.31 54.36
N ARG K 249 -5.00 -42.70 53.72
CA ARG K 249 -5.56 -43.25 52.50
C ARG K 249 -4.52 -43.28 51.39
N LEU K 250 -3.69 -42.23 51.31
CA LEU K 250 -2.65 -42.18 50.28
C LEU K 250 -1.64 -43.30 50.44
N LEU K 251 -1.25 -43.59 51.69
CA LEU K 251 -0.23 -44.62 51.93
C LEU K 251 -0.66 -46.00 51.47
N GLN K 252 -1.98 -46.24 51.37
CA GLN K 252 -2.45 -47.54 50.91
C GLN K 252 -2.24 -47.74 49.42
N GLU K 253 -2.03 -46.66 48.66
CA GLU K 253 -1.82 -46.76 47.22
C GLU K 253 -0.39 -46.49 46.79
N VAL K 254 0.50 -46.15 47.72
CA VAL K 254 1.88 -45.81 47.40
C VAL K 254 2.78 -47.00 47.74
N ASP K 255 3.60 -47.40 46.78
CA ASP K 255 4.55 -48.49 47.01
C ASP K 255 5.57 -48.10 48.07
N SER K 256 6.00 -49.08 48.86
CA SER K 256 6.93 -48.82 49.94
C SER K 256 8.26 -48.27 49.42
N GLU K 257 8.78 -48.86 48.34
CA GLU K 257 10.04 -48.39 47.77
C GLU K 257 9.87 -46.99 47.16
N SER K 258 8.74 -46.75 46.50
CA SER K 258 8.49 -45.43 45.93
C SER K 258 8.40 -44.37 47.01
N LEU K 259 7.71 -44.67 48.11
CA LEU K 259 7.64 -43.74 49.22
C LEU K 259 9.01 -43.52 49.84
N LEU K 260 9.79 -44.59 49.98
CA LEU K 260 11.14 -44.47 50.55
C LEU K 260 12.02 -43.56 49.70
N ILE K 261 11.98 -43.74 48.38
CA ILE K 261 12.79 -42.90 47.50
C ILE K 261 12.30 -41.45 47.53
N ALA K 262 10.97 -41.27 47.48
CA ALA K 262 10.42 -39.91 47.45
C ALA K 262 10.71 -39.17 48.75
N LEU K 263 10.58 -39.86 49.90
CA LEU K 263 10.82 -39.21 51.19
C LEU K 263 12.28 -38.94 51.46
N LYS K 264 13.20 -39.46 50.63
CA LYS K 264 14.62 -39.20 50.85
C LYS K 264 14.94 -37.72 50.72
N GLY K 265 14.35 -37.05 49.74
CA GLY K 265 14.52 -35.62 49.54
C GLY K 265 13.45 -34.76 50.17
N ALA K 266 12.60 -35.32 51.03
CA ALA K 266 11.54 -34.56 51.66
C ALA K 266 12.04 -33.92 52.96
N GLU K 267 11.40 -32.81 53.33
CA GLU K 267 11.77 -32.11 54.55
C GLU K 267 11.37 -32.94 55.78
N PRO K 268 12.07 -32.74 56.89
CA PRO K 268 11.76 -33.51 58.12
C PRO K 268 10.32 -33.33 58.57
N PRO K 269 9.72 -32.13 58.46
CA PRO K 269 8.30 -32.04 58.80
C PRO K 269 7.41 -32.95 57.96
N LEU K 270 7.60 -32.95 56.64
CA LEU K 270 6.81 -33.82 55.78
C LEU K 270 7.11 -35.29 56.06
N ARG K 271 8.37 -35.60 56.33
CA ARG K 271 8.76 -36.98 56.64
C ARG K 271 8.05 -37.47 57.90
N GLU K 272 8.02 -36.63 58.94
CA GLU K 272 7.30 -37.00 60.15
C GLU K 272 5.79 -37.06 59.92
N LYS K 273 5.27 -36.21 59.03
CA LYS K 273 3.86 -36.28 58.69
C LYS K 273 3.52 -37.62 58.06
N PHE K 274 4.37 -38.10 57.15
CA PHE K 274 4.16 -39.42 56.56
C PHE K 274 4.34 -40.52 57.59
N LEU K 275 5.37 -40.41 58.44
CA LEU K 275 5.65 -41.46 59.42
C LEU K 275 4.52 -41.57 60.44
N ARG K 276 3.97 -40.43 60.87
CA ARG K 276 2.90 -40.45 61.87
C ARG K 276 1.64 -41.13 61.36
N ASN K 277 1.44 -41.17 60.05
CA ASN K 277 0.25 -41.79 59.46
C ASN K 277 0.45 -43.26 59.10
N MET K 278 1.63 -43.80 59.35
CA MET K 278 1.92 -45.21 59.11
C MET K 278 1.89 -45.98 60.42
N SER K 279 1.78 -47.30 60.31
CA SER K 279 1.86 -48.15 61.50
C SER K 279 3.27 -48.08 62.08
N GLN K 280 3.36 -48.33 63.39
CA GLN K 280 4.62 -48.12 64.10
C GLN K 280 5.71 -49.04 63.57
N ARG K 281 5.37 -50.30 63.29
CA ARG K 281 6.35 -51.22 62.70
C ARG K 281 6.79 -50.72 61.32
N ALA K 282 5.82 -50.32 60.48
CA ALA K 282 6.16 -49.81 59.17
C ALA K 282 6.93 -48.49 59.27
N ALA K 283 6.58 -47.65 60.24
CA ALA K 283 7.32 -46.41 60.44
C ALA K 283 8.77 -46.69 60.82
N ASP K 284 9.01 -47.65 61.71
CA ASP K 284 10.36 -48.01 62.08
C ASP K 284 11.12 -48.58 60.89
N ILE K 285 10.46 -49.42 60.09
CA ILE K 285 11.10 -49.99 58.90
C ILE K 285 11.49 -48.88 57.93
N LEU K 286 10.59 -47.92 57.71
CA LEU K 286 10.88 -46.81 56.81
C LEU K 286 12.02 -45.94 57.34
N ARG K 287 12.05 -45.70 58.65
CA ARG K 287 13.14 -44.92 59.23
C ARG K 287 14.48 -45.65 59.05
N ASP K 288 14.50 -46.96 59.30
CA ASP K 288 15.73 -47.73 59.12
C ASP K 288 16.17 -47.72 57.65
N ASP K 289 15.23 -47.85 56.73
CA ASP K 289 15.58 -47.82 55.31
C ASP K 289 16.13 -46.45 54.91
N LEU K 290 15.52 -45.37 55.41
CA LEU K 290 16.01 -44.03 55.12
C LEU K 290 17.42 -43.84 55.68
N ALA K 291 17.67 -44.34 56.89
CA ALA K 291 18.98 -44.18 57.49
C ALA K 291 20.04 -45.03 56.81
N ASN K 292 19.66 -46.19 56.26
CA ASN K 292 20.63 -47.12 55.70
C ASN K 292 20.83 -46.95 54.20
N ARG K 293 19.80 -46.54 53.46
CA ARG K 293 19.92 -46.42 52.01
C ARG K 293 20.85 -45.26 51.66
N GLY K 294 21.67 -45.47 50.62
CA GLY K 294 22.63 -44.49 50.22
C GLY K 294 21.99 -43.33 49.49
N PRO K 295 22.82 -42.41 49.01
CA PRO K 295 22.30 -41.23 48.29
C PRO K 295 21.55 -41.64 47.03
N VAL K 296 20.47 -40.91 46.75
CA VAL K 296 19.62 -41.16 45.60
C VAL K 296 19.67 -39.94 44.68
N ARG K 297 19.79 -40.20 43.38
CA ARG K 297 19.82 -39.12 42.40
C ARG K 297 18.54 -38.29 42.49
N LEU K 298 18.69 -36.96 42.37
CA LEU K 298 17.55 -36.07 42.52
C LEU K 298 16.48 -36.32 41.48
N SER K 299 16.86 -36.75 40.27
CA SER K 299 15.87 -37.01 39.24
C SER K 299 14.92 -38.14 39.64
N GLN K 300 15.46 -39.21 40.22
CA GLN K 300 14.63 -40.33 40.64
C GLN K 300 13.67 -39.90 41.75
N VAL K 301 14.16 -39.11 42.70
CA VAL K 301 13.30 -38.62 43.78
C VAL K 301 12.19 -37.75 43.23
N GLU K 302 12.53 -36.88 42.26
CA GLU K 302 11.52 -36.04 41.63
C GLU K 302 10.49 -36.87 40.90
N ASN K 303 10.93 -37.92 40.20
CA ASN K 303 9.98 -38.79 39.50
C ASN K 303 9.04 -39.49 40.47
N GLU K 304 9.59 -39.98 41.60
CA GLU K 304 8.74 -40.64 42.59
C GLU K 304 7.76 -39.66 43.21
N GLN K 305 8.20 -38.42 43.48
CA GLN K 305 7.29 -37.40 44.00
C GLN K 305 6.20 -37.07 42.99
N LYS K 306 6.56 -37.03 41.70
CA LYS K 306 5.57 -36.81 40.65
C LYS K 306 4.54 -37.93 40.61
N ALA K 307 5.00 -39.18 40.76
CA ALA K 307 4.06 -40.30 40.79
C ALA K 307 3.14 -40.21 42.01
N ILE K 308 3.69 -39.83 43.16
CA ILE K 308 2.87 -39.67 44.36
C ILE K 308 1.86 -38.56 44.17
N LEU K 309 2.26 -37.46 43.53
CA LEU K 309 1.33 -36.37 43.24
C LEU K 309 0.24 -36.80 42.28
N LEU K 310 0.57 -37.64 41.29
CA LEU K 310 -0.44 -38.18 40.39
C LEU K 310 -1.43 -39.05 41.16
N ILE K 311 -0.94 -39.86 42.09
CA ILE K 311 -1.83 -40.67 42.91
C ILE K 311 -2.73 -39.78 43.76
N VAL K 312 -2.16 -38.71 44.31
CA VAL K 312 -2.94 -37.76 45.11
C VAL K 312 -4.04 -37.13 44.27
N ARG K 313 -3.70 -36.72 43.05
CA ARG K 313 -4.69 -36.12 42.16
C ARG K 313 -5.79 -37.12 41.81
N ARG K 314 -5.41 -38.38 41.55
CA ARG K 314 -6.41 -39.41 41.25
C ARG K 314 -7.34 -39.63 42.43
N LEU K 315 -6.80 -39.68 43.64
CA LEU K 315 -7.63 -39.85 44.83
C LEU K 315 -8.55 -38.65 45.04
N ALA K 316 -8.03 -37.44 44.79
CA ALA K 316 -8.84 -36.24 44.97
C ALA K 316 -9.99 -36.19 43.97
N GLU K 317 -9.74 -36.60 42.72
CA GLU K 317 -10.79 -36.62 41.72
C GLU K 317 -11.91 -37.58 42.09
N THR K 318 -11.58 -38.67 42.77
CA THR K 318 -12.59 -39.63 43.21
C THR K 318 -13.24 -39.25 44.53
N GLY K 319 -12.80 -38.17 45.18
CA GLY K 319 -13.36 -37.73 46.43
C GLY K 319 -12.80 -38.42 47.66
N GLU K 320 -11.85 -39.34 47.50
CA GLU K 320 -11.27 -40.04 48.64
C GLU K 320 -10.20 -39.23 49.35
N MET K 321 -9.73 -38.14 48.76
CA MET K 321 -8.69 -37.31 49.34
C MET K 321 -9.08 -35.84 49.20
N VAL K 322 -8.86 -35.07 50.25
CA VAL K 322 -9.20 -33.65 50.29
C VAL K 322 -7.90 -32.87 50.27
N ILE K 323 -7.76 -31.96 49.31
CA ILE K 323 -6.57 -31.13 49.18
C ILE K 323 -6.84 -29.72 49.66
N MET L 1 0.99 31.55 27.11
CA MET L 1 0.38 30.29 26.70
C MET L 1 1.14 29.09 27.28
N ALA L 2 0.40 28.04 27.61
CA ALA L 2 1.00 26.82 28.11
C ALA L 2 1.80 26.13 27.00
N ASP L 3 2.87 25.45 27.39
CA ASP L 3 3.69 24.71 26.44
C ASP L 3 2.88 23.59 25.80
N LYS L 4 2.78 23.62 24.47
CA LYS L 4 2.01 22.62 23.75
C LYS L 4 2.66 21.24 23.74
N GLU L 5 3.94 21.16 24.11
CA GLU L 5 4.64 19.88 24.22
C GLU L 5 4.59 19.31 25.62
N LEU L 6 3.80 19.89 26.51
CA LEU L 6 3.67 19.38 27.87
C LEU L 6 3.11 17.96 27.85
N LYS L 7 3.70 17.09 28.66
CA LYS L 7 3.32 15.69 28.71
C LYS L 7 2.20 15.49 29.71
N PHE L 8 1.12 14.85 29.28
CA PHE L 8 -0.05 14.62 30.11
C PHE L 8 -0.21 13.13 30.39
N LEU L 9 -0.51 12.81 31.64
CA LEU L 9 -0.77 11.43 32.08
C LEU L 9 -2.23 11.32 32.46
N VAL L 10 -3.00 10.57 31.68
CA VAL L 10 -4.42 10.37 31.92
C VAL L 10 -4.60 9.02 32.61
N VAL L 11 -5.18 9.04 33.81
CA VAL L 11 -5.35 7.83 34.61
C VAL L 11 -6.84 7.62 34.84
N ASP L 12 -7.35 6.49 34.36
CA ASP L 12 -8.75 6.13 34.56
C ASP L 12 -8.90 4.64 34.34
N LYS L 13 -9.87 4.05 35.04
CA LYS L 13 -10.10 2.61 34.92
C LYS L 13 -10.81 2.23 33.63
N PHE L 14 -11.41 3.19 32.93
CA PHE L 14 -12.11 2.92 31.68
C PHE L 14 -11.26 3.42 30.51
N SER L 15 -11.02 2.54 29.54
CA SER L 15 -10.23 2.92 28.37
C SER L 15 -10.96 3.95 27.50
N THR L 16 -12.28 3.84 27.39
CA THR L 16 -13.04 4.79 26.58
C THR L 16 -12.92 6.19 27.15
N MET L 17 -13.01 6.33 28.47
CA MET L 17 -12.86 7.64 29.10
C MET L 17 -11.47 8.21 28.86
N ARG L 18 -10.44 7.36 28.94
CA ARG L 18 -9.08 7.82 28.67
C ARG L 18 -8.94 8.29 27.22
N ARG L 19 -9.53 7.55 26.28
CA ARG L 19 -9.48 7.98 24.88
C ARG L 19 -10.21 9.30 24.68
N ILE L 20 -11.35 9.47 25.34
CA ILE L 20 -12.09 10.73 25.24
C ILE L 20 -11.26 11.90 25.78
N VAL L 21 -10.61 11.67 26.92
CA VAL L 21 -9.78 12.73 27.51
C VAL L 21 -8.59 13.05 26.60
N ARG L 22 -7.98 12.02 26.01
CA ARG L 22 -6.87 12.25 25.09
C ARG L 22 -7.32 13.04 23.87
N ASN L 23 -8.48 12.71 23.32
CA ASN L 23 -8.99 13.46 22.18
C ASN L 23 -9.30 14.90 22.54
N LEU L 24 -9.87 15.12 23.73
CA LEU L 24 -10.14 16.49 24.18
C LEU L 24 -8.85 17.28 24.34
N LEU L 25 -7.81 16.64 24.89
CA LEU L 25 -6.52 17.32 25.01
C LEU L 25 -5.92 17.62 23.65
N LYS L 26 -6.07 16.70 22.70
CA LYS L 26 -5.57 16.94 21.34
C LYS L 26 -6.29 18.11 20.69
N GLU L 27 -7.60 18.21 20.90
CA GLU L 27 -8.36 19.35 20.38
C GLU L 27 -7.90 20.66 21.02
N LEU L 28 -7.34 20.59 22.22
CA LEU L 28 -6.84 21.77 22.90
C LEU L 28 -5.38 22.10 22.53
N GLY L 29 -4.74 21.28 21.70
CA GLY L 29 -3.39 21.52 21.26
C GLY L 29 -2.32 20.72 21.97
N PHE L 30 -2.69 19.81 22.85
CA PHE L 30 -1.73 18.97 23.56
C PHE L 30 -1.73 17.58 22.94
N ASN L 31 -0.58 17.18 22.40
CA ASN L 31 -0.47 15.90 21.70
C ASN L 31 0.36 14.86 22.44
N ASN L 32 1.10 15.26 23.48
CA ASN L 32 1.92 14.33 24.26
C ASN L 32 1.08 13.85 25.44
N VAL L 33 0.32 12.78 25.21
CA VAL L 33 -0.60 12.24 26.21
C VAL L 33 -0.34 10.75 26.37
N GLU L 34 -0.19 10.31 27.61
CA GLU L 34 -0.06 8.89 27.94
C GLU L 34 -1.21 8.49 28.85
N GLU L 35 -1.55 7.20 28.82
CA GLU L 35 -2.70 6.68 29.55
C GLU L 35 -2.25 5.65 30.58
N ALA L 36 -2.94 5.64 31.72
CA ALA L 36 -2.70 4.69 32.78
C ALA L 36 -4.03 4.09 33.24
N GLU L 37 -4.02 2.79 33.50
CA GLU L 37 -5.25 2.08 33.86
C GLU L 37 -5.60 2.18 35.34
N ASP L 38 -4.61 2.39 36.21
CA ASP L 38 -4.86 2.47 37.64
C ASP L 38 -3.74 3.26 38.29
N GLY L 39 -3.82 3.39 39.63
CA GLY L 39 -2.83 4.17 40.34
C GLY L 39 -1.44 3.55 40.30
N VAL L 40 -1.37 2.21 40.34
CA VAL L 40 -0.07 1.55 40.33
C VAL L 40 0.66 1.81 39.02
N ASP L 41 -0.04 1.64 37.90
CA ASP L 41 0.57 1.91 36.60
C ASP L 41 0.91 3.39 36.45
N ALA L 42 0.05 4.27 36.98
CA ALA L 42 0.33 5.70 36.93
C ALA L 42 1.62 6.04 37.68
N LEU L 43 1.78 5.48 38.88
CA LEU L 43 3.00 5.71 39.65
C LEU L 43 4.22 5.12 38.95
N ASN L 44 4.07 3.94 38.35
CA ASN L 44 5.19 3.33 37.63
C ASN L 44 5.62 4.19 36.45
N LYS L 45 4.67 4.76 35.71
CA LYS L 45 5.02 5.64 34.61
C LYS L 45 5.56 6.97 35.11
N LEU L 46 5.11 7.43 36.27
CA LEU L 46 5.65 8.65 36.85
C LEU L 46 7.11 8.47 37.27
N GLN L 47 7.46 7.28 37.75
CA GLN L 47 8.86 6.99 38.07
C GLN L 47 9.76 7.10 36.84
N ALA L 48 9.21 6.93 35.64
CA ALA L 48 9.99 7.17 34.43
C ALA L 48 10.31 8.64 34.25
N GLY L 49 9.40 9.53 34.65
CA GLY L 49 9.62 10.95 34.55
C GLY L 49 9.21 11.51 33.19
N GLY L 50 9.31 12.83 33.08
CA GLY L 50 8.99 13.54 31.86
C GLY L 50 7.57 14.07 31.77
N PHE L 51 6.72 13.79 32.76
CA PHE L 51 5.35 14.25 32.73
C PHE L 51 5.22 15.62 33.38
N GLY L 52 4.31 16.43 32.83
CA GLY L 52 4.11 17.78 33.32
C GLY L 52 2.71 18.04 33.86
N PHE L 53 1.78 17.12 33.61
CA PHE L 53 0.41 17.29 34.08
C PHE L 53 -0.22 15.91 34.20
N ILE L 54 -1.11 15.77 35.18
CA ILE L 54 -1.77 14.51 35.48
C ILE L 54 -3.27 14.72 35.55
N ILE L 55 -4.02 13.88 34.84
CA ILE L 55 -5.48 13.82 34.95
C ILE L 55 -5.83 12.42 35.43
N SER L 56 -6.37 12.32 36.64
CA SER L 56 -6.61 11.03 37.28
C SER L 56 -8.04 10.94 37.78
N ASP L 57 -8.61 9.74 37.68
CA ASP L 57 -9.93 9.47 38.21
C ASP L 57 -9.85 9.20 39.71
N TRP L 58 -10.98 9.38 40.39
CA TRP L 58 -11.01 9.22 41.85
C TRP L 58 -11.02 7.75 42.24
N ASN L 59 -12.01 7.00 41.80
CA ASN L 59 -12.16 5.59 42.15
C ASN L 59 -11.51 4.74 41.08
N MET L 60 -10.37 4.12 41.42
CA MET L 60 -9.64 3.26 40.51
C MET L 60 -9.21 2.01 41.26
N PRO L 61 -9.07 0.88 40.56
CA PRO L 61 -8.73 -0.38 41.23
C PRO L 61 -7.30 -0.37 41.75
N ASN L 62 -7.12 -0.94 42.95
CA ASN L 62 -5.83 -1.18 43.59
C ASN L 62 -5.17 0.11 44.08
N MET L 63 -5.72 1.25 43.66
CA MET L 63 -5.31 2.56 44.16
C MET L 63 -6.31 3.61 43.73
N ASP L 64 -6.86 4.36 44.67
CA ASP L 64 -7.78 5.44 44.33
C ASP L 64 -7.00 6.72 44.04
N GLY L 65 -7.73 7.73 43.54
CA GLY L 65 -7.09 8.98 43.18
C GLY L 65 -6.47 9.70 44.37
N LEU L 66 -7.11 9.62 45.54
CA LEU L 66 -6.59 10.30 46.72
C LEU L 66 -5.24 9.71 47.14
N GLU L 67 -5.13 8.38 47.16
CA GLU L 67 -3.87 7.75 47.54
C GLU L 67 -2.77 8.06 46.52
N LEU L 68 -3.11 8.06 45.23
CA LEU L 68 -2.14 8.41 44.21
C LEU L 68 -1.65 9.85 44.37
N LEU L 69 -2.58 10.78 44.65
CA LEU L 69 -2.19 12.16 44.87
C LEU L 69 -1.30 12.30 46.10
N LYS L 70 -1.63 11.58 47.18
CA LYS L 70 -0.81 11.63 48.38
C LYS L 70 0.59 11.09 48.10
N THR L 71 0.69 9.99 47.35
CA THR L 71 1.99 9.44 47.00
C THR L 71 2.79 10.41 46.14
N ILE L 72 2.13 11.07 45.18
CA ILE L 72 2.80 12.04 44.32
C ILE L 72 3.33 13.21 45.15
N ARG L 73 2.50 13.73 46.06
CA ARG L 73 2.94 14.84 46.90
C ARG L 73 4.05 14.43 47.86
N ALA L 74 4.02 13.19 48.34
CA ALA L 74 5.06 12.72 49.24
C ALA L 74 6.41 12.59 48.55
N ASP L 75 6.44 12.50 47.23
CA ASP L 75 7.69 12.41 46.47
C ASP L 75 8.20 13.82 46.18
N SER L 76 9.44 14.08 46.57
CA SER L 76 10.01 15.41 46.39
C SER L 76 10.13 15.77 44.92
N ALA L 77 10.53 14.80 44.08
CA ALA L 77 10.71 15.07 42.66
C ALA L 77 9.39 15.37 41.95
N MET L 78 8.26 14.98 42.54
CA MET L 78 6.96 15.17 41.91
C MET L 78 5.97 15.91 42.81
N SER L 79 6.43 16.52 43.90
CA SER L 79 5.52 17.20 44.80
C SER L 79 4.88 18.42 44.15
N ALA L 80 5.58 19.06 43.22
CA ALA L 80 5.06 20.23 42.53
C ALA L 80 4.32 19.89 41.24
N LEU L 81 4.18 18.61 40.92
CA LEU L 81 3.51 18.23 39.68
C LEU L 81 2.01 18.44 39.81
N PRO L 82 1.39 19.23 38.94
CA PRO L 82 -0.07 19.45 39.05
C PRO L 82 -0.85 18.19 38.74
N VAL L 83 -1.93 17.98 39.49
CA VAL L 83 -2.80 16.83 39.32
C VAL L 83 -4.24 17.33 39.20
N LEU L 84 -4.94 16.87 38.17
CA LEU L 84 -6.34 17.20 37.96
C LEU L 84 -7.19 16.00 38.34
N MET L 85 -8.18 16.21 39.21
CA MET L 85 -9.03 15.15 39.73
C MET L 85 -10.37 15.17 39.01
N VAL L 86 -10.76 14.02 38.45
CA VAL L 86 -12.03 13.85 37.78
C VAL L 86 -12.81 12.75 38.51
N THR L 87 -14.05 13.04 38.87
CA THR L 87 -14.85 12.13 39.66
C THR L 87 -16.27 12.05 39.09
N ALA L 88 -17.00 11.03 39.54
CA ALA L 88 -18.41 10.86 39.20
C ALA L 88 -19.34 11.44 40.25
N GLU L 89 -18.92 11.50 41.51
CA GLU L 89 -19.71 12.08 42.59
C GLU L 89 -18.88 13.11 43.31
N ALA L 90 -19.41 14.33 43.42
CA ALA L 90 -18.68 15.44 44.04
C ALA L 90 -19.11 15.60 45.50
N LYS L 91 -18.75 14.60 46.30
CA LYS L 91 -18.98 14.67 47.73
C LYS L 91 -18.07 15.73 48.36
N LYS L 92 -18.64 16.50 49.29
CA LYS L 92 -17.88 17.58 49.92
C LYS L 92 -16.67 17.03 50.69
N GLU L 93 -16.85 15.92 51.40
CA GLU L 93 -15.75 15.36 52.18
C GLU L 93 -14.59 14.95 51.28
N ASN L 94 -14.89 14.30 50.16
CA ASN L 94 -13.83 13.88 49.24
C ASN L 94 -13.11 15.09 48.65
N ILE L 95 -13.86 16.13 48.30
CA ILE L 95 -13.24 17.33 47.75
C ILE L 95 -12.33 18.00 48.78
N ILE L 96 -12.79 18.07 50.03
CA ILE L 96 -11.97 18.67 51.09
C ILE L 96 -10.71 17.83 51.30
N ALA L 97 -10.84 16.51 51.31
CA ALA L 97 -9.68 15.64 51.48
C ALA L 97 -8.68 15.82 50.35
N ALA L 98 -9.18 15.92 49.11
CA ALA L 98 -8.29 16.12 47.96
C ALA L 98 -7.60 17.48 48.04
N ALA L 99 -8.34 18.52 48.46
CA ALA L 99 -7.75 19.85 48.61
C ALA L 99 -6.65 19.84 49.66
N GLN L 100 -6.88 19.14 50.77
CA GLN L 100 -5.85 19.01 51.79
C GLN L 100 -4.67 18.20 51.27
N ALA L 101 -4.91 17.24 50.39
CA ALA L 101 -3.84 16.45 49.80
C ALA L 101 -3.03 17.23 48.77
N GLY L 102 -3.59 18.31 48.22
CA GLY L 102 -2.86 19.12 47.27
C GLY L 102 -3.35 19.00 45.84
N ALA L 103 -4.66 18.85 45.66
CA ALA L 103 -5.22 18.75 44.33
C ALA L 103 -5.17 20.10 43.62
N SER L 104 -4.78 20.08 42.35
CA SER L 104 -4.69 21.31 41.57
C SER L 104 -6.04 21.72 40.99
N GLY L 105 -6.95 20.76 40.79
CA GLY L 105 -8.25 21.07 40.23
C GLY L 105 -9.21 19.93 40.45
N TRP L 106 -10.46 20.16 40.08
CA TRP L 106 -11.52 19.17 40.26
C TRP L 106 -12.52 19.26 39.12
N VAL L 107 -12.83 18.10 38.53
CA VAL L 107 -13.80 18.00 37.44
C VAL L 107 -14.81 16.92 37.82
N VAL L 108 -16.08 17.17 37.49
CA VAL L 108 -17.17 16.26 37.86
C VAL L 108 -17.76 15.69 36.58
N LYS L 109 -17.81 14.37 36.49
CA LYS L 109 -18.46 13.72 35.36
C LYS L 109 -19.98 13.82 35.50
N PRO L 110 -20.70 14.09 34.41
CA PRO L 110 -20.22 14.39 33.06
C PRO L 110 -19.80 15.86 32.93
N PHE L 111 -18.92 16.17 31.99
CA PHE L 111 -18.45 17.53 31.79
C PHE L 111 -18.30 17.80 30.31
N THR L 112 -18.19 19.08 29.96
CA THR L 112 -18.00 19.50 28.58
C THR L 112 -16.54 19.88 28.35
N ALA L 113 -16.17 19.99 27.06
CA ALA L 113 -14.82 20.40 26.72
C ALA L 113 -14.51 21.80 27.21
N ALA L 114 -15.53 22.67 27.24
CA ALA L 114 -15.33 24.03 27.74
C ALA L 114 -14.92 24.02 29.20
N THR L 115 -15.56 23.18 30.01
CA THR L 115 -15.21 23.11 31.43
C THR L 115 -13.78 22.61 31.62
N LEU L 116 -13.39 21.59 30.86
CA LEU L 116 -12.02 21.07 30.96
C LEU L 116 -11.00 22.13 30.54
N GLU L 117 -11.30 22.85 29.45
CA GLU L 117 -10.40 23.91 29.01
C GLU L 117 -10.29 25.01 30.06
N GLU L 118 -11.41 25.39 30.68
CA GLU L 118 -11.38 26.40 31.73
C GLU L 118 -10.56 25.94 32.91
N LYS L 119 -10.73 24.69 33.33
CA LYS L 119 -9.95 24.16 34.45
C LYS L 119 -8.46 24.16 34.12
N LEU L 120 -8.10 23.72 32.92
CA LEU L 120 -6.70 23.70 32.52
C LEU L 120 -6.12 25.12 32.49
N ASN L 121 -6.87 26.07 31.96
CA ASN L 121 -6.40 27.46 31.92
C ASN L 121 -6.21 28.01 33.33
N LYS L 122 -7.15 27.73 34.23
CA LYS L 122 -7.02 28.21 35.61
C LYS L 122 -5.80 27.60 36.29
N ILE L 123 -5.58 26.30 36.09
CA ILE L 123 -4.43 25.64 36.70
C ILE L 123 -3.13 26.22 36.16
N PHE L 124 -3.08 26.44 34.84
CA PHE L 124 -1.87 27.03 34.24
C PHE L 124 -1.63 28.44 34.74
N GLU L 125 -2.70 29.24 34.89
CA GLU L 125 -2.54 30.59 35.41
C GLU L 125 -2.04 30.57 36.86
N LYS L 126 -2.56 29.65 37.67
CA LYS L 126 -2.09 29.54 39.04
C LYS L 126 -0.62 29.16 39.12
N LEU L 127 -0.15 28.28 38.22
CA LEU L 127 1.24 27.86 38.18
C LEU L 127 2.11 28.82 37.38
N GLY L 128 1.54 29.87 36.80
CA GLY L 128 2.31 30.80 36.01
C GLY L 128 2.70 30.31 34.64
N MET L 129 2.03 29.28 34.13
CA MET L 129 2.34 28.74 32.81
C MET L 129 1.48 29.42 31.74
N MET M 51 -12.49 72.94 -8.55
CA MET M 51 -13.41 72.13 -9.38
C MET M 51 -12.79 70.76 -9.65
N GLN M 52 -11.70 70.44 -8.95
CA GLN M 52 -11.01 69.13 -9.15
C GLN M 52 -11.97 68.00 -8.78
N ASP M 53 -12.56 68.06 -7.58
CA ASP M 53 -13.51 67.02 -7.15
C ASP M 53 -14.70 67.00 -8.10
N ILE M 54 -15.06 68.18 -8.62
CA ILE M 54 -16.22 68.28 -9.54
C ILE M 54 -15.92 67.44 -10.80
N ASP M 55 -14.74 67.65 -11.40
CA ASP M 55 -14.37 66.87 -12.61
C ASP M 55 -14.30 65.39 -12.21
N LEU M 56 -13.78 65.12 -11.01
CA LEU M 56 -13.65 63.73 -10.54
C LEU M 56 -15.01 63.07 -10.65
N ILE M 57 -16.04 63.70 -10.08
CA ILE M 57 -17.38 63.03 -10.08
C ILE M 57 -17.95 63.03 -11.50
N MET M 58 -17.73 64.10 -12.26
CA MET M 58 -18.22 64.18 -13.66
C MET M 58 -17.71 62.97 -14.45
N ASP M 59 -16.51 62.47 -14.12
CA ASP M 59 -15.93 61.37 -14.93
C ASP M 59 -16.73 60.06 -14.83
N ILE M 60 -17.99 60.10 -14.37
CA ILE M 60 -18.84 58.88 -14.23
C ILE M 60 -19.95 58.77 -15.30
N PRO M 61 -20.03 57.72 -16.14
CA PRO M 61 -21.17 57.68 -17.05
C PRO M 61 -22.49 57.56 -16.31
N VAL M 62 -23.51 58.26 -16.82
CA VAL M 62 -24.85 58.23 -16.26
C VAL M 62 -25.85 58.08 -17.40
N LYS M 63 -27.05 57.64 -17.05
CA LYS M 63 -28.12 57.40 -18.02
C LYS M 63 -29.17 58.50 -17.91
N LEU M 64 -29.62 59.00 -19.06
CA LEU M 64 -30.67 59.99 -19.13
C LEU M 64 -31.94 59.36 -19.69
N THR M 65 -33.08 59.70 -19.09
CA THR M 65 -34.36 59.13 -19.45
C THR M 65 -35.36 60.23 -19.75
N VAL M 66 -36.05 60.11 -20.88
CA VAL M 66 -37.09 61.05 -21.28
C VAL M 66 -38.43 60.30 -21.26
N GLU M 67 -39.39 60.84 -20.54
CA GLU M 67 -40.70 60.21 -20.40
C GLU M 67 -41.74 60.94 -21.24
N LEU M 68 -42.47 60.17 -22.05
CA LEU M 68 -43.51 60.77 -22.89
C LEU M 68 -44.63 61.37 -22.04
N GLY M 69 -45.06 60.65 -21.02
CA GLY M 69 -46.14 61.14 -20.18
C GLY M 69 -46.44 60.14 -19.08
N ARG M 70 -47.31 60.56 -18.17
CA ARG M 70 -47.72 59.75 -17.04
C ARG M 70 -49.24 59.66 -17.00
N THR M 71 -49.74 58.55 -16.48
CA THR M 71 -51.17 58.35 -16.32
C THR M 71 -51.41 57.28 -15.25
N ARG M 72 -52.62 57.26 -14.73
CA ARG M 72 -53.03 56.30 -13.72
C ARG M 72 -54.24 55.51 -14.21
N MET M 73 -54.18 54.20 -14.04
CA MET M 73 -55.28 53.33 -14.45
C MET M 73 -55.31 52.12 -13.53
N THR M 74 -56.46 51.45 -13.51
CA THR M 74 -56.62 50.24 -12.73
C THR M 74 -56.04 49.05 -13.49
N ILE M 75 -55.72 48.00 -12.73
CA ILE M 75 -55.19 46.77 -13.33
C ILE M 75 -56.23 46.10 -14.20
N LYS M 76 -57.51 46.20 -13.83
CA LYS M 76 -58.58 45.67 -14.66
C LYS M 76 -58.57 46.32 -16.04
N GLU M 77 -58.41 47.64 -16.08
CA GLU M 77 -58.31 48.35 -17.36
C GLU M 77 -57.07 47.90 -18.13
N LEU M 78 -55.97 47.65 -17.43
CA LEU M 78 -54.77 47.16 -18.09
C LEU M 78 -55.01 45.79 -18.71
N LEU M 79 -55.73 44.91 -18.02
CA LEU M 79 -56.08 43.61 -18.58
C LEU M 79 -57.04 43.74 -19.75
N ARG M 80 -57.89 44.77 -19.75
CA ARG M 80 -58.77 45.01 -20.89
C ARG M 80 -58.03 45.52 -22.13
N LEU M 81 -56.75 45.87 -21.99
CA LEU M 81 -55.96 46.35 -23.10
C LEU M 81 -55.47 45.18 -23.94
N THR M 82 -55.66 45.27 -25.25
CA THR M 82 -55.21 44.28 -26.21
C THR M 82 -54.40 44.99 -27.29
N GLN M 83 -54.03 44.24 -28.33
CA GLN M 83 -53.34 44.83 -29.46
C GLN M 83 -54.25 45.85 -30.15
N GLY M 84 -53.72 47.06 -30.33
CA GLY M 84 -54.48 48.14 -30.90
C GLY M 84 -55.25 48.99 -29.90
N SER M 85 -55.21 48.64 -28.62
CA SER M 85 -55.91 49.42 -27.61
C SER M 85 -55.30 50.80 -27.47
N VAL M 86 -56.10 51.74 -26.98
CA VAL M 86 -55.70 53.16 -26.88
C VAL M 86 -55.69 53.55 -25.42
N VAL M 87 -54.59 54.16 -24.98
CA VAL M 87 -54.43 54.67 -23.63
C VAL M 87 -54.09 56.16 -23.71
N ALA M 88 -54.85 56.98 -23.00
CA ALA M 88 -54.63 58.41 -22.97
C ALA M 88 -53.65 58.78 -21.85
N LEU M 89 -52.89 59.84 -22.07
CA LEU M 89 -51.94 60.34 -21.11
C LEU M 89 -52.43 61.66 -20.50
N ASP M 90 -52.03 61.91 -19.26
CA ASP M 90 -52.46 63.10 -18.55
C ASP M 90 -51.84 64.38 -19.10
N GLY M 91 -50.76 64.28 -19.86
CA GLY M 91 -50.10 65.46 -20.41
C GLY M 91 -50.74 65.89 -21.72
N LEU M 92 -50.91 67.21 -21.86
CA LEU M 92 -51.47 67.76 -23.08
C LEU M 92 -50.49 67.60 -24.24
N ALA M 93 -51.04 67.46 -25.44
CA ALA M 93 -50.22 67.32 -26.63
C ALA M 93 -49.40 68.59 -26.86
N GLY M 94 -48.10 68.43 -27.06
CA GLY M 94 -47.20 69.55 -27.29
C GLY M 94 -46.46 70.04 -26.07
N GLU M 95 -46.89 69.65 -24.87
CA GLU M 95 -46.19 70.07 -23.67
C GLU M 95 -44.80 69.46 -23.63
N PRO M 96 -43.82 70.18 -23.07
CA PRO M 96 -42.47 69.61 -22.96
C PRO M 96 -42.46 68.35 -22.12
N LEU M 97 -41.65 67.38 -22.54
CA LEU M 97 -41.59 66.08 -21.89
C LEU M 97 -40.58 66.09 -20.75
N ASP M 98 -40.86 65.29 -19.73
CA ASP M 98 -40.00 65.23 -18.55
C ASP M 98 -38.67 64.56 -18.89
N ILE M 99 -37.58 65.14 -18.39
CA ILE M 99 -36.23 64.61 -18.58
C ILE M 99 -35.75 64.12 -17.23
N LEU M 100 -35.33 62.85 -17.17
CA LEU M 100 -34.94 62.22 -15.92
C LEU M 100 -33.52 61.67 -16.02
N ILE M 101 -32.77 61.83 -14.94
CA ILE M 101 -31.45 61.23 -14.79
C ILE M 101 -31.55 60.16 -13.71
N ASN M 102 -31.38 58.90 -14.13
CA ASN M 102 -31.48 57.75 -13.22
C ASN M 102 -32.81 57.77 -12.46
N GLY M 103 -33.88 58.19 -13.15
CA GLY M 103 -35.19 58.27 -12.55
C GLY M 103 -35.50 59.55 -11.83
N TYR M 104 -34.59 60.53 -11.83
CA TYR M 104 -34.79 61.79 -11.13
C TYR M 104 -35.06 62.88 -12.15
N LEU M 105 -36.20 63.55 -12.01
CA LEU M 105 -36.59 64.61 -12.94
C LEU M 105 -35.75 65.86 -12.68
N ILE M 106 -35.03 66.31 -13.71
CA ILE M 106 -34.19 67.50 -13.59
C ILE M 106 -34.49 68.57 -14.63
N ALA M 107 -35.19 68.27 -15.72
CA ALA M 107 -35.44 69.26 -16.76
C ALA M 107 -36.60 68.80 -17.63
N GLN M 108 -36.99 69.67 -18.55
CA GLN M 108 -38.06 69.40 -19.51
C GLN M 108 -37.57 69.73 -20.92
N GLY M 109 -38.09 68.99 -21.90
CA GLY M 109 -37.64 69.17 -23.26
C GLY M 109 -38.72 68.86 -24.27
N GLU M 110 -38.46 69.22 -25.52
CA GLU M 110 -39.38 69.06 -26.62
C GLU M 110 -38.81 68.10 -27.66
N VAL M 111 -39.70 67.34 -28.30
CA VAL M 111 -39.29 66.30 -29.22
C VAL M 111 -38.92 66.92 -30.56
N VAL M 112 -37.75 66.55 -31.09
CA VAL M 112 -37.31 66.95 -32.42
C VAL M 112 -36.74 65.72 -33.12
N VAL M 113 -36.65 65.82 -34.45
CA VAL M 113 -36.11 64.77 -35.30
C VAL M 113 -34.78 65.26 -35.86
N VAL M 114 -33.72 64.49 -35.64
CA VAL M 114 -32.37 64.89 -36.04
C VAL M 114 -31.88 63.92 -37.09
N ALA M 115 -32.07 64.29 -38.36
CA ALA M 115 -31.42 63.67 -39.52
C ALA M 115 -31.94 62.27 -39.82
N ASP M 116 -32.76 61.71 -38.90
CA ASP M 116 -33.35 60.38 -38.93
C ASP M 116 -33.48 59.83 -37.51
N LYS M 117 -33.21 60.66 -36.51
CA LYS M 117 -33.22 60.22 -35.12
C LYS M 117 -34.01 61.20 -34.28
N TYR M 118 -34.70 60.67 -33.26
CA TYR M 118 -35.43 61.49 -32.32
C TYR M 118 -34.46 62.29 -31.45
N GLY M 119 -34.89 63.49 -31.06
CA GLY M 119 -34.09 64.33 -30.21
C GLY M 119 -34.96 65.12 -29.26
N VAL M 120 -34.34 65.54 -28.16
CA VAL M 120 -35.03 66.33 -27.13
C VAL M 120 -34.34 67.69 -27.03
N ARG M 121 -35.12 68.75 -27.23
CA ARG M 121 -34.60 70.11 -27.15
C ARG M 121 -34.75 70.62 -25.72
N ILE M 122 -33.63 70.92 -25.07
CA ILE M 122 -33.66 71.39 -23.70
C ILE M 122 -34.38 72.73 -23.65
N THR M 123 -35.37 72.83 -22.77
CA THR M 123 -36.18 74.04 -22.64
C THR M 123 -35.98 74.76 -21.32
N ASP M 124 -36.17 74.06 -20.19
CA ASP M 124 -36.09 74.71 -18.90
C ASP M 124 -35.76 73.67 -17.83
N ILE M 125 -34.98 74.07 -16.83
CA ILE M 125 -34.45 73.12 -15.81
C ILE M 125 -35.44 72.93 -14.65
N ILE M 126 -35.07 73.36 -13.44
CA ILE M 126 -35.96 73.07 -12.27
C ILE M 126 -35.90 74.17 -11.21
N THR M 127 -34.96 74.10 -10.25
CA THR M 127 -34.88 75.06 -9.10
C THR M 127 -35.89 74.65 -8.04
N PRO M 128 -35.60 74.88 -6.74
CA PRO M 128 -36.49 74.42 -5.67
C PRO M 128 -37.93 74.91 -5.94
N SER M 129 -38.05 76.08 -6.57
CA SER M 129 -39.40 76.61 -6.90
C SER M 129 -40.14 75.60 -7.77
N GLU M 130 -39.57 75.22 -8.92
CA GLU M 130 -40.19 74.18 -9.79
C GLU M 130 -40.15 72.85 -9.05
N ARG M 131 -39.04 72.56 -8.39
CA ARG M 131 -38.97 71.32 -7.58
C ARG M 131 -40.24 71.26 -6.72
N MET M 132 -40.41 72.22 -5.84
CA MET M 132 -41.65 72.27 -5.02
C MET M 132 -42.86 72.35 -5.96
N ARG M 133 -42.77 73.15 -7.03
CA ARG M 133 -43.94 73.32 -7.92
C ARG M 133 -44.38 71.94 -8.39
N ARG M 134 -43.47 71.17 -8.98
CA ARG M 134 -43.83 69.82 -9.49
C ARG M 134 -44.17 68.93 -8.29
N LEU M 135 -43.49 69.13 -7.16
CA LEU M 135 -43.84 68.35 -5.94
C LEU M 135 -45.33 68.56 -5.68
N SER M 136 -45.75 69.82 -5.59
CA SER M 136 -47.19 70.12 -5.40
C SER M 136 -47.98 69.66 -6.62
N ARG M 137 -47.53 70.05 -7.82
CA ARG M 137 -48.21 69.61 -9.06
C ARG M 137 -48.49 68.10 -8.98
N MET N 51 -58.68 86.18 8.73
CA MET N 51 -59.60 85.44 9.59
C MET N 51 -60.93 85.20 8.88
N GLN N 52 -61.31 86.12 8.00
CA GLN N 52 -62.54 85.96 7.24
C GLN N 52 -62.48 84.74 6.34
N ASP N 53 -61.42 84.63 5.53
CA ASP N 53 -61.21 83.43 4.73
C ASP N 53 -61.02 82.21 5.61
N ILE N 54 -60.42 82.39 6.78
CA ILE N 54 -60.23 81.29 7.73
C ILE N 54 -61.59 80.72 8.14
N ASP N 55 -62.54 81.62 8.47
CA ASP N 55 -63.88 81.16 8.82
C ASP N 55 -64.59 80.55 7.61
N LEU N 56 -64.44 81.16 6.44
CA LEU N 56 -65.10 80.66 5.24
C LEU N 56 -64.69 79.22 4.94
N ILE N 57 -63.40 78.92 5.06
CA ILE N 57 -62.95 77.55 4.90
C ILE N 57 -63.22 76.71 6.14
N MET N 58 -63.38 77.33 7.31
CA MET N 58 -63.75 76.60 8.51
C MET N 58 -65.13 75.98 8.39
N ASP N 59 -66.03 76.62 7.64
CA ASP N 59 -67.35 76.06 7.43
C ASP N 59 -67.31 74.98 6.36
N ILE N 60 -66.42 74.01 6.52
CA ILE N 60 -66.24 72.91 5.56
C ILE N 60 -65.85 71.64 6.33
N PRO N 61 -66.46 70.50 6.07
CA PRO N 61 -65.99 69.26 6.69
C PRO N 61 -64.90 68.60 5.86
N VAL N 62 -63.92 68.03 6.57
CA VAL N 62 -62.82 67.32 5.95
C VAL N 62 -62.58 66.02 6.70
N LYS N 63 -61.90 65.08 6.04
CA LYS N 63 -61.63 63.77 6.60
C LYS N 63 -60.16 63.66 7.01
N LEU N 64 -59.91 63.10 8.19
CA LEU N 64 -58.57 62.87 8.68
C LEU N 64 -58.27 61.38 8.66
N THR N 65 -57.06 61.02 8.22
CA THR N 65 -56.65 59.64 8.08
C THR N 65 -55.35 59.41 8.83
N VAL N 66 -55.31 58.34 9.63
CA VAL N 66 -54.12 57.92 10.36
C VAL N 66 -53.67 56.59 9.80
N GLU N 67 -52.40 56.52 9.38
CA GLU N 67 -51.84 55.32 8.78
C GLU N 67 -50.94 54.60 9.77
N LEU N 68 -51.18 53.30 9.95
CA LEU N 68 -50.35 52.52 10.86
C LEU N 68 -48.91 52.42 10.37
N GLY N 69 -48.72 52.19 9.08
CA GLY N 69 -47.38 52.08 8.53
C GLY N 69 -47.44 51.82 7.04
N ARG N 70 -46.26 51.84 6.43
CA ARG N 70 -46.12 51.61 5.01
C ARG N 70 -45.10 50.51 4.75
N THR N 71 -45.28 49.78 3.66
CA THR N 71 -44.35 48.73 3.27
C THR N 71 -44.51 48.47 1.78
N ARG N 72 -43.51 47.83 1.20
CA ARG N 72 -43.50 47.48 -0.21
C ARG N 72 -43.32 45.98 -0.36
N MET N 73 -44.13 45.37 -1.22
CA MET N 73 -44.04 43.95 -1.47
C MET N 73 -44.49 43.67 -2.89
N THR N 74 -44.11 42.50 -3.40
CA THR N 74 -44.51 42.09 -4.73
C THR N 74 -45.92 41.50 -4.70
N ILE N 75 -46.57 41.50 -5.87
CA ILE N 75 -47.91 40.94 -5.98
C ILE N 75 -47.89 39.43 -5.74
N LYS N 76 -46.81 38.76 -6.14
CA LYS N 76 -46.68 37.33 -5.84
C LYS N 76 -46.73 37.08 -4.35
N GLU N 77 -46.02 37.90 -3.57
CA GLU N 77 -46.06 37.77 -2.12
C GLU N 77 -47.46 38.06 -1.58
N LEU N 78 -48.15 39.02 -2.19
CA LEU N 78 -49.53 39.30 -1.79
C LEU N 78 -50.43 38.10 -2.03
N LEU N 79 -50.26 37.43 -3.18
CA LEU N 79 -51.02 36.22 -3.47
C LEU N 79 -50.66 35.09 -2.52
N ARG N 80 -49.41 35.04 -2.04
CA ARG N 80 -49.01 34.04 -1.06
C ARG N 80 -49.63 34.29 0.32
N LEU N 81 -50.25 35.44 0.53
CA LEU N 81 -50.86 35.76 1.81
C LEU N 81 -52.23 35.09 1.91
N THR N 82 -52.46 34.41 3.02
CA THR N 82 -53.73 33.76 3.33
C THR N 82 -54.20 34.23 4.71
N GLN N 83 -55.28 33.62 5.19
CA GLN N 83 -55.76 33.91 6.53
C GLN N 83 -54.71 33.53 7.55
N GLY N 84 -54.36 34.47 8.43
CA GLY N 84 -53.33 34.26 9.42
C GLY N 84 -51.93 34.63 8.97
N SER N 85 -51.76 35.05 7.71
CA SER N 85 -50.43 35.43 7.23
C SER N 85 -49.94 36.69 7.94
N VAL N 86 -48.63 36.85 7.97
CA VAL N 86 -47.98 37.94 8.70
C VAL N 86 -47.24 38.84 7.70
N VAL N 87 -47.49 40.14 7.79
CA VAL N 87 -46.82 41.13 6.97
C VAL N 87 -46.14 42.14 7.89
N ALA N 88 -44.85 42.37 7.67
CA ALA N 88 -44.10 43.33 8.45
C ALA N 88 -44.17 44.72 7.82
N LEU N 89 -44.11 45.74 8.68
CA LEU N 89 -44.14 47.12 8.24
C LEU N 89 -42.76 47.75 8.42
N ASP N 90 -42.47 48.74 7.57
CA ASP N 90 -41.17 49.40 7.60
C ASP N 90 -40.98 50.29 8.82
N GLY N 91 -42.05 50.67 9.51
CA GLY N 91 -41.94 51.52 10.68
C GLY N 91 -41.65 50.72 11.94
N LEU N 92 -40.75 51.24 12.75
CA LEU N 92 -40.41 50.60 14.01
C LEU N 92 -41.58 50.69 14.99
N ALA N 93 -41.68 49.68 15.85
CA ALA N 93 -42.74 49.65 16.85
C ALA N 93 -42.57 50.81 17.82
N GLY N 94 -43.66 51.56 18.02
CA GLY N 94 -43.65 52.69 18.93
C GLY N 94 -43.45 54.04 18.27
N GLU N 95 -43.00 54.06 17.02
CA GLU N 95 -42.82 55.33 16.33
C GLU N 95 -44.18 56.01 16.10
N PRO N 96 -44.22 57.34 16.13
CA PRO N 96 -45.48 58.04 15.88
C PRO N 96 -46.02 57.73 14.49
N LEU N 97 -47.33 57.58 14.40
CA LEU N 97 -47.98 57.21 13.15
C LEU N 97 -48.31 58.44 12.31
N ASP N 98 -48.29 58.27 10.99
CA ASP N 98 -48.54 59.37 10.08
C ASP N 98 -50.00 59.80 10.14
N ILE N 99 -50.22 61.11 10.16
CA ILE N 99 -51.57 61.69 10.17
C ILE N 99 -51.78 62.38 8.83
N LEU N 100 -52.85 62.01 8.13
CA LEU N 100 -53.12 62.50 6.78
C LEU N 100 -54.49 63.16 6.71
N ILE N 101 -54.55 64.27 5.98
CA ILE N 101 -55.80 64.95 5.67
C ILE N 101 -56.06 64.77 4.18
N ASN N 102 -57.12 64.03 3.85
CA ASN N 102 -57.47 63.73 2.45
C ASN N 102 -56.28 63.15 1.70
N GLY N 103 -55.51 62.32 2.39
CA GLY N 103 -54.34 61.69 1.81
C GLY N 103 -53.06 62.50 1.87
N TYR N 104 -53.08 63.67 2.50
CA TYR N 104 -51.91 64.54 2.59
C TYR N 104 -51.36 64.48 4.01
N LEU N 105 -50.10 64.11 4.14
CA LEU N 105 -49.46 63.98 5.45
C LEU N 105 -49.17 65.37 6.02
N ILE N 106 -49.72 65.66 7.19
CA ILE N 106 -49.52 66.96 7.83
C ILE N 106 -48.97 66.86 9.24
N ALA N 107 -49.03 65.70 9.90
CA ALA N 107 -48.57 65.60 11.29
C ALA N 107 -48.34 64.14 11.63
N GLN N 108 -47.82 63.93 12.84
CA GLN N 108 -47.57 62.59 13.37
C GLN N 108 -48.16 62.49 14.76
N GLY N 109 -48.60 61.28 15.12
CA GLY N 109 -49.24 61.07 16.40
C GLY N 109 -49.01 59.68 16.94
N GLU N 110 -49.39 59.51 18.22
CA GLU N 110 -49.20 58.26 18.94
C GLU N 110 -50.56 57.68 19.33
N VAL N 111 -50.62 56.35 19.36
CA VAL N 111 -51.88 55.65 19.60
C VAL N 111 -52.18 55.64 21.09
N VAL N 112 -53.41 56.04 21.44
CA VAL N 112 -53.90 55.96 22.81
C VAL N 112 -55.31 55.38 22.79
N VAL N 113 -55.75 54.91 23.95
CA VAL N 113 -57.08 54.33 24.13
C VAL N 113 -57.87 55.29 25.01
N VAL N 114 -59.04 55.71 24.53
CA VAL N 114 -59.86 56.71 25.20
C VAL N 114 -61.17 56.06 25.61
N ALA N 115 -61.22 55.55 26.84
CA ALA N 115 -62.44 55.15 27.52
C ALA N 115 -63.08 53.89 26.95
N ASP N 116 -62.55 53.42 25.80
CA ASP N 116 -62.99 52.25 25.02
C ASP N 116 -62.78 52.50 23.53
N LYS N 117 -62.11 53.60 23.19
CA LYS N 117 -61.92 53.98 21.80
C LYS N 117 -60.46 54.33 21.54
N TYR N 118 -60.00 54.01 20.34
CA TYR N 118 -58.65 54.37 19.93
C TYR N 118 -58.54 55.88 19.75
N GLY N 119 -57.35 56.40 20.04
CA GLY N 119 -57.09 57.82 19.88
C GLY N 119 -55.66 58.06 19.43
N VAL N 120 -55.46 59.22 18.82
CA VAL N 120 -54.15 59.63 18.32
C VAL N 120 -53.73 60.90 19.07
N ARG N 121 -52.58 60.84 19.72
CA ARG N 121 -52.05 61.98 20.46
C ARG N 121 -51.15 62.79 19.55
N ILE N 122 -51.54 64.05 19.28
CA ILE N 122 -50.76 64.90 18.40
C ILE N 122 -49.38 65.14 19.03
N THR N 123 -48.34 64.90 18.24
CA THR N 123 -46.96 65.04 18.71
C THR N 123 -46.21 66.16 18.03
N ASP N 124 -46.14 66.16 16.69
CA ASP N 124 -45.37 67.15 15.98
C ASP N 124 -45.90 67.30 14.56
N ILE N 125 -45.76 68.50 14.01
CA ILE N 125 -46.17 68.76 12.63
C ILE N 125 -45.20 68.09 11.68
N ILE N 126 -45.61 68.02 10.40
CA ILE N 126 -44.82 67.29 9.41
C ILE N 126 -43.46 67.95 9.20
N THR N 127 -43.46 69.28 8.97
CA THR N 127 -42.29 70.12 8.71
C THR N 127 -41.74 69.84 7.32
N PRO N 128 -41.36 70.87 6.52
CA PRO N 128 -41.03 70.68 5.07
C PRO N 128 -39.74 69.97 4.62
N SER N 129 -38.69 70.04 5.42
CA SER N 129 -37.47 69.26 5.07
C SER N 129 -37.88 67.80 5.13
N GLU N 130 -38.50 67.42 6.25
CA GLU N 130 -38.99 66.02 6.39
C GLU N 130 -40.03 65.79 5.28
N ARG N 131 -40.78 66.82 4.90
CA ARG N 131 -41.77 66.68 3.81
C ARG N 131 -41.07 66.16 2.57
N MET N 132 -40.08 66.89 2.06
CA MET N 132 -39.38 66.44 0.84
C MET N 132 -38.80 65.05 1.11
N ARG N 133 -38.18 64.86 2.28
CA ARG N 133 -37.51 63.55 2.53
C ARG N 133 -38.49 62.40 2.34
N ARG N 134 -39.68 62.51 2.92
CA ARG N 134 -40.71 61.43 2.84
C ARG N 134 -41.21 61.33 1.40
N LEU N 135 -41.39 62.47 0.74
CA LEU N 135 -41.79 62.40 -0.69
C LEU N 135 -40.76 61.56 -1.45
N SER N 136 -39.47 61.81 -1.19
CA SER N 136 -38.39 61.07 -1.89
C SER N 136 -38.45 59.59 -1.53
N ARG N 137 -38.62 59.29 -0.24
CA ARG N 137 -38.69 57.88 0.23
C ARG N 137 -39.46 57.04 -0.79
N MET O 51 -0.67 7.86 -47.36
CA MET O 51 0.66 7.44 -46.91
C MET O 51 1.73 7.86 -47.91
N GLN O 52 1.36 7.93 -49.19
CA GLN O 52 2.30 8.36 -50.22
C GLN O 52 2.74 9.80 -49.98
N ASP O 53 1.77 10.71 -49.82
CA ASP O 53 2.09 12.09 -49.47
C ASP O 53 2.78 12.16 -48.12
N ILE O 54 2.41 11.26 -47.19
CA ILE O 54 3.05 11.23 -45.89
C ILE O 54 4.55 10.95 -46.04
N ASP O 55 4.90 9.98 -46.89
CA ASP O 55 6.32 9.71 -47.14
C ASP O 55 6.99 10.86 -47.87
N LEU O 56 6.29 11.44 -48.85
CA LEU O 56 6.86 12.54 -49.62
C LEU O 56 7.25 13.71 -48.72
N ILE O 57 6.38 14.06 -47.77
CA ILE O 57 6.74 15.09 -46.81
C ILE O 57 7.66 14.57 -45.72
N MET O 58 7.68 13.26 -45.49
CA MET O 58 8.61 12.67 -44.54
C MET O 58 10.06 12.86 -44.98
N ASP O 59 10.29 12.88 -46.30
CA ASP O 59 11.63 13.11 -46.80
C ASP O 59 11.96 14.59 -46.77
N ILE O 60 11.80 15.23 -45.62
CA ILE O 60 12.07 16.66 -45.44
C ILE O 60 12.57 16.88 -44.02
N PRO O 61 13.65 17.64 -43.82
CA PRO O 61 14.06 18.00 -42.45
C PRO O 61 13.37 19.25 -41.96
N VAL O 62 13.00 19.22 -40.67
CA VAL O 62 12.37 20.37 -40.02
C VAL O 62 13.03 20.60 -38.67
N LYS O 63 12.86 21.80 -38.13
CA LYS O 63 13.46 22.20 -36.87
C LYS O 63 12.40 22.24 -35.78
N LEU O 64 12.73 21.71 -34.61
CA LEU O 64 11.86 21.73 -33.45
C LEU O 64 12.42 22.70 -32.41
N THR O 65 11.54 23.49 -31.80
CA THR O 65 11.92 24.51 -30.84
C THR O 65 11.14 24.33 -29.55
N VAL O 66 11.85 24.34 -28.42
CA VAL O 66 11.24 24.26 -27.10
C VAL O 66 11.48 25.58 -26.39
N GLU O 67 10.41 26.20 -25.91
CA GLU O 67 10.48 27.49 -25.25
C GLU O 67 10.33 27.33 -23.74
N LEU O 68 11.27 27.92 -22.99
CA LEU O 68 11.19 27.84 -21.54
C LEU O 68 9.97 28.57 -21.00
N GLY O 69 9.69 29.75 -21.53
CA GLY O 69 8.54 30.51 -21.05
C GLY O 69 8.44 31.81 -21.82
N ARG O 70 7.35 32.53 -21.55
CA ARG O 70 7.06 33.80 -22.19
C ARG O 70 6.77 34.85 -21.13
N THR O 71 7.10 36.10 -21.45
CA THR O 71 6.84 37.21 -20.56
C THR O 71 6.81 38.49 -21.37
N ARG O 72 6.21 39.53 -20.79
CA ARG O 72 6.12 40.84 -21.41
C ARG O 72 6.76 41.88 -20.50
N MET O 73 7.58 42.75 -21.09
CA MET O 73 8.23 43.81 -20.35
C MET O 73 8.46 44.99 -21.27
N THR O 74 8.68 46.16 -20.67
CA THR O 74 8.97 47.36 -21.43
C THR O 74 10.44 47.40 -21.82
N ILE O 75 10.73 48.17 -22.86
CA ILE O 75 12.10 48.32 -23.32
C ILE O 75 12.95 49.02 -22.27
N LYS O 76 12.36 49.95 -21.52
CA LYS O 76 13.08 50.60 -20.43
C LYS O 76 13.56 49.57 -19.42
N GLU O 77 12.70 48.63 -19.06
CA GLU O 77 13.10 47.57 -18.14
C GLU O 77 14.19 46.70 -18.75
N LEU O 78 14.11 46.45 -20.05
CA LEU O 78 15.16 45.69 -20.73
C LEU O 78 16.50 46.42 -20.66
N LEU O 79 16.49 47.74 -20.84
CA LEU O 79 17.71 48.52 -20.70
C LEU O 79 18.22 48.54 -19.26
N ARG O 80 17.32 48.43 -18.29
CA ARG O 80 17.74 48.35 -16.89
C ARG O 80 18.37 47.01 -16.55
N LEU O 81 18.30 46.03 -17.44
CA LEU O 81 18.89 44.72 -17.21
C LEU O 81 20.38 44.76 -17.49
N THR O 82 21.16 44.25 -16.55
CA THR O 82 22.61 44.14 -16.67
C THR O 82 23.02 42.69 -16.39
N GLN O 83 24.33 42.47 -16.32
CA GLN O 83 24.83 41.15 -15.96
C GLN O 83 24.38 40.79 -14.54
N GLY O 84 23.77 39.62 -14.41
CA GLY O 84 23.24 39.18 -13.14
C GLY O 84 21.81 39.59 -12.87
N SER O 85 21.18 40.36 -13.76
CA SER O 85 19.80 40.78 -13.56
C SER O 85 18.86 39.58 -13.63
N VAL O 86 17.70 39.73 -13.00
CA VAL O 86 16.72 38.65 -12.86
C VAL O 86 15.44 39.04 -13.59
N VAL O 87 14.95 38.15 -14.44
CA VAL O 87 13.71 38.33 -15.16
C VAL O 87 12.79 37.16 -14.85
N ALA O 88 11.57 37.45 -14.43
CA ALA O 88 10.59 36.43 -14.12
C ALA O 88 9.78 36.08 -15.36
N LEU O 89 9.34 34.82 -15.42
CA LEU O 89 8.52 34.33 -16.52
C LEU O 89 7.09 34.10 -16.05
N ASP O 90 6.15 34.24 -16.98
CA ASP O 90 4.74 34.09 -16.66
C ASP O 90 4.34 32.64 -16.36
N GLY O 91 5.15 31.67 -16.76
CA GLY O 91 4.84 30.28 -16.51
C GLY O 91 5.29 29.83 -15.13
N LEU O 92 4.42 29.06 -14.47
CA LEU O 92 4.75 28.52 -13.15
C LEU O 92 5.86 27.49 -13.26
N ALA O 93 6.66 27.39 -12.20
CA ALA O 93 7.74 26.41 -12.16
C ALA O 93 7.17 25.00 -12.19
N GLY O 94 7.69 24.17 -13.10
CA GLY O 94 7.25 22.81 -13.23
C GLY O 94 6.22 22.55 -14.31
N GLU O 95 5.59 23.62 -14.83
CA GLU O 95 4.62 23.43 -15.90
C GLU O 95 5.32 22.94 -17.17
N PRO O 96 4.64 22.11 -17.96
CA PRO O 96 5.24 21.64 -19.22
C PRO O 96 5.56 22.80 -20.15
N LEU O 97 6.69 22.69 -20.83
CA LEU O 97 7.18 23.75 -21.71
C LEU O 97 6.60 23.60 -23.11
N ASP O 98 6.42 24.74 -23.77
CA ASP O 98 5.84 24.75 -25.11
C ASP O 98 6.83 24.14 -26.12
N ILE O 99 6.30 23.32 -27.02
CA ILE O 99 7.07 22.69 -28.08
C ILE O 99 6.61 23.28 -29.40
N LEU O 100 7.54 23.83 -30.17
CA LEU O 100 7.23 24.54 -31.41
C LEU O 100 7.97 23.92 -32.58
N ILE O 101 7.28 23.83 -33.72
CA ILE O 101 7.87 23.40 -34.98
C ILE O 101 7.89 24.61 -35.90
N ASN O 102 9.08 25.11 -36.22
CA ASN O 102 9.24 26.29 -37.06
C ASN O 102 8.44 27.48 -36.53
N GLY O 103 8.40 27.59 -35.20
CA GLY O 103 7.67 28.65 -34.54
C GLY O 103 6.20 28.38 -34.30
N TYR O 104 5.71 27.19 -34.63
CA TYR O 104 4.30 26.84 -34.45
C TYR O 104 4.16 25.87 -33.29
N LEU O 105 3.37 26.26 -32.29
CA LEU O 105 3.18 25.44 -31.11
C LEU O 105 2.29 24.24 -31.43
N ILE O 106 2.83 23.03 -31.22
CA ILE O 106 2.08 21.80 -31.50
C ILE O 106 1.98 20.87 -30.30
N ALA O 107 2.78 21.03 -29.25
CA ALA O 107 2.74 20.11 -28.13
C ALA O 107 3.42 20.75 -26.93
N GLN O 108 3.35 20.04 -25.80
CA GLN O 108 3.97 20.48 -24.55
C GLN O 108 4.78 19.33 -23.98
N GLY O 109 5.87 19.68 -23.28
CA GLY O 109 6.76 18.67 -22.75
C GLY O 109 7.44 19.12 -21.47
N GLU O 110 8.10 18.16 -20.82
CA GLU O 110 8.76 18.36 -19.55
C GLU O 110 10.26 18.13 -19.69
N VAL O 111 11.04 18.89 -18.93
CA VAL O 111 12.50 18.86 -19.05
C VAL O 111 13.05 17.64 -18.33
N VAL O 112 13.90 16.88 -19.02
CA VAL O 112 14.62 15.76 -18.42
C VAL O 112 16.08 15.84 -18.86
N VAL O 113 16.92 15.13 -18.11
CA VAL O 113 18.36 15.06 -18.39
C VAL O 113 18.66 13.64 -18.86
N VAL O 114 19.29 13.53 -20.04
CA VAL O 114 19.55 12.25 -20.67
C VAL O 114 21.07 12.05 -20.75
N ALA O 115 21.62 11.39 -19.74
CA ALA O 115 22.98 10.84 -19.76
C ALA O 115 24.06 11.91 -19.69
N ASP O 116 23.66 13.19 -19.80
CA ASP O 116 24.49 14.39 -19.81
C ASP O 116 23.89 15.45 -20.73
N LYS O 117 22.68 15.21 -21.23
CA LYS O 117 22.04 16.10 -22.18
C LYS O 117 20.61 16.38 -21.75
N TYR O 118 20.16 17.61 -22.02
CA TYR O 118 18.78 17.99 -21.75
C TYR O 118 17.83 17.25 -22.69
N GLY O 119 16.64 16.95 -22.19
CA GLY O 119 15.63 16.29 -22.98
C GLY O 119 14.25 16.80 -22.63
N VAL O 120 13.33 16.62 -23.57
CA VAL O 120 11.94 17.03 -23.41
C VAL O 120 11.06 15.79 -23.49
N ARG O 121 10.27 15.54 -22.45
CA ARG O 121 9.38 14.40 -22.40
C ARG O 121 8.01 14.81 -22.93
N ILE O 122 7.61 14.19 -24.05
CA ILE O 122 6.32 14.53 -24.66
C ILE O 122 5.20 14.19 -23.70
N THR O 123 4.32 15.15 -23.45
CA THR O 123 3.22 14.98 -22.51
C THR O 123 1.86 15.00 -23.18
N ASP O 124 1.54 16.06 -23.93
CA ASP O 124 0.22 16.18 -24.53
C ASP O 124 0.30 17.09 -25.75
N ILE O 125 -0.58 16.83 -26.71
CA ILE O 125 -0.65 17.67 -27.91
C ILE O 125 -1.28 19.01 -27.55
N ILE O 126 -1.17 19.97 -28.48
CA ILE O 126 -1.62 21.33 -28.21
C ILE O 126 -3.13 21.37 -27.99
N THR O 127 -3.89 20.77 -28.92
CA THR O 127 -5.36 20.70 -28.95
C THR O 127 -5.92 22.07 -29.32
N PRO O 128 -7.15 22.22 -29.83
CA PRO O 128 -7.60 23.55 -30.24
C PRO O 128 -7.90 24.50 -29.07
N SER O 129 -8.58 24.03 -28.04
CA SER O 129 -8.98 24.93 -26.93
C SER O 129 -7.78 25.54 -26.22
N GLU O 130 -6.82 24.71 -25.82
CA GLU O 130 -5.63 25.21 -25.12
C GLU O 130 -4.94 26.21 -26.04
N ARG O 131 -4.92 25.92 -27.32
CA ARG O 131 -4.27 26.81 -28.30
C ARG O 131 -4.94 28.17 -28.27
N MET O 132 -6.25 28.17 -28.38
CA MET O 132 -6.98 29.47 -28.43
C MET O 132 -6.75 30.20 -27.12
N ARG O 133 -6.68 29.45 -26.02
CA ARG O 133 -6.44 30.05 -24.68
C ARG O 133 -5.10 30.77 -24.67
N ARG O 134 -4.05 30.09 -25.13
CA ARG O 134 -2.70 30.70 -25.16
C ARG O 134 -2.77 31.93 -26.05
N LEU O 135 -3.53 31.83 -27.14
CA LEU O 135 -3.64 32.99 -28.07
C LEU O 135 -4.21 34.19 -27.30
N SER O 136 -5.35 33.99 -26.65
CA SER O 136 -5.99 35.09 -25.91
C SER O 136 -5.01 35.63 -24.87
N ARG O 137 -4.23 34.74 -24.26
CA ARG O 137 -3.20 35.16 -23.28
C ARG O 137 -2.33 36.25 -23.90
N MET P 532 5.37 -84.23 -21.92
CA MET P 532 4.81 -82.90 -22.10
C MET P 532 3.28 -82.94 -22.04
N SER P 533 2.75 -82.96 -20.82
CA SER P 533 1.31 -83.05 -20.59
C SER P 533 0.69 -81.66 -20.75
N GLN P 534 -0.57 -81.54 -20.32
CA GLN P 534 -1.31 -80.28 -20.44
C GLN P 534 -0.74 -79.19 -19.54
N ARG P 535 0.17 -79.54 -18.63
CA ARG P 535 0.72 -78.54 -17.72
C ARG P 535 1.43 -77.41 -18.47
N ILE P 536 2.05 -77.72 -19.61
CA ILE P 536 2.69 -76.68 -20.41
C ILE P 536 1.66 -75.67 -20.90
N ARG P 537 0.53 -76.17 -21.42
CA ARG P 537 -0.52 -75.28 -21.88
C ARG P 537 -1.15 -74.49 -20.74
N GLU P 538 -1.34 -75.14 -19.60
CA GLU P 538 -1.91 -74.45 -18.43
C GLU P 538 -0.98 -73.34 -17.96
N MET P 539 0.33 -73.59 -17.93
CA MET P 539 1.28 -72.57 -17.53
C MET P 539 1.34 -71.43 -18.54
N SER P 540 1.10 -71.72 -19.82
CA SER P 540 1.13 -70.68 -20.83
C SER P 540 -0.02 -69.69 -20.67
N ASP P 541 -1.10 -70.09 -20.01
CA ASP P 541 -2.26 -69.23 -19.82
C ASP P 541 -2.21 -68.42 -18.53
N ASN P 542 -1.13 -68.55 -17.76
CA ASN P 542 -1.00 -67.78 -16.53
C ASN P 542 -0.72 -66.32 -16.83
N ASP P 543 -1.07 -65.46 -15.88
CA ASP P 543 -0.85 -64.03 -16.04
C ASP P 543 0.65 -63.75 -16.09
N PRO P 544 1.11 -62.88 -17.00
CA PRO P 544 2.55 -62.57 -17.04
C PRO P 544 3.08 -61.96 -15.75
N ARG P 545 2.23 -61.25 -15.00
CA ARG P 545 2.67 -60.70 -13.71
C ARG P 545 3.00 -61.82 -12.72
N VAL P 546 2.22 -62.90 -12.74
CA VAL P 546 2.51 -64.04 -11.88
C VAL P 546 3.86 -64.66 -12.23
N VAL P 547 4.12 -64.82 -13.53
CA VAL P 547 5.40 -65.35 -13.98
C VAL P 547 6.54 -64.43 -13.56
N ALA P 548 6.33 -63.11 -13.69
CA ALA P 548 7.36 -62.16 -13.29
C ALA P 548 7.65 -62.24 -11.80
N LEU P 549 6.60 -62.38 -10.98
CA LEU P 549 6.80 -62.51 -9.54
C LEU P 549 7.52 -63.80 -9.18
N VAL P 550 7.18 -64.90 -9.86
CA VAL P 550 7.90 -66.16 -9.62
C VAL P 550 9.36 -66.02 -9.99
N ILE P 551 9.64 -65.38 -11.12
CA ILE P 551 11.03 -65.15 -11.55
C ILE P 551 11.77 -64.29 -10.52
N ARG P 552 11.11 -63.25 -10.03
CA ARG P 552 11.74 -62.37 -9.04
C ARG P 552 12.06 -63.12 -7.76
N GLN P 553 11.13 -63.95 -7.28
CA GLN P 553 11.39 -64.74 -6.08
C GLN P 553 12.52 -65.73 -6.30
N TRP P 554 12.54 -66.39 -7.47
CA TRP P 554 13.60 -67.33 -7.78
C TRP P 554 14.96 -66.65 -7.80
N MET P 555 15.04 -65.46 -8.42
CA MET P 555 16.30 -64.73 -8.46
C MET P 555 16.71 -64.23 -7.08
N SER P 556 15.74 -63.84 -6.24
CA SER P 556 16.05 -63.42 -4.89
C SER P 556 16.60 -64.57 -4.05
N ASN P 557 16.05 -65.77 -4.24
CA ASN P 557 16.51 -66.94 -3.48
C ASN P 557 17.93 -67.36 -3.85
N ASP P 558 18.46 -66.91 -4.99
CA ASP P 558 19.80 -67.29 -5.39
C ASP P 558 20.86 -66.73 -4.45
N ILE Q 5 41.49 -15.05 6.59
CA ILE Q 5 41.63 -15.28 5.15
C ILE Q 5 42.08 -13.97 4.50
N LEU Q 6 43.34 -13.93 4.09
CA LEU Q 6 43.95 -12.70 3.60
C LEU Q 6 43.63 -12.50 2.13
N SER Q 7 43.23 -11.27 1.78
CA SER Q 7 43.04 -10.91 0.38
C SER Q 7 44.38 -10.75 -0.31
N GLN Q 8 44.33 -10.60 -1.64
CA GLN Q 8 45.55 -10.50 -2.43
C GLN Q 8 46.37 -9.28 -2.02
N ALA Q 9 45.71 -8.15 -1.78
CA ALA Q 9 46.42 -6.96 -1.35
C ALA Q 9 47.08 -7.16 0.01
N GLU Q 10 46.38 -7.82 0.94
CA GLU Q 10 46.96 -8.11 2.25
C GLU Q 10 48.14 -9.06 2.13
N ILE Q 11 48.05 -10.05 1.24
CA ILE Q 11 49.17 -10.96 1.01
C ILE Q 11 50.36 -10.21 0.46
N ASP Q 12 50.13 -9.30 -0.48
CA ASP Q 12 51.23 -8.49 -1.02
C ASP Q 12 51.84 -7.62 0.06
N ALA Q 13 51.01 -7.02 0.91
CA ALA Q 13 51.53 -6.17 1.98
C ALA Q 13 52.37 -6.97 2.97
N LEU Q 14 51.94 -8.18 3.32
CA LEU Q 14 52.71 -9.00 4.26
C LEU Q 14 53.99 -9.51 3.64
N LEU Q 15 53.94 -9.94 2.38
CA LEU Q 15 55.15 -10.44 1.72
C LEU Q 15 56.19 -9.34 1.56
N ASN Q 16 55.76 -8.13 1.20
CA ASN Q 16 56.67 -7.00 1.00
C ASN Q 16 56.99 -6.40 2.36
N ASP Q 34 44.03 15.37 -26.04
CA ASP Q 34 42.83 14.73 -26.57
C ASP Q 34 43.10 14.11 -27.95
N ILE Q 35 44.36 14.07 -28.33
CA ILE Q 35 44.77 13.53 -29.63
C ILE Q 35 45.39 12.15 -29.40
N ARG Q 36 44.82 11.14 -30.06
CA ARG Q 36 45.31 9.78 -29.93
C ARG Q 36 45.52 9.18 -31.31
N PRO Q 37 46.59 8.40 -31.49
CA PRO Q 37 46.80 7.74 -32.78
C PRO Q 37 45.71 6.69 -33.03
N TYR Q 38 45.38 6.51 -34.31
CA TYR Q 38 44.31 5.60 -34.70
C TYR Q 38 44.90 4.22 -34.97
N ASP Q 39 44.40 3.21 -34.25
CA ASP Q 39 44.78 1.83 -34.50
C ASP Q 39 43.64 1.13 -35.22
N PRO Q 40 43.81 0.71 -36.47
CA PRO Q 40 42.71 0.04 -37.19
C PRO Q 40 42.32 -1.31 -36.61
N ASN Q 41 43.03 -1.80 -35.60
CA ASN Q 41 42.70 -3.07 -34.95
C ASN Q 41 41.84 -2.88 -33.71
N THR Q 42 41.03 -1.81 -33.66
CA THR Q 42 40.23 -1.51 -32.50
C THR Q 42 38.73 -1.65 -32.73
N GLN Q 43 38.28 -1.79 -33.98
CA GLN Q 43 36.86 -1.85 -34.33
C GLN Q 43 36.05 -0.84 -33.53
N ARG Q 44 36.28 0.43 -33.84
CA ARG Q 44 35.73 1.57 -33.12
C ARG Q 44 34.21 1.72 -33.25
N ARG Q 45 33.47 0.76 -33.81
CA ARG Q 45 32.01 0.84 -33.87
C ARG Q 45 31.42 0.58 -32.49
N VAL Q 46 31.67 1.49 -31.55
CA VAL Q 46 31.21 1.35 -30.19
C VAL Q 46 29.99 2.24 -29.98
N VAL Q 47 29.10 1.82 -29.09
CA VAL Q 47 27.90 2.57 -28.74
C VAL Q 47 28.22 3.43 -27.54
N ARG Q 48 28.46 4.73 -27.78
CA ARG Q 48 28.64 5.67 -26.68
C ARG Q 48 27.32 6.08 -26.05
N GLU Q 49 26.20 5.69 -26.64
CA GLU Q 49 24.88 5.97 -26.09
C GLU Q 49 24.51 4.90 -25.06
N ARG Q 50 23.76 5.31 -24.04
CA ARG Q 50 23.39 4.39 -22.98
C ARG Q 50 22.31 3.43 -23.46
N LEU Q 51 22.51 2.14 -23.14
CA LEU Q 51 21.53 1.10 -23.48
C LEU Q 51 20.56 0.91 -22.32
N GLN Q 52 19.69 1.91 -22.16
CA GLN Q 52 18.69 1.84 -21.07
C GLN Q 52 17.87 0.56 -21.24
N ALA Q 53 17.32 0.35 -22.44
CA ALA Q 53 16.45 -0.80 -22.62
C ALA Q 53 17.13 -2.09 -22.15
N LEU Q 54 18.44 -2.22 -22.41
CA LEU Q 54 19.17 -3.37 -21.91
C LEU Q 54 19.20 -3.38 -20.39
N GLU Q 55 19.30 -2.20 -19.77
CA GLU Q 55 19.25 -2.13 -18.31
C GLU Q 55 17.90 -2.60 -17.79
N ILE Q 56 16.80 -2.20 -18.43
CA ILE Q 56 15.48 -2.63 -18.00
C ILE Q 56 15.33 -4.13 -18.16
N ILE Q 57 15.81 -4.67 -19.28
CA ILE Q 57 15.75 -6.11 -19.51
C ILE Q 57 16.54 -6.85 -18.44
N ASN Q 58 17.72 -6.33 -18.09
CA ASN Q 58 18.54 -6.96 -17.06
C ASN Q 58 17.87 -6.91 -15.71
N GLU Q 59 17.22 -5.79 -15.39
CA GLU Q 59 16.49 -5.69 -14.10
C GLU Q 59 15.36 -6.72 -14.08
N ARG Q 60 14.59 -6.79 -15.17
CA ARG Q 60 13.48 -7.76 -15.25
C ARG Q 60 14.06 -9.17 -15.14
N PHE Q 61 15.09 -9.46 -15.93
CA PHE Q 61 15.75 -10.79 -15.84
C PHE Q 61 16.17 -11.03 -14.41
N ALA Q 62 16.84 -10.06 -13.79
CA ALA Q 62 17.32 -10.22 -12.40
C ALA Q 62 16.15 -10.66 -11.51
N ARG Q 63 15.06 -9.90 -11.50
CA ARG Q 63 13.92 -10.23 -10.61
C ARG Q 63 13.40 -11.63 -10.92
N GLN Q 64 13.15 -11.93 -12.20
CA GLN Q 64 12.54 -13.24 -12.56
C GLN Q 64 13.44 -14.36 -12.06
N PHE Q 65 14.76 -14.17 -12.13
CA PHE Q 65 15.72 -15.23 -11.71
C PHE Q 65 15.72 -15.31 -10.18
N ARG Q 66 15.77 -14.15 -9.52
CA ARG Q 66 15.74 -14.16 -8.03
C ARG Q 66 14.60 -15.07 -7.60
N MET Q 67 13.42 -14.86 -8.16
CA MET Q 67 12.26 -15.75 -7.86
C MET Q 67 12.67 -17.20 -8.14
N GLY Q 68 13.15 -17.49 -9.36
CA GLY Q 68 13.48 -18.86 -9.68
C GLY Q 68 14.45 -19.48 -8.69
N LEU Q 69 15.47 -18.72 -8.28
CA LEU Q 69 16.42 -19.22 -7.29
C LEU Q 69 15.76 -19.41 -5.94
N PHE Q 70 14.83 -18.52 -5.57
CA PHE Q 70 14.08 -18.71 -4.33
C PHE Q 70 13.26 -19.99 -4.38
N ASN Q 71 12.62 -20.26 -5.51
CA ASN Q 71 11.87 -21.50 -5.65
C ASN Q 71 12.78 -22.72 -5.59
N LEU Q 72 13.94 -22.66 -6.25
CA LEU Q 72 14.80 -23.83 -6.35
C LEU Q 72 15.51 -24.14 -5.04
N LEU Q 73 16.09 -23.11 -4.41
CA LEU Q 73 16.98 -23.31 -3.27
C LEU Q 73 16.27 -23.20 -1.92
N ARG Q 74 14.98 -22.89 -1.91
CA ARG Q 74 14.20 -22.68 -0.69
C ARG Q 74 14.76 -21.55 0.17
N ARG Q 75 15.63 -20.71 -0.38
CA ARG Q 75 16.20 -19.58 0.31
C ARG Q 75 15.97 -18.32 -0.50
N SER Q 76 15.97 -17.17 0.18
CA SER Q 76 15.71 -15.90 -0.48
C SER Q 76 17.03 -15.32 -0.99
N PRO Q 77 17.22 -15.21 -2.30
CA PRO Q 77 18.46 -14.63 -2.83
C PRO Q 77 18.32 -13.14 -3.10
N ASP Q 78 19.46 -12.46 -3.01
CA ASP Q 78 19.56 -11.04 -3.34
C ASP Q 78 20.45 -10.89 -4.56
N ILE Q 79 19.88 -10.43 -5.66
CA ILE Q 79 20.59 -10.27 -6.93
C ILE Q 79 20.71 -8.78 -7.23
N THR Q 80 21.95 -8.33 -7.44
CA THR Q 80 22.24 -6.94 -7.74
C THR Q 80 22.82 -6.84 -9.14
N VAL Q 81 22.26 -5.95 -9.96
CA VAL Q 81 22.72 -5.77 -11.33
C VAL Q 81 23.84 -4.74 -11.33
N GLY Q 82 25.01 -5.13 -11.85
CA GLY Q 82 26.11 -4.21 -11.95
C GLY Q 82 26.03 -3.35 -13.20
N ALA Q 83 26.99 -2.44 -13.32
CA ALA Q 83 27.05 -1.57 -14.50
C ALA Q 83 27.34 -2.38 -15.75
N ILE Q 84 26.70 -1.97 -16.85
CA ILE Q 84 26.86 -2.66 -18.14
C ILE Q 84 28.12 -2.09 -18.78
N ARG Q 85 29.25 -2.70 -18.46
CA ARG Q 85 30.53 -2.28 -19.03
C ARG Q 85 30.70 -2.84 -20.44
N ILE Q 86 31.16 -1.99 -21.35
CA ILE Q 86 31.44 -2.36 -22.73
C ILE Q 86 32.95 -2.31 -22.94
N GLN Q 87 33.52 -3.41 -23.39
CA GLN Q 87 34.96 -3.54 -23.50
C GLN Q 87 35.27 -4.60 -24.56
N PRO Q 88 36.50 -4.59 -25.10
CA PRO Q 88 36.86 -5.62 -26.08
C PRO Q 88 36.83 -7.02 -25.47
N TYR Q 89 36.69 -8.02 -26.35
CA TYR Q 89 36.52 -9.40 -25.89
C TYR Q 89 37.73 -9.89 -25.12
N HIS Q 90 38.94 -9.53 -25.56
CA HIS Q 90 40.14 -9.99 -24.87
C HIS Q 90 40.21 -9.47 -23.45
N GLU Q 91 39.80 -8.22 -23.23
CA GLU Q 91 39.76 -7.68 -21.87
C GLU Q 91 38.75 -8.44 -21.02
N PHE Q 92 37.60 -8.78 -21.58
CA PHE Q 92 36.61 -9.56 -20.85
C PHE Q 92 37.15 -10.94 -20.50
N ALA Q 93 37.83 -11.58 -21.46
CA ALA Q 93 38.43 -12.89 -21.18
C ALA Q 93 39.52 -12.78 -20.12
N ARG Q 94 40.30 -11.71 -20.15
CA ARG Q 94 41.40 -11.53 -19.22
C ARG Q 94 40.93 -11.35 -17.79
N ASN Q 95 39.68 -10.89 -17.58
CA ASN Q 95 39.15 -10.61 -16.25
C ASN Q 95 38.24 -11.72 -15.74
N LEU Q 96 38.21 -12.87 -16.42
CA LEU Q 96 37.38 -13.99 -15.98
C LEU Q 96 38.21 -14.89 -15.08
N PRO Q 97 37.80 -15.10 -13.83
CA PRO Q 97 38.54 -16.04 -12.97
C PRO Q 97 38.52 -17.46 -13.55
N VAL Q 98 39.62 -18.17 -13.35
CA VAL Q 98 39.74 -19.53 -13.86
C VAL Q 98 40.03 -20.48 -12.70
N PRO Q 99 39.46 -21.70 -12.71
CA PRO Q 99 38.52 -22.24 -13.70
C PRO Q 99 37.12 -21.66 -13.49
N THR Q 100 36.26 -21.73 -14.50
CA THR Q 100 34.92 -21.20 -14.39
C THR Q 100 33.99 -21.99 -15.29
N ASN Q 101 32.69 -21.93 -14.99
CA ASN Q 101 31.67 -22.60 -15.78
C ASN Q 101 31.20 -21.66 -16.88
N LEU Q 102 31.53 -21.99 -18.12
CA LEU Q 102 31.14 -21.19 -19.28
C LEU Q 102 30.07 -21.95 -20.06
N ASN Q 103 28.96 -21.27 -20.36
CA ASN Q 103 27.83 -21.87 -21.06
C ASN Q 103 27.56 -21.06 -22.32
N LEU Q 104 27.49 -21.73 -23.45
CA LEU Q 104 27.22 -21.09 -24.73
C LEU Q 104 25.73 -21.14 -25.03
N ILE Q 105 25.15 -19.99 -25.33
CA ILE Q 105 23.72 -19.89 -25.62
C ILE Q 105 23.54 -19.18 -26.95
N HIS Q 106 22.37 -19.40 -27.55
CA HIS Q 106 21.99 -18.77 -28.81
C HIS Q 106 20.72 -17.96 -28.60
N LEU Q 107 20.72 -16.73 -29.11
CA LEU Q 107 19.58 -15.82 -28.99
C LEU Q 107 18.93 -15.72 -30.38
N LYS Q 108 18.01 -16.65 -30.65
CA LYS Q 108 17.31 -16.62 -31.92
C LYS Q 108 16.31 -15.46 -31.94
N PRO Q 109 16.09 -14.83 -33.09
CA PRO Q 109 16.69 -15.12 -34.41
C PRO Q 109 18.00 -14.37 -34.64
N LEU Q 110 18.55 -13.69 -33.64
CA LEU Q 110 19.81 -12.99 -33.80
C LEU Q 110 20.94 -13.98 -34.04
N ARG Q 111 21.92 -13.55 -34.83
CA ARG Q 111 23.03 -14.41 -35.22
C ARG Q 111 24.21 -14.22 -34.28
N GLY Q 112 24.75 -15.33 -33.78
CA GLY Q 112 25.86 -15.28 -32.84
C GLY Q 112 25.68 -16.25 -31.69
N THR Q 113 26.66 -16.31 -30.80
CA THR Q 113 26.60 -17.19 -29.64
C THR Q 113 26.83 -16.37 -28.38
N GLY Q 114 25.90 -16.47 -27.44
CA GLY Q 114 26.00 -15.78 -26.17
C GLY Q 114 26.63 -16.65 -25.10
N LEU Q 115 27.15 -16.00 -24.07
CA LEU Q 115 27.82 -16.68 -22.97
C LEU Q 115 27.11 -16.38 -21.66
N VAL Q 116 26.85 -17.43 -20.89
CA VAL Q 116 26.36 -17.31 -19.51
C VAL Q 116 27.46 -17.87 -18.61
N VAL Q 117 28.09 -17.00 -17.83
CA VAL Q 117 29.24 -17.36 -17.02
C VAL Q 117 28.78 -17.55 -15.58
N PHE Q 118 28.98 -18.75 -15.04
CA PHE Q 118 28.67 -19.06 -13.66
C PHE Q 118 29.98 -19.22 -12.89
N SER Q 119 30.19 -18.37 -11.89
CA SER Q 119 31.38 -18.46 -11.08
C SER Q 119 31.33 -19.72 -10.21
N PRO Q 120 32.49 -20.31 -9.91
CA PRO Q 120 32.50 -21.50 -9.05
C PRO Q 120 31.91 -21.26 -7.68
N SER Q 121 32.05 -20.04 -7.14
CA SER Q 121 31.48 -19.74 -5.83
C SER Q 121 29.96 -19.88 -5.85
N LEU Q 122 29.31 -19.34 -6.88
CA LEU Q 122 27.86 -19.44 -6.99
C LEU Q 122 27.42 -20.90 -7.15
N VAL Q 123 28.16 -21.67 -7.94
CA VAL Q 123 27.83 -23.09 -8.13
C VAL Q 123 27.94 -23.83 -6.80
N PHE Q 124 29.01 -23.56 -6.04
CA PHE Q 124 29.19 -24.22 -4.75
C PHE Q 124 28.10 -23.82 -3.76
N ILE Q 125 27.70 -22.54 -3.77
CA ILE Q 125 26.63 -22.09 -2.89
C ILE Q 125 25.32 -22.79 -3.24
N ALA Q 126 25.03 -22.90 -4.54
CA ALA Q 126 23.81 -23.58 -4.96
C ALA Q 126 23.82 -25.05 -4.59
N VAL Q 127 24.98 -25.71 -4.76
CA VAL Q 127 25.10 -27.12 -4.38
C VAL Q 127 24.91 -27.28 -2.88
N ASP Q 128 25.49 -26.37 -2.09
CA ASP Q 128 25.32 -26.41 -0.65
C ASP Q 128 23.85 -26.28 -0.27
N ASN Q 129 23.16 -25.28 -0.85
CA ASN Q 129 21.76 -25.06 -0.50
C ASN Q 129 20.88 -26.23 -0.93
N LEU Q 130 21.14 -26.80 -2.12
CA LEU Q 130 20.30 -27.89 -2.60
C LEU Q 130 20.47 -29.16 -1.77
N PHE Q 131 21.68 -29.42 -1.27
CA PHE Q 131 21.98 -30.66 -0.56
C PHE Q 131 22.12 -30.45 0.94
N GLY Q 132 21.33 -29.52 1.48
CA GLY Q 132 21.24 -29.35 2.93
C GLY Q 132 22.42 -28.67 3.59
N GLY Q 133 23.31 -28.04 2.81
CA GLY Q 133 24.43 -27.33 3.39
C GLY Q 133 24.02 -26.20 4.31
N ASP Q 134 24.60 -26.18 5.52
CA ASP Q 134 24.30 -25.12 6.47
C ASP Q 134 24.83 -23.77 6.03
N GLY Q 135 25.82 -23.75 5.14
CA GLY Q 135 26.45 -22.51 4.72
C GLY Q 135 27.54 -22.02 5.64
N ARG Q 136 27.82 -22.73 6.74
CA ARG Q 136 28.87 -22.33 7.67
C ARG Q 136 30.25 -22.77 7.23
N PHE Q 137 30.34 -23.65 6.23
CA PHE Q 137 31.62 -24.18 5.75
C PHE Q 137 31.70 -23.94 4.24
N PRO Q 138 32.21 -22.78 3.82
CA PRO Q 138 32.36 -22.51 2.39
C PRO Q 138 33.36 -23.48 1.77
N THR Q 139 33.12 -23.84 0.52
CA THR Q 139 33.98 -24.76 -0.21
C THR Q 139 34.95 -23.96 -1.07
N LYS Q 140 36.25 -24.18 -0.84
CA LYS Q 140 37.28 -23.47 -1.57
C LYS Q 140 37.53 -24.14 -2.92
N VAL Q 141 37.65 -23.34 -3.97
CA VAL Q 141 37.81 -23.85 -5.32
C VAL Q 141 39.21 -24.44 -5.45
N GLU Q 142 39.27 -25.74 -5.78
CA GLU Q 142 40.60 -26.41 -5.87
C GLU Q 142 41.08 -26.43 -7.33
N GLY Q 143 40.25 -25.93 -8.25
CA GLY Q 143 40.62 -26.00 -9.65
C GLY Q 143 40.21 -27.28 -10.35
N ARG Q 144 39.36 -28.09 -9.73
CA ARG Q 144 38.92 -29.35 -10.30
C ARG Q 144 37.72 -29.14 -11.22
N GLU Q 145 37.48 -30.13 -12.09
CA GLU Q 145 36.32 -30.11 -12.95
C GLU Q 145 35.05 -30.39 -12.15
N PHE Q 146 33.95 -29.79 -12.59
CA PHE Q 146 32.67 -30.01 -11.93
C PHE Q 146 32.21 -31.45 -12.14
N THR Q 147 31.66 -32.04 -11.09
CA THR Q 147 31.17 -33.41 -11.15
C THR Q 147 29.85 -33.47 -11.92
N HIS Q 148 29.39 -34.70 -12.16
CA HIS Q 148 28.15 -34.89 -12.92
C HIS Q 148 26.95 -34.33 -12.16
N THR Q 149 26.90 -34.54 -10.84
CA THR Q 149 25.82 -33.95 -10.06
C THR Q 149 25.91 -32.42 -10.06
N GLU Q 150 27.12 -31.89 -9.91
CA GLU Q 150 27.31 -30.45 -10.03
C GLU Q 150 26.95 -29.96 -11.41
N GLN Q 151 27.26 -30.76 -12.44
CA GLN Q 151 26.87 -30.41 -13.81
C GLN Q 151 25.36 -30.34 -13.95
N ARG Q 152 24.64 -31.28 -13.33
CA ARG Q 152 23.18 -31.26 -13.40
C ARG Q 152 22.61 -30.05 -12.66
N VAL Q 153 23.21 -29.70 -11.52
CA VAL Q 153 22.78 -28.51 -10.79
C VAL Q 153 23.00 -27.26 -11.66
N ILE Q 154 24.16 -27.18 -12.31
CA ILE Q 154 24.44 -26.06 -13.20
C ILE Q 154 23.44 -26.03 -14.36
N ASN Q 155 23.09 -27.25 -14.75
CA ASN Q 155 22.12 -27.37 -15.85
C ASN Q 155 20.83 -26.68 -15.40
N ARG Q 156 20.29 -27.09 -14.27
CA ARG Q 156 19.03 -26.57 -13.75
C ARG Q 156 19.09 -25.06 -13.58
N MET Q 157 20.18 -24.56 -13.00
CA MET Q 157 20.34 -23.11 -12.83
C MET Q 157 20.34 -22.40 -14.17
N LEU Q 158 21.03 -22.96 -15.16
CA LEU Q 158 21.09 -22.35 -16.48
C LEU Q 158 19.73 -22.37 -17.16
N LYS Q 159 18.96 -23.45 -17.00
CA LYS Q 159 17.63 -23.50 -17.56
C LYS Q 159 16.75 -22.41 -16.96
N LEU Q 160 16.81 -22.24 -15.63
CA LEU Q 160 16.05 -21.18 -14.99
C LEU Q 160 16.48 -19.81 -15.49
N ALA Q 161 17.80 -19.59 -15.62
CA ALA Q 161 18.30 -18.31 -16.07
C ALA Q 161 17.88 -18.02 -17.50
N LEU Q 162 17.93 -19.02 -18.38
CA LEU Q 162 17.52 -18.82 -19.77
C LEU Q 162 16.02 -18.54 -19.86
N GLU Q 163 15.21 -19.24 -19.07
CA GLU Q 163 13.78 -18.95 -19.06
C GLU Q 163 13.52 -17.52 -18.61
N GLY Q 164 14.20 -17.08 -17.54
CA GLY Q 164 14.03 -15.71 -17.08
C GLY Q 164 14.47 -14.69 -18.11
N TYR Q 165 15.60 -14.95 -18.77
CA TYR Q 165 16.11 -14.03 -19.78
C TYR Q 165 15.15 -13.93 -20.96
N SER Q 166 14.63 -15.08 -21.42
CA SER Q 166 13.68 -15.08 -22.53
C SER Q 166 12.40 -14.34 -22.16
N ASP Q 167 11.90 -14.56 -20.94
CA ASP Q 167 10.70 -13.84 -20.50
C ASP Q 167 10.97 -12.34 -20.41
N ALA Q 168 12.15 -11.96 -19.92
CA ALA Q 168 12.48 -10.53 -19.81
C ALA Q 168 12.57 -9.87 -21.18
N TRP Q 169 13.14 -10.56 -22.16
CA TRP Q 169 13.28 -9.97 -23.50
C TRP Q 169 11.97 -9.86 -24.26
N LYS Q 170 10.89 -10.48 -23.76
CA LYS Q 170 9.63 -10.49 -24.51
C LYS Q 170 9.06 -9.09 -24.70
N ALA Q 171 9.14 -8.24 -23.67
CA ALA Q 171 8.51 -6.93 -23.71
C ALA Q 171 9.09 -6.03 -24.79
N ILE Q 172 10.35 -6.21 -25.16
CA ILE Q 172 11.03 -5.37 -26.12
C ILE Q 172 11.19 -6.07 -27.48
N ASN Q 173 11.74 -7.28 -27.47
CA ASN Q 173 11.86 -8.06 -28.70
C ASN Q 173 11.82 -9.54 -28.37
N PRO Q 174 10.77 -10.26 -28.77
CA PRO Q 174 10.68 -11.69 -28.45
C PRO Q 174 11.83 -12.48 -29.03
N LEU Q 175 12.64 -13.05 -28.14
CA LEU Q 175 13.80 -13.84 -28.53
C LEU Q 175 13.73 -15.20 -27.85
N GLU Q 176 14.20 -16.22 -28.55
CA GLU Q 176 14.28 -17.58 -28.03
C GLU Q 176 15.71 -17.88 -27.63
N VAL Q 177 15.92 -18.26 -26.38
CA VAL Q 177 17.24 -18.53 -25.84
C VAL Q 177 17.42 -20.05 -25.81
N GLU Q 178 18.48 -20.53 -26.46
CA GLU Q 178 18.77 -21.96 -26.54
C GLU Q 178 20.20 -22.22 -26.09
N TYR Q 179 20.35 -23.19 -25.19
CA TYR Q 179 21.66 -23.59 -24.71
C TYR Q 179 22.35 -24.49 -25.75
N VAL Q 180 23.66 -24.30 -25.90
CA VAL Q 180 24.45 -25.01 -26.91
C VAL Q 180 25.37 -26.05 -26.28
N ARG Q 181 26.32 -25.61 -25.47
CA ARG Q 181 27.29 -26.51 -24.85
C ARG Q 181 27.96 -25.77 -23.70
N SER Q 182 28.68 -26.54 -22.88
CA SER Q 182 29.37 -26.01 -21.71
C SER Q 182 30.87 -26.19 -21.86
N GLU Q 183 31.62 -25.18 -21.41
CA GLU Q 183 33.07 -25.21 -21.48
C GLU Q 183 33.63 -24.66 -20.18
N MET Q 184 34.91 -24.99 -19.91
CA MET Q 184 35.58 -24.54 -18.71
C MET Q 184 36.69 -23.52 -18.97
N GLN Q 185 37.07 -23.32 -20.23
CA GLN Q 185 38.12 -22.38 -20.57
C GLN Q 185 37.63 -21.43 -21.65
N VAL Q 186 38.08 -20.18 -21.58
CA VAL Q 186 37.59 -19.14 -22.50
C VAL Q 186 38.06 -19.41 -23.93
N LYS Q 187 39.22 -20.03 -24.09
CA LYS Q 187 39.75 -20.27 -25.43
C LYS Q 187 38.82 -21.14 -26.27
N PHE Q 188 38.04 -22.01 -25.64
CA PHE Q 188 37.12 -22.89 -26.35
C PHE Q 188 35.80 -22.23 -26.69
N THR Q 189 35.52 -21.04 -26.16
CA THR Q 189 34.24 -20.37 -26.44
C THR Q 189 34.12 -20.00 -27.91
N ASN Q 190 35.12 -19.30 -28.44
CA ASN Q 190 35.16 -18.88 -29.85
C ASN Q 190 33.88 -18.15 -30.24
N ILE Q 191 33.40 -17.26 -29.36
CA ILE Q 191 32.18 -16.52 -29.64
C ILE Q 191 32.45 -15.28 -30.48
N THR Q 192 33.70 -14.86 -30.63
CA THR Q 192 34.05 -13.68 -31.40
C THR Q 192 35.06 -14.05 -32.46
N THR Q 193 34.98 -13.35 -33.61
CA THR Q 193 35.91 -13.62 -34.70
C THR Q 193 37.32 -13.20 -34.34
N SER Q 194 37.47 -12.07 -33.65
CA SER Q 194 38.77 -11.53 -33.29
C SER Q 194 38.81 -11.21 -31.81
N PRO Q 195 39.99 -11.31 -31.18
CA PRO Q 195 40.10 -10.96 -29.76
C PRO Q 195 39.80 -9.50 -29.48
N ASN Q 196 39.90 -8.62 -30.47
CA ASN Q 196 39.65 -7.20 -30.29
C ASN Q 196 38.19 -6.82 -30.53
N ASP Q 197 37.33 -7.79 -30.79
CA ASP Q 197 35.92 -7.51 -31.03
C ASP Q 197 35.26 -6.96 -29.77
N ILE Q 198 34.27 -6.10 -29.97
CA ILE Q 198 33.57 -5.43 -28.87
C ILE Q 198 32.41 -6.31 -28.43
N VAL Q 199 32.32 -6.54 -27.12
CA VAL Q 199 31.26 -7.36 -26.54
C VAL Q 199 30.61 -6.57 -25.40
N VAL Q 200 29.39 -6.97 -25.07
CA VAL Q 200 28.61 -6.34 -24.02
C VAL Q 200 28.48 -7.35 -22.89
N ASN Q 201 29.00 -6.99 -21.71
CA ASN Q 201 28.98 -7.86 -20.54
C ASN Q 201 28.19 -7.19 -19.43
N THR Q 202 27.31 -7.97 -18.80
CA THR Q 202 26.50 -7.47 -17.68
C THR Q 202 26.78 -8.31 -16.45
N PRO Q 203 27.61 -7.85 -15.51
CA PRO Q 203 27.87 -8.62 -14.30
C PRO Q 203 26.68 -8.60 -13.35
N PHE Q 204 26.51 -9.70 -12.62
CA PHE Q 204 25.48 -9.83 -11.61
C PHE Q 204 26.09 -10.32 -10.31
N HIS Q 205 25.63 -9.78 -9.19
CA HIS Q 205 26.05 -10.22 -7.87
C HIS Q 205 24.87 -10.85 -7.15
N VAL Q 206 25.07 -12.07 -6.65
CA VAL Q 206 24.03 -12.83 -5.96
C VAL Q 206 24.47 -13.06 -4.52
N GLU Q 207 23.62 -12.68 -3.57
CA GLU Q 207 23.89 -12.87 -2.15
C GLU Q 207 22.87 -13.83 -1.58
N ILE Q 208 23.35 -14.91 -0.96
CA ILE Q 208 22.50 -15.91 -0.33
C ILE Q 208 22.99 -16.07 1.10
N GLY Q 209 22.20 -15.56 2.06
CA GLY Q 209 22.65 -15.59 3.45
C GLY Q 209 23.92 -14.79 3.61
N ASN Q 210 24.92 -15.41 4.23
CA ASN Q 210 26.24 -14.80 4.38
C ASN Q 210 27.17 -15.15 3.22
N LEU Q 211 26.69 -15.89 2.23
CA LEU Q 211 27.48 -16.31 1.08
C LEU Q 211 27.16 -15.42 -0.11
N THR Q 212 28.20 -15.01 -0.83
CA THR Q 212 28.06 -14.13 -1.98
C THR Q 212 28.53 -14.84 -3.24
N GLY Q 213 27.73 -14.75 -4.31
CA GLY Q 213 28.09 -15.33 -5.57
C GLY Q 213 27.87 -14.33 -6.69
N GLU Q 214 28.45 -14.65 -7.86
CA GLU Q 214 28.35 -13.77 -9.01
C GLU Q 214 28.20 -14.60 -10.28
N PHE Q 215 27.52 -14.03 -11.26
CA PHE Q 215 27.44 -14.61 -12.59
C PHE Q 215 27.36 -13.49 -13.61
N ASN Q 216 27.80 -13.78 -14.83
CA ASN Q 216 27.92 -12.76 -15.87
C ASN Q 216 27.20 -13.21 -17.14
N ILE Q 217 26.59 -12.25 -17.82
CA ILE Q 217 25.99 -12.47 -19.14
C ILE Q 217 26.73 -11.59 -20.14
N CYS Q 218 27.40 -12.22 -21.08
CA CYS Q 218 28.20 -11.52 -22.09
C CYS Q 218 27.59 -11.76 -23.46
N LEU Q 219 27.35 -10.67 -24.20
CA LEU Q 219 26.77 -10.74 -25.53
C LEU Q 219 27.63 -9.94 -26.49
N PRO Q 220 28.07 -10.52 -27.61
CA PRO Q 220 28.80 -9.74 -28.61
C PRO Q 220 27.93 -8.63 -29.17
N PHE Q 221 28.57 -7.48 -29.44
CA PHE Q 221 27.83 -6.32 -29.92
C PHE Q 221 27.23 -6.57 -31.30
N SER Q 222 27.92 -7.35 -32.14
CA SER Q 222 27.40 -7.65 -33.47
C SER Q 222 26.08 -8.40 -33.40
N MET Q 223 25.88 -9.19 -32.34
CA MET Q 223 24.61 -9.89 -32.17
C MET Q 223 23.47 -8.90 -31.95
N ILE Q 224 23.71 -7.86 -31.15
CA ILE Q 224 22.69 -6.88 -30.83
C ILE Q 224 22.81 -5.62 -31.67
N GLU Q 225 23.76 -5.57 -32.59
CA GLU Q 225 23.91 -4.39 -33.45
C GLU Q 225 22.66 -4.09 -34.28
N PRO Q 226 21.98 -5.06 -34.91
CA PRO Q 226 20.74 -4.72 -35.63
C PRO Q 226 19.68 -4.09 -34.74
N LEU Q 227 19.65 -4.44 -33.46
CA LEU Q 227 18.69 -3.88 -32.52
C LEU Q 227 19.23 -2.66 -31.78
N ARG Q 228 20.18 -1.94 -32.38
CA ARG Q 228 20.82 -0.82 -31.70
C ARG Q 228 19.80 0.27 -31.34
N GLU Q 229 18.99 0.69 -32.32
CA GLU Q 229 18.00 1.73 -32.05
C GLU Q 229 16.97 1.24 -31.04
N LEU Q 230 16.56 -0.03 -31.13
CA LEU Q 230 15.60 -0.57 -30.18
C LEU Q 230 16.17 -0.58 -28.77
N LEU Q 231 17.47 -0.85 -28.63
CA LEU Q 231 18.11 -0.86 -27.32
C LEU Q 231 18.35 0.54 -26.79
N VAL Q 232 18.53 1.52 -27.66
CA VAL Q 232 18.95 2.88 -27.19
C VAL Q 232 17.98 3.50 -26.18
N ASN Q 233 16.87 4.07 -26.64
CA ASN Q 233 15.96 4.83 -25.74
C ASN Q 233 15.41 3.94 -24.62
N PRO Q 234 14.97 4.51 -23.48
CA PRO Q 234 14.31 3.72 -22.44
C PRO Q 234 12.81 3.67 -22.75
N PRO Q 235 12.29 2.59 -23.39
CA PRO Q 235 10.90 2.55 -23.81
C PRO Q 235 9.98 1.56 -23.10
N LEU Q 236 8.65 1.79 -23.17
CA LEU Q 236 7.65 0.86 -22.57
C LEU Q 236 6.27 1.52 -22.55
N GLU Q 237 5.27 0.80 -22.04
CA GLU Q 237 3.91 1.38 -21.87
C GLU Q 237 3.46 2.15 -23.11
N ASN Q 238 2.98 1.43 -24.13
CA ASN Q 238 2.47 2.09 -25.35
C ASN Q 238 0.98 1.74 -25.52
N SER Q 239 0.54 1.56 -26.76
CA SER Q 239 -0.85 1.21 -27.03
C SER Q 239 -1.00 0.98 -28.52
N ARG Q 240 -2.23 0.65 -28.94
CA ARG Q 240 -2.56 0.41 -30.33
C ARG Q 240 -3.60 1.37 -30.88
N HIS Q 241 -4.61 1.72 -30.08
CA HIS Q 241 -5.62 2.68 -30.48
C HIS Q 241 -5.37 4.06 -29.89
N GLU Q 242 -4.96 4.14 -28.62
CA GLU Q 242 -4.58 5.41 -28.03
C GLU Q 242 -3.39 6.01 -28.78
N ASP Q 243 -2.38 5.18 -29.05
CA ASP Q 243 -1.24 5.63 -29.84
C ASP Q 243 -1.66 5.97 -31.27
N GLN Q 244 -2.62 5.24 -31.83
CA GLN Q 244 -3.13 5.56 -33.16
C GLN Q 244 -3.72 6.97 -33.19
N ASN Q 245 -4.60 7.27 -32.23
CA ASN Q 245 -5.20 8.61 -32.18
C ASN Q 245 -4.15 9.68 -31.92
N TRP Q 246 -3.19 9.39 -31.04
CA TRP Q 246 -2.12 10.34 -30.76
C TRP Q 246 -1.32 10.65 -32.01
N ARG Q 247 -0.95 9.61 -32.77
CA ARG Q 247 -0.21 9.80 -34.01
C ARG Q 247 -1.03 10.58 -35.03
N ASP Q 248 -2.32 10.26 -35.16
CA ASP Q 248 -3.17 10.96 -36.12
C ASP Q 248 -3.25 12.45 -35.79
N ASN Q 249 -3.48 12.77 -34.52
CA ASN Q 249 -3.57 14.17 -34.13
C ASN Q 249 -2.23 14.88 -34.28
N LEU Q 250 -1.12 14.19 -33.97
CA LEU Q 250 0.19 14.79 -34.17
C LEU Q 250 0.45 15.08 -35.65
N VAL Q 251 0.07 14.16 -36.52
CA VAL Q 251 0.21 14.38 -37.96
C VAL Q 251 -0.63 15.58 -38.38
N ARG Q 252 -1.85 15.68 -37.86
CA ARG Q 252 -2.70 16.82 -38.18
C ARG Q 252 -2.06 18.13 -37.75
N GLN Q 253 -1.46 18.16 -36.56
CA GLN Q 253 -0.88 19.40 -36.04
C GLN Q 253 0.34 19.82 -36.86
N VAL Q 254 1.21 18.88 -37.23
CA VAL Q 254 2.43 19.21 -37.95
C VAL Q 254 2.13 19.79 -39.33
N GLN Q 255 1.00 19.43 -39.93
CA GLN Q 255 0.66 19.90 -41.27
C GLN Q 255 0.53 21.42 -41.35
N HIS Q 256 0.35 22.10 -40.22
CA HIS Q 256 0.22 23.55 -40.18
C HIS Q 256 1.57 24.26 -40.12
N SER Q 257 2.67 23.51 -39.99
CA SER Q 257 3.98 24.13 -39.91
C SER Q 257 4.40 24.69 -41.26
N GLU Q 258 5.18 25.76 -41.23
CA GLU Q 258 5.63 26.45 -42.42
C GLU Q 258 7.02 25.99 -42.84
N LEU Q 259 7.25 25.98 -44.15
CA LEU Q 259 8.55 25.64 -44.71
C LEU Q 259 8.95 26.70 -45.73
N GLU Q 260 10.26 26.83 -45.94
CA GLU Q 260 10.81 27.77 -46.90
C GLU Q 260 11.10 27.02 -48.20
N LEU Q 261 10.29 27.28 -49.22
CA LEU Q 261 10.47 26.64 -50.53
C LEU Q 261 11.44 27.47 -51.36
N VAL Q 262 12.54 26.84 -51.77
CA VAL Q 262 13.59 27.49 -52.53
C VAL Q 262 13.71 26.80 -53.88
N ALA Q 263 13.65 27.59 -54.95
CA ALA Q 263 13.79 27.08 -56.31
C ALA Q 263 15.09 27.62 -56.90
N ASN Q 264 15.94 26.71 -57.38
CA ASN Q 264 17.21 27.09 -57.98
C ASN Q 264 17.03 27.20 -59.49
N PHE Q 265 17.43 28.34 -60.05
CA PHE Q 265 17.32 28.53 -61.49
C PHE Q 265 18.22 27.57 -62.25
N ALA Q 266 19.49 27.50 -61.88
CA ALA Q 266 20.45 26.58 -62.48
C ALA Q 266 21.73 26.62 -61.66
N ASP Q 267 22.71 25.83 -62.07
CA ASP Q 267 24.01 25.76 -61.42
C ASP Q 267 25.10 26.02 -62.44
N ILE Q 268 26.11 26.79 -62.04
CA ILE Q 268 27.21 27.19 -62.91
C ILE Q 268 28.51 26.67 -62.30
N PRO Q 269 29.27 25.82 -63.00
CA PRO Q 269 30.59 25.43 -62.51
C PRO Q 269 31.64 26.47 -62.88
N LEU Q 270 32.28 27.05 -61.86
CA LEU Q 270 33.27 28.10 -62.07
C LEU Q 270 34.42 27.90 -61.09
N ARG Q 271 35.32 28.90 -61.06
CA ARG Q 271 36.45 28.91 -60.15
C ARG Q 271 36.43 30.20 -59.33
N LEU Q 272 37.14 30.18 -58.21
CA LEU Q 272 37.15 31.33 -57.31
C LEU Q 272 37.80 32.55 -57.95
N SER Q 273 38.77 32.35 -58.84
CA SER Q 273 39.40 33.47 -59.52
C SER Q 273 38.40 34.24 -60.38
N GLN Q 274 37.53 33.52 -61.09
CA GLN Q 274 36.50 34.16 -61.89
C GLN Q 274 35.53 34.94 -61.03
N ILE Q 275 35.29 34.48 -59.79
CA ILE Q 275 34.43 35.21 -58.87
C ILE Q 275 35.05 36.56 -58.52
N LEU Q 276 36.35 36.59 -58.28
CA LEU Q 276 37.03 37.84 -57.96
C LEU Q 276 37.03 38.81 -59.13
N LYS Q 277 36.86 38.33 -60.35
CA LYS Q 277 36.83 39.18 -61.53
C LYS Q 277 35.42 39.58 -61.95
N LEU Q 278 34.41 39.18 -61.18
CA LEU Q 278 33.04 39.55 -61.51
C LEU Q 278 32.84 41.05 -61.27
N LYS Q 279 32.25 41.72 -62.26
CA LYS Q 279 32.02 43.15 -62.22
C LYS Q 279 30.61 43.41 -62.74
N PRO Q 280 30.02 44.56 -62.40
CA PRO Q 280 28.70 44.89 -62.94
C PRO Q 280 28.68 44.83 -64.46
N GLY Q 281 27.70 44.09 -65.00
CA GLY Q 281 27.56 43.91 -66.42
C GLY Q 281 28.12 42.62 -66.96
N ASP Q 282 28.89 41.88 -66.17
CA ASP Q 282 29.46 40.62 -66.63
C ASP Q 282 28.37 39.57 -66.80
N VAL Q 283 28.40 38.88 -67.93
CA VAL Q 283 27.40 37.87 -68.26
C VAL Q 283 28.03 36.48 -68.14
N LEU Q 284 27.36 35.61 -67.38
CA LEU Q 284 27.83 34.24 -67.18
C LEU Q 284 26.94 33.27 -67.93
N PRO Q 285 27.47 32.50 -68.88
CA PRO Q 285 26.65 31.55 -69.63
C PRO Q 285 26.24 30.36 -68.78
N ILE Q 286 24.96 30.02 -68.81
CA ILE Q 286 24.41 28.89 -68.07
C ILE Q 286 23.56 28.06 -69.02
N GLU Q 287 23.46 26.77 -68.72
CA GLU Q 287 22.61 25.88 -69.50
C GLU Q 287 21.15 26.14 -69.16
N LYS Q 288 20.31 26.27 -70.19
CA LYS Q 288 18.90 26.53 -69.97
C LYS Q 288 18.22 25.28 -69.43
N PRO Q 289 17.61 25.34 -68.24
CA PRO Q 289 16.96 24.14 -67.68
C PRO Q 289 15.58 23.94 -68.28
N ASP Q 290 15.29 22.70 -68.69
CA ASP Q 290 13.95 22.38 -69.15
C ASP Q 290 12.95 22.40 -68.00
N ARG Q 291 13.39 22.05 -66.80
CA ARG Q 291 12.53 22.05 -65.62
C ARG Q 291 13.28 22.72 -64.47
N ILE Q 292 12.51 23.28 -63.54
CA ILE Q 292 13.04 23.93 -62.35
C ILE Q 292 12.77 23.04 -61.15
N ILE Q 293 13.81 22.73 -60.40
CA ILE Q 293 13.71 21.86 -59.24
C ILE Q 293 13.60 22.72 -57.99
N ALA Q 294 12.58 22.46 -57.19
CA ALA Q 294 12.33 23.19 -55.95
C ALA Q 294 12.90 22.41 -54.78
N HIS Q 295 13.71 23.08 -53.96
CA HIS Q 295 14.38 22.45 -52.84
C HIS Q 295 13.88 23.03 -51.52
N VAL Q 296 13.62 22.15 -50.55
CA VAL Q 296 13.24 22.55 -49.21
C VAL Q 296 14.43 22.25 -48.30
N ASP Q 297 15.07 23.31 -47.79
CA ASP Q 297 16.27 23.19 -46.97
C ASP Q 297 17.35 22.37 -47.69
N GLY Q 298 17.44 22.55 -49.01
CA GLY Q 298 18.40 21.81 -49.82
C GLY Q 298 17.91 20.46 -50.31
N VAL Q 299 16.73 20.03 -49.90
CA VAL Q 299 16.17 18.74 -50.31
C VAL Q 299 15.17 18.98 -51.43
N PRO Q 300 15.40 18.48 -52.64
CA PRO Q 300 14.43 18.66 -53.71
C PRO Q 300 13.11 17.96 -53.39
N VAL Q 301 12.00 18.60 -53.77
CA VAL Q 301 10.69 18.06 -53.47
C VAL Q 301 9.85 17.89 -54.72
N LEU Q 302 10.15 18.68 -55.75
CA LEU Q 302 9.33 18.66 -56.96
C LEU Q 302 10.09 19.32 -58.10
N THR Q 303 9.63 19.04 -59.32
CA THR Q 303 10.11 19.69 -60.54
C THR Q 303 8.97 20.46 -61.19
N SER Q 304 9.28 21.64 -61.72
CA SER Q 304 8.24 22.53 -62.22
C SER Q 304 8.81 23.45 -63.28
N GLN Q 305 7.92 24.09 -64.03
CA GLN Q 305 8.28 25.13 -64.97
C GLN Q 305 8.03 26.50 -64.34
N TYR Q 306 8.85 27.47 -64.71
CA TYR Q 306 8.78 28.80 -64.14
C TYR Q 306 7.94 29.71 -65.02
N GLY Q 307 7.28 30.67 -64.38
CA GLY Q 307 6.44 31.60 -65.10
C GLY Q 307 6.14 32.82 -64.26
N THR Q 308 5.28 33.69 -64.80
CA THR Q 308 4.89 34.92 -64.12
C THR Q 308 3.38 34.97 -64.00
N VAL Q 309 2.88 35.13 -62.78
CA VAL Q 309 1.46 35.24 -62.50
C VAL Q 309 1.25 36.41 -61.55
N ASN Q 310 0.35 37.33 -61.93
CA ASN Q 310 0.00 38.49 -61.11
C ASN Q 310 1.21 39.34 -60.77
N GLY Q 311 2.13 39.48 -61.74
CA GLY Q 311 3.30 40.30 -61.54
C GLY Q 311 4.38 39.68 -60.68
N GLN Q 312 4.29 38.40 -60.37
CA GLN Q 312 5.29 37.71 -59.57
C GLN Q 312 5.68 36.41 -60.26
N TYR Q 313 6.93 36.00 -60.03
CA TYR Q 313 7.41 34.73 -60.58
C TYR Q 313 6.61 33.57 -60.00
N ALA Q 314 6.17 32.67 -60.88
CA ALA Q 314 5.35 31.54 -60.49
C ALA Q 314 5.93 30.25 -61.03
N LEU Q 315 5.67 29.16 -60.31
CA LEU Q 315 6.14 27.83 -60.68
C LEU Q 315 4.92 26.95 -60.98
N ARG Q 316 4.92 26.32 -62.15
CA ARG Q 316 3.85 25.40 -62.55
C ARG Q 316 4.33 23.98 -62.28
N VAL Q 317 3.78 23.36 -61.23
CA VAL Q 317 4.25 22.05 -60.80
C VAL Q 317 3.98 21.02 -61.88
N GLU Q 318 4.98 20.19 -62.17
CA GLU Q 318 4.86 19.09 -63.12
C GLU Q 318 4.84 17.74 -62.44
N HIS Q 319 5.82 17.45 -61.58
CA HIS Q 319 5.91 16.17 -60.90
C HIS Q 319 6.34 16.37 -59.46
N LEU Q 320 5.91 15.46 -58.60
CA LEU Q 320 6.32 15.43 -57.20
C LEU Q 320 7.31 14.29 -56.98
N ILE Q 321 8.43 14.60 -56.33
CA ILE Q 321 9.52 13.64 -56.16
C ILE Q 321 9.06 12.58 -55.17
N ASN Q 322 8.88 11.35 -55.64
CA ASN Q 322 8.47 10.23 -54.80
C ASN Q 322 9.67 9.34 -54.48
N LEU R 4 20.12 -76.23 -9.99
CA LEU R 4 19.84 -75.09 -10.83
C LEU R 4 19.48 -73.88 -9.99
N SER R 5 20.10 -72.74 -10.30
CA SER R 5 19.77 -71.51 -9.61
C SER R 5 18.40 -71.01 -10.05
N GLY R 6 17.85 -70.07 -9.28
CA GLY R 6 16.58 -69.48 -9.63
C GLY R 6 16.62 -68.77 -10.97
N THR R 7 17.75 -68.15 -11.30
CA THR R 7 17.91 -67.53 -12.61
C THR R 7 17.81 -68.56 -13.72
N ASP R 8 18.44 -69.73 -13.54
CA ASP R 8 18.37 -70.77 -14.55
C ASP R 8 16.94 -71.29 -14.72
N LYS R 9 16.24 -71.49 -13.61
CA LYS R 9 14.85 -71.94 -13.69
C LYS R 9 13.98 -70.91 -14.38
N SER R 10 14.17 -69.62 -14.06
CA SER R 10 13.42 -68.56 -14.73
C SER R 10 13.72 -68.52 -16.21
N VAL R 11 14.99 -68.73 -16.59
CA VAL R 11 15.38 -68.72 -17.99
C VAL R 11 14.71 -69.88 -18.74
N ILE R 12 14.72 -71.07 -18.13
CA ILE R 12 14.05 -72.22 -18.74
C ILE R 12 12.56 -71.94 -18.90
N LEU R 13 11.94 -71.37 -17.86
CA LEU R 13 10.52 -71.04 -17.93
C LEU R 13 10.23 -70.07 -19.06
N LEU R 14 11.06 -69.03 -19.19
CA LEU R 14 10.87 -68.05 -20.27
C LEU R 14 11.06 -68.69 -21.64
N MET R 15 12.05 -69.59 -21.77
CA MET R 15 12.27 -70.27 -23.04
C MET R 15 11.14 -71.21 -23.41
N THR R 16 10.45 -71.78 -22.42
CA THR R 16 9.43 -72.78 -22.68
C THR R 16 8.01 -72.23 -22.74
N ILE R 17 7.83 -70.91 -22.59
CA ILE R 17 6.49 -70.33 -22.66
C ILE R 17 6.22 -69.59 -23.97
N GLY R 18 7.20 -69.47 -24.84
CA GLY R 18 7.02 -68.76 -26.09
C GLY R 18 7.58 -67.35 -26.04
N GLU R 19 7.88 -66.82 -27.23
CA GLU R 19 8.51 -65.51 -27.32
C GLU R 19 7.56 -64.39 -26.88
N ASP R 20 6.29 -64.47 -27.28
CA ASP R 20 5.34 -63.43 -26.91
C ASP R 20 5.11 -63.39 -25.40
N ARG R 21 4.93 -64.57 -24.79
CA ARG R 21 4.71 -64.62 -23.34
C ARG R 21 5.95 -64.14 -22.59
N ALA R 22 7.14 -64.54 -23.05
CA ALA R 22 8.37 -64.08 -22.39
C ALA R 22 8.52 -62.57 -22.51
N ALA R 23 8.20 -62.01 -23.68
CA ALA R 23 8.25 -60.56 -23.84
C ALA R 23 7.26 -59.86 -22.93
N GLU R 24 6.06 -60.43 -22.79
CA GLU R 24 5.07 -59.84 -21.88
C GLU R 24 5.56 -59.88 -20.44
N VAL R 25 6.22 -60.97 -20.05
CA VAL R 25 6.76 -61.08 -18.69
C VAL R 25 7.85 -60.05 -18.47
N PHE R 26 8.69 -59.80 -19.48
CA PHE R 26 9.77 -58.83 -19.35
C PHE R 26 9.24 -57.43 -19.07
N LYS R 27 8.03 -57.11 -19.55
CA LYS R 27 7.45 -55.80 -19.31
C LYS R 27 7.13 -55.56 -17.84
N HIS R 28 7.03 -56.61 -17.04
CA HIS R 28 6.75 -56.51 -15.62
C HIS R 28 8.00 -56.71 -14.76
N LEU R 29 9.18 -56.72 -15.37
CA LEU R 29 10.43 -56.92 -14.66
C LEU R 29 11.30 -55.68 -14.76
N SER R 30 12.15 -55.49 -13.74
CA SER R 30 13.03 -54.34 -13.72
C SER R 30 14.15 -54.51 -14.76
N THR R 31 14.86 -53.41 -15.02
CA THR R 31 15.92 -53.43 -16.02
C THR R 31 17.04 -54.40 -15.63
N ARG R 32 17.41 -54.41 -14.34
CA ARG R 32 18.47 -55.31 -13.89
C ARG R 32 18.06 -56.76 -14.08
N GLU R 33 16.83 -57.10 -13.71
CA GLU R 33 16.35 -58.48 -13.88
C GLU R 33 16.30 -58.88 -15.34
N VAL R 34 15.82 -57.98 -16.21
CA VAL R 34 15.77 -58.27 -17.64
C VAL R 34 17.16 -58.49 -18.21
N GLN R 35 18.12 -57.63 -17.83
CA GLN R 35 19.49 -57.79 -18.30
C GLN R 35 20.10 -59.10 -17.82
N ALA R 36 19.88 -59.44 -16.55
CA ALA R 36 20.42 -60.69 -16.02
C ALA R 36 19.83 -61.90 -16.72
N LEU R 37 18.52 -61.89 -16.95
CA LEU R 37 17.88 -63.00 -17.64
C LEU R 37 18.37 -63.10 -19.08
N SER R 38 18.52 -61.97 -19.77
CA SER R 38 19.01 -61.99 -21.14
C SER R 38 20.43 -62.54 -21.21
N THR R 39 21.28 -62.14 -20.25
CA THR R 39 22.63 -62.68 -20.19
C THR R 39 22.61 -64.17 -19.93
N ALA R 40 21.75 -64.63 -19.01
CA ALA R 40 21.65 -66.05 -18.73
C ALA R 40 21.04 -66.82 -19.90
N MET R 41 20.04 -66.23 -20.56
CA MET R 41 19.44 -66.87 -21.73
C MET R 41 20.46 -67.00 -22.86
N ALA R 42 21.47 -66.14 -22.88
CA ALA R 42 22.46 -66.17 -23.96
C ALA R 42 23.30 -67.44 -23.94
N ASN R 43 23.63 -67.95 -22.75
CA ASN R 43 24.55 -69.06 -22.60
C ASN R 43 23.86 -70.41 -22.52
N VAL R 44 22.55 -70.46 -22.76
CA VAL R 44 21.81 -71.71 -22.69
C VAL R 44 22.14 -72.56 -23.91
N ARG R 45 22.56 -73.81 -23.67
CA ARG R 45 22.88 -74.73 -24.74
C ARG R 45 21.95 -75.93 -24.82
N GLN R 46 21.40 -76.39 -23.70
CA GLN R 46 20.46 -77.50 -23.71
C GLN R 46 19.67 -77.51 -22.41
N ILE R 47 18.41 -77.96 -22.51
CA ILE R 47 17.54 -78.11 -21.36
C ILE R 47 17.00 -79.54 -21.37
N SER R 48 17.37 -80.32 -20.36
CA SER R 48 17.05 -81.74 -20.33
C SER R 48 15.61 -81.94 -19.85
N ASN R 49 15.19 -83.21 -19.81
CA ASN R 49 13.83 -83.54 -19.41
C ASN R 49 13.57 -83.17 -17.95
N LYS R 50 14.53 -83.49 -17.07
CA LYS R 50 14.38 -83.10 -15.67
C LYS R 50 14.41 -81.58 -15.52
N GLN R 51 15.32 -80.91 -16.22
CA GLN R 51 15.42 -79.46 -16.15
C GLN R 51 14.16 -78.77 -16.65
N LEU R 52 13.32 -79.48 -17.41
CA LEU R 52 12.03 -78.95 -17.82
C LEU R 52 10.93 -79.30 -16.83
N THR R 53 10.78 -80.59 -16.50
CA THR R 53 9.67 -81.03 -15.66
C THR R 53 9.77 -80.47 -14.25
N ASP R 54 10.97 -80.52 -13.64
CA ASP R 54 11.12 -79.99 -12.30
C ASP R 54 10.87 -78.48 -12.26
N VAL R 55 11.35 -77.77 -13.30
CA VAL R 55 11.12 -76.33 -13.35
C VAL R 55 9.63 -76.03 -13.48
N LEU R 56 8.91 -76.77 -14.31
CA LEU R 56 7.48 -76.53 -14.46
C LEU R 56 6.74 -76.81 -13.15
N SER R 57 7.08 -77.93 -12.49
CA SER R 57 6.43 -78.24 -11.23
C SER R 57 6.72 -77.20 -10.16
N GLU R 58 7.98 -76.74 -10.09
CA GLU R 58 8.34 -75.72 -9.12
C GLU R 58 7.63 -74.40 -9.44
N PHE R 59 7.47 -74.07 -10.73
CA PHE R 59 6.73 -72.87 -11.08
C PHE R 59 5.28 -72.97 -10.64
N GLU R 60 4.66 -74.13 -10.83
CA GLU R 60 3.28 -74.31 -10.38
C GLU R 60 3.17 -74.17 -8.86
N GLN R 61 4.10 -74.81 -8.14
CA GLN R 61 4.08 -74.73 -6.68
C GLN R 61 4.36 -73.31 -6.19
N GLU R 62 5.18 -72.55 -6.93
CA GLU R 62 5.44 -71.17 -6.55
C GLU R 62 4.25 -70.27 -6.85
N ALA R 63 3.59 -70.48 -7.99
CA ALA R 63 2.39 -69.72 -8.30
C ALA R 63 1.29 -69.99 -7.28
N GLU R 64 1.21 -71.22 -6.76
CA GLU R 64 0.30 -71.49 -5.66
C GLU R 64 0.84 -70.99 -4.32
N GLN R 65 2.15 -70.78 -4.22
CA GLN R 65 2.74 -70.33 -2.96
C GLN R 65 2.22 -68.95 -2.58
N PHE R 66 2.28 -68.00 -3.51
CA PHE R 66 1.71 -66.68 -3.30
C PHE R 66 0.36 -66.52 -3.99
N ALA R 67 -0.20 -67.60 -4.52
CA ALA R 67 -1.58 -67.65 -5.01
C ALA R 67 -1.85 -66.57 -6.06
N ALA R 68 -0.88 -66.38 -6.95
CA ALA R 68 -0.99 -65.45 -8.08
C ALA R 68 -1.44 -64.08 -7.55
N LEU R 69 -2.50 -63.49 -8.10
CA LEU R 69 -3.04 -62.20 -7.65
C LEU R 69 -1.97 -61.12 -7.88
N ASN R 70 -1.98 -60.08 -7.04
CA ASN R 70 -1.03 -58.97 -7.10
C ASN R 70 -1.09 -58.27 -8.46
N ILE R 71 -2.25 -57.65 -8.69
CA ILE R 71 -2.42 -56.79 -9.86
C ILE R 71 -1.35 -55.71 -9.82
N ASN R 72 -0.93 -55.26 -11.00
CA ASN R 72 0.14 -54.27 -11.13
C ASN R 72 -0.11 -53.09 -10.22
N ALA R 73 0.81 -52.89 -9.26
CA ALA R 73 0.60 -51.90 -8.21
C ALA R 73 0.59 -50.48 -8.76
N ASN R 74 1.51 -50.16 -9.66
CA ASN R 74 1.63 -48.78 -10.14
C ASN R 74 0.39 -48.35 -10.92
N GLU R 75 -0.02 -49.14 -11.91
CA GLU R 75 -1.17 -48.76 -12.72
C GLU R 75 -2.45 -48.73 -11.90
N TYR R 76 -2.65 -49.73 -11.04
CA TYR R 76 -3.84 -49.76 -10.20
C TYR R 76 -3.89 -48.57 -9.26
N LEU R 77 -2.76 -48.26 -8.61
CA LEU R 77 -2.72 -47.12 -7.70
C LEU R 77 -2.97 -45.81 -8.43
N ARG R 78 -2.37 -45.65 -9.62
CA ARG R 78 -2.60 -44.43 -10.40
C ARG R 78 -4.06 -44.29 -10.79
N SER R 79 -4.69 -45.38 -11.24
CA SER R 79 -6.09 -45.33 -11.62
C SER R 79 -6.97 -45.00 -10.43
N VAL R 80 -6.71 -45.61 -9.28
CA VAL R 80 -7.51 -45.35 -8.09
C VAL R 80 -7.36 -43.90 -7.64
N LEU R 81 -6.13 -43.39 -7.66
CA LEU R 81 -5.91 -41.99 -7.26
C LEU R 81 -6.59 -41.03 -8.22
N VAL R 82 -6.53 -41.30 -9.53
CA VAL R 82 -7.16 -40.43 -10.51
C VAL R 82 -8.67 -40.44 -10.34
N LYS R 83 -9.26 -41.63 -10.16
CA LYS R 83 -10.72 -41.70 -10.04
C LYS R 83 -11.20 -41.11 -8.72
N ALA R 84 -10.43 -41.29 -7.65
CA ALA R 84 -10.84 -40.78 -6.34
C ALA R 84 -10.51 -39.31 -6.18
N LEU R 85 -9.31 -38.90 -6.62
CA LEU R 85 -8.88 -37.52 -6.46
C LEU R 85 -8.87 -36.80 -7.81
N ASP R 96 7.10 -40.56 -4.83
CA ASP R 96 7.48 -41.77 -4.11
C ASP R 96 7.26 -43.01 -4.98
N ILE R 97 6.54 -43.99 -4.43
CA ILE R 97 6.20 -45.22 -5.14
C ILE R 97 7.47 -45.91 -5.60
N LEU R 98 7.52 -46.27 -6.90
CA LEU R 98 8.69 -46.96 -7.44
C LEU R 98 9.93 -46.08 -7.39
N GLU R 99 9.77 -44.75 -7.47
CA GLU R 99 10.91 -43.86 -7.29
C GLU R 99 11.48 -43.99 -5.89
N THR R 100 10.62 -44.04 -4.88
CA THR R 100 11.09 -44.25 -3.51
C THR R 100 11.76 -45.61 -3.36
N ARG R 101 11.19 -46.65 -3.98
CA ARG R 101 11.81 -47.97 -3.91
C ARG R 101 13.19 -47.96 -4.57
N ASP R 102 13.33 -47.27 -5.71
CA ASP R 102 14.61 -47.19 -6.38
C ASP R 102 15.63 -46.40 -5.56
N THR R 103 15.19 -45.33 -4.90
CA THR R 103 16.09 -44.60 -4.01
C THR R 103 16.54 -45.48 -2.84
N THR R 104 15.62 -46.27 -2.29
CA THR R 104 16.00 -47.20 -1.22
C THR R 104 16.99 -48.24 -1.72
N SER R 105 16.78 -48.76 -2.93
CA SER R 105 17.72 -49.72 -3.50
C SER R 105 19.09 -49.10 -3.73
N GLY R 106 19.13 -47.85 -4.20
CA GLY R 106 20.39 -47.16 -4.36
C GLY R 106 21.09 -46.93 -3.03
N ILE R 107 20.31 -46.66 -1.98
CA ILE R 107 20.87 -46.60 -0.63
C ILE R 107 21.49 -47.94 -0.26
N GLU R 108 20.79 -49.03 -0.57
CA GLU R 108 21.36 -50.36 -0.33
C GLU R 108 22.59 -50.59 -1.20
N THR R 109 22.55 -50.15 -2.46
CA THR R 109 23.68 -50.35 -3.36
C THR R 109 24.92 -49.61 -2.88
N LEU R 110 24.75 -48.46 -2.23
CA LEU R 110 25.87 -47.69 -1.70
C LEU R 110 26.35 -48.18 -0.34
N ASN R 111 25.95 -49.39 0.05
CA ASN R 111 26.41 -50.00 1.29
C ASN R 111 27.04 -51.37 1.10
N PHE R 112 26.74 -52.07 0.02
CA PHE R 112 27.33 -53.37 -0.26
C PHE R 112 28.68 -53.29 -0.96
N MET R 113 29.06 -52.10 -1.43
CA MET R 113 30.32 -51.93 -2.13
C MET R 113 31.48 -51.88 -1.14
N GLU R 114 32.69 -52.09 -1.67
CA GLU R 114 33.88 -51.94 -0.84
C GLU R 114 34.03 -50.49 -0.42
N PRO R 115 34.46 -50.23 0.82
CA PRO R 115 34.64 -48.83 1.25
C PRO R 115 35.61 -48.06 0.37
N GLN R 116 36.69 -48.71 -0.10
CA GLN R 116 37.65 -48.02 -0.96
C GLN R 116 37.02 -47.62 -2.28
N SER R 117 36.22 -48.50 -2.89
CA SER R 117 35.60 -48.19 -4.17
C SER R 117 34.64 -47.02 -4.04
N ALA R 118 33.78 -47.04 -3.02
CA ALA R 118 32.84 -45.94 -2.81
C ALA R 118 33.57 -44.64 -2.49
N ALA R 119 34.62 -44.72 -1.66
CA ALA R 119 35.37 -43.52 -1.31
C ALA R 119 36.02 -42.89 -2.54
N ASP R 120 36.61 -43.73 -3.40
CA ASP R 120 37.17 -43.21 -4.65
C ASP R 120 36.09 -42.67 -5.57
N LEU R 121 34.90 -43.28 -5.55
CA LEU R 121 33.80 -42.81 -6.37
C LEU R 121 33.34 -41.42 -5.94
N ILE R 122 33.29 -41.17 -4.63
CA ILE R 122 32.76 -39.92 -4.10
C ILE R 122 33.85 -39.01 -3.56
N ARG R 123 35.13 -39.32 -3.82
CA ARG R 123 36.21 -38.47 -3.32
C ARG R 123 36.18 -37.09 -3.95
N ASP R 124 35.91 -37.01 -5.24
CA ASP R 124 35.96 -35.74 -5.98
C ASP R 124 34.64 -34.98 -5.91
N GLU R 125 33.62 -35.54 -5.26
CA GLU R 125 32.34 -34.84 -5.15
C GLU R 125 32.44 -33.68 -4.16
N HIS R 126 31.45 -32.81 -4.21
CA HIS R 126 31.39 -31.68 -3.30
C HIS R 126 31.26 -32.20 -1.86
N PRO R 127 31.93 -31.57 -0.89
CA PRO R 127 31.84 -32.07 0.50
C PRO R 127 30.43 -32.15 1.02
N GLN R 128 29.57 -31.20 0.66
CA GLN R 128 28.17 -31.30 1.06
C GLN R 128 27.49 -32.51 0.42
N ILE R 129 27.81 -32.79 -0.84
CA ILE R 129 27.26 -33.97 -1.50
C ILE R 129 27.73 -35.24 -0.79
N ILE R 130 29.02 -35.29 -0.43
CA ILE R 130 29.55 -36.45 0.28
C ILE R 130 28.84 -36.62 1.61
N ALA R 131 28.64 -35.52 2.35
CA ALA R 131 27.94 -35.60 3.62
C ALA R 131 26.50 -36.07 3.44
N THR R 132 25.83 -35.57 2.41
CA THR R 132 24.44 -35.97 2.15
C THR R 132 24.35 -37.45 1.83
N ILE R 133 25.29 -37.96 1.01
CA ILE R 133 25.28 -39.37 0.68
C ILE R 133 25.48 -40.22 1.94
N LEU R 134 26.45 -39.85 2.77
CA LEU R 134 26.79 -40.66 3.93
C LEU R 134 25.69 -40.66 4.98
N VAL R 135 24.87 -39.61 5.03
CA VAL R 135 23.78 -39.56 5.99
C VAL R 135 22.79 -40.69 5.74
N HIS R 136 22.50 -40.97 4.47
CA HIS R 136 21.55 -42.01 4.11
C HIS R 136 22.18 -43.40 4.13
N LEU R 137 23.48 -43.52 4.37
CA LEU R 137 24.14 -44.81 4.38
C LEU R 137 24.16 -45.41 5.78
N LYS R 138 24.56 -46.68 5.85
CA LYS R 138 24.74 -47.34 7.13
C LYS R 138 25.88 -46.69 7.90
N ARG R 139 25.81 -46.78 9.23
CA ARG R 139 26.82 -46.16 10.06
C ARG R 139 28.20 -46.76 9.80
N SER R 140 28.28 -48.09 9.69
CA SER R 140 29.57 -48.74 9.49
C SER R 140 30.17 -48.40 8.13
N GLN R 141 29.35 -48.43 7.07
CA GLN R 141 29.86 -48.14 5.73
C GLN R 141 30.34 -46.70 5.63
N ALA R 142 29.56 -45.75 6.15
CA ALA R 142 29.98 -44.36 6.14
C ALA R 142 31.22 -44.14 7.00
N ALA R 143 31.32 -44.87 8.11
CA ALA R 143 32.51 -44.79 8.95
C ALA R 143 33.75 -45.27 8.19
N ASP R 144 33.62 -46.37 7.47
CA ASP R 144 34.74 -46.90 6.70
C ASP R 144 35.12 -45.96 5.56
N ILE R 145 34.13 -45.37 4.90
CA ILE R 145 34.42 -44.45 3.79
C ILE R 145 35.16 -43.22 4.29
N LEU R 146 34.69 -42.65 5.42
CA LEU R 146 35.34 -41.47 5.98
C LEU R 146 36.77 -41.76 6.41
N ALA R 147 37.04 -42.99 6.86
CA ALA R 147 38.39 -43.34 7.28
C ALA R 147 39.41 -43.26 6.16
N LEU R 148 38.95 -43.37 4.90
CA LEU R 148 39.84 -43.36 3.75
C LEU R 148 40.06 -41.97 3.17
N PHE R 149 39.31 -40.98 3.62
CA PHE R 149 39.50 -39.62 3.14
C PHE R 149 40.68 -38.96 3.85
N ASP R 150 41.21 -37.91 3.23
CA ASP R 150 42.24 -37.12 3.88
C ASP R 150 41.65 -36.36 5.07
N GLU R 151 42.54 -35.88 5.93
CA GLU R 151 42.13 -35.25 7.18
C GLU R 151 41.15 -34.10 6.94
N ARG R 152 41.54 -33.16 6.07
CA ARG R 152 40.75 -31.96 5.86
C ARG R 152 39.37 -32.29 5.30
N LEU R 153 39.33 -33.07 4.22
CA LEU R 153 38.05 -33.40 3.58
C LEU R 153 37.18 -34.24 4.50
N ARG R 154 37.76 -35.22 5.18
CA ARG R 154 36.99 -36.06 6.10
C ARG R 154 36.36 -35.24 7.21
N HIS R 155 37.14 -34.31 7.79
CA HIS R 155 36.60 -33.52 8.88
C HIS R 155 35.57 -32.51 8.39
N ASP R 156 35.75 -31.98 7.18
CA ASP R 156 34.73 -31.11 6.60
C ASP R 156 33.43 -31.87 6.39
N VAL R 157 33.51 -33.10 5.88
CA VAL R 157 32.32 -33.92 5.69
C VAL R 157 31.66 -34.23 7.02
N MET R 158 32.46 -34.52 8.05
CA MET R 158 31.91 -34.77 9.37
C MET R 158 31.18 -33.55 9.91
N LEU R 159 31.77 -32.37 9.75
CA LEU R 159 31.13 -31.14 10.23
C LEU R 159 29.84 -30.87 9.46
N ARG R 160 29.83 -31.09 8.15
CA ARG R 160 28.61 -30.90 7.38
C ARG R 160 27.54 -31.90 7.79
N ILE R 161 27.93 -33.14 8.12
CA ILE R 161 26.97 -34.12 8.62
C ILE R 161 26.38 -33.64 9.95
N ALA R 162 27.24 -33.10 10.83
CA ALA R 162 26.78 -32.64 12.13
C ALA R 162 25.75 -31.53 12.01
N THR R 163 25.78 -30.77 10.92
CA THR R 163 24.83 -29.68 10.67
C THR R 163 23.96 -29.96 9.45
N PHE R 164 23.66 -31.24 9.21
CA PHE R 164 22.82 -31.62 8.07
C PHE R 164 21.39 -31.17 8.30
N GLY R 165 20.87 -30.34 7.39
CA GLY R 165 19.56 -29.76 7.51
C GLY R 165 18.48 -30.36 6.62
N GLY R 166 18.75 -31.46 5.95
CA GLY R 166 17.75 -32.08 5.10
C GLY R 166 17.87 -31.64 3.66
N VAL R 167 17.45 -32.52 2.75
CA VAL R 167 17.56 -32.30 1.31
C VAL R 167 16.18 -32.44 0.68
N GLN R 168 15.88 -31.56 -0.27
CA GLN R 168 14.62 -31.66 -0.98
C GLN R 168 14.55 -32.97 -1.76
N PRO R 169 13.36 -33.55 -1.92
CA PRO R 169 13.26 -34.83 -2.65
C PRO R 169 13.77 -34.76 -4.08
N ALA R 170 13.61 -33.62 -4.75
CA ALA R 170 14.06 -33.52 -6.14
C ALA R 170 15.59 -33.62 -6.25
N ALA R 171 16.31 -32.90 -5.37
CA ALA R 171 17.76 -32.96 -5.41
C ALA R 171 18.27 -34.35 -5.05
N LEU R 172 17.64 -34.99 -4.06
CA LEU R 172 18.02 -36.35 -3.69
C LEU R 172 17.77 -37.32 -4.85
N ALA R 173 16.63 -37.16 -5.54
CA ALA R 173 16.33 -38.02 -6.68
C ALA R 173 17.34 -37.81 -7.80
N GLU R 174 17.72 -36.56 -8.07
CA GLU R 174 18.72 -36.30 -9.10
C GLU R 174 20.07 -36.91 -8.74
N LEU R 175 20.48 -36.77 -7.48
CA LEU R 175 21.73 -37.37 -7.03
C LEU R 175 21.67 -38.88 -7.14
N THR R 176 20.54 -39.49 -6.78
CA THR R 176 20.37 -40.93 -6.91
C THR R 176 20.45 -41.37 -8.36
N GLU R 177 19.85 -40.59 -9.27
CA GLU R 177 19.92 -40.94 -10.69
C GLU R 177 21.35 -40.85 -11.22
N VAL R 178 22.09 -39.81 -10.81
CA VAL R 178 23.48 -39.69 -11.22
C VAL R 178 24.31 -40.86 -10.69
N LEU R 179 24.10 -41.21 -9.42
CA LEU R 179 24.83 -42.34 -8.84
C LEU R 179 24.46 -43.64 -9.55
N ASN R 180 23.18 -43.81 -9.91
CA ASN R 180 22.76 -44.99 -10.63
C ASN R 180 23.42 -45.05 -12.01
N GLY R 181 23.54 -43.92 -12.69
CA GLY R 181 24.25 -43.90 -13.96
C GLY R 181 25.71 -44.27 -13.81
N LEU R 182 26.37 -43.73 -12.77
CA LEU R 182 27.76 -44.10 -12.51
C LEU R 182 27.90 -45.59 -12.21
N LEU R 183 26.97 -46.13 -11.42
CA LEU R 183 27.01 -47.56 -11.10
C LEU R 183 26.76 -48.41 -12.34
N ASP R 184 25.86 -47.96 -13.23
CA ASP R 184 25.64 -48.69 -14.47
C ASP R 184 26.89 -48.69 -15.34
N GLY R 185 27.57 -47.54 -15.42
CA GLY R 185 28.83 -47.50 -16.14
C GLY R 185 29.88 -48.42 -15.55
N GLN R 186 29.99 -48.43 -14.22
CA GLN R 186 30.95 -49.30 -13.56
C GLN R 186 30.63 -50.77 -13.80
N ASN R 187 29.35 -51.14 -13.72
CA ASN R 187 28.95 -52.52 -13.93
C ASN R 187 29.16 -52.94 -15.38
N LEU R 188 28.92 -52.03 -16.33
CA LEU R 188 29.26 -52.31 -17.72
C LEU R 188 30.75 -52.54 -17.88
N LYS R 189 31.56 -51.71 -17.23
CA LYS R 189 33.00 -51.98 -17.17
C LYS R 189 33.28 -53.24 -16.38
N ARG R 190 32.74 -53.33 -15.18
CA ARG R 190 33.00 -54.43 -14.23
C ARG R 190 34.49 -54.74 -14.20
N SER R 191 35.25 -53.73 -13.77
CA SER R 191 36.70 -53.72 -13.90
C SER R 191 37.32 -55.02 -13.43
N LYS R 192 37.95 -55.74 -14.35
CA LYS R 192 38.69 -56.94 -14.00
C LYS R 192 39.83 -56.57 -13.06
N MET R 193 40.11 -57.46 -12.11
CA MET R 193 41.09 -57.18 -11.07
C MET R 193 42.45 -56.87 -11.66
N GLY R 194 42.86 -55.60 -11.54
CA GLY R 194 44.15 -55.15 -12.01
C GLY R 194 45.07 -54.63 -10.93
N GLY R 195 44.72 -54.77 -9.66
CA GLY R 195 45.54 -54.28 -8.58
C GLY R 195 46.73 -55.18 -8.31
N VAL R 196 47.40 -54.90 -7.20
CA VAL R 196 48.58 -55.66 -6.81
C VAL R 196 48.24 -57.12 -6.53
N ARG R 197 46.99 -57.42 -6.19
CA ARG R 197 46.61 -58.81 -5.91
C ARG R 197 46.74 -59.68 -7.14
N THR R 198 46.29 -59.19 -8.30
CA THR R 198 46.38 -59.97 -9.52
C THR R 198 47.83 -60.25 -9.90
N ALA R 199 48.69 -59.24 -9.80
CA ALA R 199 50.11 -59.45 -10.06
C ALA R 199 50.73 -60.43 -9.07
N ALA R 200 50.35 -60.31 -7.79
CA ALA R 200 50.86 -61.23 -6.78
C ALA R 200 50.46 -62.66 -7.09
N GLU R 201 49.21 -62.86 -7.53
CA GLU R 201 48.79 -64.19 -7.95
C GLU R 201 49.59 -64.66 -9.16
N ILE R 202 49.84 -63.77 -10.11
CA ILE R 202 50.68 -64.11 -11.25
C ILE R 202 52.11 -64.41 -10.79
N ILE R 203 52.65 -63.56 -9.91
CA ILE R 203 54.04 -63.71 -9.49
C ILE R 203 54.23 -65.00 -8.69
N ASN R 204 53.24 -65.37 -7.87
CA ASN R 204 53.35 -66.59 -7.07
C ASN R 204 53.47 -67.84 -7.92
N LEU R 205 52.95 -67.82 -9.14
CA LEU R 205 52.98 -69.00 -10.02
C LEU R 205 54.19 -69.02 -10.95
N MET R 206 55.08 -68.03 -10.84
CA MET R 206 56.32 -68.04 -11.62
C MET R 206 57.36 -68.92 -10.94
N LYS R 207 58.43 -69.21 -11.69
CA LYS R 207 59.60 -69.81 -11.08
C LYS R 207 60.29 -68.78 -10.19
N THR R 208 61.07 -69.28 -9.22
CA THR R 208 61.70 -68.40 -8.25
C THR R 208 62.59 -67.36 -8.91
N GLN R 209 63.31 -67.75 -9.96
CA GLN R 209 64.20 -66.81 -10.66
C GLN R 209 63.44 -65.58 -11.16
N GLN R 210 62.47 -65.80 -12.05
CA GLN R 210 61.75 -64.67 -12.64
C GLN R 210 60.89 -63.96 -11.60
N GLU R 211 60.34 -64.70 -10.64
CA GLU R 211 59.57 -64.06 -9.57
C GLU R 211 60.42 -63.06 -8.80
N GLU R 212 61.59 -63.49 -8.34
CA GLU R 212 62.47 -62.60 -7.59
C GLU R 212 62.97 -61.46 -8.46
N ALA R 213 63.26 -61.73 -9.74
CA ALA R 213 63.71 -60.67 -10.63
C ALA R 213 62.63 -59.61 -10.81
N VAL R 214 61.38 -60.03 -11.02
CA VAL R 214 60.29 -59.08 -11.18
C VAL R 214 60.08 -58.29 -9.89
N ILE R 215 60.13 -58.95 -8.73
CA ILE R 215 59.94 -58.26 -7.47
C ILE R 215 61.03 -57.20 -7.28
N THR R 216 62.28 -57.58 -7.53
CA THR R 216 63.39 -56.65 -7.37
C THR R 216 63.26 -55.47 -8.33
N ALA R 217 62.87 -55.73 -9.58
CA ALA R 217 62.73 -54.65 -10.56
C ALA R 217 61.60 -53.71 -10.18
N VAL R 218 60.48 -54.24 -9.71
CA VAL R 218 59.37 -53.38 -9.29
C VAL R 218 59.80 -52.54 -8.09
N ARG R 219 60.54 -53.13 -7.16
CA ARG R 219 61.08 -52.34 -6.04
C ARG R 219 62.02 -51.25 -6.54
N GLU R 220 62.81 -51.55 -7.57
CA GLU R 220 63.67 -50.52 -8.17
C GLU R 220 62.83 -49.38 -8.73
N PHE R 221 61.74 -49.72 -9.43
CA PHE R 221 60.84 -48.67 -9.93
C PHE R 221 60.05 -48.02 -8.79
N ASP R 222 59.49 -48.83 -7.90
CA ASP R 222 58.67 -48.32 -6.80
C ASP R 222 58.71 -49.35 -5.67
N GLY R 223 59.42 -49.00 -4.59
CA GLY R 223 59.47 -49.90 -3.44
C GLY R 223 58.10 -50.13 -2.82
N GLU R 224 57.28 -49.08 -2.77
CA GLU R 224 55.94 -49.22 -2.21
C GLU R 224 55.09 -50.17 -3.02
N LEU R 225 55.17 -50.08 -4.35
CA LEU R 225 54.39 -50.97 -5.21
C LEU R 225 54.82 -52.42 -5.02
N ALA R 226 56.13 -52.67 -4.98
CA ALA R 226 56.61 -54.03 -4.76
C ALA R 226 56.19 -54.56 -3.39
N GLN R 227 56.27 -53.71 -2.36
CA GLN R 227 55.83 -54.13 -1.04
C GLN R 227 54.35 -54.46 -1.02
N LYS R 228 53.54 -53.67 -1.71
CA LYS R 228 52.11 -53.99 -1.82
C LYS R 228 51.90 -55.32 -2.53
N ILE R 229 52.64 -55.57 -3.60
CA ILE R 229 52.55 -56.86 -4.27
C ILE R 229 53.06 -57.97 -3.37
N ILE R 230 54.14 -57.72 -2.63
CA ILE R 230 54.66 -58.72 -1.71
C ILE R 230 53.65 -59.02 -0.61
N ASP R 231 53.02 -57.98 -0.05
CA ASP R 231 52.02 -58.19 0.99
C ASP R 231 50.82 -58.96 0.50
N GLU R 232 50.53 -58.92 -0.81
CA GLU R 232 49.39 -59.62 -1.36
C GLU R 232 49.74 -60.99 -1.94
N MET R 233 50.99 -61.43 -1.81
CA MET R 233 51.43 -62.71 -2.34
C MET R 233 51.81 -63.66 -1.21
N PHE R 234 51.56 -64.95 -1.44
CA PHE R 234 51.94 -66.00 -0.50
C PHE R 234 53.02 -66.83 -1.19
N LEU R 235 54.28 -66.41 -1.02
CA LEU R 235 55.43 -67.06 -1.64
C LEU R 235 56.10 -68.06 -0.72
N PHE R 236 55.33 -68.74 0.13
CA PHE R 236 55.83 -69.65 1.15
C PHE R 236 56.72 -68.91 2.14
N GLU R 237 57.21 -69.61 3.16
CA GLU R 237 58.12 -69.07 4.17
C GLU R 237 57.43 -68.03 5.05
N ASN R 238 56.16 -67.74 4.77
CA ASN R 238 55.32 -66.92 5.61
C ASN R 238 54.37 -67.73 6.48
N LEU R 239 54.43 -69.07 6.40
CA LEU R 239 53.60 -69.89 7.26
C LEU R 239 54.02 -69.82 8.72
N VAL R 240 55.21 -69.26 9.00
CA VAL R 240 55.64 -69.05 10.37
C VAL R 240 54.73 -68.03 11.06
N ASP R 241 54.21 -67.07 10.31
CA ASP R 241 53.32 -66.04 10.84
C ASP R 241 51.88 -66.53 10.96
N VAL R 242 51.57 -67.71 10.46
CA VAL R 242 50.22 -68.26 10.55
C VAL R 242 50.04 -68.94 11.90
N ASP R 243 48.81 -68.90 12.42
CA ASP R 243 48.54 -69.44 13.74
C ASP R 243 48.79 -70.95 13.79
N ASP R 244 49.01 -71.45 15.00
CA ASP R 244 49.35 -72.85 15.18
C ASP R 244 48.20 -73.77 14.75
N ARG R 245 46.96 -73.37 15.03
CA ARG R 245 45.81 -74.20 14.69
C ARG R 245 45.72 -74.42 13.18
N SER R 246 45.94 -73.36 12.40
CA SER R 246 45.88 -73.49 10.94
C SER R 246 47.00 -74.40 10.43
N ILE R 247 48.19 -74.30 11.01
CA ILE R 247 49.29 -75.16 10.61
C ILE R 247 48.96 -76.62 10.92
N GLN R 248 48.39 -76.86 12.11
CA GLN R 248 47.99 -78.23 12.46
C GLN R 248 46.93 -78.75 11.50
N ARG R 249 45.98 -77.90 11.11
CA ARG R 249 45.00 -78.29 10.10
C ARG R 249 45.67 -78.56 8.76
N LEU R 250 46.67 -77.76 8.41
CA LEU R 250 47.38 -77.95 7.15
C LEU R 250 48.09 -79.29 7.11
N LEU R 251 48.71 -79.69 8.22
CA LEU R 251 49.48 -80.94 8.25
C LEU R 251 48.61 -82.16 8.01
N GLN R 252 47.31 -82.07 8.26
CA GLN R 252 46.42 -83.20 8.02
C GLN R 252 46.18 -83.44 6.54
N GLU R 253 46.43 -82.44 5.69
CA GLU R 253 46.23 -82.57 4.26
C GLU R 253 47.52 -82.66 3.45
N VAL R 254 48.68 -82.57 4.10
CA VAL R 254 49.96 -82.58 3.41
C VAL R 254 50.59 -83.96 3.58
N ASP R 255 51.01 -84.54 2.46
CA ASP R 255 51.69 -85.84 2.50
C ASP R 255 53.02 -85.72 3.24
N SER R 256 53.39 -86.79 3.94
CA SER R 256 54.62 -86.77 4.73
C SER R 256 55.84 -86.58 3.84
N GLU R 257 55.90 -87.28 2.70
CA GLU R 257 57.04 -87.12 1.81
C GLU R 257 57.06 -85.73 1.18
N SER R 258 55.89 -85.20 0.81
CA SER R 258 55.82 -83.86 0.26
C SER R 258 56.30 -82.81 1.26
N LEU R 259 55.86 -82.94 2.52
CA LEU R 259 56.31 -82.03 3.56
C LEU R 259 57.82 -82.17 3.79
N LEU R 260 58.33 -83.40 3.77
CA LEU R 260 59.75 -83.63 3.97
C LEU R 260 60.58 -82.96 2.87
N ILE R 261 60.15 -83.11 1.62
CA ILE R 261 60.87 -82.49 0.51
C ILE R 261 60.77 -80.97 0.58
N ALA R 262 59.57 -80.46 0.86
CA ALA R 262 59.37 -79.01 0.90
C ALA R 262 60.17 -78.38 2.04
N LEU R 263 60.19 -79.02 3.21
CA LEU R 263 60.91 -78.46 4.36
C LEU R 263 62.42 -78.56 4.23
N LYS R 264 62.92 -79.29 3.22
CA LYS R 264 64.37 -79.40 3.04
C LYS R 264 64.99 -78.04 2.75
N GLY R 265 64.34 -77.24 1.92
CA GLY R 265 64.79 -75.90 1.60
C GLY R 265 64.18 -74.80 2.44
N ALA R 266 63.48 -75.13 3.51
CA ALA R 266 62.84 -74.14 4.36
C ALA R 266 63.80 -73.66 5.44
N GLU R 267 63.57 -72.43 5.89
CA GLU R 267 64.41 -71.86 6.93
C GLU R 267 64.18 -72.56 8.27
N PRO R 268 65.17 -72.56 9.15
CA PRO R 268 65.02 -73.23 10.46
C PRO R 268 63.84 -72.71 11.26
N PRO R 269 63.54 -71.39 11.24
CA PRO R 269 62.32 -70.95 11.93
C PRO R 269 61.05 -71.60 11.41
N LEU R 270 60.87 -71.63 10.09
CA LEU R 270 59.69 -72.27 9.52
C LEU R 270 59.70 -73.78 9.79
N ARG R 271 60.87 -74.40 9.74
CA ARG R 271 60.97 -75.84 10.02
C ARG R 271 60.54 -76.14 11.44
N GLU R 272 60.99 -75.33 12.41
CA GLU R 272 60.54 -75.51 13.78
C GLU R 272 59.06 -75.20 13.95
N LYS R 273 58.55 -74.23 13.19
CA LYS R 273 57.12 -73.94 13.22
C LYS R 273 56.31 -75.15 12.78
N PHE R 274 56.75 -75.83 11.71
CA PHE R 274 56.07 -77.04 11.28
C PHE R 274 56.25 -78.17 12.29
N LEU R 275 57.46 -78.33 12.83
CA LEU R 275 57.72 -79.42 13.76
C LEU R 275 56.93 -79.25 15.05
N ARG R 276 56.79 -78.02 15.54
CA ARG R 276 56.06 -77.77 16.78
C ARG R 276 54.58 -78.11 16.65
N ASN R 277 54.03 -78.09 15.45
CA ASN R 277 52.62 -78.38 15.22
C ASN R 277 52.36 -79.85 14.92
N MET R 278 53.40 -80.69 14.87
CA MET R 278 53.24 -82.11 14.66
C MET R 278 53.38 -82.86 15.97
N SER R 279 52.94 -84.11 15.97
CA SER R 279 53.12 -84.96 17.14
C SER R 279 54.61 -85.25 17.34
N GLN R 280 54.97 -85.53 18.59
CA GLN R 280 56.39 -85.64 18.94
C GLN R 280 57.04 -86.80 18.20
N ARG R 281 56.34 -87.94 18.08
CA ARG R 281 56.87 -89.06 17.32
C ARG R 281 57.03 -88.68 15.84
N ALA R 282 56.01 -88.04 15.27
CA ALA R 282 56.10 -87.62 13.88
C ALA R 282 57.17 -86.54 13.70
N ALA R 283 57.31 -85.65 14.68
CA ALA R 283 58.35 -84.63 14.61
C ALA R 283 59.74 -85.26 14.61
N ASP R 284 59.95 -86.27 15.47
CA ASP R 284 61.24 -86.96 15.48
C ASP R 284 61.49 -87.69 14.18
N ILE R 285 60.45 -88.34 13.63
CA ILE R 285 60.60 -89.03 12.35
C ILE R 285 60.97 -88.04 11.25
N LEU R 286 60.31 -86.89 11.22
CA LEU R 286 60.61 -85.88 10.21
C LEU R 286 62.03 -85.34 10.37
N ARG R 287 62.46 -85.11 11.62
CA ARG R 287 63.82 -84.64 11.85
C ARG R 287 64.84 -85.67 11.36
N ASP R 288 64.61 -86.95 11.68
CA ASP R 288 65.52 -88.01 11.23
C ASP R 288 65.56 -88.09 9.70
N ASP R 289 64.39 -87.98 9.06
CA ASP R 289 64.35 -88.02 7.60
C ASP R 289 65.08 -86.83 6.99
N LEU R 290 64.91 -85.64 7.57
CA LEU R 290 65.63 -84.46 7.08
C LEU R 290 67.13 -84.63 7.25
N ALA R 291 67.57 -85.19 8.38
CA ALA R 291 68.99 -85.36 8.61
C ALA R 291 69.59 -86.45 7.73
N ASN R 292 68.80 -87.47 7.37
CA ASN R 292 69.33 -88.61 6.63
C ASN R 292 69.16 -88.48 5.12
N ARG R 293 68.10 -87.82 4.65
CA ARG R 293 67.87 -87.73 3.21
C ARG R 293 68.92 -86.83 2.56
N GLY R 294 69.35 -87.23 1.36
CA GLY R 294 70.39 -86.51 0.67
C GLY R 294 69.87 -85.22 0.06
N PRO R 295 70.75 -84.54 -0.67
CA PRO R 295 70.36 -83.27 -1.30
C PRO R 295 69.22 -83.47 -2.29
N VAL R 296 68.33 -82.48 -2.32
CA VAL R 296 67.16 -82.51 -3.20
C VAL R 296 67.26 -81.33 -4.16
N ARG R 297 66.96 -81.59 -5.43
CA ARG R 297 67.00 -80.54 -6.44
C ARG R 297 66.03 -79.42 -6.08
N LEU R 298 66.45 -78.18 -6.33
CA LEU R 298 65.66 -77.03 -5.92
C LEU R 298 64.31 -76.99 -6.63
N SER R 299 64.25 -77.49 -7.87
CA SER R 299 62.98 -77.49 -8.60
C SER R 299 61.93 -78.35 -7.91
N GLN R 300 62.33 -79.53 -7.42
CA GLN R 300 61.38 -80.41 -6.73
C GLN R 300 60.89 -79.76 -5.44
N VAL R 301 61.79 -79.13 -4.69
CA VAL R 301 61.40 -78.45 -3.46
C VAL R 301 60.43 -77.32 -3.76
N GLU R 302 60.70 -76.55 -4.83
CA GLU R 302 59.80 -75.47 -5.22
C GLU R 302 58.43 -76.02 -5.61
N ASN R 303 58.40 -77.14 -6.33
CA ASN R 303 57.13 -77.74 -6.71
C ASN R 303 56.34 -78.19 -5.49
N GLU R 304 57.03 -78.81 -4.52
CA GLU R 304 56.34 -79.25 -3.31
C GLU R 304 55.82 -78.06 -2.51
N GLN R 305 56.61 -76.98 -2.44
CA GLN R 305 56.15 -75.77 -1.76
C GLN R 305 54.95 -75.16 -2.48
N LYS R 306 54.95 -75.21 -3.81
CA LYS R 306 53.81 -74.73 -4.58
C LYS R 306 52.56 -75.56 -4.28
N ALA R 307 52.72 -76.89 -4.19
CA ALA R 307 51.58 -77.73 -3.85
C ALA R 307 51.06 -77.42 -2.44
N ILE R 308 51.98 -77.20 -1.49
CA ILE R 308 51.57 -76.86 -0.13
C ILE R 308 50.84 -75.52 -0.12
N LEU R 309 51.32 -74.55 -0.90
CA LEU R 309 50.63 -73.27 -1.00
C LEU R 309 49.26 -73.41 -1.63
N LEU R 310 49.11 -74.29 -2.61
CA LEU R 310 47.79 -74.55 -3.19
C LEU R 310 46.85 -75.15 -2.14
N ILE R 311 47.36 -76.07 -1.33
CA ILE R 311 46.56 -76.64 -0.26
C ILE R 311 46.17 -75.56 0.74
N VAL R 312 47.10 -74.66 1.07
CA VAL R 312 46.81 -73.56 1.99
C VAL R 312 45.71 -72.67 1.42
N ARG R 313 45.80 -72.34 0.13
CA ARG R 313 44.79 -71.52 -0.51
C ARG R 313 43.43 -72.21 -0.49
N ARG R 314 43.41 -73.51 -0.77
CA ARG R 314 42.15 -74.25 -0.74
C ARG R 314 41.53 -74.25 0.65
N LEU R 315 42.36 -74.45 1.68
CA LEU R 315 41.85 -74.41 3.04
C LEU R 315 41.35 -73.02 3.42
N ALA R 316 42.06 -71.97 2.98
CA ALA R 316 41.64 -70.61 3.29
C ALA R 316 40.32 -70.26 2.62
N GLU R 317 40.12 -70.73 1.37
CA GLU R 317 38.87 -70.46 0.68
C GLU R 317 37.68 -71.12 1.39
N THR R 318 37.91 -72.26 2.03
CA THR R 318 36.85 -72.95 2.76
C THR R 318 36.69 -72.42 4.19
N GLY R 319 37.53 -71.49 4.63
CA GLY R 319 37.46 -70.94 5.96
C GLY R 319 38.13 -71.76 7.03
N GLU R 320 38.74 -72.88 6.70
CA GLU R 320 39.42 -73.71 7.68
C GLU R 320 40.81 -73.20 8.04
N MET R 321 41.36 -72.26 7.28
CA MET R 321 42.68 -71.73 7.53
C MET R 321 42.64 -70.21 7.41
N VAL R 322 43.31 -69.52 8.32
CA VAL R 322 43.36 -68.06 8.36
C VAL R 322 44.76 -67.63 7.96
N ILE R 323 44.84 -66.77 6.95
CA ILE R 323 46.12 -66.27 6.46
C ILE R 323 46.34 -64.84 6.91
N MET S 1 62.57 -7.29 -20.45
CA MET S 1 61.58 -8.35 -20.61
C MET S 1 62.15 -9.70 -20.17
N ALA S 2 61.29 -10.54 -19.61
CA ALA S 2 61.70 -11.88 -19.21
C ALA S 2 61.97 -12.73 -20.44
N ASP S 3 62.90 -13.67 -20.30
CA ASP S 3 63.24 -14.58 -21.39
C ASP S 3 62.05 -15.45 -21.73
N LYS S 4 61.60 -15.39 -22.99
CA LYS S 4 60.45 -16.17 -23.43
C LYS S 4 60.72 -17.65 -23.52
N GLU S 5 61.99 -18.06 -23.49
CA GLU S 5 62.36 -19.48 -23.50
C GLU S 5 62.54 -20.03 -22.10
N LEU S 6 62.19 -19.27 -21.07
CA LEU S 6 62.30 -19.75 -19.70
C LEU S 6 61.43 -20.98 -19.49
N LYS S 7 61.99 -21.97 -18.80
CA LYS S 7 61.30 -23.24 -18.58
C LYS S 7 60.48 -23.16 -17.31
N PHE S 8 59.20 -23.51 -17.41
CA PHE S 8 58.27 -23.45 -16.29
C PHE S 8 57.84 -24.85 -15.89
N LEU S 9 57.81 -25.09 -14.58
CA LEU S 9 57.35 -26.37 -14.02
C LEU S 9 56.06 -26.11 -13.26
N VAL S 10 54.95 -26.64 -13.77
CA VAL S 10 53.64 -26.48 -13.16
C VAL S 10 53.33 -27.75 -12.37
N VAL S 11 53.11 -27.61 -11.07
CA VAL S 11 52.87 -28.73 -10.18
C VAL S 11 51.49 -28.56 -9.57
N ASP S 12 50.61 -29.53 -9.82
CA ASP S 12 49.27 -29.52 -9.25
C ASP S 12 48.71 -30.93 -9.34
N LYS S 13 47.84 -31.27 -8.38
CA LYS S 13 47.25 -32.60 -8.34
C LYS S 13 46.15 -32.78 -9.39
N PHE S 14 45.63 -31.69 -9.95
CA PHE S 14 44.60 -31.77 -10.97
C PHE S 14 45.19 -31.48 -12.34
N SER S 15 44.95 -32.39 -13.28
CA SER S 15 45.45 -32.21 -14.64
C SER S 15 44.81 -31.03 -15.35
N THR S 16 43.51 -30.81 -15.11
CA THR S 16 42.83 -29.68 -15.75
C THR S 16 43.42 -28.35 -15.30
N MET S 17 43.73 -28.21 -14.02
CA MET S 17 44.35 -26.99 -13.54
C MET S 17 45.72 -26.79 -14.16
N ARG S 18 46.50 -27.87 -14.29
CA ARG S 18 47.81 -27.76 -14.94
C ARG S 18 47.67 -27.32 -16.40
N ARG S 19 46.69 -27.88 -17.11
CA ARG S 19 46.47 -27.47 -18.49
C ARG S 19 46.06 -26.00 -18.58
N ILE S 20 45.21 -25.56 -17.65
CA ILE S 20 44.80 -24.15 -17.63
C ILE S 20 46.00 -23.24 -17.41
N VAL S 21 46.87 -23.62 -16.45
CA VAL S 21 48.05 -22.82 -16.16
C VAL S 21 48.99 -22.80 -17.36
N ARG S 22 49.15 -23.95 -18.03
CA ARG S 22 49.99 -24.00 -19.22
C ARG S 22 49.45 -23.10 -20.32
N ASN S 23 48.13 -23.12 -20.54
CA ASN S 23 47.54 -22.26 -21.55
C ASN S 23 47.70 -20.79 -21.20
N LEU S 24 47.54 -20.45 -19.93
CA LEU S 24 47.73 -19.06 -19.50
C LEU S 24 49.17 -18.62 -19.72
N LEU S 25 50.14 -19.50 -19.43
CA LEU S 25 51.54 -19.17 -19.68
C LEU S 25 51.81 -19.01 -21.18
N LYS S 26 51.20 -19.86 -22.00
CA LYS S 26 51.36 -19.74 -23.44
C LYS S 26 50.79 -18.42 -23.96
N GLU S 27 49.65 -18.00 -23.42
CA GLU S 27 49.09 -16.70 -23.80
C GLU S 27 50.00 -15.56 -23.37
N LEU S 28 50.83 -15.76 -22.35
CA LEU S 28 51.77 -14.76 -21.90
C LEU S 28 53.10 -14.80 -22.65
N GLY S 29 53.28 -15.75 -23.57
CA GLY S 29 54.48 -15.85 -24.36
C GLY S 29 55.48 -16.91 -23.91
N PHE S 30 55.15 -17.70 -22.91
CA PHE S 30 56.03 -18.75 -22.42
C PHE S 30 55.52 -20.10 -22.94
N ASN S 31 56.34 -20.77 -23.74
CA ASN S 31 55.96 -22.03 -24.36
C ASN S 31 56.67 -23.25 -23.80
N ASN S 32 57.74 -23.06 -23.02
CA ASN S 32 58.48 -24.18 -22.42
C ASN S 32 57.90 -24.43 -21.04
N VAL S 33 56.87 -25.28 -21.00
CA VAL S 33 56.14 -25.58 -19.77
C VAL S 33 56.06 -27.08 -19.60
N GLU S 34 56.43 -27.56 -18.41
CA GLU S 34 56.28 -28.96 -18.05
C GLU S 34 55.37 -29.08 -16.85
N GLU S 35 54.72 -30.24 -16.71
CA GLU S 35 53.72 -30.46 -15.68
C GLU S 35 54.15 -31.58 -14.74
N ALA S 36 53.81 -31.43 -13.47
CA ALA S 36 54.09 -32.42 -12.45
C ALA S 36 52.83 -32.67 -11.63
N GLU S 37 52.59 -33.94 -11.30
CA GLU S 37 51.36 -34.31 -10.60
C GLU S 37 51.46 -34.15 -9.08
N ASP S 38 52.65 -34.20 -8.51
CA ASP S 38 52.82 -34.07 -7.07
C ASP S 38 54.24 -33.59 -6.78
N GLY S 39 54.54 -33.46 -5.49
CA GLY S 39 55.85 -32.96 -5.10
C GLY S 39 56.99 -33.90 -5.45
N VAL S 40 56.75 -35.21 -5.36
CA VAL S 40 57.78 -36.18 -5.66
C VAL S 40 58.18 -36.10 -7.14
N ASP S 41 57.19 -36.08 -8.03
CA ASP S 41 57.48 -35.96 -9.45
C ASP S 41 58.12 -34.61 -9.77
N ALA S 42 57.68 -33.55 -9.09
CA ALA S 42 58.27 -32.24 -9.29
C ALA S 42 59.75 -32.24 -8.93
N LEU S 43 60.08 -32.83 -7.78
CA LEU S 43 61.49 -32.92 -7.37
C LEU S 43 62.30 -33.78 -8.33
N ASN S 44 61.70 -34.89 -8.80
CA ASN S 44 62.41 -35.75 -9.74
C ASN S 44 62.72 -35.01 -11.04
N LYS S 45 61.76 -34.22 -11.54
CA LYS S 45 62.01 -33.45 -12.74
C LYS S 45 62.97 -32.30 -12.48
N LEU S 46 62.97 -31.75 -11.27
CA LEU S 46 63.93 -30.71 -10.93
C LEU S 46 65.35 -31.25 -10.88
N GLN S 47 65.53 -32.50 -10.45
CA GLN S 47 66.84 -33.12 -10.48
C GLN S 47 67.38 -33.24 -11.90
N ALA S 48 66.50 -33.25 -12.91
CA ALA S 48 66.97 -33.21 -14.29
C ALA S 48 67.58 -31.86 -14.64
N GLY S 49 67.05 -30.78 -14.07
CA GLY S 49 67.57 -29.45 -14.31
C GLY S 49 66.97 -28.80 -15.54
N GLY S 50 67.36 -27.55 -15.76
CA GLY S 50 66.90 -26.77 -16.89
C GLY S 50 65.69 -25.90 -16.63
N PHE S 51 65.09 -25.97 -15.44
CA PHE S 51 63.91 -25.17 -15.14
C PHE S 51 64.30 -23.82 -14.57
N GLY S 52 63.50 -22.81 -14.90
CA GLY S 52 63.77 -21.46 -14.46
C GLY S 52 62.68 -20.85 -13.59
N PHE S 53 61.53 -21.51 -13.53
CA PHE S 53 60.41 -21.01 -12.74
C PHE S 53 59.51 -22.18 -12.37
N ILE S 54 58.91 -22.11 -11.19
CA ILE S 54 58.07 -23.17 -10.66
C ILE S 54 56.74 -22.58 -10.22
N ILE S 55 55.65 -23.20 -10.65
CA ILE S 55 54.30 -22.90 -10.17
C ILE S 55 53.76 -24.18 -9.54
N SER S 56 53.55 -24.14 -8.22
CA SER S 56 53.18 -25.34 -7.46
C SER S 56 51.96 -25.08 -6.61
N ASP S 57 51.11 -26.09 -6.49
CA ASP S 57 49.96 -26.03 -5.62
C ASP S 57 50.36 -26.32 -4.17
N TRP S 58 49.54 -25.86 -3.23
CA TRP S 58 49.85 -26.03 -1.82
C TRP S 58 49.60 -27.45 -1.35
N ASN S 59 48.35 -27.93 -1.47
CA ASN S 59 47.98 -29.26 -1.01
C ASN S 59 48.10 -30.24 -2.17
N MET S 60 49.09 -31.12 -2.09
CA MET S 60 49.32 -32.13 -3.11
C MET S 60 49.61 -33.46 -2.43
N PRO S 61 49.29 -34.58 -3.08
CA PRO S 61 49.48 -35.89 -2.44
C PRO S 61 50.96 -36.24 -2.32
N ASN S 62 51.30 -36.85 -1.17
CA ASN S 62 52.62 -37.41 -0.87
C ASN S 62 53.67 -36.33 -0.65
N MET S 63 53.32 -35.08 -0.97
CA MET S 63 54.17 -33.93 -0.68
C MET S 63 53.37 -32.65 -0.89
N ASP S 64 53.29 -31.79 0.12
CA ASP S 64 52.60 -30.53 -0.04
C ASP S 64 53.56 -29.47 -0.60
N GLY S 65 53.00 -28.31 -0.95
CA GLY S 65 53.80 -27.26 -1.53
C GLY S 65 54.87 -26.73 -0.60
N LEU S 66 54.57 -26.65 0.70
CA LEU S 66 55.54 -26.14 1.66
C LEU S 66 56.77 -27.05 1.76
N GLU S 67 56.55 -28.36 1.83
CA GLU S 67 57.67 -29.29 1.90
C GLU S 67 58.50 -29.26 0.62
N LEU S 68 57.84 -29.15 -0.54
CA LEU S 68 58.57 -29.05 -1.79
C LEU S 68 59.40 -27.78 -1.84
N LEU S 69 58.84 -26.66 -1.39
CA LEU S 69 59.60 -25.41 -1.36
C LEU S 69 60.79 -25.51 -0.42
N LYS S 70 60.60 -26.14 0.75
CA LYS S 70 61.70 -26.31 1.69
C LYS S 70 62.79 -27.18 1.10
N THR S 71 62.42 -28.26 0.40
CA THR S 71 63.41 -29.11 -0.24
C THR S 71 64.16 -28.37 -1.34
N ILE S 72 63.44 -27.55 -2.12
CA ILE S 72 64.09 -26.78 -3.18
C ILE S 72 65.07 -25.79 -2.59
N ARG S 73 64.68 -25.08 -1.52
CA ARG S 73 65.57 -24.12 -0.89
C ARG S 73 66.76 -24.80 -0.23
N ALA S 74 66.57 -26.01 0.31
CA ALA S 74 67.66 -26.73 0.94
C ALA S 74 68.71 -27.18 -0.08
N ASP S 75 68.36 -27.27 -1.36
CA ASP S 75 69.29 -27.65 -2.40
C ASP S 75 70.04 -26.42 -2.88
N SER S 76 71.37 -26.48 -2.85
CA SER S 76 72.17 -25.34 -3.25
C SER S 76 71.98 -25.01 -4.72
N ALA S 77 71.91 -26.03 -5.57
CA ALA S 77 71.75 -25.80 -7.01
C ALA S 77 70.41 -25.18 -7.37
N MET S 78 69.41 -25.29 -6.49
CA MET S 78 68.08 -24.77 -6.77
C MET S 78 67.57 -23.81 -5.69
N SER S 79 68.44 -23.35 -4.80
CA SER S 79 68.01 -22.46 -3.72
C SER S 79 67.52 -21.11 -4.26
N ALA S 80 68.09 -20.66 -5.38
CA ALA S 80 67.71 -19.39 -5.98
C ALA S 80 66.59 -19.53 -7.00
N LEU S 81 66.06 -20.73 -7.20
CA LEU S 81 65.02 -20.92 -8.21
C LEU S 81 63.69 -20.34 -7.69
N PRO S 82 63.08 -19.42 -8.41
CA PRO S 82 61.81 -18.84 -7.95
C PRO S 82 60.69 -19.86 -7.97
N VAL S 83 59.83 -19.80 -6.96
CA VAL S 83 58.69 -20.69 -6.82
C VAL S 83 57.44 -19.85 -6.59
N LEU S 84 56.40 -20.11 -7.38
CA LEU S 84 55.12 -19.44 -7.24
C LEU S 84 54.13 -20.39 -6.59
N MET S 85 53.50 -19.94 -5.50
CA MET S 85 52.58 -20.77 -4.72
C MET S 85 51.15 -20.40 -5.07
N VAL S 86 50.36 -21.42 -5.44
CA VAL S 86 48.95 -21.26 -5.74
C VAL S 86 48.15 -22.13 -4.77
N THR S 87 47.16 -21.54 -4.12
CA THR S 87 46.39 -22.23 -3.09
C THR S 87 44.91 -21.95 -3.27
N ALA S 88 44.10 -22.76 -2.59
CA ALA S 88 42.65 -22.57 -2.55
C ALA S 88 42.20 -21.78 -1.32
N GLU S 89 42.94 -21.85 -0.22
CA GLU S 89 42.63 -21.09 0.99
C GLU S 89 43.85 -20.31 1.41
N ALA S 90 43.68 -18.99 1.58
CA ALA S 90 44.79 -18.11 1.92
C ALA S 90 44.82 -17.86 3.43
N LYS S 91 45.13 -18.93 4.17
CA LYS S 91 45.30 -18.81 5.61
C LYS S 91 46.57 -18.02 5.91
N LYS S 92 46.49 -17.14 6.92
CA LYS S 92 47.63 -16.29 7.26
C LYS S 92 48.83 -17.12 7.72
N GLU S 93 48.57 -18.17 8.51
CA GLU S 93 49.66 -18.99 9.01
C GLU S 93 50.41 -19.68 7.87
N ASN S 94 49.68 -20.22 6.90
CA ASN S 94 50.32 -20.88 5.77
C ASN S 94 51.13 -19.89 4.94
N ILE S 95 50.59 -18.68 4.74
CA ILE S 95 51.31 -17.67 3.97
C ILE S 95 52.59 -17.26 4.69
N ILE S 96 52.52 -17.08 6.01
CA ILE S 96 53.72 -16.72 6.78
C ILE S 96 54.75 -17.85 6.72
N ALA S 97 54.29 -19.10 6.83
CA ALA S 97 55.22 -20.23 6.75
C ALA S 97 55.89 -20.29 5.39
N ALA S 98 55.12 -20.07 4.31
CA ALA S 98 55.70 -20.08 2.97
C ALA S 98 56.69 -18.93 2.79
N ALA S 99 56.36 -17.75 3.32
CA ALA S 99 57.28 -16.62 3.23
C ALA S 99 58.58 -16.90 3.96
N GLN S 100 58.49 -17.53 5.14
CA GLN S 100 59.69 -17.94 5.86
C GLN S 100 60.46 -19.00 5.10
N ALA S 101 59.75 -19.87 4.37
CA ALA S 101 60.41 -20.90 3.57
C ALA S 101 61.08 -20.33 2.32
N GLY S 102 60.68 -19.14 1.87
CA GLY S 102 61.31 -18.53 0.72
C GLY S 102 60.45 -18.51 -0.53
N ALA S 103 59.14 -18.33 -0.35
CA ALA S 103 58.23 -18.27 -1.48
C ALA S 103 58.42 -16.97 -2.25
N SER S 104 58.44 -17.08 -3.58
CA SER S 104 58.62 -15.90 -4.42
C SER S 104 57.30 -15.17 -4.67
N GLY S 105 56.18 -15.86 -4.56
CA GLY S 105 54.88 -15.23 -4.79
C GLY S 105 53.76 -16.10 -4.25
N TRP S 106 52.55 -15.56 -4.30
CA TRP S 106 51.38 -16.25 -3.79
C TRP S 106 50.17 -15.91 -4.64
N VAL S 107 49.44 -16.95 -5.07
CA VAL S 107 48.23 -16.79 -5.85
C VAL S 107 47.12 -17.59 -5.16
N VAL S 108 45.91 -17.03 -5.16
CA VAL S 108 44.76 -17.64 -4.48
C VAL S 108 43.74 -18.03 -5.53
N LYS S 109 43.34 -19.30 -5.52
CA LYS S 109 42.28 -19.75 -6.40
C LYS S 109 40.92 -19.27 -5.88
N PRO S 110 40.02 -18.82 -6.75
CA PRO S 110 40.18 -18.64 -8.20
C PRO S 110 40.90 -17.33 -8.52
N PHE S 111 41.55 -17.24 -9.67
CA PHE S 111 42.26 -16.03 -10.07
C PHE S 111 42.08 -15.81 -11.56
N THR S 112 42.40 -14.59 -11.99
CA THR S 112 42.32 -14.21 -13.39
C THR S 112 43.70 -14.22 -14.02
N ALA S 113 43.73 -14.19 -15.35
CA ALA S 113 45.00 -14.13 -16.07
C ALA S 113 45.75 -12.84 -15.75
N ALA S 114 45.03 -11.75 -15.51
CA ALA S 114 45.68 -10.49 -15.16
C ALA S 114 46.45 -10.61 -13.85
N THR S 115 45.86 -11.27 -12.86
CA THR S 115 46.54 -11.45 -11.58
C THR S 115 47.81 -12.29 -11.74
N LEU S 116 47.72 -13.37 -12.52
CA LEU S 116 48.90 -14.21 -12.74
C LEU S 116 49.99 -13.44 -13.48
N GLU S 117 49.61 -12.65 -14.49
CA GLU S 117 50.59 -11.84 -15.21
C GLU S 117 51.24 -10.83 -14.29
N GLU S 118 50.44 -10.18 -13.43
CA GLU S 118 50.99 -9.22 -12.49
C GLU S 118 51.98 -9.87 -11.52
N LYS S 119 51.62 -11.06 -11.01
CA LYS S 119 52.52 -11.77 -10.10
C LYS S 119 53.81 -12.14 -10.80
N LEU S 120 53.73 -12.65 -12.03
CA LEU S 120 54.93 -13.00 -12.77
C LEU S 120 55.80 -11.78 -13.04
N ASN S 121 55.19 -10.66 -13.41
CA ASN S 121 55.95 -9.44 -13.65
C ASN S 121 56.64 -8.96 -12.38
N LYS S 122 55.93 -9.01 -11.24
CA LYS S 122 56.54 -8.59 -9.98
C LYS S 122 57.70 -9.49 -9.60
N ILE S 123 57.55 -10.81 -9.77
CA ILE S 123 58.62 -11.74 -9.44
C ILE S 123 59.83 -11.50 -10.34
N PHE S 124 59.58 -11.28 -11.64
CA PHE S 124 60.69 -11.01 -12.57
C PHE S 124 61.40 -9.71 -12.23
N GLU S 125 60.63 -8.67 -11.85
CA GLU S 125 61.24 -7.40 -11.46
C GLU S 125 62.08 -7.56 -10.20
N LYS S 126 61.60 -8.34 -9.24
CA LYS S 126 62.37 -8.56 -8.02
C LYS S 126 63.68 -9.31 -8.31
N LEU S 127 63.65 -10.26 -9.24
CA LEU S 127 64.84 -11.02 -9.62
C LEU S 127 65.68 -10.30 -10.68
N GLY S 128 65.24 -9.13 -11.14
CA GLY S 128 65.99 -8.41 -12.16
C GLY S 128 65.86 -8.98 -13.56
N MET S 129 64.84 -9.81 -13.81
CA MET S 129 64.64 -10.39 -15.13
C MET S 129 63.73 -9.51 -15.97
N MET T 51 50.59 36.46 -53.74
CA MET T 51 49.31 35.92 -54.26
C MET T 51 49.48 34.43 -54.60
N GLN T 52 50.61 33.84 -54.19
CA GLN T 52 50.88 32.41 -54.48
C GLN T 52 49.81 31.55 -53.81
N ASP T 53 49.60 31.75 -52.51
CA ASP T 53 48.57 30.98 -51.77
C ASP T 53 47.20 31.26 -52.39
N ILE T 54 47.01 32.50 -52.86
CA ILE T 54 45.70 32.89 -53.46
C ILE T 54 45.46 32.02 -54.70
N ASP T 55 46.44 31.93 -55.60
CA ASP T 55 46.28 31.09 -56.81
C ASP T 55 46.09 29.63 -56.36
N LEU T 56 46.83 29.24 -55.32
CA LEU T 56 46.74 27.85 -54.83
C LEU T 56 45.27 27.56 -54.54
N ILE T 57 44.62 28.42 -53.76
CA ILE T 57 43.21 28.10 -53.37
C ILE T 57 42.30 28.26 -54.59
N MET T 58 42.56 29.25 -55.44
CA MET T 58 41.75 29.45 -56.67
C MET T 58 41.73 28.17 -57.50
N ASP T 59 42.81 27.39 -57.46
CA ASP T 59 42.87 26.18 -58.32
C ASP T 59 41.83 25.11 -57.94
N ILE T 60 40.79 25.46 -57.18
CA ILE T 60 39.73 24.48 -56.75
C ILE T 60 38.38 24.67 -57.49
N PRO T 61 37.83 23.68 -58.21
CA PRO T 61 36.51 23.93 -58.80
C PRO T 61 35.45 24.14 -57.72
N VAL T 62 34.55 25.07 -58.00
CA VAL T 62 33.43 25.38 -57.11
C VAL T 62 32.15 25.50 -57.94
N LYS T 63 31.02 25.37 -57.26
CA LYS T 63 29.71 25.42 -57.91
C LYS T 63 29.03 26.73 -57.60
N LEU T 64 28.42 27.34 -58.61
CA LEU T 64 27.66 28.57 -58.47
C LEU T 64 26.18 28.28 -58.64
N THR T 65 25.37 28.89 -57.78
CA THR T 65 23.93 28.66 -57.77
C THR T 65 23.19 29.98 -57.86
N VAL T 66 22.21 30.05 -58.76
CA VAL T 66 21.36 31.22 -58.94
C VAL T 66 19.94 30.82 -58.53
N GLU T 67 19.36 31.58 -57.62
CA GLU T 67 18.02 31.30 -57.09
C GLU T 67 17.02 32.27 -57.69
N LEU T 68 15.92 31.72 -58.24
CA LEU T 68 14.88 32.56 -58.81
C LEU T 68 14.20 33.41 -57.74
N GLY T 69 13.90 32.82 -56.59
CA GLY T 69 13.25 33.55 -55.53
C GLY T 69 13.01 32.66 -54.34
N ARG T 70 12.53 33.27 -53.26
CA ARG T 70 12.26 32.58 -52.02
C ARG T 70 10.83 32.88 -51.57
N THR T 71 10.23 31.92 -50.88
CA THR T 71 8.88 32.08 -50.35
C THR T 71 8.70 31.10 -49.19
N ARG T 72 7.69 31.38 -48.37
CA ARG T 72 7.35 30.54 -47.24
C ARG T 72 5.91 30.09 -47.35
N MET T 73 5.67 28.80 -47.12
CA MET T 73 4.33 28.23 -47.18
C MET T 73 4.25 27.06 -46.22
N THR T 74 3.02 26.70 -45.86
CA THR T 74 2.79 25.57 -45.00
C THR T 74 2.83 24.27 -45.81
N ILE T 75 3.09 23.16 -45.10
CA ILE T 75 3.12 21.85 -45.75
C ILE T 75 1.75 21.48 -46.27
N LYS T 76 0.68 21.88 -45.59
CA LYS T 76 -0.66 21.64 -46.09
C LYS T 76 -0.86 22.28 -47.45
N GLU T 77 -0.40 23.52 -47.61
CA GLU T 77 -0.49 24.19 -48.91
C GLU T 77 0.36 23.46 -49.95
N LEU T 78 1.51 22.94 -49.54
CA LEU T 78 2.35 22.16 -50.46
C LEU T 78 1.61 20.90 -50.93
N LEU T 79 0.91 20.23 -50.01
CA LEU T 79 0.12 19.07 -50.38
C LEU T 79 -1.05 19.44 -51.27
N ARG T 80 -1.60 20.65 -51.12
CA ARG T 80 -2.66 21.11 -52.00
C ARG T 80 -2.17 21.42 -53.41
N LEU T 81 -0.86 21.44 -53.63
CA LEU T 81 -0.30 21.72 -54.94
C LEU T 81 -0.35 20.47 -55.81
N THR T 82 -0.86 20.62 -57.02
CA THR T 82 -0.92 19.56 -58.01
C THR T 82 -0.29 20.05 -59.31
N GLN T 83 -0.40 19.23 -60.36
CA GLN T 83 0.08 19.64 -61.67
C GLN T 83 -0.70 20.87 -62.14
N GLY T 84 0.03 21.91 -62.53
CA GLY T 84 -0.56 23.16 -62.94
C GLY T 84 -0.80 24.15 -61.83
N SER T 85 -0.51 23.80 -60.58
CA SER T 85 -0.71 24.72 -59.48
C SER T 85 0.24 25.90 -59.58
N VAL T 86 -0.14 27.01 -58.96
CA VAL T 86 0.58 28.27 -59.05
C VAL T 86 1.09 28.65 -57.66
N VAL T 87 2.38 28.96 -57.56
CA VAL T 87 3.01 29.40 -56.33
C VAL T 87 3.66 30.75 -56.59
N ALA T 88 3.34 31.73 -55.75
CA ALA T 88 3.91 33.07 -55.86
C ALA T 88 5.21 33.16 -55.06
N LEU T 89 6.12 34.01 -55.53
CA LEU T 89 7.39 34.24 -54.88
C LEU T 89 7.40 35.64 -54.25
N ASP T 90 8.17 35.76 -53.16
CA ASP T 90 8.24 37.03 -52.44
C ASP T 90 8.99 38.11 -53.20
N GLY T 91 9.78 37.75 -54.21
CA GLY T 91 10.53 38.73 -54.98
C GLY T 91 9.69 39.33 -56.10
N LEU T 92 9.82 40.64 -56.27
CA LEU T 92 9.11 41.33 -57.33
C LEU T 92 9.67 40.93 -58.70
N ALA T 93 8.80 40.94 -59.71
CA ALA T 93 9.22 40.61 -61.06
C ALA T 93 10.23 41.65 -61.56
N GLY T 94 11.35 41.17 -62.08
CA GLY T 94 12.40 42.02 -62.61
C GLY T 94 13.53 42.30 -61.65
N GLU T 95 13.36 42.02 -60.36
CA GLU T 95 14.43 42.25 -59.41
C GLU T 95 15.60 41.31 -59.69
N PRO T 96 16.84 41.75 -59.45
CA PRO T 96 17.98 40.87 -59.66
C PRO T 96 17.91 39.63 -58.79
N LEU T 97 18.32 38.49 -59.34
CA LEU T 97 18.22 37.21 -58.65
C LEU T 97 19.48 36.96 -57.82
N ASP T 98 19.29 36.25 -56.71
CA ASP T 98 20.38 35.96 -55.80
C ASP T 98 21.38 34.99 -56.43
N ILE T 99 22.67 35.28 -56.26
CA ILE T 99 23.74 34.43 -56.76
C ILE T 99 24.44 33.82 -55.56
N LEU T 100 24.53 32.49 -55.54
CA LEU T 100 25.07 31.76 -54.40
C LEU T 100 26.24 30.88 -54.83
N ILE T 101 27.26 30.83 -53.99
CA ILE T 101 28.40 29.92 -54.15
C ILE T 101 28.33 28.89 -53.03
N ASN T 102 28.07 27.64 -53.40
CA ASN T 102 27.93 26.55 -52.42
C ASN T 102 26.90 26.90 -51.35
N GLY T 103 25.83 27.57 -51.77
CA GLY T 103 24.78 27.97 -50.86
C GLY T 103 25.00 29.29 -50.15
N TYR T 104 26.07 30.00 -50.45
CA TYR T 104 26.39 31.27 -49.79
C TYR T 104 26.13 32.41 -50.77
N LEU T 105 25.26 33.34 -50.38
CA LEU T 105 24.91 34.46 -51.24
C LEU T 105 26.07 35.46 -51.28
N ILE T 106 26.57 35.73 -52.48
CA ILE T 106 27.68 36.67 -52.65
C ILE T 106 27.38 37.79 -53.64
N ALA T 107 26.36 37.68 -54.49
CA ALA T 107 26.10 38.71 -55.48
C ALA T 107 24.67 38.56 -56.00
N GLN T 108 24.27 39.50 -56.84
CA GLN T 108 22.96 39.52 -57.46
C GLN T 108 23.12 39.74 -58.96
N GLY T 109 22.20 39.16 -59.74
CA GLY T 109 22.29 39.23 -61.18
C GLY T 109 20.94 39.21 -61.85
N GLU T 110 20.95 39.50 -63.15
CA GLU T 110 19.75 39.59 -63.96
C GLU T 110 19.77 38.52 -65.06
N VAL T 111 18.59 38.03 -65.39
CA VAL T 111 18.48 36.92 -66.33
C VAL T 111 18.61 37.43 -67.75
N VAL T 112 19.48 36.79 -68.54
CA VAL T 112 19.63 37.07 -69.96
C VAL T 112 19.67 35.75 -70.71
N VAL T 113 19.43 35.84 -72.02
CA VAL T 113 19.46 34.69 -72.92
C VAL T 113 20.67 34.84 -73.83
N VAL T 114 21.53 33.82 -73.86
CA VAL T 114 22.78 33.88 -74.60
C VAL T 114 22.73 32.83 -75.70
N ALA T 115 22.29 33.24 -76.89
CA ALA T 115 22.44 32.49 -78.14
C ALA T 115 21.54 31.26 -78.22
N ASP T 116 20.89 30.92 -77.09
CA ASP T 116 19.99 29.78 -76.88
C ASP T 116 20.11 29.27 -75.45
N LYS T 117 20.84 30.00 -74.60
CA LYS T 117 21.09 29.56 -73.23
C LYS T 117 20.81 30.70 -72.27
N TYR T 118 20.31 30.34 -71.09
CA TYR T 118 20.09 31.31 -70.04
C TYR T 118 21.41 31.84 -69.49
N GLY T 119 21.41 33.11 -69.08
CA GLY T 119 22.59 33.72 -68.52
C GLY T 119 22.22 34.69 -67.42
N VAL T 120 23.18 34.94 -66.54
CA VAL T 120 23.02 35.86 -65.42
C VAL T 120 24.02 37.00 -65.58
N ARG T 121 23.50 38.23 -65.63
CA ARG T 121 24.33 39.41 -65.77
C ARG T 121 24.68 39.94 -64.39
N ILE T 122 25.99 39.93 -64.07
CA ILE T 122 26.44 40.39 -62.76
C ILE T 122 26.11 41.86 -62.61
N THR T 123 25.45 42.21 -61.50
CA THR T 123 25.01 43.58 -61.25
C THR T 123 25.72 44.21 -60.06
N ASP T 124 25.67 43.58 -58.89
CA ASP T 124 26.26 44.17 -57.70
C ASP T 124 26.59 43.07 -56.70
N ILE T 125 27.68 43.26 -55.95
CA ILE T 125 28.21 42.19 -55.06
C ILE T 125 27.56 42.25 -53.67
N ILE T 126 28.33 42.56 -52.62
CA ILE T 126 27.73 42.49 -51.25
C ILE T 126 28.34 43.53 -50.30
N THR T 127 29.46 43.22 -49.62
CA THR T 127 30.08 44.12 -48.60
C THR T 127 29.32 43.98 -47.28
N PRO T 128 29.99 44.10 -46.12
CA PRO T 128 29.32 43.88 -44.83
C PRO T 128 28.03 44.70 -44.75
N SER T 129 28.03 45.88 -45.39
CA SER T 129 26.82 46.74 -45.39
C SER T 129 25.64 45.95 -45.98
N GLU T 130 25.78 45.45 -47.20
CA GLU T 130 24.72 44.61 -47.82
C GLU T 130 24.63 43.30 -47.04
N ARG T 131 25.77 42.74 -46.67
CA ARG T 131 25.75 41.51 -45.84
C ARG T 131 24.78 41.76 -44.69
N MET T 132 25.09 42.74 -43.84
CA MET T 132 24.16 43.08 -42.73
C MET T 132 22.81 43.47 -43.33
N ARG T 133 22.80 44.23 -44.44
CA ARG T 133 21.51 44.69 -45.00
C ARG T 133 20.63 43.47 -45.26
N ARG T 134 21.14 42.50 -46.02
CA ARG T 134 20.35 41.29 -46.34
C ARG T 134 20.13 40.50 -45.05
N LEU T 135 21.11 40.51 -44.14
CA LEU T 135 20.91 39.84 -42.83
C LEU T 135 19.65 40.42 -42.20
N SER T 136 19.59 41.74 -42.07
CA SER T 136 18.37 42.40 -41.53
C SER T 136 17.20 42.15 -42.49
N ARG T 137 17.39 42.43 -43.77
CA ARG T 137 16.32 42.18 -44.78
C ARG T 137 15.72 40.79 -44.54
N MET U 51 15.32 60.68 -25.88
CA MET U 51 14.50 60.19 -24.77
C MET U 51 13.02 60.30 -25.09
N GLN U 52 12.66 61.30 -25.89
CA GLN U 52 11.26 61.45 -26.30
C GLN U 52 10.79 60.27 -27.11
N ASP U 53 11.54 59.90 -28.16
CA ASP U 53 11.23 58.70 -28.91
C ASP U 53 11.33 57.46 -28.04
N ILE U 54 12.26 57.48 -27.08
CA ILE U 54 12.41 56.35 -26.16
C ILE U 54 11.12 56.15 -25.36
N ASP U 55 10.53 57.23 -24.86
CA ASP U 55 9.27 57.13 -24.15
C ASP U 55 8.13 56.73 -25.08
N LEU U 56 8.12 57.29 -26.30
CA LEU U 56 7.06 56.99 -27.25
C LEU U 56 7.02 55.49 -27.56
N ILE U 57 8.17 54.87 -27.77
CA ILE U 57 8.21 53.43 -27.95
C ILE U 57 8.08 52.67 -26.64
N MET U 58 8.40 53.31 -25.52
CA MET U 58 8.20 52.69 -24.21
C MET U 58 6.73 52.44 -23.93
N ASP U 59 5.85 53.29 -24.46
CA ASP U 59 4.42 53.07 -24.29
C ASP U 59 3.91 52.02 -25.27
N ILE U 60 4.55 50.85 -25.29
CA ILE U 60 4.19 49.76 -26.19
C ILE U 60 4.46 48.44 -25.47
N PRO U 61 3.54 47.48 -25.50
CA PRO U 61 3.83 46.15 -24.96
C PRO U 61 4.47 45.25 -26.00
N VAL U 62 5.44 44.45 -25.53
CA VAL U 62 6.13 43.48 -26.39
C VAL U 62 6.23 42.16 -25.64
N LYS U 63 6.46 41.09 -26.39
CA LYS U 63 6.55 39.75 -25.85
C LYS U 63 7.99 39.27 -25.83
N LEU U 64 8.41 38.66 -24.73
CA LEU U 64 9.73 38.09 -24.58
C LEU U 64 9.65 36.57 -24.60
N THR U 65 10.57 35.94 -25.31
CA THR U 65 10.58 34.49 -25.49
C THR U 65 11.94 33.93 -25.08
N VAL U 66 11.92 32.88 -24.26
CA VAL U 66 13.12 32.18 -23.83
C VAL U 66 13.08 30.78 -24.42
N GLU U 67 14.13 30.39 -25.14
CA GLU U 67 14.20 29.09 -25.80
C GLU U 67 15.14 28.17 -25.03
N LEU U 68 14.64 26.97 -24.73
CA LEU U 68 15.46 25.99 -24.02
C LEU U 68 16.65 25.55 -24.86
N GLY U 69 16.43 25.29 -26.13
CA GLY U 69 17.51 24.85 -27.00
C GLY U 69 16.99 24.63 -28.41
N ARG U 70 17.93 24.35 -29.31
CA ARG U 70 17.63 24.10 -30.71
C ARG U 70 18.25 22.79 -31.15
N THR U 71 17.60 22.14 -32.11
CA THR U 71 18.11 20.90 -32.66
C THR U 71 17.51 20.70 -34.04
N ARG U 72 18.14 19.83 -34.83
CA ARG U 72 17.68 19.50 -36.17
C ARG U 72 17.45 18.01 -36.27
N MET U 73 16.31 17.62 -36.86
CA MET U 73 15.98 16.22 -37.04
C MET U 73 15.11 16.08 -38.28
N THR U 74 15.06 14.86 -38.79
CA THR U 74 14.22 14.57 -39.95
C THR U 74 12.77 14.36 -39.52
N ILE U 75 11.86 14.53 -40.48
CA ILE U 75 10.45 14.32 -40.20
C ILE U 75 10.16 12.86 -39.88
N LYS U 76 10.90 11.94 -40.52
CA LYS U 76 10.75 10.52 -40.18
C LYS U 76 11.03 10.28 -38.71
N GLU U 77 12.11 10.88 -38.20
CA GLU U 77 12.42 10.76 -36.77
C GLU U 77 11.33 11.37 -35.92
N LEU U 78 10.75 12.49 -36.37
CA LEU U 78 9.65 13.11 -35.65
C LEU U 78 8.45 12.17 -35.58
N LEU U 79 8.14 11.49 -36.69
CA LEU U 79 7.06 10.51 -36.70
C LEU U 79 7.38 9.31 -35.81
N ARG U 80 8.66 8.96 -35.67
CA ARG U 80 9.04 7.88 -34.77
C ARG U 80 8.90 8.25 -33.30
N LEU U 81 8.65 9.53 -33.00
CA LEU U 81 8.49 9.98 -31.63
C LEU U 81 7.09 9.67 -31.14
N THR U 82 7.00 9.06 -29.97
CA THR U 82 5.74 8.75 -29.30
C THR U 82 5.78 9.31 -27.88
N GLN U 83 4.75 8.98 -27.11
CA GLN U 83 4.73 9.37 -25.70
C GLN U 83 5.89 8.73 -24.96
N GLY U 84 6.67 9.55 -24.26
CA GLY U 84 7.85 9.08 -23.57
C GLY U 84 9.13 9.09 -24.38
N SER U 85 9.06 9.46 -25.66
CA SER U 85 10.26 9.51 -26.49
C SER U 85 11.20 10.59 -26.01
N VAL U 86 12.49 10.42 -26.33
CA VAL U 86 13.55 11.31 -25.86
C VAL U 86 14.19 12.00 -27.07
N VAL U 87 14.30 13.32 -26.99
CA VAL U 87 14.95 14.13 -28.01
C VAL U 87 16.07 14.92 -27.37
N ALA U 88 17.27 14.83 -27.92
CA ALA U 88 18.41 15.56 -27.42
C ALA U 88 18.51 16.93 -28.09
N LEU U 89 19.05 17.89 -27.34
CA LEU U 89 19.25 19.24 -27.83
C LEU U 89 20.73 19.51 -28.05
N ASP U 90 21.02 20.40 -29.01
CA ASP U 90 22.39 20.71 -29.36
C ASP U 90 23.12 21.51 -28.29
N GLY U 91 22.39 22.14 -27.37
CA GLY U 91 23.01 22.93 -26.31
C GLY U 91 23.42 22.07 -25.13
N LEU U 92 24.61 22.35 -24.60
CA LEU U 92 25.10 21.63 -23.44
C LEU U 92 24.29 22.00 -22.21
N ALA U 93 24.18 21.03 -21.29
CA ALA U 93 23.46 21.26 -20.05
C ALA U 93 24.15 22.34 -19.22
N GLY U 94 23.38 23.33 -18.79
CA GLY U 94 23.89 24.42 -17.98
C GLY U 94 24.24 25.68 -18.75
N GLU U 95 24.33 25.60 -20.08
CA GLU U 95 24.62 26.79 -20.86
C GLU U 95 23.46 27.79 -20.77
N PRO U 96 23.75 29.08 -20.81
CA PRO U 96 22.67 30.08 -20.76
C PRO U 96 21.73 29.93 -21.94
N LEU U 97 20.44 30.12 -21.68
CA LEU U 97 19.41 29.93 -22.70
C LEU U 97 19.19 31.21 -23.49
N ASP U 98 18.82 31.05 -24.76
CA ASP U 98 18.61 32.18 -25.64
C ASP U 98 17.37 32.97 -25.22
N ILE U 99 17.48 34.29 -25.23
CA ILE U 99 16.37 35.19 -24.91
C ILE U 99 15.99 35.92 -26.18
N LEU U 100 14.71 35.83 -26.56
CA LEU U 100 14.23 36.39 -27.81
C LEU U 100 13.10 37.38 -27.56
N ILE U 101 13.10 38.46 -28.32
CA ILE U 101 12.01 39.44 -28.33
C ILE U 101 11.34 39.35 -29.69
N ASN U 102 10.08 38.89 -29.69
CA ASN U 102 9.31 38.71 -30.93
C ASN U 102 10.08 37.85 -31.93
N GLY U 103 10.79 36.84 -31.42
CA GLY U 103 11.56 35.95 -32.25
C GLY U 103 12.97 36.42 -32.56
N TYR U 104 13.41 37.55 -32.02
CA TYR U 104 14.74 38.10 -32.29
C TYR U 104 15.61 37.89 -31.05
N LEU U 105 16.73 37.21 -31.24
CA LEU U 105 17.64 36.92 -30.13
C LEU U 105 18.40 38.18 -29.74
N ILE U 106 18.27 38.60 -28.48
CA ILE U 106 18.95 39.80 -28.01
C ILE U 106 19.80 39.56 -26.77
N ALA U 107 19.64 38.45 -26.05
CA ALA U 107 20.41 38.22 -24.83
C ALA U 107 20.37 36.75 -24.47
N GLN U 108 21.12 36.39 -23.43
CA GLN U 108 21.18 35.03 -22.91
C GLN U 108 20.97 35.06 -21.41
N GLY U 109 20.36 34.00 -20.88
CA GLY U 109 20.05 33.95 -19.47
C GLY U 109 20.07 32.55 -18.91
N GLU U 110 20.02 32.46 -17.58
CA GLU U 110 20.08 31.20 -16.86
C GLU U 110 18.78 30.97 -16.10
N VAL U 111 18.39 29.70 -15.97
CA VAL U 111 17.12 29.34 -15.38
C VAL U 111 17.22 29.39 -13.86
N VAL U 112 16.28 30.08 -13.23
CA VAL U 112 16.16 30.12 -11.78
C VAL U 112 14.70 29.91 -11.40
N VAL U 113 14.48 29.55 -10.14
CA VAL U 113 13.15 29.32 -9.58
C VAL U 113 12.88 30.44 -8.59
N VAL U 114 11.77 31.15 -8.78
CA VAL U 114 11.43 32.31 -7.97
C VAL U 114 10.15 32.01 -7.20
N ALA U 115 10.31 31.51 -5.97
CA ALA U 115 9.24 31.43 -4.97
C ALA U 115 8.20 30.37 -5.29
N ASP U 116 8.27 29.79 -6.50
CA ASP U 116 7.37 28.79 -7.07
C ASP U 116 7.23 28.98 -8.57
N LYS U 117 8.02 29.88 -9.14
CA LYS U 117 7.93 30.21 -10.55
C LYS U 117 9.30 30.19 -11.20
N TYR U 118 9.34 29.78 -12.46
CA TYR U 118 10.58 29.79 -13.23
C TYR U 118 11.01 31.23 -13.52
N GLY U 119 12.33 31.43 -13.58
CA GLY U 119 12.86 32.74 -13.88
C GLY U 119 14.13 32.62 -14.70
N VAL U 120 14.45 33.70 -15.41
CA VAL U 120 15.63 33.77 -16.25
C VAL U 120 16.52 34.88 -15.72
N ARG U 121 17.76 34.53 -15.38
CA ARG U 121 18.73 35.50 -14.87
C ARG U 121 19.52 36.07 -16.04
N ILE U 122 19.40 37.39 -16.26
CA ILE U 122 20.10 38.02 -17.37
C ILE U 122 21.60 37.90 -17.13
N THR U 123 22.32 37.42 -18.15
CA THR U 123 23.75 37.21 -18.06
C THR U 123 24.54 38.11 -18.98
N ASP U 124 24.25 38.10 -20.28
CA ASP U 124 25.03 38.88 -21.23
C ASP U 124 24.18 39.16 -22.46
N ILE U 125 24.47 40.29 -23.10
CA ILE U 125 23.78 40.67 -24.34
C ILE U 125 24.27 39.78 -25.48
N ILE U 126 23.53 39.82 -26.60
CA ILE U 126 23.83 38.93 -27.71
C ILE U 126 25.20 39.23 -28.31
N THR U 127 25.47 40.52 -28.60
CA THR U 127 26.69 41.04 -29.21
C THR U 127 26.76 40.64 -30.68
N PRO U 128 27.16 41.55 -31.61
CA PRO U 128 27.03 41.31 -33.07
C PRO U 128 27.94 40.30 -33.80
N SER U 129 29.16 40.09 -33.31
CA SER U 129 30.01 39.03 -33.92
C SER U 129 29.29 37.71 -33.67
N GLU U 130 28.91 37.50 -32.41
CA GLU U 130 28.15 36.28 -32.05
C GLU U 130 26.84 36.31 -32.85
N ARG U 131 26.28 37.50 -33.08
CA ARG U 131 25.04 37.62 -33.86
C ARG U 131 25.24 36.95 -35.22
N MET U 132 26.20 37.42 -36.00
CA MET U 132 26.42 36.82 -37.33
C MET U 132 26.69 35.33 -37.15
N ARG U 133 27.54 34.97 -36.17
CA ARG U 133 27.92 33.54 -36.02
C ARG U 133 26.67 32.68 -35.88
N ARG U 134 25.73 33.07 -35.02
CA ARG U 134 24.49 32.28 -34.77
C ARG U 134 23.62 32.33 -36.02
N LEU U 135 23.54 33.47 -36.68
CA LEU U 135 22.78 33.53 -37.95
C LEU U 135 23.34 32.46 -38.89
N SER U 136 24.66 32.37 -39.00
CA SER U 136 25.30 31.39 -39.92
C SER U 136 24.99 29.98 -39.46
N ARG U 137 25.10 29.71 -38.16
CA ARG U 137 24.81 28.36 -37.60
C ARG U 137 23.62 27.75 -38.34
#